data_5ZWN
#
_entry.id   5ZWN
#
_cell.length_a   1.0
_cell.length_b   1.0
_cell.length_c   1.0
_cell.angle_alpha   90.00
_cell.angle_beta   90.00
_cell.angle_gamma   90.00
#
_symmetry.space_group_name_H-M   'P 1'
#
loop_
_entity.id
_entity.type
_entity.pdbx_description
1 polymer pre-mRNA
2 polymer 'U1 snRNA'
3 polymer 'U1 small nuclear ribonucleoprotein 70 kDa homolog'
4 polymer 'U1 small nuclear ribonucleoprotein C'
5 polymer 'U1 small nuclear ribonucleoprotein A'
6 polymer 'U1 small nuclear ribonucleoprotein component PRP42'
7 polymer 'Pre-mRNA-processing factor 39'
8 polymer 'Protein NAM8'
9 polymer '56 kDa U1 small nuclear ribonucleoprotein component'
10 polymer 'Small nuclear ribonucleoprotein-associated protein B'
11 polymer 'Small nuclear ribonucleoprotein Sm D1'
12 polymer 'Small nuclear ribonucleoprotein Sm D2'
13 polymer 'Small nuclear ribonucleoprotein Sm D3'
14 polymer 'Small nuclear ribonucleoprotein E'
15 polymer 'Small nuclear ribonucleoprotein F'
16 polymer 'Small nuclear ribonucleoprotein G'
17 polymer 'U1 small nuclear ribonucleoprotein component SNU71'
18 polymer 'Protein LUC7'
19 polymer 'U1 snRNP'
20 polymer 'Pre-mRNA-splicing ATP-dependent RNA helicase PRP28'
21 non-polymer 'ZINC ION'
#
loop_
_entity_poly.entity_id
_entity_poly.type
_entity_poly.pdbx_seq_one_letter_code
_entity_poly.pdbx_strand_id
1 'polyribonucleotide' AAAAAAAAAAGGUAUGUAUUAA G
2 'polyribonucleotide'
;AUACUUACCUUAAGAUAUCAGAGGAGAUCAAGAAGUCCUACUGAUCAAACAUGCGCUUCCAAUAGUAGAAGGACGUUAAG
CAUUUAUCAUUGAACUAUAAUUGUUCAUUGAAGUCAUUGAUGCAAACUCCUUGGUCACACACACAUACGGCGCGGAAGGC
GUGUUUGCUGACGUUUCCAUUCCCUUGUUUCAAUCAUUGGUUAAUCCCUUGAUUCCUUUGGGGAUUUUUGGGUUAAACUG
AUUUUUGGGGCCCUUUGUUUCUUCUGCCUGGAGAAGUUUGACACCAAAUUCAAAUUGGUGUUAGGGGAGCUGGGGCCUUU
CAAAAGAGAGCUUUGUAGAGGCAUUCUUUUUGACUACUUUUCUCUAGCGUGCCAUUUUAGUUUUUGACGGCAGAUUCGAA
UGAACUUAAGUUUAUGAUGAAGGUAUGGCUGUUGAGAUUAUUUGGUCGGGAUUGUAGUUUGAAGAUGUGCUCUUUUGAGC
AGUCUCAACUUUGCUCGUUCCCGUUAUGGGAAAAAUUUUGGAAGGUCUUGGUAGGAACGGGUGGAUCUUAUAAUUUUUGA
UUUAUUUU
;
P
3 'polypeptide(L)'
;MNYNLSKYPDDVSRLFKPRPPLSYKRPTDYPYAKRQTNPNITGVANLLSTSLKHYMEEFPEGSPNNHLQRYEDIKLSKIK
NAQLLDRRLQNWNPNVDPHIKDTDPYRTIFIGRLPYDLDEIELQKYFVKFGEIEKIRIVKDKITQKSKGYAFIVFKDPIS
SKMAFKEIGVHRGIQIKDRICIVDIERGRTVKYFKPRRLGGGLGGRGYSNRDSRLPGRFASASTSNPAERNYAPRLPRRE
TSSSAYSADRYGSSTLDARYRGNRPLLSAATPTAAVTSVYKSRNSRTRESQPAPKEAPDY
;
Q
4 'polypeptide(L)'
;MTRYYCEYCHSYLTHDTLSVRKSHLVGKNHLRITADYYRNKARDIINKHNHKRRHIGKRGRKERENSSQNETLKVTCLSN
KEKRHIMHVKKMNQKELAQTSIDTLKLLYDGSPGYSKVFVDANRFDIGDLVKASKLPQRANEKSAHHSFKQTSRSRDETC
ESNPFPRLNNPKKLEPPKILSQWSNTIPKTSIFYSVDILQTTIKESKKRMHSDGIRKPSSANGYKRRRYGN
;
R
5 'polypeptide(L)'
;MSALYFQNLPSRPANKENYTRLLLKHINPNNKYAINPSLPLPHNKLQISSQPLMLLDDQMGLLEVSISRSSKMTNQAFLT
FVTQEEADRFLEKYTTTALKVQGRKVRMGKARTNSLLGLSIEMQKKKGNDETYNLDIKKVLKARKLKRKLRSDDICAKKF
RLKRQIRRLKHKLRSRKVEEAEIDRIVKEFETRRLENMKSQQENLKQSQKPLKRAKVSNTMENPPNKVLLIQNLPSGTTE
QLLSQILGNEALVEIRLVSVRNLAFVEYETVADATKIKNQLGSTYKLQNNDVTIGFAK
;
S
6 'polypeptide(L)'
;MDKYTALIHDENFSTLTLNVSRYPKSLAYWEKLLNYIVKASAPICKSTEPQLLKLIRCTYSSMLNEFPYLENYYIDFALL
EYKLGNVSMSHKIFQRGLQAFNQRSLLLWTSYLKFCNNVISHQKQLFKKYETAEEYVGLHFFSGEFWDLYLEQISSRCTS
SKKYWNVLRKILEIPLHSFSKFYALWLQRIDDIMDLKQLSQLTSKDELLKKLKIDINYSGRKGPYLQDAKKKLKKITKEM
YMVVQYQVLEIYSIFESKIYINYYTSPETLVSSDEIETWIKYLDYTITLQTDSLTHLNFQRALLPLAHYDLVWIKYSKWL
INSKNDLLGAKNVLLMGLKFSLKKTEIIKLLYSVICKLNEYVLLRNLLEKIESSYSDNVENVDDFEIFWDYLQFKTFCQN
SLYSSRYSDSQSNGLLNKELFDKVWKRLSCKEKKSGQEILLNNLVQFYSKDTVEFVEKNIFQKIIEFGWEYYLQNGMFWN
CYCRLIYFDTSRSYLDKRQYIVRKIWPQIDKKFAQSVLPSLTEFCESYFPEEMDTLEEMFTEEP
;
T
7 'polypeptide(L)'
;MPDETNFTIEDIEPRPDALRGLDTQFLQDNTALVQAYRGLDWSDISSLTQMVDVIEQTVVKYGNPNDSIKLALETILWQI
LRKYPLLFGFWKRFATIEYQLFGLKKSIAVLATSVKWFPTSLELWCDYLNVLCVNNPNETDFIRNNFEIAKDLIGKQFLS
HPFWDKFIEFEVGQKNWHNVQRIYEYIIEVPLHQYARFFTSYKKFLNEKNLKTTRNIDIVLRKTQTTVNEIWQFESKIKQ
PFFNLGQVLNDDLENWSRYLKFVTDPSKSLDKEFVMSVFDRCLIPCLYHENTWMMYIKWLTKKNISDEVVVDIYQKANTF
LPLDFKTLRYDFLRFLKRKYRSNNTLFNNIFNETVSRYLKIWPNDILLMTEYLCMLKRHSFKNSLDQSPKEILEKQTSFT
KILETSITNYINNQIDAKVHLQTLINDKNLSIVVVELIKTTWLVLKNNMQTRKYFNLYQKNILIKNSVPFWLTYYKFEKS
NVNFTKLNKFIRELGVEIYLPTTVMNDILTDYKTFYLTHSNIVTYESSIIDSNTFDPILYPELKMSNPKYDPVLNTTANV
DWHKKTEWKEAGHIGITTERPQISNSIIECNSGTLIQKPISLPNFRNLEKINQVKINDLYTEEFLKEGK
;
U
8 'polypeptide(L)'
;MSYKQTTYYPSRGNLVRNDSSPYTNTISSETNNSSTSVLSLQGASNVSLGTTGNQLYMGDLDPTWDKNTVRQIWASLGEA
NINVRMMWNNTLNNGSRSSMGPKNNQGYCFVDFPSSTHAANALLKNGMLIPNFPNKKLKLNWATSSYSNSNNSLNNVKSG
NNCSIFVGDLAPNVTESQLFELFINRYASTSHAKIVHDQVTGMSKGYGFVKFTNSDEQQLALSEMQGVFLNGRAIKVGPT
SGQQQHVSGNNDYNRSSSSLNNENVDSRFLSKGQSFLSNGNNNMGFKRNHMSQFIYPVQQQPSLNHFTDPNNTTVFIGGL
SSLVTEDELRAYFQPFGTIVYVKIPVGKCCGFVQYVDRLSAEAAIAGMQGFPIANSRVRLSWGRSAKQTALLQQAMLSNS
LQVQQQQPGLQQPNYGYIPSSTCEAPVLPDNNVSSTMLPGCQILNYSNPYANANGLGSNNFSFYSNNNATNTQATSLLAD
TSSMDLSGTGGQQVIMQGSEAVVNSTNAMLNRLEQGSNGFMFA
;
V
9 'polypeptide(L)'
;MRPRRRGLAYHHTKPKGQLSQGHYPTTSNDGQRRKVGNSEAFQSFDIWKNLDRIRSTKKNAGQFIKGSLLILPMRTEDKQ
QFDECMDELHKYISKDILRCYPQKEQKDEGMLFYIVLKDFNILDSCFVLSVLLAFQKRLWMAPSEKSYFRVPKNINLTGS
FYLPKNIETGRGHIITSYRREQPSSSIVEVGFNVVPDFQQFQVKACHVSKFMNELSNFFSQVEFGKCEANVINYFKREYN
RTYSQISLALYELPLIGDGLFDIKSYISKTRPIIETSKAQMIKHISEMKAYNEISGLQGDQFPRQQRPLSNSPSSNSISS
SQTIEAGATSYQTQPQRHAVNKPSNVLNSSNRHSGPKTFEDGRYSEGNKPGFMTQDEIKQHCIGTIKASMDAVKKKSSYQ
ILKTYVRCPRQNYIDIVYQNLNDLRSKTNCNIVVLNLNNLHESQMWLESLNTTNYTIFAQAPHPSTIRVISIGGVGEYIV
KALELILNILEH
;
W
10 'polypeptide(L)'
;MSKIQVAHSSRLANLIDYKLRVLTQDGRVYIGQLMAFDKHMNLVLNECIEERVPKTQLDKLRPRKDSKDGTTLNIKVEKR
VLGLTILRGEQILSTVVEDKPLLSKKERLVRDKKEKKQAQKQTKLRKEKEKKPGKIAKPNTANAKHTSSNSREIAQPSSS
RYNGGNDNIGANRSRFNNEAPPQTRKFQPPPGFKRK
;
a
11 'polypeptide(L)'
;MKLVNFLKKLRNEQVTIELKNGTTVWGTLQSVSPQMNAILTDVKLTLPQPRLNKLNSNGIAMASLYLTGGQQPTASDNIA
SLQYINIRGNTIRQIILPDSLNLDSLLVDQKQLNSLRRSGQIANDPSKKRRRDFGAPANKRPRRGL
;
b
12 'polypeptide(L)'
;MSSQIIDRPKHELSRAELEELEEFEFKHGPMSLINDAMVTRTPVIISLRNNHKIIARVKAFDRHCNMVLENVKELWTEKK
GKNVINRERFISKLFLRGDSVIVVLKTPVE
;
c
13 'polypeptide(L)'
;MTMNGIPVKLLNEAQGHIVSLELTTGATYRGKLVESEDSMNVQLRDVIATEPQGAVTHMDQIFVRGSQIKFIVVPDLLKN
APLFKKNSSRPMPPIRGPKRR
;
d
14 'polypeptide(L)'
;MSNKVKTKAMVPPINCIFNFLQQQTPVTIWLFEQIGIRIKGKIVGFDEFMNVVIDEAVEIPVNSADGKEDVEKGTPLGKI
LLKGDNITLITSAD
;
e
15 'polypeptide(L)'
;MSESSDISAMQPVNPKPFLKGLVNHRVGVKLKFNSTEYRGTLVSTDNYFNLQLNEAEEFVAGVSHGTLGEIFIRCNNVLY
IRELPN
;
f
16 'polypeptide(L)' MVSTPELKKYMDKKILLNINGSRKVAGILRGYDIFLNVVLDDAMEINGEDPANNHQLGLQTVIRGNSIISLEALDAI g
17 'polypeptide(L)'
;MRDIVFVSPQLYLSSQEGWKSDSAKSGFIPILKNDLQRFQDSLKHIVDARNSLSETLLNSNDDGSIHNSDQNTGLNKDKE
ASIADNNSANKCATSSSRYQELKQFLPISLDQQIHTVSLQGVSSSFSRGQIESLLDHCLNLALTETQSNSALKVEAWSSF
SSFLDTQDIFIRFSKVDEDEAFVNTLNYCKALFAFIRKLHEDFKIELHLDLNTKEYVEDRTGTIPSVKPEKASEFYSVFK
NIEDQTDERNSKKEQLDDSSTQYKVDTNTLSDLPSDALDQLCKDIIEFRTKVVSIEKEKKMKSTYEESRRQRHQMQKVFD
QIRKNHSGAKGSANTEEEDTNMEDEDEEDDTEDDLALEKRKEERDLEESNRRYEDMLHQLHSNTEPKIKSIRADIMSAEN
YEEHLEKNRSLYLKELLHLANDVHYDHHRSFKEQEERRDEEDRAKNGNAKELAPIQLSDGKAISAGKAAAITLPEGTVKS
ENYNADKNVSESSEHVKIKFDFKKAIDHSVESSSEDEGYRESELPPTKPSERSAAEDRLPFTADELNIRLTNLKESRYVD
ELVREFLGVYEDELVEYILENIRVNQSKQALLNELRETFDEDGETIADRLWSRKEFRLG
;
X
18 'polypeptide(L)'
;MSTMSTPAAEQRKLVEQLMGRDFSFRHNRYSHQKRDLGLHDPKICKSYLVGECPYDLFQGTKQSLGKCPQMHLTKHKIQY
EREVKQGKTFPEFEREYLAILSRFVNECNGQISVALQNLKHTAEERMKIQQVTEELDVLDVRIGLMGQEIDSLIRADEVS
MGMLQSVKLQELISKRKEVAKRVRNITENVGQSAQQKLQVCEVCGAYLSRLDTDRRLADHFLGKIHLGYVKMREDYDRLM
KNNRTTNASKTATTLPGRRFV
;
Y
19 'polypeptide(L)' AAAAAAAAAAAAAAAAAAAAAAAAAAAAAAAAAAAAAAAAAAAAAAAAA x
20 'polypeptide(L)'
;MARPIDVSQLIAGINKKKGLDENTSGKISKPRFLNKQERSKQERLKENEESLTPTQSDSAKVEIKKVNSRDDSFFNETND
KKRNPSKQNGSKFHFSWNESEDTLSGYDPIVSTRAIDLLWKGKTPKNAAESSYMGKHWTEKSLHEMNERDWRILKEDYAI
VTKGGTVENPLRNWEELNIIPRDLLRVIIQELRFPSPTPIQRITIPNVCNMKQYRDFLGVASTGSGKTLAFVIPILIKMS
RSPPRPPSLKIIDGPKALILAPTRELVQQIQKETQKVTKIWSKESNYDCKVISIVGGHSLEEISFSLSEGCDILVATPGR
LIDSLENHLLVMKQVETLVLDEADKMIDLGFEDQVTNILTKVDINADSAVNRQTLMFTATMTPVIEKIAAGYMQKPVYAT
IGVETGSEPLIQQVVEYADNDEDKFKKLKPIVAKYDPPIIIFINYKQTADWLAEKFQKETNMKVTILHGSKSQEQREHSL
QLFRTNKVQIMIATNVAARGLDIPNVSLVVNFQISKKMDDYIHRIGRTGRAANEGTAVSFVSAAEDESLIRELYKYVRKH
DPLNSNIFSEAVKNKYNVGKQLSNEIIY
;
y
#
# COMPACT_ATOMS: atom_id res chain seq x y z
N MET C 1 4.08 6.86 -9.15
CA MET C 1 3.41 5.94 -8.25
C MET C 1 4.48 5.06 -7.58
N ASN C 2 4.11 4.38 -6.49
CA ASN C 2 5.09 3.65 -5.69
C ASN C 2 5.49 2.34 -6.36
N TYR C 3 4.55 1.40 -6.48
CA TYR C 3 4.88 0.07 -6.98
C TYR C 3 5.11 0.10 -8.49
N ASN C 4 4.10 0.50 -9.26
CA ASN C 4 4.18 0.51 -10.71
C ASN C 4 4.48 -0.89 -11.22
N LEU C 5 3.49 -1.79 -11.20
CA LEU C 5 3.73 -3.17 -11.62
C LEU C 5 3.61 -3.16 -13.13
N SER C 6 4.77 -3.13 -13.78
CA SER C 6 4.81 -2.73 -15.17
C SER C 6 6.10 -3.18 -15.81
N LYS C 7 6.11 -3.10 -17.14
CA LYS C 7 7.33 -3.31 -17.89
C LYS C 7 8.26 -2.11 -17.78
N TYR C 8 7.69 -0.91 -17.64
CA TYR C 8 8.45 0.34 -17.69
C TYR C 8 9.25 0.54 -16.41
N PRO C 9 10.37 1.27 -16.48
CA PRO C 9 11.10 1.63 -15.25
C PRO C 9 10.35 2.66 -14.44
N ASP C 10 10.99 3.19 -13.39
CA ASP C 10 10.28 4.10 -12.48
C ASP C 10 9.97 5.44 -13.15
N ASP C 11 10.86 5.93 -14.02
CA ASP C 11 10.65 7.26 -14.60
C ASP C 11 9.52 7.25 -15.63
N VAL C 12 9.44 6.18 -16.43
CA VAL C 12 8.36 6.08 -17.41
C VAL C 12 7.02 5.83 -16.70
N SER C 13 7.04 5.02 -15.64
CA SER C 13 5.80 4.70 -14.95
C SER C 13 5.20 5.91 -14.26
N ARG C 14 6.04 6.75 -13.65
CA ARG C 14 5.57 8.00 -13.04
C ARG C 14 5.16 9.02 -14.07
N LEU C 15 5.40 8.76 -15.36
CA LEU C 15 5.03 9.69 -16.42
C LEU C 15 3.57 9.50 -16.84
N PHE C 16 3.00 8.34 -16.54
CA PHE C 16 1.67 7.94 -16.99
C PHE C 16 0.59 8.28 -15.95
N LYS C 17 0.97 9.13 -14.98
CA LYS C 17 0.11 9.40 -13.84
C LYS C 17 -1.33 9.66 -14.28
N PRO C 18 -2.31 8.99 -13.69
CA PRO C 18 -3.71 9.24 -14.03
C PRO C 18 -4.24 10.52 -13.41
N ARG C 19 -5.33 11.00 -13.98
CA ARG C 19 -6.08 12.08 -13.37
C ARG C 19 -6.59 11.65 -11.99
N PRO C 20 -6.92 12.59 -11.11
CA PRO C 20 -7.35 12.22 -9.77
C PRO C 20 -8.65 11.44 -9.79
N PRO C 21 -8.99 10.76 -8.69
CA PRO C 21 -10.19 9.93 -8.66
C PRO C 21 -11.44 10.71 -9.06
N LEU C 22 -12.35 10.01 -9.73
CA LEU C 22 -13.60 10.64 -10.16
C LEU C 22 -14.49 10.94 -8.96
N SER C 23 -14.99 12.17 -8.91
CA SER C 23 -15.88 12.57 -7.84
C SER C 23 -17.21 11.82 -7.96
N TYR C 24 -17.85 11.60 -6.82
CA TYR C 24 -19.06 10.80 -6.78
C TYR C 24 -20.30 11.65 -7.05
N LYS C 25 -21.09 11.22 -8.04
CA LYS C 25 -22.37 11.84 -8.33
C LYS C 25 -23.46 10.80 -8.19
N ARG C 26 -24.51 11.15 -7.46
CA ARG C 26 -25.62 10.23 -7.21
C ARG C 26 -26.32 9.90 -8.52
N PRO C 27 -26.72 8.64 -8.74
CA PRO C 27 -27.30 8.27 -10.03
C PRO C 27 -28.66 8.91 -10.24
N THR C 28 -28.84 9.46 -11.44
CA THR C 28 -30.13 10.01 -11.84
C THR C 28 -31.00 9.00 -12.58
N ASP C 29 -30.49 7.81 -12.87
CA ASP C 29 -31.23 6.83 -13.65
C ASP C 29 -31.75 5.72 -12.74
N TYR C 30 -32.44 4.74 -13.34
CA TYR C 30 -33.02 3.58 -12.68
C TYR C 30 -31.97 2.50 -12.47
N PRO C 31 -31.92 1.95 -11.25
CA PRO C 31 -30.94 0.90 -10.95
C PRO C 31 -31.07 -0.28 -11.90
N TYR C 32 -29.94 -0.96 -12.12
CA TYR C 32 -29.91 -2.05 -13.10
C TYR C 32 -30.94 -3.12 -12.76
N ALA C 33 -31.15 -3.39 -11.47
CA ALA C 33 -32.12 -4.40 -11.07
C ALA C 33 -33.54 -3.96 -11.41
N LYS C 34 -33.79 -2.65 -11.37
CA LYS C 34 -35.12 -2.14 -11.67
C LYS C 34 -35.34 -1.93 -13.17
N ARG C 35 -34.30 -2.05 -13.98
CA ARG C 35 -34.41 -1.78 -15.41
C ARG C 35 -35.24 -2.84 -16.11
N GLN C 36 -36.30 -2.39 -16.78
CA GLN C 36 -37.08 -3.27 -17.65
C GLN C 36 -37.78 -2.40 -18.69
N THR C 37 -38.12 -3.01 -19.81
CA THR C 37 -39.00 -2.33 -20.75
C THR C 37 -40.43 -2.46 -20.24
N ASN C 38 -41.37 -1.81 -20.91
CA ASN C 38 -42.72 -1.70 -20.40
C ASN C 38 -43.37 -3.08 -20.30
N PRO C 39 -43.76 -3.52 -19.11
CA PRO C 39 -44.45 -4.80 -18.96
C PRO C 39 -45.93 -4.66 -19.26
N ASN C 40 -46.70 -5.70 -18.93
CA ASN C 40 -48.16 -5.73 -19.01
C ASN C 40 -48.67 -5.16 -20.34
N ILE C 41 -47.97 -5.49 -21.41
CA ILE C 41 -48.40 -5.14 -22.76
C ILE C 41 -49.81 -5.70 -22.92
N THR C 42 -50.76 -4.84 -23.28
CA THR C 42 -52.09 -5.34 -23.59
C THR C 42 -52.03 -6.08 -24.91
N GLY C 43 -52.44 -7.35 -24.89
CA GLY C 43 -52.45 -8.12 -26.12
C GLY C 43 -53.45 -7.59 -27.11
N VAL C 44 -53.49 -8.23 -28.28
CA VAL C 44 -54.44 -7.80 -29.30
C VAL C 44 -55.82 -8.33 -28.92
N ALA C 45 -56.73 -7.41 -28.63
CA ALA C 45 -57.99 -7.72 -28.00
C ALA C 45 -59.02 -8.19 -29.03
N ASN C 46 -59.99 -8.95 -28.53
CA ASN C 46 -61.26 -9.06 -29.24
C ASN C 46 -61.92 -7.70 -29.39
N LEU C 47 -61.67 -6.80 -28.43
CA LEU C 47 -62.13 -5.42 -28.55
C LEU C 47 -61.30 -4.66 -29.58
N LEU C 48 -60.03 -5.02 -29.73
CA LEU C 48 -59.21 -4.42 -30.78
C LEU C 48 -59.67 -4.88 -32.15
N SER C 49 -59.87 -6.19 -32.32
CA SER C 49 -60.45 -6.69 -33.56
C SER C 49 -61.86 -6.17 -33.77
N THR C 50 -62.53 -5.73 -32.70
CA THR C 50 -63.83 -5.09 -32.85
C THR C 50 -63.67 -3.67 -33.37
N SER C 51 -62.62 -2.97 -32.94
CA SER C 51 -62.29 -1.66 -33.47
C SER C 51 -61.66 -1.73 -34.85
N LEU C 52 -61.29 -2.93 -35.32
CA LEU C 52 -60.75 -3.08 -36.67
C LEU C 52 -61.70 -2.56 -37.73
N LYS C 53 -63.01 -2.73 -37.51
CA LYS C 53 -63.98 -2.44 -38.56
C LYS C 53 -64.03 -0.95 -38.89
N HIS C 54 -63.73 -0.08 -37.92
CA HIS C 54 -63.63 1.35 -38.22
C HIS C 54 -62.51 1.63 -39.21
N TYR C 55 -61.39 0.91 -39.09
CA TYR C 55 -60.30 1.04 -40.04
C TYR C 55 -60.65 0.38 -41.37
N MET C 56 -61.39 -0.73 -41.33
CA MET C 56 -61.68 -1.46 -42.55
C MET C 56 -62.68 -0.73 -43.43
N GLU C 57 -63.69 -0.10 -42.83
CA GLU C 57 -64.66 0.64 -43.63
C GLU C 57 -64.06 1.94 -44.17
N GLU C 58 -63.05 2.48 -43.51
CA GLU C 58 -62.45 3.72 -43.97
C GLU C 58 -61.49 3.48 -45.13
N PHE C 59 -60.71 2.40 -45.07
CA PHE C 59 -59.75 2.04 -46.12
C PHE C 59 -60.05 0.63 -46.59
N PRO C 60 -61.17 0.43 -47.30
CA PRO C 60 -61.53 -0.94 -47.72
C PRO C 60 -60.58 -1.53 -48.75
N GLU C 61 -60.15 -0.74 -49.72
CA GLU C 61 -59.29 -1.23 -50.80
C GLU C 61 -57.89 -0.67 -50.61
N GLY C 62 -56.91 -1.57 -50.51
CA GLY C 62 -55.53 -1.14 -50.40
C GLY C 62 -54.98 -0.65 -51.73
N SER C 63 -53.97 0.21 -51.63
CA SER C 63 -53.29 0.70 -52.83
C SER C 63 -52.66 -0.46 -53.59
N PRO C 64 -52.71 -0.43 -54.92
CA PRO C 64 -52.11 -1.52 -55.70
C PRO C 64 -50.59 -1.54 -55.53
N ASN C 65 -50.01 -2.73 -55.61
CA ASN C 65 -48.57 -2.88 -55.49
C ASN C 65 -47.97 -2.87 -56.89
N ASN C 66 -47.31 -1.76 -57.22
CA ASN C 66 -46.69 -1.66 -58.54
C ASN C 66 -45.21 -2.02 -58.50
N HIS C 67 -44.64 -2.21 -57.31
CA HIS C 67 -43.26 -2.70 -57.23
C HIS C 67 -43.21 -4.23 -57.35
N LEU C 68 -44.32 -4.91 -57.09
CA LEU C 68 -44.36 -6.35 -57.28
C LEU C 68 -44.58 -6.72 -58.74
N GLN C 69 -45.25 -5.85 -59.49
CA GLN C 69 -45.46 -6.09 -60.91
C GLN C 69 -44.16 -6.07 -61.70
N ARG C 70 -43.13 -5.39 -61.19
CA ARG C 70 -41.81 -5.45 -61.84
C ARG C 70 -41.23 -6.85 -61.77
N TYR C 71 -41.50 -7.57 -60.68
CA TYR C 71 -41.05 -8.96 -60.56
C TYR C 71 -41.96 -9.92 -61.31
N GLU C 72 -43.29 -9.74 -61.21
CA GLU C 72 -44.21 -10.55 -61.99
C GLU C 72 -44.01 -10.35 -63.49
N ASP C 73 -43.39 -9.24 -63.90
CA ASP C 73 -43.06 -9.07 -65.31
C ASP C 73 -41.90 -9.98 -65.72
N ILE C 74 -40.81 -9.97 -64.94
CA ILE C 74 -39.63 -10.73 -65.31
C ILE C 74 -39.87 -12.22 -65.19
N LYS C 75 -40.63 -12.66 -64.18
CA LYS C 75 -40.84 -14.11 -64.04
C LYS C 75 -41.72 -14.66 -65.16
N LEU C 76 -42.83 -14.00 -65.44
CA LEU C 76 -43.63 -14.35 -66.61
C LEU C 76 -42.80 -14.30 -67.89
N SER C 77 -41.90 -13.32 -67.99
CA SER C 77 -40.99 -13.26 -69.14
C SER C 77 -40.12 -14.50 -69.22
N LYS C 78 -39.65 -15.01 -68.07
CA LYS C 78 -38.89 -16.25 -68.09
C LYS C 78 -39.74 -17.42 -68.55
N ILE C 79 -41.00 -17.50 -68.10
CA ILE C 79 -41.88 -18.55 -68.56
C ILE C 79 -42.06 -18.50 -70.07
N LYS C 80 -42.20 -17.28 -70.61
CA LYS C 80 -42.34 -17.15 -72.06
C LYS C 80 -41.06 -17.55 -72.79
N ASN C 81 -39.90 -17.22 -72.22
CA ASN C 81 -38.64 -17.75 -72.75
C ASN C 81 -38.68 -19.27 -72.82
N ALA C 82 -39.11 -19.93 -71.74
CA ALA C 82 -39.23 -21.38 -71.76
C ALA C 82 -40.20 -21.85 -72.84
N GLN C 83 -41.26 -21.07 -73.12
CA GLN C 83 -42.17 -21.43 -74.20
C GLN C 83 -41.52 -21.32 -75.56
N LEU C 84 -40.70 -20.29 -75.80
CA LEU C 84 -40.01 -20.21 -77.08
C LEU C 84 -39.00 -21.35 -77.23
N LEU C 85 -38.23 -21.63 -76.18
CA LEU C 85 -37.39 -22.82 -76.21
C LEU C 85 -38.21 -24.07 -76.50
N ASP C 86 -39.44 -24.14 -75.99
CA ASP C 86 -40.32 -25.24 -76.35
C ASP C 86 -40.64 -25.23 -77.84
N ARG C 87 -40.82 -24.05 -78.43
CA ARG C 87 -41.07 -23.97 -79.87
C ARG C 87 -39.86 -24.46 -80.66
N ARG C 88 -38.65 -24.25 -80.15
CA ARG C 88 -37.47 -24.74 -80.86
C ARG C 88 -37.24 -26.22 -80.66
N LEU C 89 -37.55 -26.75 -79.48
CA LEU C 89 -37.13 -28.12 -79.16
C LEU C 89 -37.89 -29.16 -79.98
N GLN C 90 -39.09 -28.83 -80.46
CA GLN C 90 -39.87 -29.84 -81.18
C GLN C 90 -39.34 -30.06 -82.59
N ASN C 91 -38.53 -29.13 -83.10
CA ASN C 91 -38.02 -29.24 -84.45
C ASN C 91 -36.80 -30.15 -84.53
N PRO C 94 -33.56 -34.98 -86.76
CA PRO C 94 -32.58 -34.58 -87.78
C PRO C 94 -32.73 -35.35 -89.09
N ASN C 95 -33.78 -36.17 -89.20
CA ASN C 95 -34.10 -36.87 -90.43
C ASN C 95 -35.16 -36.15 -91.27
N VAL C 96 -35.56 -34.95 -90.85
CA VAL C 96 -36.56 -34.09 -91.48
C VAL C 96 -35.84 -32.91 -92.10
N ASP C 97 -35.00 -32.29 -91.29
CA ASP C 97 -34.31 -31.00 -91.47
C ASP C 97 -33.67 -30.62 -92.80
N PRO C 98 -33.55 -31.56 -93.77
CA PRO C 98 -32.64 -32.17 -94.73
C PRO C 98 -31.51 -31.28 -95.23
N HIS C 99 -31.50 -30.03 -94.86
CA HIS C 99 -30.13 -29.55 -94.74
C HIS C 99 -29.21 -30.56 -93.94
N ILE C 100 -29.76 -31.27 -92.95
CA ILE C 100 -29.06 -32.30 -92.18
C ILE C 100 -29.32 -33.74 -92.66
N LYS C 101 -29.99 -33.92 -93.81
CA LYS C 101 -30.38 -35.27 -94.26
C LYS C 101 -29.26 -35.96 -95.02
N ASP C 102 -28.07 -35.41 -94.98
CA ASP C 102 -26.93 -35.98 -95.71
C ASP C 102 -26.59 -37.33 -95.11
N THR C 103 -25.57 -38.06 -95.60
CA THR C 103 -25.47 -39.50 -95.33
C THR C 103 -25.05 -39.75 -93.89
N ASP C 104 -24.75 -41.02 -93.61
CA ASP C 104 -24.72 -41.63 -92.28
C ASP C 104 -24.01 -40.77 -91.24
N PRO C 105 -24.63 -40.57 -90.08
CA PRO C 105 -24.04 -39.65 -89.09
C PRO C 105 -22.71 -40.11 -88.54
N TYR C 106 -22.39 -41.40 -88.61
CA TYR C 106 -21.09 -41.88 -88.15
C TYR C 106 -19.95 -41.26 -88.94
N ARG C 107 -20.17 -40.91 -90.21
CA ARG C 107 -19.16 -40.24 -91.02
C ARG C 107 -19.34 -38.73 -91.03
N THR C 108 -20.29 -38.19 -90.27
CA THR C 108 -20.54 -36.75 -90.24
C THR C 108 -19.63 -36.11 -89.20
N ILE C 109 -18.82 -35.15 -89.64
CA ILE C 109 -17.91 -34.43 -88.76
C ILE C 109 -18.31 -32.96 -88.70
N PHE C 110 -18.36 -32.41 -87.49
CA PHE C 110 -18.85 -31.06 -87.30
C PHE C 110 -17.70 -30.08 -87.12
N ILE C 111 -17.69 -29.03 -87.96
CA ILE C 111 -16.75 -27.93 -87.86
C ILE C 111 -17.48 -26.74 -87.25
N GLY C 112 -16.77 -25.96 -86.43
CA GLY C 112 -17.34 -24.80 -85.80
C GLY C 112 -16.28 -23.73 -85.63
N ARG C 113 -16.75 -22.53 -85.29
CA ARG C 113 -15.91 -21.33 -85.17
C ARG C 113 -15.19 -20.99 -86.47
N LEU C 114 -15.72 -21.45 -87.60
CA LEU C 114 -15.13 -21.09 -88.88
C LEU C 114 -15.43 -19.63 -89.18
N PRO C 115 -14.56 -18.92 -89.89
CA PRO C 115 -14.83 -17.51 -90.19
C PRO C 115 -16.01 -17.38 -91.13
N TYR C 116 -16.78 -16.30 -90.95
CA TYR C 116 -17.95 -16.07 -91.79
C TYR C 116 -17.56 -15.65 -93.19
N ASP C 117 -16.29 -15.30 -93.40
CA ASP C 117 -15.78 -14.93 -94.71
C ASP C 117 -15.14 -16.12 -95.40
N LEU C 118 -15.24 -17.30 -94.80
CA LEU C 118 -14.52 -18.46 -95.29
C LEU C 118 -15.12 -18.95 -96.61
N ASP C 119 -14.50 -19.98 -97.19
CA ASP C 119 -14.87 -20.46 -98.51
C ASP C 119 -14.94 -21.98 -98.50
N GLU C 120 -15.65 -22.52 -99.48
CA GLU C 120 -15.84 -23.98 -99.54
C GLU C 120 -14.60 -24.69 -100.05
N ILE C 121 -13.76 -24.01 -100.84
CA ILE C 121 -12.55 -24.63 -101.34
C ILE C 121 -11.54 -24.83 -100.22
N GLU C 122 -11.28 -23.78 -99.43
CA GLU C 122 -10.32 -23.90 -98.33
C GLU C 122 -10.77 -24.95 -97.30
N LEU C 123 -12.06 -24.97 -96.97
CA LEU C 123 -12.56 -25.99 -96.05
C LEU C 123 -12.53 -27.36 -96.70
N GLN C 124 -12.63 -27.40 -98.03
CA GLN C 124 -12.49 -28.68 -98.73
C GLN C 124 -11.05 -29.18 -98.68
N LYS C 125 -10.09 -28.27 -98.59
CA LYS C 125 -8.68 -28.66 -98.47
C LYS C 125 -8.32 -29.06 -97.05
N TYR C 126 -8.73 -28.24 -96.07
CA TYR C 126 -8.41 -28.52 -94.68
C TYR C 126 -9.15 -29.77 -94.20
N PHE C 127 -10.40 -29.93 -94.64
CA PHE C 127 -11.12 -31.16 -94.31
C PHE C 127 -10.67 -32.30 -95.21
N VAL C 128 -10.18 -32.00 -96.41
CA VAL C 128 -9.73 -33.04 -97.33
C VAL C 128 -8.35 -33.57 -96.93
N LYS C 129 -7.69 -32.90 -95.99
CA LYS C 129 -6.37 -33.34 -95.54
C LYS C 129 -6.43 -34.69 -94.85
N PHE C 130 -7.53 -34.98 -94.17
CA PHE C 130 -7.67 -36.18 -93.36
C PHE C 130 -8.38 -37.31 -94.11
N GLY C 131 -8.81 -37.09 -95.34
CA GLY C 131 -9.46 -38.12 -96.12
C GLY C 131 -10.35 -37.53 -97.20
N GLU C 132 -10.94 -38.42 -98.01
CA GLU C 132 -11.81 -38.00 -99.08
C GLU C 132 -13.15 -37.49 -98.53
N ILE C 133 -13.74 -36.54 -99.24
CA ILE C 133 -14.96 -35.90 -98.79
C ILE C 133 -16.15 -36.46 -99.56
N GLU C 134 -17.15 -36.96 -98.82
CA GLU C 134 -18.37 -37.49 -99.40
C GLU C 134 -19.41 -36.40 -99.64
N LYS C 135 -19.89 -35.77 -98.57
CA LYS C 135 -20.80 -34.64 -98.69
C LYS C 135 -20.25 -33.49 -97.86
N ILE C 136 -20.76 -32.29 -98.14
CA ILE C 136 -20.40 -31.11 -97.36
C ILE C 136 -21.59 -30.16 -97.33
N ARG C 137 -21.82 -29.56 -96.16
CA ARG C 137 -22.93 -28.63 -95.98
C ARG C 137 -22.57 -27.51 -95.04
N ILE C 138 -22.85 -26.26 -95.42
CA ILE C 138 -22.49 -25.12 -94.59
C ILE C 138 -23.74 -24.48 -94.01
N VAL C 139 -23.73 -24.25 -92.70
CA VAL C 139 -24.90 -23.74 -92.00
C VAL C 139 -25.00 -22.23 -92.22
N LYS C 140 -26.09 -21.81 -92.85
CA LYS C 140 -26.42 -20.41 -93.04
C LYS C 140 -27.78 -20.15 -92.44
N ASP C 141 -27.99 -18.91 -91.97
CA ASP C 141 -29.27 -18.54 -91.40
C ASP C 141 -30.38 -18.75 -92.42
N LYS C 142 -31.58 -19.03 -91.93
CA LYS C 142 -32.72 -19.17 -92.83
C LYS C 142 -33.27 -17.82 -93.27
N ILE C 143 -33.15 -16.79 -92.43
CA ILE C 143 -33.65 -15.47 -92.78
C ILE C 143 -32.78 -14.77 -93.82
N THR C 144 -31.53 -15.22 -93.99
CA THR C 144 -30.58 -14.59 -94.90
C THR C 144 -29.30 -15.42 -94.96
N GLN C 145 -28.48 -15.19 -95.97
CA GLN C 145 -27.45 -16.16 -96.35
C GLN C 145 -26.18 -16.09 -95.51
N LYS C 146 -26.14 -15.17 -94.54
CA LYS C 146 -24.95 -15.00 -93.72
C LYS C 146 -24.55 -16.32 -93.06
N SER C 147 -23.28 -16.68 -93.19
CA SER C 147 -22.80 -17.95 -92.68
C SER C 147 -22.82 -17.97 -91.14
N LYS C 148 -23.34 -19.05 -90.57
CA LYS C 148 -23.41 -19.17 -89.12
C LYS C 148 -22.08 -19.52 -88.49
N GLY C 149 -21.10 -19.97 -89.27
CA GLY C 149 -19.80 -20.32 -88.73
C GLY C 149 -19.62 -21.78 -88.40
N TYR C 150 -20.57 -22.63 -88.77
CA TYR C 150 -20.47 -24.06 -88.53
C TYR C 150 -20.81 -24.82 -89.80
N ALA C 151 -20.33 -26.05 -89.90
CA ALA C 151 -20.58 -26.87 -91.08
C ALA C 151 -20.55 -28.34 -90.69
N PHE C 152 -21.10 -29.16 -91.59
CA PHE C 152 -21.09 -30.62 -91.44
C PHE C 152 -20.45 -31.23 -92.68
N ILE C 153 -19.46 -32.11 -92.46
CA ILE C 153 -18.72 -32.73 -93.55
C ILE C 153 -18.84 -34.24 -93.42
N VAL C 154 -19.52 -34.86 -94.38
CA VAL C 154 -19.61 -36.30 -94.48
C VAL C 154 -18.40 -36.80 -95.25
N PHE C 155 -17.73 -37.82 -94.72
CA PHE C 155 -16.51 -38.36 -95.31
C PHE C 155 -16.74 -39.82 -95.70
N LYS C 156 -15.87 -40.32 -96.58
CA LYS C 156 -16.04 -41.66 -97.13
C LYS C 156 -15.99 -42.75 -96.07
N ASP C 157 -15.22 -42.54 -95.00
CA ASP C 157 -15.09 -43.53 -93.93
C ASP C 157 -15.19 -42.83 -92.58
N PRO C 158 -15.83 -43.47 -91.59
CA PRO C 158 -15.90 -42.86 -90.27
C PRO C 158 -14.57 -42.79 -89.55
N ILE C 159 -13.61 -43.66 -89.88
CA ILE C 159 -12.30 -43.63 -89.24
C ILE C 159 -11.56 -42.36 -89.63
N SER C 160 -11.68 -41.94 -90.89
CA SER C 160 -11.05 -40.69 -91.32
C SER C 160 -11.74 -39.49 -90.69
N SER C 161 -13.04 -39.60 -90.44
CA SER C 161 -13.75 -38.50 -89.77
C SER C 161 -13.30 -38.37 -88.32
N LYS C 162 -13.14 -39.50 -87.63
CA LYS C 162 -12.59 -39.48 -86.28
C LYS C 162 -11.16 -38.96 -86.26
N MET C 163 -10.33 -39.38 -87.21
CA MET C 163 -8.98 -38.85 -87.33
C MET C 163 -8.99 -37.33 -87.53
N ALA C 164 -9.96 -36.83 -88.31
CA ALA C 164 -10.05 -35.39 -88.52
C ALA C 164 -10.50 -34.68 -87.27
N PHE C 165 -11.43 -35.29 -86.52
CA PHE C 165 -11.89 -34.68 -85.27
C PHE C 165 -10.76 -34.58 -84.27
N LYS C 166 -9.95 -35.64 -84.16
CA LYS C 166 -8.87 -35.68 -83.18
C LYS C 166 -7.73 -34.75 -83.60
N GLU C 167 -7.25 -34.89 -84.83
CA GLU C 167 -6.20 -34.04 -85.35
C GLU C 167 -6.61 -32.57 -85.35
N ILE C 168 -7.58 -32.22 -86.20
CA ILE C 168 -8.01 -30.84 -86.36
C ILE C 168 -8.63 -30.25 -85.10
N GLY C 169 -9.48 -31.00 -84.40
CA GLY C 169 -10.19 -30.44 -83.27
C GLY C 169 -9.48 -30.57 -81.94
N VAL C 170 -8.54 -31.51 -81.83
CA VAL C 170 -7.92 -31.77 -80.54
C VAL C 170 -6.74 -30.83 -80.27
N HIS C 171 -6.21 -30.18 -81.32
CA HIS C 171 -5.09 -29.26 -81.11
C HIS C 171 -5.44 -27.82 -81.49
N ARG C 172 -5.62 -26.95 -80.49
CA ARG C 172 -5.72 -25.51 -80.68
C ARG C 172 -6.93 -25.11 -81.52
N GLY C 173 -7.61 -26.09 -82.10
CA GLY C 173 -8.52 -25.83 -83.21
C GLY C 173 -7.71 -25.79 -84.48
N ILE C 174 -8.31 -26.13 -85.62
CA ILE C 174 -7.56 -26.12 -86.88
C ILE C 174 -7.58 -24.70 -87.42
N GLN C 175 -6.40 -24.18 -87.76
CA GLN C 175 -6.33 -22.84 -88.32
C GLN C 175 -6.93 -22.80 -89.71
N ILE C 176 -7.96 -21.98 -89.89
CA ILE C 176 -8.61 -21.78 -91.17
C ILE C 176 -8.86 -20.29 -91.34
N LYS C 177 -8.43 -19.74 -92.48
CA LYS C 177 -8.42 -18.30 -92.69
C LYS C 177 -7.66 -17.63 -91.55
N ASP C 178 -8.31 -16.70 -90.84
CA ASP C 178 -7.72 -16.03 -89.69
C ASP C 178 -8.16 -16.62 -88.36
N ARG C 179 -8.99 -17.66 -88.36
CA ARG C 179 -9.64 -18.13 -87.15
C ARG C 179 -9.22 -19.55 -86.83
N ILE C 180 -9.31 -19.89 -85.54
CA ILE C 180 -9.15 -21.27 -85.09
C ILE C 180 -10.54 -21.89 -85.06
N CYS C 181 -10.69 -23.03 -85.72
CA CYS C 181 -11.99 -23.69 -85.87
C CYS C 181 -12.01 -24.95 -85.02
N ILE C 182 -12.98 -25.04 -84.10
CA ILE C 182 -13.15 -26.25 -83.32
C ILE C 182 -13.76 -27.34 -84.20
N VAL C 183 -13.61 -28.59 -83.79
CA VAL C 183 -14.10 -29.73 -84.54
C VAL C 183 -14.51 -30.84 -83.59
N ASP C 184 -15.61 -31.52 -83.92
CA ASP C 184 -16.14 -32.60 -83.10
C ASP C 184 -16.97 -33.52 -83.99
N ILE C 185 -17.73 -34.42 -83.35
CA ILE C 185 -18.65 -35.30 -84.06
C ILE C 185 -19.93 -34.52 -84.36
N GLU C 186 -20.88 -35.17 -85.03
CA GLU C 186 -22.11 -34.50 -85.47
C GLU C 186 -22.94 -34.01 -84.29
N ARG C 187 -22.96 -34.79 -83.20
CA ARG C 187 -23.62 -34.43 -81.94
C ARG C 187 -25.13 -34.35 -82.06
N GLY C 188 -25.65 -34.51 -83.28
CA GLY C 188 -27.09 -34.53 -83.50
C GLY C 188 -27.58 -35.78 -84.20
N THR D 2 -5.54 -11.90 -40.23
CA THR D 2 -5.04 -10.56 -40.00
C THR D 2 -3.55 -10.58 -39.63
N ARG D 3 -2.97 -9.40 -39.47
CA ARG D 3 -1.60 -9.25 -38.99
C ARG D 3 -1.56 -8.06 -38.03
N TYR D 4 -0.81 -8.22 -36.94
CA TYR D 4 -0.72 -7.17 -35.93
C TYR D 4 0.53 -6.33 -36.18
N TYR D 5 0.33 -5.10 -36.62
CA TYR D 5 1.42 -4.15 -36.81
C TYR D 5 1.67 -3.43 -35.49
N CYS D 6 2.87 -3.55 -34.96
CA CYS D 6 3.24 -2.82 -33.74
C CYS D 6 3.98 -1.58 -34.18
N GLU D 7 3.33 -0.42 -34.00
CA GLU D 7 3.83 0.80 -34.62
C GLU D 7 4.93 1.43 -33.78
N TYR D 8 5.03 1.03 -32.51
CA TYR D 8 6.18 1.46 -31.71
C TYR D 8 7.46 0.88 -32.26
N CYS D 9 7.48 -0.44 -32.46
CA CYS D 9 8.66 -1.09 -33.02
C CYS D 9 8.69 -0.99 -34.54
N HIS D 10 7.54 -0.65 -35.15
CA HIS D 10 7.34 -0.55 -36.60
C HIS D 10 7.43 -1.91 -37.27
N SER D 11 7.66 -2.98 -36.53
CA SER D 11 7.80 -4.32 -37.07
C SER D 11 6.47 -5.06 -37.02
N TYR D 12 6.08 -5.66 -38.14
CA TYR D 12 4.88 -6.48 -38.20
C TYR D 12 5.09 -7.75 -37.39
N LEU D 13 3.99 -8.31 -36.89
CA LEU D 13 3.94 -9.68 -36.43
C LEU D 13 2.75 -10.34 -37.11
N THR D 14 2.97 -11.54 -37.65
CA THR D 14 2.00 -12.15 -38.55
C THR D 14 0.98 -12.98 -37.78
N HIS D 15 -0.27 -12.95 -38.25
CA HIS D 15 -1.38 -13.71 -37.68
C HIS D 15 -1.46 -13.51 -36.17
N ASP D 16 -1.95 -12.34 -35.74
CA ASP D 16 -2.01 -11.96 -34.33
C ASP D 16 -2.68 -13.07 -33.51
N THR D 17 -2.06 -13.39 -32.38
CA THR D 17 -2.67 -14.28 -31.41
C THR D 17 -2.32 -13.82 -30.00
N LEU D 18 -3.24 -14.06 -29.06
CA LEU D 18 -3.08 -13.56 -27.70
C LEU D 18 -1.73 -13.95 -27.10
N SER D 19 -1.25 -15.14 -27.46
CA SER D 19 0.02 -15.61 -26.95
C SER D 19 1.18 -14.83 -27.55
N VAL D 20 1.26 -14.76 -28.88
CA VAL D 20 2.40 -14.12 -29.54
C VAL D 20 2.37 -12.62 -29.29
N ARG D 21 1.18 -12.02 -29.36
CA ARG D 21 1.08 -10.59 -29.10
C ARG D 21 1.41 -10.27 -27.65
N LYS D 22 0.92 -11.09 -26.71
CA LYS D 22 1.28 -10.89 -25.31
C LYS D 22 2.78 -11.04 -25.10
N SER D 23 3.42 -11.93 -25.86
CA SER D 23 4.87 -12.12 -25.72
C SER D 23 5.62 -10.92 -26.27
N HIS D 24 5.17 -10.39 -27.41
CA HIS D 24 5.84 -9.24 -28.00
C HIS D 24 5.71 -8.01 -27.11
N LEU D 25 4.49 -7.73 -26.63
CA LEU D 25 4.27 -6.55 -25.80
C LEU D 25 5.12 -6.58 -24.53
N VAL D 26 5.36 -7.77 -23.98
CA VAL D 26 6.14 -7.91 -22.76
C VAL D 26 7.62 -7.91 -23.09
N GLY D 27 7.94 -8.13 -24.37
CA GLY D 27 9.33 -8.23 -24.81
C GLY D 27 10.19 -7.04 -24.38
N LYS D 28 11.47 -7.33 -24.16
CA LYS D 28 12.39 -6.31 -23.66
C LYS D 28 12.64 -5.22 -24.70
N ASN D 29 12.88 -5.62 -25.95
CA ASN D 29 13.13 -4.64 -27.00
C ASN D 29 11.94 -3.72 -27.20
N HIS D 30 10.76 -4.30 -27.44
CA HIS D 30 9.54 -3.50 -27.51
C HIS D 30 9.37 -2.59 -26.31
N LEU D 31 9.72 -3.10 -25.12
CA LEU D 31 9.67 -2.29 -23.90
C LEU D 31 10.54 -1.04 -24.02
N ARG D 32 11.82 -1.22 -24.32
CA ARG D 32 12.72 -0.08 -24.46
C ARG D 32 12.22 0.90 -25.51
N ILE D 33 11.84 0.38 -26.69
CA ILE D 33 11.40 1.24 -27.79
C ILE D 33 10.21 2.09 -27.34
N THR D 34 9.18 1.45 -26.78
CA THR D 34 7.97 2.16 -26.39
C THR D 34 8.24 3.17 -25.28
N ALA D 35 8.90 2.73 -24.20
CA ALA D 35 9.22 3.63 -23.11
C ALA D 35 9.96 4.86 -23.61
N ASP D 36 10.98 4.66 -24.45
CA ASP D 36 11.67 5.80 -25.03
C ASP D 36 10.73 6.67 -25.87
N TYR D 37 9.78 6.04 -26.58
CA TYR D 37 8.84 6.81 -27.38
C TYR D 37 8.05 7.77 -26.53
N TYR D 38 7.45 7.28 -25.44
CA TYR D 38 6.71 8.19 -24.57
C TYR D 38 7.61 9.14 -23.81
N ARG D 39 8.90 8.79 -23.64
CA ARG D 39 9.84 9.76 -23.10
C ARG D 39 10.00 10.95 -24.04
N ASN D 40 10.08 10.70 -25.35
CA ASN D 40 10.16 11.81 -26.29
C ASN D 40 8.84 12.57 -26.37
N LYS D 41 7.73 11.87 -26.59
CA LYS D 41 6.44 12.53 -26.71
C LYS D 41 6.10 13.30 -25.45
N ALA D 42 6.66 12.90 -24.30
CA ALA D 42 6.44 13.63 -23.06
C ALA D 42 7.38 14.81 -22.92
N ARG D 43 8.63 14.67 -23.35
CA ARG D 43 9.55 15.80 -23.25
C ARG D 43 9.18 16.89 -24.23
N ASP D 44 8.36 16.57 -25.23
CA ASP D 44 8.04 17.56 -26.26
C ASP D 44 7.12 18.65 -25.70
N ILE D 45 6.12 18.29 -24.89
CA ILE D 45 5.16 19.28 -24.42
C ILE D 45 5.84 20.30 -23.52
N ILE D 46 6.90 19.90 -22.82
CA ILE D 46 7.70 20.87 -22.08
C ILE D 46 8.63 21.61 -23.03
N ASN D 47 9.13 20.91 -24.06
CA ASN D 47 10.04 21.52 -25.02
C ASN D 47 9.31 22.52 -25.91
N LYS D 48 8.10 22.17 -26.35
CA LYS D 48 7.36 23.03 -27.26
C LYS D 48 7.00 24.35 -26.59
N HIS D 49 7.29 25.44 -27.31
CA HIS D 49 6.97 26.79 -26.85
C HIS D 49 5.54 27.12 -27.25
N ASN D 50 4.82 27.79 -26.34
CA ASN D 50 3.41 28.07 -26.59
C ASN D 50 3.21 28.92 -27.83
N HIS D 51 4.01 29.98 -27.98
CA HIS D 51 3.97 30.85 -29.17
C HIS D 51 2.56 31.39 -29.39
N LYS D 52 1.95 31.89 -28.31
CA LYS D 52 0.61 32.44 -28.41
C LYS D 52 0.59 33.69 -29.29
N ARG D 53 -0.54 33.91 -29.95
CA ARG D 53 -0.63 35.00 -30.91
C ARG D 53 -0.71 36.35 -30.21
N ARG D 54 -0.05 37.35 -30.80
CA ARG D 54 -0.03 38.71 -30.29
C ARG D 54 -1.11 39.54 -30.96
N HIS D 55 -1.83 40.30 -30.14
CA HIS D 55 -2.82 41.26 -30.64
C HIS D 55 -2.39 42.65 -30.19
N ILE D 56 -1.98 43.48 -31.14
CA ILE D 56 -1.44 44.79 -30.85
C ILE D 56 -2.50 45.83 -31.17
N GLY D 57 -2.88 46.62 -30.16
CA GLY D 57 -3.81 47.71 -30.35
C GLY D 57 -3.10 49.04 -30.48
N LYS D 58 -3.83 50.05 -30.97
CA LYS D 58 -3.24 51.37 -31.14
C LYS D 58 -3.09 52.06 -29.79
N ARG D 59 -1.87 52.38 -29.40
CA ARG D 59 -1.63 53.04 -28.13
C ARG D 59 -2.28 54.41 -28.12
N GLY D 60 -2.96 54.72 -27.03
CA GLY D 60 -3.66 55.98 -26.94
C GLY D 60 -2.73 57.14 -26.67
N ARG D 61 -3.24 58.33 -26.98
CA ARG D 61 -2.44 59.55 -26.83
C ARG D 61 -2.07 59.80 -25.38
N LYS D 62 -2.93 59.36 -24.45
CA LYS D 62 -2.67 59.60 -23.03
C LYS D 62 -1.50 58.76 -22.53
N GLU D 63 -1.54 57.45 -22.77
CA GLU D 63 -0.51 56.58 -22.21
C GLU D 63 0.82 56.70 -22.95
N ARG D 64 0.82 57.24 -24.17
CA ARG D 64 2.09 57.53 -24.82
C ARG D 64 2.80 58.69 -24.15
N GLU D 65 2.03 59.69 -23.71
CA GLU D 65 2.62 60.82 -22.98
C GLU D 65 2.98 60.42 -21.56
N ASN D 66 2.14 59.63 -20.90
CA ASN D 66 2.46 59.19 -19.54
C ASN D 66 3.64 58.21 -19.53
N SER D 67 3.79 57.42 -20.59
CA SER D 67 4.89 56.47 -20.70
C SER D 67 6.14 57.07 -21.34
N SER D 68 6.04 58.26 -21.94
CA SER D 68 7.22 58.87 -22.52
C SER D 68 8.11 59.49 -21.44
N GLN D 69 7.50 60.03 -20.38
CA GLN D 69 8.28 60.61 -19.30
C GLN D 69 8.99 59.53 -18.49
N ASN D 70 8.48 58.31 -18.51
CA ASN D 70 9.15 57.21 -17.84
C ASN D 70 10.36 56.77 -18.66
N GLU D 71 11.52 56.72 -18.01
CA GLU D 71 12.77 56.44 -18.71
C GLU D 71 12.77 55.00 -19.26
N THR D 72 13.61 54.78 -20.26
CA THR D 72 13.69 53.49 -20.93
C THR D 72 14.65 52.57 -20.17
N LEU D 73 14.18 51.36 -19.86
CA LEU D 73 14.98 50.40 -19.11
C LEU D 73 15.91 49.62 -20.04
N LYS D 74 17.09 49.30 -19.52
CA LYS D 74 18.06 48.51 -20.26
C LYS D 74 17.71 47.03 -20.21
N VAL D 75 17.95 46.34 -21.32
CA VAL D 75 17.70 44.91 -21.42
C VAL D 75 19.03 44.18 -21.56
N THR D 76 19.10 42.98 -20.97
CA THR D 76 20.29 42.14 -21.01
C THR D 76 20.03 40.95 -21.92
N CYS D 77 20.97 40.67 -22.81
CA CYS D 77 20.86 39.55 -23.74
C CYS D 77 22.19 38.80 -23.81
N LEU D 78 22.18 37.54 -23.38
CA LEU D 78 23.39 36.74 -23.34
C LEU D 78 23.81 36.34 -24.75
N SER D 79 25.09 35.99 -24.88
CA SER D 79 25.60 35.46 -26.13
C SER D 79 25.06 34.06 -26.38
N ASN D 80 25.09 33.65 -27.65
CA ASN D 80 24.63 32.32 -28.01
C ASN D 80 25.39 31.24 -27.24
N LYS D 81 26.73 31.33 -27.23
CA LYS D 81 27.54 30.39 -26.47
C LYS D 81 27.17 30.38 -25.00
N GLU D 82 26.79 31.54 -24.46
CA GLU D 82 26.36 31.61 -23.07
C GLU D 82 25.00 30.97 -22.87
N LYS D 83 24.02 31.36 -23.70
CA LYS D 83 22.66 30.91 -23.49
C LYS D 83 22.50 29.41 -23.71
N ARG D 84 23.29 28.80 -24.61
CA ARG D 84 23.24 27.35 -24.72
C ARG D 84 23.61 26.68 -23.40
N HIS D 85 24.72 27.10 -22.79
CA HIS D 85 25.16 26.53 -21.52
C HIS D 85 24.15 26.77 -20.41
N ILE D 86 23.62 28.00 -20.30
CA ILE D 86 22.68 28.26 -19.21
C ILE D 86 21.37 27.51 -19.40
N MET D 87 20.92 27.30 -20.64
CA MET D 87 19.75 26.45 -20.86
C MET D 87 20.03 25.01 -20.45
N HIS D 88 21.20 24.48 -20.83
CA HIS D 88 21.58 23.16 -20.36
C HIS D 88 21.52 23.06 -18.85
N VAL D 89 22.07 24.04 -18.15
CA VAL D 89 22.11 24.01 -16.69
C VAL D 89 20.70 24.05 -16.11
N LYS D 90 19.86 24.94 -16.63
CA LYS D 90 18.49 25.05 -16.11
C LYS D 90 17.71 23.75 -16.32
N LYS D 91 17.80 23.18 -17.52
CA LYS D 91 17.10 21.93 -17.78
C LYS D 91 17.58 20.83 -16.84
N MET D 92 18.90 20.70 -16.66
CA MET D 92 19.42 19.70 -15.75
C MET D 92 19.04 19.98 -14.30
N ASN D 93 18.72 21.24 -13.97
CA ASN D 93 18.22 21.54 -12.63
C ASN D 93 16.77 21.11 -12.48
N GLN D 94 15.95 21.34 -13.50
CA GLN D 94 14.58 20.83 -13.47
C GLN D 94 14.55 19.32 -13.32
N LYS D 95 15.35 18.61 -14.13
CA LYS D 95 15.46 17.17 -13.97
C LYS D 95 15.86 16.78 -12.55
N GLU D 96 16.67 17.61 -11.89
CA GLU D 96 17.02 17.33 -10.50
C GLU D 96 15.82 17.50 -9.57
N LEU D 97 15.10 18.62 -9.68
CA LEU D 97 13.92 18.81 -8.84
C LEU D 97 12.83 17.78 -9.12
N ALA D 98 12.88 17.08 -10.24
CA ALA D 98 11.90 16.05 -10.52
C ALA D 98 12.12 14.84 -9.63
N GLN D 99 13.38 14.48 -9.39
CA GLN D 99 13.77 13.22 -8.76
C GLN D 99 14.05 13.34 -7.26
N THR D 100 13.79 14.50 -6.65
CA THR D 100 14.26 14.72 -5.28
C THR D 100 13.52 13.83 -4.29
N SER D 101 12.23 14.09 -4.07
CA SER D 101 11.39 13.21 -3.26
C SER D 101 11.97 12.94 -1.88
N ILE D 102 11.90 13.92 -0.97
CA ILE D 102 12.60 13.82 0.31
C ILE D 102 12.01 12.72 1.18
N ASP D 103 12.86 11.75 1.55
CA ASP D 103 12.48 10.54 2.28
C ASP D 103 12.83 10.56 3.76
N THR D 104 13.34 11.68 4.27
CA THR D 104 14.07 11.68 5.55
C THR D 104 13.29 10.99 6.67
N LEU D 105 11.95 10.96 6.58
CA LEU D 105 11.14 10.27 7.58
C LEU D 105 11.52 8.81 7.68
N LYS D 106 11.78 8.16 6.54
CA LYS D 106 12.21 6.76 6.54
C LYS D 106 13.57 6.61 7.22
N LEU D 107 14.42 7.64 7.15
CA LEU D 107 15.70 7.57 7.84
C LEU D 107 15.55 7.79 9.33
N LEU D 108 14.49 8.49 9.76
CA LEU D 108 14.32 8.77 11.18
C LEU D 108 13.88 7.53 11.96
N TYR D 109 12.95 6.76 11.40
CA TYR D 109 12.29 5.66 12.11
C TYR D 109 12.98 4.32 11.90
N ASP D 110 14.18 4.33 11.31
CA ASP D 110 14.84 3.09 10.89
C ASP D 110 14.86 2.03 12.00
N GLY D 111 14.97 2.45 13.26
CA GLY D 111 15.03 1.51 14.35
C GLY D 111 13.74 1.35 15.13
N SER D 112 12.63 1.79 14.56
CA SER D 112 11.34 1.68 15.22
C SER D 112 10.88 0.22 15.23
N PRO D 113 10.06 -0.18 16.19
CA PRO D 113 9.60 -1.57 16.27
C PRO D 113 8.74 -2.02 15.10
N GLY D 114 8.03 -1.12 14.43
CA GLY D 114 7.22 -1.52 13.29
C GLY D 114 7.80 -1.07 11.97
N TYR D 115 9.09 -0.72 11.96
CA TYR D 115 9.71 -0.24 10.74
C TYR D 115 9.65 -1.27 9.62
N SER D 116 9.66 -2.56 9.98
CA SER D 116 9.71 -3.61 8.95
C SER D 116 8.36 -3.82 8.29
N LYS D 117 7.28 -3.46 8.97
CA LYS D 117 5.94 -3.70 8.45
C LYS D 117 5.41 -2.55 7.60
N VAL D 118 6.10 -1.41 7.55
CA VAL D 118 5.55 -0.22 6.94
C VAL D 118 6.47 0.29 5.83
N PHE D 119 7.68 0.67 6.19
CA PHE D 119 8.58 1.34 5.26
C PHE D 119 9.33 0.40 4.33
N VAL D 120 9.29 -0.92 4.58
CA VAL D 120 9.97 -1.85 3.69
C VAL D 120 9.21 -2.01 2.39
N ASP D 121 7.88 -1.86 2.45
CA ASP D 121 6.93 -1.72 1.34
C ASP D 121 6.80 -2.98 0.49
N ALA D 122 7.71 -3.94 0.65
CA ALA D 122 7.52 -5.25 0.02
C ALA D 122 6.60 -6.14 0.85
N ASN D 123 6.70 -6.04 2.17
CA ASN D 123 6.01 -6.90 3.13
C ASN D 123 4.74 -6.24 3.67
N ARG D 124 4.34 -5.11 3.10
CA ARG D 124 3.13 -4.43 3.56
C ARG D 124 1.89 -5.23 3.17
N PHE D 125 0.71 -4.67 3.48
CA PHE D 125 -0.56 -5.24 3.07
C PHE D 125 -1.08 -4.67 1.76
N ASP D 126 -1.33 -3.35 1.71
CA ASP D 126 -1.85 -2.75 0.49
C ASP D 126 -0.95 -2.99 -0.71
N ILE D 127 0.32 -2.60 -0.62
CA ILE D 127 1.26 -2.73 -1.73
C ILE D 127 2.05 -4.04 -1.69
N GLY D 128 1.94 -4.82 -0.62
CA GLY D 128 2.82 -5.96 -0.44
C GLY D 128 2.67 -7.04 -1.50
N ASP D 129 1.43 -7.51 -1.73
CA ASP D 129 1.23 -8.64 -2.63
C ASP D 129 1.55 -8.27 -4.07
N LEU D 130 1.41 -6.98 -4.42
CA LEU D 130 1.62 -6.58 -5.81
C LEU D 130 3.09 -6.65 -6.20
N VAL D 131 3.99 -6.30 -5.28
CA VAL D 131 5.41 -6.25 -5.61
C VAL D 131 5.90 -7.61 -6.09
N LYS D 132 5.36 -8.69 -5.53
CA LYS D 132 5.74 -10.03 -5.98
C LYS D 132 5.46 -10.22 -7.46
N ALA D 133 4.26 -9.87 -7.90
CA ALA D 133 3.94 -10.00 -9.33
C ALA D 133 4.63 -8.92 -10.14
N SER D 134 5.16 -7.89 -9.47
CA SER D 134 5.87 -6.83 -10.18
C SER D 134 7.33 -7.21 -10.39
N LYS D 135 7.77 -8.29 -9.77
CA LYS D 135 9.15 -8.74 -9.95
C LYS D 135 9.35 -9.22 -11.38
N LEU D 136 10.47 -8.82 -11.97
CA LEU D 136 10.76 -9.09 -13.37
C LEU D 136 10.87 -10.60 -13.58
N PRO D 137 10.70 -11.07 -14.83
CA PRO D 137 10.79 -12.51 -15.08
C PRO D 137 12.14 -13.12 -14.71
N GLN D 138 13.17 -12.30 -14.53
CA GLN D 138 14.51 -12.73 -14.09
C GLN D 138 14.95 -13.99 -14.82
N ARG D 139 15.26 -13.81 -16.11
CA ARG D 139 15.42 -14.93 -17.03
C ARG D 139 16.69 -15.73 -16.74
N ALA D 140 17.83 -15.07 -16.71
CA ALA D 140 19.07 -15.83 -16.53
C ALA D 140 20.15 -14.93 -15.97
N ASN D 141 21.12 -15.56 -15.33
CA ASN D 141 22.34 -14.92 -14.85
C ASN D 141 22.06 -13.74 -13.92
N SER D 153 17.31 -7.55 3.05
CA SER D 153 16.07 -8.24 2.74
C SER D 153 14.96 -7.78 3.69
N ARG D 154 15.29 -7.69 4.98
CA ARG D 154 14.43 -7.15 6.01
C ARG D 154 13.09 -7.89 6.09
N SER D 155 13.12 -9.11 6.61
CA SER D 155 11.88 -9.85 6.81
C SER D 155 11.00 -9.16 7.85
N ARG D 156 9.70 -9.42 7.74
CA ARG D 156 8.70 -8.78 8.60
C ARG D 156 8.76 -9.24 10.05
N ASP D 157 9.32 -10.42 10.33
CA ASP D 157 9.20 -11.03 11.65
C ASP D 157 10.02 -10.32 12.73
N GLU D 158 10.81 -9.32 12.37
CA GLU D 158 11.66 -8.63 13.34
C GLU D 158 10.85 -8.07 14.50
N THR D 159 11.46 -8.07 15.69
CA THR D 159 10.86 -7.52 16.90
C THR D 159 11.79 -6.46 17.49
N CYS D 160 11.36 -5.89 18.61
CA CYS D 160 12.14 -4.89 19.34
C CYS D 160 13.33 -5.53 20.04
N GLU D 161 13.26 -6.85 20.25
CA GLU D 161 14.29 -7.61 20.95
C GLU D 161 15.65 -7.52 20.26
N SER D 162 15.68 -7.30 18.94
CA SER D 162 16.92 -6.95 18.28
C SER D 162 17.18 -5.46 18.42
N ASN D 163 18.44 -5.10 18.57
CA ASN D 163 18.85 -3.71 18.79
C ASN D 163 18.10 -3.11 19.98
N PRO D 164 18.29 -3.63 21.19
CA PRO D 164 17.57 -3.05 22.34
C PRO D 164 17.97 -1.63 22.63
N PHE D 165 19.27 -1.31 22.55
CA PHE D 165 19.76 0.04 22.74
C PHE D 165 20.13 0.61 21.38
N PRO D 166 19.36 1.54 20.83
CA PRO D 166 19.59 1.99 19.45
C PRO D 166 20.97 2.61 19.26
N ARG D 167 21.50 3.24 20.29
CA ARG D 167 22.85 3.78 20.22
C ARG D 167 23.78 2.84 20.95
N LEU D 168 24.54 2.04 20.21
CA LEU D 168 25.87 1.61 20.64
C LEU D 168 26.78 1.75 19.41
N ASN D 169 27.46 2.90 19.31
CA ASN D 169 28.31 3.30 18.20
C ASN D 169 27.69 2.97 16.83
N ASN D 170 26.39 2.67 16.77
CA ASN D 170 25.71 2.32 15.54
C ASN D 170 25.36 3.52 14.66
N PRO D 171 24.60 4.50 15.16
CA PRO D 171 23.96 5.45 14.24
C PRO D 171 24.90 6.55 13.77
N LYS D 172 24.61 7.04 12.58
CA LYS D 172 25.20 8.26 12.06
C LYS D 172 24.30 9.42 12.42
N LYS D 173 24.89 10.54 12.82
CA LYS D 173 24.07 11.69 13.16
C LYS D 173 23.38 12.21 11.90
N LEU D 174 22.28 12.92 12.12
CA LEU D 174 21.39 13.31 11.04
C LEU D 174 22.11 14.20 10.04
N GLU D 175 21.88 13.97 8.75
CA GLU D 175 22.57 14.69 7.70
C GLU D 175 22.19 16.17 7.74
N PRO D 176 23.12 17.08 7.51
CA PRO D 176 22.81 18.51 7.60
C PRO D 176 21.82 18.94 6.54
N PRO D 177 21.02 19.95 6.82
CA PRO D 177 20.07 20.45 5.81
C PRO D 177 20.82 21.04 4.64
N LYS D 178 20.28 20.84 3.43
CA LYS D 178 20.98 21.31 2.24
C LYS D 178 20.88 22.83 2.10
N ILE D 179 21.47 23.34 1.02
CA ILE D 179 21.60 24.78 0.80
C ILE D 179 21.62 25.01 -0.70
N LEU D 180 21.14 26.17 -1.13
CA LEU D 180 21.19 26.51 -2.55
C LEU D 180 22.61 26.84 -2.97
N SER D 181 22.98 26.37 -4.16
CA SER D 181 24.32 26.61 -4.68
C SER D 181 24.52 28.09 -5.00
N GLN D 182 23.47 28.75 -5.48
CA GLN D 182 23.56 30.15 -5.85
C GLN D 182 23.90 31.03 -4.66
N TRP D 183 23.12 30.89 -3.60
CA TRP D 183 23.12 31.77 -2.44
C TRP D 183 24.03 31.23 -1.33
N SER D 184 24.83 30.22 -1.65
CA SER D 184 25.69 29.57 -0.66
C SER D 184 26.59 30.55 0.08
N ASN D 185 26.83 31.75 -0.44
CA ASN D 185 27.58 32.77 0.27
C ASN D 185 26.73 33.50 1.31
N THR D 186 25.44 33.19 1.39
CA THR D 186 24.54 33.79 2.36
C THR D 186 24.73 33.25 3.77
N ILE D 187 25.26 32.03 3.90
CA ILE D 187 25.41 31.33 5.17
C ILE D 187 26.16 32.21 6.17
N PRO D 188 25.74 32.25 7.43
CA PRO D 188 26.59 32.85 8.47
C PRO D 188 27.97 32.20 8.44
N LYS D 189 29.00 33.05 8.49
CA LYS D 189 30.34 32.57 8.24
C LYS D 189 30.81 31.59 9.31
N THR D 190 30.56 31.90 10.58
CA THR D 190 31.11 31.15 11.69
C THR D 190 30.00 30.57 12.56
N SER D 191 30.22 29.35 13.06
CA SER D 191 29.31 28.69 13.96
C SER D 191 29.35 29.35 15.34
N ILE D 192 28.31 29.09 16.13
CA ILE D 192 28.24 29.66 17.47
C ILE D 192 29.09 28.88 18.46
N PHE D 193 29.20 27.57 18.27
CA PHE D 193 29.93 26.68 19.17
C PHE D 193 31.01 25.91 18.43
N TYR D 194 31.90 25.30 19.20
CA TYR D 194 33.02 24.54 18.64
C TYR D 194 32.62 23.07 18.54
N SER D 195 32.40 22.62 17.31
CA SER D 195 32.30 21.19 17.04
C SER D 195 33.69 20.58 16.88
N VAL D 196 33.78 19.28 17.16
CA VAL D 196 35.03 18.56 16.97
C VAL D 196 35.36 18.43 15.49
N ALA E 3 -36.60 60.76 -32.28
CA ALA E 3 -35.59 61.43 -33.08
C ALA E 3 -34.35 61.75 -32.24
N LEU E 4 -33.31 60.94 -32.40
CA LEU E 4 -32.07 61.14 -31.65
C LEU E 4 -30.92 60.57 -32.48
N TYR E 5 -29.72 61.06 -32.19
CA TYR E 5 -28.56 60.84 -33.05
C TYR E 5 -27.37 60.41 -32.21
N PHE E 6 -26.64 59.39 -32.68
CA PHE E 6 -25.50 58.83 -31.95
C PHE E 6 -24.19 58.99 -32.71
N GLN E 7 -23.13 58.44 -32.10
CA GLN E 7 -21.77 58.43 -32.62
C GLN E 7 -21.07 57.17 -32.15
N ASN E 8 -19.93 56.87 -32.79
CA ASN E 8 -18.92 55.89 -32.43
C ASN E 8 -19.49 54.59 -31.89
N LEU E 9 -20.60 54.14 -32.46
CA LEU E 9 -21.16 52.83 -32.13
C LEU E 9 -20.33 51.73 -32.79
N PRO E 10 -20.45 50.49 -32.31
CA PRO E 10 -19.77 49.38 -32.98
C PRO E 10 -20.30 49.16 -34.38
N SER E 11 -19.39 49.11 -35.35
CA SER E 11 -19.79 48.84 -36.73
C SER E 11 -19.85 47.36 -37.04
N ARG E 12 -19.23 46.53 -36.21
CA ARG E 12 -18.85 45.18 -36.65
C ARG E 12 -20.01 44.23 -36.89
N PRO E 13 -21.05 44.16 -36.04
CA PRO E 13 -22.19 43.29 -36.40
C PRO E 13 -22.81 43.71 -37.72
N ALA E 14 -22.96 42.75 -38.64
CA ALA E 14 -23.37 43.09 -39.99
C ALA E 14 -24.86 42.86 -40.23
N ASN E 15 -25.58 42.33 -39.25
CA ASN E 15 -26.99 42.04 -39.44
C ASN E 15 -27.84 42.98 -38.61
N LYS E 16 -28.69 43.77 -39.30
CA LYS E 16 -29.41 44.86 -38.65
C LYS E 16 -30.25 44.34 -37.48
N GLU E 17 -30.84 43.16 -37.62
CA GLU E 17 -31.66 42.63 -36.53
C GLU E 17 -30.80 42.11 -35.39
N ASN E 18 -29.57 41.68 -35.67
CA ASN E 18 -28.65 41.33 -34.60
C ASN E 18 -28.02 42.58 -33.99
N TYR E 19 -27.78 43.60 -34.81
CA TYR E 19 -27.16 44.82 -34.32
C TYR E 19 -28.14 45.59 -33.43
N THR E 20 -29.42 45.61 -33.80
CA THR E 20 -30.41 46.18 -32.92
C THR E 20 -30.62 45.32 -31.67
N ARG E 21 -30.33 44.02 -31.76
CA ARG E 21 -30.31 43.19 -30.55
C ARG E 21 -29.23 43.66 -29.60
N LEU E 22 -28.02 43.88 -30.12
CA LEU E 22 -26.94 44.29 -29.24
C LEU E 22 -27.19 45.67 -28.68
N LEU E 23 -27.50 46.63 -29.55
CA LEU E 23 -27.77 47.99 -29.13
C LEU E 23 -28.90 48.06 -28.11
N LEU E 24 -30.04 47.44 -28.42
CA LEU E 24 -31.16 47.37 -27.48
C LEU E 24 -30.77 46.66 -26.19
N LYS E 25 -29.86 45.68 -26.27
CA LYS E 25 -29.44 44.95 -25.08
C LYS E 25 -28.64 45.84 -24.13
N HIS E 26 -27.78 46.70 -24.68
CA HIS E 26 -27.00 47.59 -23.81
C HIS E 26 -27.88 48.64 -23.16
N ILE E 27 -28.87 49.15 -23.89
CA ILE E 27 -29.73 50.21 -23.34
C ILE E 27 -30.56 49.68 -22.19
N ASN E 28 -31.30 48.59 -22.42
CA ASN E 28 -32.27 48.08 -21.45
C ASN E 28 -32.01 46.60 -21.20
N PRO E 29 -31.22 46.25 -20.19
CA PRO E 29 -31.15 44.84 -19.77
C PRO E 29 -32.49 44.40 -19.22
N ASN E 30 -32.81 43.12 -19.48
CA ASN E 30 -34.12 42.55 -19.12
C ASN E 30 -35.25 43.30 -19.80
N ASN E 31 -35.03 43.66 -21.07
CA ASN E 31 -36.05 44.30 -21.89
C ASN E 31 -36.96 43.23 -22.49
N LYS E 32 -37.79 43.62 -23.45
CA LYS E 32 -38.62 42.66 -24.16
C LYS E 32 -37.75 41.58 -24.82
N TYR E 33 -36.69 42.00 -25.52
CA TYR E 33 -35.95 41.11 -26.39
C TYR E 33 -34.49 40.99 -25.93
N ALA E 34 -34.30 40.01 -25.02
CA ALA E 34 -33.08 39.22 -24.81
C ALA E 34 -33.27 37.79 -25.31
N ILE E 35 -34.51 37.49 -25.73
CA ILE E 35 -35.02 36.15 -25.96
C ILE E 35 -34.77 35.63 -27.38
N ASN E 36 -35.03 36.47 -28.39
CA ASN E 36 -34.81 36.24 -29.81
C ASN E 36 -35.64 35.14 -30.47
N PRO E 37 -36.98 35.08 -30.30
CA PRO E 37 -37.82 34.48 -31.34
C PRO E 37 -37.98 35.34 -32.59
N SER E 38 -38.19 36.64 -32.39
CA SER E 38 -38.62 37.52 -33.47
C SER E 38 -38.31 38.97 -33.12
N LEU E 39 -38.38 39.83 -34.15
CA LEU E 39 -38.23 41.27 -34.01
C LEU E 39 -39.35 41.97 -34.77
N PRO E 40 -39.90 43.06 -34.22
CA PRO E 40 -40.96 43.79 -34.93
C PRO E 40 -40.41 44.69 -36.03
N LEU E 41 -41.24 44.90 -37.05
CA LEU E 41 -40.88 45.75 -38.19
C LEU E 41 -42.04 46.65 -38.55
N PRO E 42 -42.11 47.85 -37.99
CA PRO E 42 -43.15 48.81 -38.40
C PRO E 42 -42.91 49.31 -39.81
N HIS E 43 -43.98 49.34 -40.61
CA HIS E 43 -43.87 49.85 -41.97
C HIS E 43 -43.95 51.37 -41.98
N ASN E 44 -43.37 51.97 -43.02
CA ASN E 44 -43.40 53.42 -43.20
C ASN E 44 -44.86 53.85 -43.39
N LYS E 45 -45.30 54.80 -42.57
CA LYS E 45 -46.67 55.33 -42.63
C LYS E 45 -47.71 54.21 -42.56
N LEU E 55 -47.07 50.37 -33.00
CA LEU E 55 -46.26 49.36 -32.32
C LEU E 55 -44.90 49.93 -31.94
N LEU E 56 -44.30 49.37 -30.90
CA LEU E 56 -43.05 49.87 -30.35
C LEU E 56 -42.05 48.74 -30.20
N ASP E 57 -40.76 49.11 -30.23
CA ASP E 57 -39.70 48.12 -30.05
C ASP E 57 -39.51 47.75 -28.60
N ASP E 58 -39.49 48.76 -27.71
CA ASP E 58 -39.24 48.53 -26.30
C ASP E 58 -39.97 49.58 -25.48
N GLN E 59 -40.29 49.22 -24.24
CA GLN E 59 -40.99 50.10 -23.33
C GLN E 59 -40.10 51.28 -22.95
N MET E 60 -40.74 52.31 -22.41
CA MET E 60 -40.08 53.55 -21.98
C MET E 60 -39.46 54.30 -23.14
N GLY E 61 -40.24 54.48 -24.22
CA GLY E 61 -39.92 55.46 -25.24
C GLY E 61 -39.38 54.97 -26.56
N LEU E 62 -38.85 53.75 -26.62
CA LEU E 62 -38.20 53.29 -27.85
C LEU E 62 -39.24 52.84 -28.87
N LEU E 63 -38.97 53.12 -30.15
CA LEU E 63 -39.90 52.77 -31.21
C LEU E 63 -39.21 52.00 -32.32
N GLU E 64 -38.26 52.63 -33.02
CA GLU E 64 -37.59 51.98 -34.14
C GLU E 64 -36.10 52.30 -34.10
N VAL E 65 -35.34 51.56 -34.90
CA VAL E 65 -33.89 51.73 -34.99
C VAL E 65 -33.51 51.73 -36.47
N SER E 66 -32.55 52.59 -36.82
CA SER E 66 -32.15 52.74 -38.21
C SER E 66 -30.63 52.68 -38.32
N ILE E 67 -30.13 51.80 -39.19
CA ILE E 67 -28.70 51.68 -39.46
C ILE E 67 -28.52 51.45 -40.95
N SER E 68 -27.61 52.19 -41.57
CA SER E 68 -27.18 51.86 -42.92
C SER E 68 -25.78 51.25 -42.88
N ARG E 69 -25.34 50.77 -44.03
CA ARG E 69 -24.00 50.24 -44.21
C ARG E 69 -23.05 51.23 -44.87
N SER E 70 -23.54 52.41 -45.24
CA SER E 70 -22.76 53.32 -46.07
C SER E 70 -21.54 53.84 -45.32
N SER E 71 -20.44 54.01 -46.07
CA SER E 71 -19.19 54.53 -45.50
C SER E 71 -19.35 55.91 -44.88
N LYS E 72 -20.37 56.68 -45.28
CA LYS E 72 -20.61 57.98 -44.68
C LYS E 72 -21.28 57.85 -43.31
N MET E 73 -22.19 56.89 -43.19
CA MET E 73 -23.03 56.71 -41.99
C MET E 73 -22.45 55.65 -41.05
N THR E 74 -21.23 55.18 -41.33
CA THR E 74 -20.74 53.90 -40.82
C THR E 74 -21.05 53.70 -39.34
N ASN E 75 -20.43 54.50 -38.46
CA ASN E 75 -20.49 54.21 -37.04
C ASN E 75 -21.71 54.80 -36.32
N GLN E 76 -22.41 55.74 -36.92
CA GLN E 76 -23.50 56.39 -36.18
C GLN E 76 -24.86 55.83 -36.61
N ALA E 77 -25.60 55.32 -35.63
CA ALA E 77 -26.93 54.78 -35.86
C ALA E 77 -27.93 55.63 -35.09
N PHE E 78 -29.10 55.81 -35.68
CA PHE E 78 -30.07 56.79 -35.19
C PHE E 78 -31.23 56.06 -34.51
N LEU E 79 -31.75 56.65 -33.43
CA LEU E 79 -32.92 56.11 -32.75
C LEU E 79 -34.07 57.10 -32.82
N THR E 80 -35.28 56.57 -32.95
CA THR E 80 -36.50 57.37 -32.88
C THR E 80 -37.32 56.92 -31.69
N PHE E 81 -38.16 57.83 -31.19
CA PHE E 81 -38.92 57.59 -29.97
C PHE E 81 -40.40 57.90 -30.23
N VAL E 82 -41.21 57.66 -29.19
CA VAL E 82 -42.65 57.83 -29.33
C VAL E 82 -43.01 59.30 -29.49
N THR E 83 -42.47 60.15 -28.61
CA THR E 83 -42.70 61.58 -28.68
C THR E 83 -41.41 62.31 -28.29
N GLN E 84 -41.38 63.60 -28.58
CA GLN E 84 -40.15 64.38 -28.38
C GLN E 84 -39.79 64.53 -26.91
N GLU E 85 -40.79 64.62 -26.03
CA GLU E 85 -40.50 64.78 -24.61
C GLU E 85 -39.97 63.48 -24.00
N GLU E 86 -40.40 62.34 -24.54
CA GLU E 86 -39.78 61.07 -24.15
C GLU E 86 -38.44 60.87 -24.83
N ALA E 87 -38.30 61.36 -26.06
CA ALA E 87 -37.00 61.34 -26.74
C ALA E 87 -35.95 62.08 -25.93
N ASP E 88 -36.32 63.24 -25.38
CA ASP E 88 -35.40 63.97 -24.50
C ASP E 88 -35.30 63.27 -23.13
N ARG E 89 -36.43 62.78 -22.61
CA ARG E 89 -36.41 62.05 -21.34
C ARG E 89 -35.40 60.93 -21.34
N PHE E 90 -35.20 60.27 -22.48
CA PHE E 90 -34.12 59.30 -22.57
C PHE E 90 -32.76 59.98 -22.44
N LEU E 91 -32.65 61.25 -22.83
CA LEU E 91 -31.35 61.91 -22.81
C LEU E 91 -30.99 62.37 -21.41
N GLU E 92 -31.98 62.85 -20.64
CA GLU E 92 -31.71 63.15 -19.24
C GLU E 92 -31.93 61.96 -18.32
N LYS E 93 -32.28 60.79 -18.86
CA LYS E 93 -32.16 59.57 -18.07
C LYS E 93 -30.73 59.40 -17.57
N TYR E 94 -29.77 59.44 -18.49
CA TYR E 94 -28.36 59.42 -18.15
C TYR E 94 -27.82 60.80 -17.78
N THR E 95 -28.44 61.87 -18.30
CA THR E 95 -28.10 63.25 -17.92
C THR E 95 -26.61 63.53 -18.13
N THR E 96 -26.14 63.28 -19.35
CA THR E 96 -24.75 63.52 -19.73
C THR E 96 -23.80 62.74 -18.81
N THR E 97 -24.22 61.52 -18.46
CA THR E 97 -23.35 60.50 -17.89
C THR E 97 -23.28 59.41 -18.94
N ALA E 98 -22.12 59.28 -19.59
CA ALA E 98 -22.04 58.50 -20.82
C ALA E 98 -22.28 57.02 -20.52
N LEU E 99 -23.30 56.46 -21.17
CA LEU E 99 -23.43 55.02 -21.21
C LEU E 99 -22.38 54.46 -22.16
N LYS E 100 -22.09 53.17 -22.03
CA LYS E 100 -21.21 52.53 -22.99
C LYS E 100 -21.91 51.31 -23.59
N VAL E 101 -21.94 51.27 -24.91
CA VAL E 101 -22.29 50.09 -25.68
C VAL E 101 -21.05 49.22 -25.68
N GLN E 102 -20.98 48.25 -26.61
CA GLN E 102 -20.07 47.12 -26.50
C GLN E 102 -18.70 47.50 -25.96
N GLY E 103 -17.93 48.28 -26.71
CA GLY E 103 -16.65 48.71 -26.21
C GLY E 103 -16.53 50.17 -25.78
N ARG E 104 -17.50 51.00 -26.13
CA ARG E 104 -17.27 52.44 -26.20
C ARG E 104 -18.40 53.25 -25.58
N LYS E 105 -18.02 54.36 -24.95
CA LYS E 105 -18.96 55.38 -24.52
C LYS E 105 -19.47 56.13 -25.75
N VAL E 106 -20.77 56.37 -25.80
CA VAL E 106 -21.36 57.01 -26.98
C VAL E 106 -21.61 58.48 -26.67
N ARG E 107 -21.42 59.33 -27.67
CA ARG E 107 -21.75 60.73 -27.59
C ARG E 107 -22.95 61.01 -28.50
N MET E 108 -24.05 61.44 -27.90
CA MET E 108 -25.31 61.53 -28.61
C MET E 108 -25.83 62.96 -28.58
N GLY E 109 -26.77 63.25 -29.47
CA GLY E 109 -27.39 64.55 -29.55
C GLY E 109 -28.69 64.47 -30.30
N LYS E 110 -29.40 65.60 -30.36
CA LYS E 110 -30.68 65.66 -31.04
C LYS E 110 -30.47 65.63 -32.55
N ALA E 111 -31.31 64.88 -33.24
CA ALA E 111 -31.19 64.74 -34.68
C ALA E 111 -31.55 66.04 -35.38
N ARG E 112 -30.75 66.41 -36.39
CA ARG E 112 -31.02 67.63 -37.15
C ARG E 112 -32.26 67.47 -38.01
N THR E 113 -32.53 66.26 -38.47
CA THR E 113 -33.74 65.97 -39.23
C THR E 113 -34.72 65.21 -38.35
N ASN E 114 -36.00 65.58 -38.45
CA ASN E 114 -37.02 64.97 -37.63
C ASN E 114 -37.15 63.48 -37.97
N SER E 115 -37.63 62.73 -36.99
CA SER E 115 -37.82 61.29 -37.16
C SER E 115 -38.81 61.02 -38.29
N LEU E 116 -38.48 60.07 -39.16
CA LEU E 116 -39.33 59.80 -40.31
C LEU E 116 -40.62 59.10 -39.91
N LEU E 117 -40.53 58.08 -39.04
CA LEU E 117 -41.74 57.46 -38.51
C LEU E 117 -42.49 58.36 -37.55
N GLY E 118 -41.82 59.35 -36.95
CA GLY E 118 -42.52 60.34 -36.17
C GLY E 118 -43.36 61.26 -37.01
N LEU E 119 -43.01 61.40 -38.29
CA LEU E 119 -43.85 62.17 -39.21
C LEU E 119 -45.13 61.43 -39.54
N SER E 120 -45.09 60.10 -39.53
CA SER E 120 -46.32 59.34 -39.71
C SER E 120 -47.26 59.51 -38.53
N ILE E 121 -46.72 59.68 -37.33
CA ILE E 121 -47.54 59.92 -36.16
C ILE E 121 -48.03 61.37 -36.12
N GLU E 122 -47.17 62.31 -36.54
CA GLU E 122 -47.52 63.71 -36.51
C GLU E 122 -48.68 64.01 -37.45
N MET E 123 -48.54 63.65 -38.73
CA MET E 123 -49.59 63.91 -39.70
C MET E 123 -50.83 63.08 -39.47
N GLN E 124 -50.71 61.95 -38.77
CA GLN E 124 -51.90 61.23 -38.33
C GLN E 124 -52.66 62.03 -37.29
N LYS E 125 -51.95 62.79 -36.47
CA LYS E 125 -52.56 63.67 -35.49
C LYS E 125 -53.01 64.98 -36.13
N THR E 132 -49.34 61.40 -46.35
CA THR E 132 -47.94 61.78 -46.43
C THR E 132 -47.31 61.33 -47.74
N TYR E 133 -48.09 61.37 -48.82
CA TYR E 133 -47.59 60.95 -50.12
C TYR E 133 -46.60 61.96 -50.69
N ASN E 134 -46.76 63.24 -50.36
CA ASN E 134 -45.89 64.28 -50.89
C ASN E 134 -44.45 64.05 -50.45
N LEU E 135 -44.25 63.62 -49.20
CA LEU E 135 -42.91 63.37 -48.71
C LEU E 135 -42.27 62.19 -49.44
N ASP E 136 -43.07 61.16 -49.76
CA ASP E 136 -42.54 60.01 -50.48
C ASP E 136 -42.22 60.36 -51.93
N ILE E 137 -42.98 61.29 -52.53
CA ILE E 137 -42.61 61.78 -53.86
C ILE E 137 -41.32 62.59 -53.80
N LYS E 138 -41.25 63.53 -52.85
CA LYS E 138 -40.06 64.37 -52.70
C LYS E 138 -38.82 63.52 -52.44
N LYS E 139 -38.95 62.42 -51.71
CA LYS E 139 -37.78 61.59 -51.41
C LYS E 139 -37.29 60.87 -52.66
N VAL E 140 -38.22 60.40 -53.50
CA VAL E 140 -37.83 59.77 -54.75
C VAL E 140 -37.18 60.79 -55.67
N LEU E 141 -37.71 62.02 -55.70
CA LEU E 141 -37.13 63.05 -56.57
C LEU E 141 -35.73 63.45 -56.11
N LYS E 142 -35.61 63.90 -54.85
CA LYS E 142 -34.31 64.37 -54.37
C LYS E 142 -33.31 63.21 -54.28
N ALA E 143 -33.79 61.99 -54.12
CA ALA E 143 -32.91 60.83 -54.22
C ALA E 143 -32.42 60.66 -55.65
N ARG E 144 -33.31 60.78 -56.63
CA ARG E 144 -32.92 60.73 -58.03
C ARG E 144 -31.88 61.79 -58.35
N LYS E 145 -31.99 62.97 -57.71
CA LYS E 145 -31.01 64.02 -57.95
C LYS E 145 -29.70 63.77 -57.22
N LEU E 146 -29.76 63.19 -56.01
CA LEU E 146 -28.52 62.84 -55.32
C LEU E 146 -27.77 61.73 -56.05
N LYS E 147 -28.47 60.91 -56.84
CA LYS E 147 -27.76 59.96 -57.70
C LYS E 147 -26.94 60.70 -58.74
N ARG E 148 -27.41 61.85 -59.20
CA ARG E 148 -26.69 62.66 -60.19
C ARG E 148 -25.53 63.40 -59.56
N ASP F 2 -9.64 -27.14 10.12
CA ASP F 2 -9.38 -25.87 9.45
C ASP F 2 -8.14 -25.19 10.01
N LYS F 3 -7.84 -23.99 9.51
CA LYS F 3 -6.63 -23.28 9.91
C LYS F 3 -6.74 -22.70 11.32
N TYR F 4 -7.90 -22.15 11.66
CA TYR F 4 -8.14 -21.59 12.99
C TYR F 4 -7.88 -22.63 14.08
N THR F 5 -8.67 -23.69 14.09
CA THR F 5 -8.52 -24.74 15.10
C THR F 5 -7.12 -25.35 15.07
N ALA F 6 -6.50 -25.44 13.89
CA ALA F 6 -5.12 -25.91 13.81
C ALA F 6 -4.16 -24.95 14.48
N LEU F 7 -4.49 -23.67 14.51
CA LEU F 7 -3.68 -22.69 15.23
C LEU F 7 -3.89 -22.75 16.74
N ILE F 8 -5.13 -22.98 17.18
CA ILE F 8 -5.39 -23.05 18.62
C ILE F 8 -4.61 -24.20 19.25
N HIS F 9 -4.77 -25.42 18.73
CA HIS F 9 -4.16 -26.59 19.34
C HIS F 9 -2.64 -26.59 19.27
N ASP F 10 -2.03 -25.64 18.57
CA ASP F 10 -0.58 -25.55 18.54
C ASP F 10 -0.05 -25.11 19.90
N GLU F 11 1.14 -25.60 20.25
CA GLU F 11 1.74 -25.26 21.53
C GLU F 11 2.27 -23.83 21.55
N ASN F 12 2.75 -23.34 20.40
CA ASN F 12 3.33 -22.01 20.34
C ASN F 12 2.31 -20.92 20.66
N PHE F 13 1.05 -21.11 20.26
CA PHE F 13 0.03 -20.12 20.58
C PHE F 13 -0.24 -20.07 22.08
N SER F 14 -0.32 -21.24 22.73
CA SER F 14 -0.51 -21.27 24.17
C SER F 14 0.66 -20.63 24.91
N THR F 15 1.89 -20.98 24.53
CA THR F 15 3.06 -20.43 25.21
C THR F 15 3.20 -18.93 25.00
N LEU F 16 3.20 -18.48 23.74
CA LEU F 16 3.29 -17.06 23.44
C LEU F 16 2.18 -16.27 24.11
N THR F 17 0.95 -16.76 24.01
CA THR F 17 -0.17 -16.10 24.64
C THR F 17 0.02 -15.97 26.15
N LEU F 18 0.27 -17.09 26.83
CA LEU F 18 0.41 -17.06 28.28
C LEU F 18 1.56 -16.15 28.70
N ASN F 19 2.61 -16.06 27.89
CA ASN F 19 3.68 -15.11 28.17
C ASN F 19 3.16 -13.68 28.11
N VAL F 20 2.38 -13.36 27.07
CA VAL F 20 1.83 -12.01 26.94
C VAL F 20 0.96 -11.66 28.15
N SER F 21 0.06 -12.58 28.53
CA SER F 21 -0.85 -12.30 29.63
C SER F 21 -0.13 -12.27 30.97
N ARG F 22 1.00 -12.95 31.08
CA ARG F 22 1.81 -12.86 32.30
C ARG F 22 2.63 -11.58 32.33
N TYR F 23 3.16 -11.16 31.19
CA TYR F 23 4.04 -9.99 31.10
C TYR F 23 3.47 -8.99 30.11
N PRO F 24 2.47 -8.21 30.54
CA PRO F 24 1.82 -7.27 29.60
C PRO F 24 2.72 -6.19 29.02
N LYS F 25 3.53 -5.52 29.84
CA LYS F 25 4.22 -4.32 29.35
C LYS F 25 5.54 -4.62 28.66
N SER F 26 5.91 -5.88 28.46
CA SER F 26 7.15 -6.19 27.77
C SER F 26 7.18 -5.67 26.33
N LEU F 27 6.11 -5.88 25.57
CA LEU F 27 5.99 -5.49 24.15
C LEU F 27 6.85 -6.38 23.27
N ALA F 28 7.75 -7.15 23.88
CA ALA F 28 8.44 -8.19 23.15
C ALA F 28 7.57 -9.41 22.94
N TYR F 29 6.77 -9.80 23.93
CA TYR F 29 5.87 -10.93 23.81
C TYR F 29 4.63 -10.59 23.00
N TRP F 30 4.14 -9.35 23.11
CA TRP F 30 3.07 -8.88 22.24
C TRP F 30 3.44 -9.00 20.78
N GLU F 31 4.64 -8.54 20.43
CA GLU F 31 5.04 -8.50 19.03
C GLU F 31 5.36 -9.89 18.49
N LYS F 32 5.78 -10.82 19.35
CA LYS F 32 5.92 -12.21 18.92
C LYS F 32 4.56 -12.88 18.76
N LEU F 33 3.66 -12.68 19.73
CA LEU F 33 2.31 -13.20 19.60
C LEU F 33 1.64 -12.71 18.33
N LEU F 34 1.79 -11.43 18.00
CA LEU F 34 1.20 -10.87 16.80
C LEU F 34 1.89 -11.36 15.53
N ASN F 35 3.22 -11.29 15.47
CA ASN F 35 3.93 -11.75 14.28
C ASN F 35 3.67 -13.22 13.99
N TYR F 36 3.40 -14.01 15.02
CA TYR F 36 3.11 -15.43 14.82
C TYR F 36 1.69 -15.63 14.30
N ILE F 37 0.71 -15.00 14.93
CA ILE F 37 -0.68 -15.18 14.53
C ILE F 37 -0.95 -14.58 13.15
N VAL F 38 -0.16 -13.60 12.74
CA VAL F 38 -0.25 -13.13 11.35
C VAL F 38 0.28 -14.19 10.39
N LYS F 39 1.46 -14.74 10.68
CA LYS F 39 2.08 -15.68 9.76
C LYS F 39 1.29 -16.98 9.65
N ALA F 40 0.53 -17.34 10.70
CA ALA F 40 -0.36 -18.49 10.57
C ALA F 40 -1.49 -18.23 9.58
N SER F 41 -1.85 -16.98 9.37
CA SER F 41 -3.01 -16.55 8.59
C SER F 41 -2.64 -16.17 7.15
N ALA F 42 -1.38 -16.42 6.77
CA ALA F 42 -0.70 -15.70 5.69
C ALA F 42 -1.53 -15.42 4.44
N PRO F 43 -2.37 -16.33 3.93
CA PRO F 43 -3.36 -15.90 2.94
C PRO F 43 -4.45 -15.10 3.62
N ILE F 44 -4.18 -13.81 3.88
CA ILE F 44 -4.96 -13.02 4.83
C ILE F 44 -6.13 -12.36 4.10
N CYS F 45 -6.33 -12.71 2.84
CA CYS F 45 -7.35 -12.08 2.01
C CYS F 45 -8.73 -12.51 2.50
N LYS F 46 -9.78 -12.02 1.80
CA LYS F 46 -11.14 -12.14 2.31
C LYS F 46 -11.57 -13.59 2.52
N SER F 47 -10.83 -14.55 1.95
CA SER F 47 -11.22 -15.95 2.01
C SER F 47 -11.08 -16.53 3.42
N THR F 48 -10.06 -16.09 4.17
CA THR F 48 -9.80 -16.67 5.47
C THR F 48 -10.96 -16.44 6.42
N GLU F 49 -11.23 -17.44 7.25
CA GLU F 49 -12.44 -17.56 8.04
C GLU F 49 -12.50 -16.48 9.13
N PRO F 50 -13.71 -16.03 9.48
CA PRO F 50 -13.84 -14.81 10.30
C PRO F 50 -13.39 -14.97 11.74
N GLN F 51 -13.37 -16.17 12.30
CA GLN F 51 -12.88 -16.33 13.66
C GLN F 51 -11.43 -15.88 13.78
N LEU F 52 -10.58 -16.34 12.88
CA LEU F 52 -9.18 -15.97 12.87
C LEU F 52 -8.97 -14.48 12.68
N LEU F 53 -9.73 -13.85 11.77
CA LEU F 53 -9.64 -12.42 11.58
C LEU F 53 -10.09 -11.66 12.82
N LYS F 54 -11.12 -12.16 13.50
CA LYS F 54 -11.53 -11.55 14.76
C LYS F 54 -10.44 -11.65 15.81
N LEU F 55 -9.74 -12.79 15.89
CA LEU F 55 -8.67 -12.89 16.85
C LEU F 55 -7.51 -11.95 16.53
N ILE F 56 -7.04 -11.95 15.30
CA ILE F 56 -5.88 -11.12 14.96
C ILE F 56 -6.23 -9.64 15.13
N ARG F 57 -7.46 -9.26 14.75
CA ARG F 57 -7.89 -7.89 14.91
C ARG F 57 -7.95 -7.48 16.38
N CYS F 58 -8.57 -8.32 17.23
CA CYS F 58 -8.60 -8.02 18.64
C CYS F 58 -7.19 -8.01 19.24
N THR F 59 -6.26 -8.75 18.62
CA THR F 59 -4.88 -8.73 19.10
C THR F 59 -4.22 -7.38 18.81
N TYR F 60 -4.39 -6.86 17.59
CA TYR F 60 -3.91 -5.51 17.31
C TYR F 60 -4.55 -4.51 18.25
N SER F 61 -5.88 -4.44 18.26
CA SER F 61 -6.57 -3.42 19.03
C SER F 61 -6.26 -3.51 20.52
N SER F 62 -6.01 -4.70 21.04
CA SER F 62 -5.60 -4.85 22.43
C SER F 62 -4.14 -4.52 22.66
N MET F 63 -3.29 -4.61 21.63
CA MET F 63 -1.90 -4.20 21.79
C MET F 63 -1.76 -2.68 21.76
N LEU F 64 -2.46 -2.02 20.85
CA LEU F 64 -2.37 -0.57 20.73
C LEU F 64 -2.90 0.15 21.96
N ASN F 65 -3.81 -0.47 22.71
CA ASN F 65 -4.27 0.14 23.95
C ASN F 65 -3.20 0.12 25.02
N GLU F 66 -2.44 -0.98 25.13
CA GLU F 66 -1.34 -1.07 26.09
C GLU F 66 -0.20 -0.12 25.76
N PHE F 67 -0.01 0.22 24.50
CA PHE F 67 1.09 1.08 24.07
C PHE F 67 0.55 2.16 23.16
N PRO F 68 -0.09 3.19 23.72
CA PRO F 68 -0.79 4.17 22.89
C PRO F 68 0.09 4.89 21.89
N TYR F 69 1.40 4.93 22.08
CA TYR F 69 2.28 5.43 21.04
C TYR F 69 2.97 4.25 20.35
N LEU F 70 2.40 3.84 19.21
CA LEU F 70 3.12 3.09 18.18
C LEU F 70 2.57 3.56 16.86
N GLU F 71 3.38 4.23 16.05
CA GLU F 71 2.85 4.78 14.80
C GLU F 71 2.78 3.71 13.72
N ASN F 72 3.81 2.89 13.61
CA ASN F 72 3.86 1.89 12.54
C ASN F 72 2.84 0.79 12.76
N TYR F 73 2.36 0.62 14.00
CA TYR F 73 1.31 -0.36 14.25
C TYR F 73 -0.09 0.17 13.98
N TYR F 74 -0.40 1.44 14.29
CA TYR F 74 -1.64 1.98 13.76
C TYR F 74 -1.64 1.92 12.24
N ILE F 75 -0.52 2.28 11.61
CA ILE F 75 -0.44 2.20 10.16
C ILE F 75 -0.62 0.76 9.69
N ASP F 76 0.07 -0.18 10.33
CA ASP F 76 0.04 -1.57 9.88
C ASP F 76 -1.35 -2.18 10.03
N PHE F 77 -2.01 -1.95 11.17
CA PHE F 77 -3.37 -2.43 11.36
C PHE F 77 -4.35 -1.77 10.41
N ALA F 78 -4.17 -0.48 10.12
CA ALA F 78 -4.97 0.16 9.07
C ALA F 78 -4.80 -0.54 7.74
N LEU F 79 -3.56 -0.83 7.35
CA LEU F 79 -3.31 -1.50 6.08
C LEU F 79 -3.88 -2.92 6.07
N LEU F 80 -3.85 -3.61 7.21
CA LEU F 80 -4.54 -4.90 7.28
C LEU F 80 -6.02 -4.75 7.00
N GLU F 81 -6.67 -3.77 7.63
CA GLU F 81 -8.08 -3.53 7.36
C GLU F 81 -8.33 -3.09 5.92
N TYR F 82 -7.36 -2.46 5.27
CA TYR F 82 -7.55 -1.98 3.90
C TYR F 82 -7.38 -3.11 2.88
N LYS F 83 -6.41 -3.99 3.11
CA LYS F 83 -6.29 -5.18 2.27
C LYS F 83 -7.48 -6.11 2.46
N LEU F 84 -8.11 -6.05 3.63
CA LEU F 84 -9.22 -6.95 3.91
C LEU F 84 -10.51 -6.46 3.27
N GLY F 85 -10.54 -5.20 2.81
CA GLY F 85 -11.65 -4.72 1.99
C GLY F 85 -12.64 -3.75 2.60
N ASN F 86 -12.39 -3.25 3.81
CA ASN F 86 -13.25 -2.23 4.41
C ASN F 86 -12.39 -1.01 4.75
N VAL F 87 -12.66 0.11 4.04
CA VAL F 87 -11.88 1.32 4.27
C VAL F 87 -12.41 2.11 5.45
N SER F 88 -13.67 1.90 5.85
CA SER F 88 -14.23 2.64 6.96
C SER F 88 -13.51 2.31 8.27
N MET F 89 -13.23 1.03 8.49
CA MET F 89 -12.45 0.64 9.66
C MET F 89 -11.03 1.19 9.59
N SER F 90 -10.47 1.31 8.39
CA SER F 90 -9.16 1.92 8.25
C SER F 90 -9.17 3.39 8.67
N HIS F 91 -10.10 4.18 8.10
CA HIS F 91 -10.31 5.54 8.55
C HIS F 91 -10.42 5.62 10.06
N LYS F 92 -11.41 4.93 10.63
CA LYS F 92 -11.64 5.00 12.07
C LYS F 92 -10.38 4.79 12.89
N ILE F 93 -9.55 3.80 12.56
CA ILE F 93 -8.38 3.51 13.38
C ILE F 93 -7.20 4.41 13.06
N PHE F 94 -7.16 5.03 11.87
CA PHE F 94 -6.30 6.19 11.72
C PHE F 94 -6.71 7.32 12.66
N GLN F 95 -8.00 7.65 12.70
CA GLN F 95 -8.50 8.63 13.64
C GLN F 95 -8.11 8.28 15.07
N ARG F 96 -8.14 6.99 15.39
CA ARG F 96 -7.77 6.54 16.73
C ARG F 96 -6.30 6.82 17.01
N GLY F 97 -5.42 6.48 16.07
CA GLY F 97 -4.00 6.76 16.27
C GLY F 97 -3.70 8.24 16.36
N LEU F 98 -4.30 9.04 15.48
CA LEU F 98 -4.11 10.49 15.55
C LEU F 98 -4.64 11.05 16.87
N GLN F 99 -5.68 10.43 17.42
CA GLN F 99 -6.21 10.89 18.69
C GLN F 99 -5.30 10.49 19.85
N ALA F 100 -4.59 9.37 19.74
CA ALA F 100 -3.68 8.95 20.80
C ALA F 100 -2.51 9.92 20.94
N PHE F 101 -2.12 10.56 19.83
CA PHE F 101 -1.04 11.54 19.81
C PHE F 101 -1.53 12.97 19.96
N ASN F 102 -2.81 13.18 20.26
CA ASN F 102 -3.44 14.49 20.36
C ASN F 102 -3.38 15.24 19.04
N GLN F 103 -3.54 14.52 17.93
CA GLN F 103 -3.61 15.02 16.55
C GLN F 103 -2.27 15.47 16.00
N ARG F 104 -1.19 15.46 16.78
CA ARG F 104 0.12 15.81 16.24
C ARG F 104 1.07 14.61 16.30
N SER F 105 1.22 13.95 15.15
CA SER F 105 2.33 13.06 14.83
C SER F 105 2.54 13.15 13.33
N LEU F 106 3.80 13.27 12.91
CA LEU F 106 4.01 13.51 11.49
C LEU F 106 3.75 12.26 10.66
N LEU F 107 4.13 11.10 11.17
CA LEU F 107 4.01 9.87 10.39
C LEU F 107 2.55 9.47 10.18
N LEU F 108 1.72 9.62 11.21
CA LEU F 108 0.32 9.22 11.06
C LEU F 108 -0.44 10.17 10.14
N TRP F 109 -0.07 11.45 10.15
CA TRP F 109 -0.70 12.37 9.21
C TRP F 109 -0.21 12.12 7.78
N THR F 110 1.09 11.93 7.59
CA THR F 110 1.59 11.68 6.24
C THR F 110 1.07 10.37 5.68
N SER F 111 1.32 9.26 6.38
CA SER F 111 0.80 7.95 5.99
C SER F 111 -0.72 7.91 5.96
N TYR F 112 -1.39 8.78 6.70
CA TYR F 112 -2.85 8.88 6.62
C TYR F 112 -3.29 9.54 5.34
N LEU F 113 -2.88 10.79 5.09
CA LEU F 113 -3.27 11.49 3.88
C LEU F 113 -2.85 10.74 2.61
N LYS F 114 -1.71 10.05 2.64
CA LYS F 114 -1.35 9.20 1.51
C LYS F 114 -2.46 8.18 1.22
N PHE F 115 -2.99 7.57 2.28
CA PHE F 115 -4.15 6.69 2.14
C PHE F 115 -5.36 7.46 1.66
N CYS F 116 -5.52 8.70 2.14
CA CYS F 116 -6.71 9.49 1.88
C CYS F 116 -6.80 9.96 0.44
N ASN F 117 -5.68 10.07 -0.26
CA ASN F 117 -5.71 10.52 -1.64
C ASN F 117 -6.46 9.52 -2.53
N ASN F 118 -6.31 8.22 -2.26
CA ASN F 118 -6.88 7.20 -3.12
C ASN F 118 -8.36 6.98 -2.84
N VAL F 119 -8.76 6.94 -1.57
CA VAL F 119 -10.07 6.45 -1.19
C VAL F 119 -11.11 7.56 -1.03
N ILE F 120 -10.73 8.81 -1.24
CA ILE F 120 -11.63 9.93 -0.99
C ILE F 120 -11.68 10.85 -2.20
N SER F 121 -12.85 10.91 -2.83
CA SER F 121 -13.22 11.90 -3.83
C SER F 121 -13.69 13.17 -3.12
N HIS F 122 -14.40 14.04 -3.85
CA HIS F 122 -14.89 15.29 -3.27
C HIS F 122 -13.71 16.14 -2.83
N GLN F 123 -13.06 16.75 -3.83
CA GLN F 123 -11.80 17.48 -3.63
C GLN F 123 -11.83 18.38 -2.40
N LYS F 124 -12.96 19.05 -2.15
CA LYS F 124 -13.05 19.98 -1.03
C LYS F 124 -12.73 19.32 0.30
N GLN F 125 -13.46 18.26 0.65
CA GLN F 125 -13.18 17.52 1.88
C GLN F 125 -11.74 17.03 1.95
N LEU F 126 -11.25 16.47 0.86
CA LEU F 126 -9.88 15.99 0.82
C LEU F 126 -8.93 17.11 1.22
N PHE F 127 -9.13 18.31 0.70
CA PHE F 127 -8.27 19.41 1.11
C PHE F 127 -8.52 19.85 2.55
N LYS F 128 -9.75 19.70 3.05
CA LYS F 128 -9.98 19.99 4.46
C LYS F 128 -9.17 19.07 5.36
N LYS F 129 -8.94 17.82 4.93
CA LYS F 129 -7.98 16.98 5.65
C LYS F 129 -6.61 17.61 5.72
N TYR F 130 -6.12 18.17 4.61
CA TYR F 130 -4.79 18.79 4.62
C TYR F 130 -4.77 20.09 5.42
N GLU F 131 -5.86 20.85 5.45
CA GLU F 131 -5.88 22.06 6.24
C GLU F 131 -5.95 21.74 7.73
N THR F 132 -6.61 20.63 8.09
CA THR F 132 -6.58 20.17 9.47
C THR F 132 -5.20 19.68 9.86
N ALA F 133 -4.52 18.94 8.97
CA ALA F 133 -3.17 18.48 9.26
C ALA F 133 -2.19 19.63 9.38
N GLU F 134 -2.40 20.68 8.58
CA GLU F 134 -1.45 21.78 8.52
C GLU F 134 -1.41 22.57 9.83
N GLU F 135 -2.56 22.92 10.39
CA GLU F 135 -2.58 23.69 11.62
C GLU F 135 -2.07 22.92 12.82
N TYR F 136 -1.87 21.60 12.68
CA TYR F 136 -1.30 20.78 13.74
C TYR F 136 0.18 20.49 13.51
N VAL F 137 0.50 19.66 12.52
CA VAL F 137 1.85 19.15 12.32
C VAL F 137 2.61 19.96 11.28
N GLY F 138 2.04 21.05 10.78
CA GLY F 138 2.63 21.78 9.68
C GLY F 138 4.03 22.32 9.97
N LEU F 139 4.26 22.82 11.18
CA LEU F 139 5.53 23.46 11.52
C LEU F 139 6.57 22.47 12.00
N HIS F 140 6.29 21.18 11.98
CA HIS F 140 7.28 20.18 12.36
C HIS F 140 8.52 20.35 11.50
N PHE F 141 9.69 20.12 12.12
CA PHE F 141 10.95 20.44 11.46
C PHE F 141 11.18 19.56 10.22
N PHE F 142 10.67 18.34 10.24
CA PHE F 142 10.77 17.42 9.11
C PHE F 142 9.53 17.41 8.23
N SER F 143 8.55 18.27 8.51
CA SER F 143 7.25 18.22 7.84
C SER F 143 7.33 18.56 6.35
N GLY F 144 8.48 18.94 5.81
CA GLY F 144 8.56 19.30 4.40
C GLY F 144 7.95 18.28 3.46
N GLU F 145 8.28 17.00 3.65
CA GLU F 145 7.69 15.94 2.85
C GLU F 145 6.18 15.89 2.92
N PHE F 146 5.60 16.21 4.07
CA PHE F 146 4.17 16.47 4.15
C PHE F 146 3.74 17.52 3.12
N TRP F 147 4.39 18.68 3.15
CA TRP F 147 4.06 19.72 2.20
C TRP F 147 4.25 19.24 0.77
N ASP F 148 5.29 18.45 0.53
CA ASP F 148 5.51 17.88 -0.80
C ASP F 148 4.29 17.10 -1.27
N LEU F 149 3.63 16.38 -0.35
CA LEU F 149 2.34 15.78 -0.70
C LEU F 149 1.32 16.85 -1.05
N TYR F 150 1.14 17.81 -0.15
CA TYR F 150 0.07 18.79 -0.30
C TYR F 150 0.23 19.60 -1.58
N LEU F 151 1.43 20.14 -1.82
CA LEU F 151 1.69 20.79 -3.10
C LEU F 151 1.45 19.83 -4.26
N GLU F 152 1.89 18.58 -4.14
CA GLU F 152 1.62 17.59 -5.18
C GLU F 152 0.12 17.42 -5.41
N GLN F 153 -0.70 17.54 -4.38
CA GLN F 153 -2.13 17.38 -4.56
C GLN F 153 -2.80 18.62 -5.13
N ILE F 154 -2.24 19.81 -4.95
CA ILE F 154 -2.81 20.99 -5.58
C ILE F 154 -2.60 20.96 -7.10
N SER F 155 -1.35 20.80 -7.52
CA SER F 155 -1.02 20.92 -8.95
C SER F 155 -1.76 19.89 -9.77
N SER F 156 -2.07 18.73 -9.19
CA SER F 156 -2.85 17.74 -9.91
C SER F 156 -4.33 18.10 -9.90
N ARG F 157 -4.85 18.57 -8.76
CA ARG F 157 -6.28 18.83 -8.67
C ARG F 157 -6.66 20.18 -9.26
N CYS F 158 -5.85 21.21 -8.99
CA CYS F 158 -6.30 22.58 -9.21
C CYS F 158 -5.89 23.11 -10.57
N THR F 159 -6.89 23.64 -11.28
CA THR F 159 -6.70 24.30 -12.57
C THR F 159 -6.27 25.76 -12.45
N SER F 160 -6.47 26.39 -11.29
CA SER F 160 -6.32 27.83 -11.19
C SER F 160 -4.87 28.24 -11.00
N SER F 161 -4.11 27.44 -10.25
CA SER F 161 -2.71 27.67 -9.83
C SER F 161 -2.61 28.78 -8.79
N LYS F 162 -3.69 29.46 -8.44
CA LYS F 162 -3.66 30.44 -7.36
C LYS F 162 -3.22 29.80 -6.05
N LYS F 163 -3.79 28.63 -5.74
CA LYS F 163 -3.56 28.02 -4.43
C LYS F 163 -2.14 27.50 -4.30
N TYR F 164 -1.48 27.18 -5.41
CA TYR F 164 -0.11 26.71 -5.32
C TYR F 164 0.83 27.84 -4.90
N TRP F 165 0.67 29.02 -5.50
CA TRP F 165 1.41 30.19 -5.03
C TRP F 165 1.04 30.50 -3.59
N ASN F 166 -0.26 30.41 -3.26
CA ASN F 166 -0.71 30.69 -1.90
C ASN F 166 0.00 29.83 -0.88
N VAL F 167 0.07 28.52 -1.11
CA VAL F 167 0.64 27.61 -0.11
C VAL F 167 2.16 27.68 -0.12
N LEU F 168 2.76 27.61 -1.32
CA LEU F 168 4.21 27.67 -1.42
C LEU F 168 4.76 28.96 -0.82
N ARG F 169 4.00 30.05 -0.88
CA ARG F 169 4.42 31.27 -0.21
C ARG F 169 4.50 31.09 1.30
N LYS F 170 3.58 30.31 1.88
CA LYS F 170 3.68 30.03 3.31
C LYS F 170 4.85 29.10 3.62
N ILE F 171 5.10 28.11 2.77
CA ILE F 171 6.19 27.18 3.03
C ILE F 171 7.54 27.90 3.06
N LEU F 172 7.68 28.98 2.29
CA LEU F 172 8.91 29.77 2.29
C LEU F 172 9.31 30.28 3.67
N GLU F 173 8.36 30.59 4.54
CA GLU F 173 8.66 31.21 5.82
C GLU F 173 8.85 30.21 6.96
N ILE F 174 8.79 28.91 6.69
CA ILE F 174 8.86 27.92 7.75
C ILE F 174 10.28 27.36 7.85
N PRO F 175 10.88 27.33 9.04
CA PRO F 175 12.22 26.76 9.17
C PRO F 175 12.23 25.24 9.22
N LEU F 176 12.01 24.61 8.07
CA LEU F 176 11.97 23.16 7.95
C LEU F 176 13.39 22.59 7.86
N HIS F 177 13.49 21.28 7.76
CA HIS F 177 14.78 20.65 7.51
C HIS F 177 15.20 20.85 6.06
N SER F 178 14.30 20.60 5.11
CA SER F 178 14.57 21.01 3.74
C SER F 178 13.63 22.17 3.40
N PHE F 179 14.19 23.37 3.51
CA PHE F 179 13.64 24.60 2.96
C PHE F 179 14.06 24.82 1.52
N SER F 180 15.29 24.44 1.18
CA SER F 180 15.85 24.75 -0.12
C SER F 180 15.07 24.07 -1.25
N LYS F 181 14.56 22.86 -1.01
CA LYS F 181 13.73 22.21 -2.02
C LYS F 181 12.58 23.08 -2.47
N PHE F 182 11.91 23.74 -1.54
CA PHE F 182 10.78 24.60 -1.86
C PHE F 182 11.21 25.97 -2.40
N TYR F 183 12.35 26.48 -1.94
CA TYR F 183 12.92 27.67 -2.55
C TYR F 183 13.29 27.46 -4.01
N ALA F 184 13.67 26.23 -4.38
CA ALA F 184 13.96 25.97 -5.78
C ALA F 184 12.67 25.96 -6.61
N LEU F 185 11.59 25.44 -6.05
CA LEU F 185 10.30 25.48 -6.74
C LEU F 185 9.82 26.93 -6.88
N TRP F 186 9.99 27.73 -5.83
CA TRP F 186 9.58 29.12 -5.87
C TRP F 186 10.39 29.90 -6.90
N LEU F 187 11.72 29.78 -6.85
CA LEU F 187 12.57 30.47 -7.82
C LEU F 187 12.25 30.04 -9.24
N GLN F 188 12.07 28.73 -9.46
CA GLN F 188 11.71 28.25 -10.79
C GLN F 188 10.40 28.86 -11.26
N ARG F 189 9.38 28.85 -10.39
CA ARG F 189 8.08 29.37 -10.79
C ARG F 189 8.13 30.88 -11.02
N ILE F 190 9.06 31.58 -10.36
CA ILE F 190 9.31 32.97 -10.73
C ILE F 190 9.96 33.05 -12.10
N ASP F 191 10.82 32.08 -12.41
CA ASP F 191 11.55 32.11 -13.68
C ASP F 191 10.61 31.83 -14.84
N ASP F 192 9.52 31.12 -14.60
CA ASP F 192 8.64 30.71 -15.69
C ASP F 192 7.53 31.73 -15.96
N ILE F 193 7.55 32.86 -15.26
CA ILE F 193 6.49 33.86 -15.44
C ILE F 193 6.76 34.65 -16.70
N MET F 194 5.87 34.52 -17.68
CA MET F 194 6.08 35.16 -18.98
C MET F 194 5.32 36.47 -19.18
N ASP F 195 4.47 36.86 -18.23
CA ASP F 195 3.66 38.07 -18.39
C ASP F 195 3.57 38.81 -17.07
N LEU F 196 3.32 40.12 -17.18
CA LEU F 196 3.13 40.95 -15.99
C LEU F 196 1.89 40.51 -15.22
N LYS F 197 0.84 40.12 -15.94
CA LYS F 197 -0.41 39.72 -15.30
C LYS F 197 -0.21 38.59 -14.31
N GLN F 198 0.79 37.75 -14.52
CA GLN F 198 1.05 36.61 -13.66
C GLN F 198 1.81 36.98 -12.40
N LEU F 199 2.26 38.23 -12.26
CA LEU F 199 2.90 38.66 -11.03
C LEU F 199 1.88 38.98 -9.94
N SER F 200 0.62 39.20 -10.31
CA SER F 200 -0.42 39.37 -9.31
C SER F 200 -0.67 38.08 -8.55
N GLN F 201 -0.20 36.95 -9.08
CA GLN F 201 -0.31 35.69 -8.36
C GLN F 201 0.55 35.70 -7.12
N LEU F 202 1.75 36.29 -7.21
CA LEU F 202 2.60 36.45 -6.04
C LEU F 202 1.90 37.24 -4.96
N THR F 203 1.72 38.53 -5.19
CA THR F 203 1.08 39.43 -4.25
C THR F 203 0.12 40.33 -5.02
N SER F 204 -0.68 41.08 -4.29
CA SER F 204 -1.70 41.88 -4.95
C SER F 204 -1.06 43.03 -5.73
N LYS F 205 -1.92 43.83 -6.36
CA LYS F 205 -1.47 44.89 -7.27
C LYS F 205 -0.87 46.06 -6.51
N ASP F 206 -1.33 46.29 -5.29
CA ASP F 206 -0.93 47.50 -4.55
C ASP F 206 0.45 47.33 -3.93
N GLU F 207 0.72 46.19 -3.30
CA GLU F 207 2.02 45.99 -2.66
C GLU F 207 3.16 45.96 -3.67
N LEU F 208 2.91 45.53 -4.90
CA LEU F 208 3.95 45.54 -5.91
C LEU F 208 4.29 46.96 -6.36
N LEU F 209 3.27 47.81 -6.51
CA LEU F 209 3.51 49.19 -6.91
C LEU F 209 4.07 50.03 -5.77
N LYS F 210 3.77 49.65 -4.53
CA LYS F 210 4.24 50.40 -3.37
C LYS F 210 5.62 49.95 -2.91
N LYS F 211 5.73 48.69 -2.45
CA LYS F 211 6.98 48.25 -1.85
C LYS F 211 8.09 48.11 -2.87
N LEU F 212 7.85 47.35 -3.95
CA LEU F 212 8.84 47.16 -4.99
C LEU F 212 8.70 48.14 -6.15
N LYS F 213 7.63 48.95 -6.17
CA LYS F 213 7.38 49.94 -7.23
C LYS F 213 7.48 49.31 -8.62
N ILE F 214 6.59 48.38 -8.89
CA ILE F 214 6.43 47.78 -10.21
C ILE F 214 4.95 47.71 -10.53
N ASP F 215 4.61 48.00 -11.78
CA ASP F 215 3.23 48.14 -12.22
C ASP F 215 2.87 47.00 -13.17
N ILE F 216 1.71 46.38 -12.94
CA ILE F 216 1.23 45.34 -13.85
C ILE F 216 0.57 45.95 -15.08
N ASN F 217 -0.16 47.06 -14.90
CA ASN F 217 -0.82 47.75 -16.00
C ASN F 217 0.14 48.50 -16.91
N TYR F 218 1.44 48.52 -16.60
CA TYR F 218 2.44 49.23 -17.38
C TYR F 218 2.34 48.89 -18.86
N SER F 219 2.28 49.94 -19.69
CA SER F 219 2.05 49.78 -21.12
C SER F 219 3.19 50.42 -21.91
N GLY F 220 3.82 49.63 -22.78
CA GLY F 220 5.06 50.02 -23.42
C GLY F 220 5.83 48.80 -23.86
N ARG F 221 7.15 48.88 -23.94
CA ARG F 221 7.97 47.70 -24.22
C ARG F 221 8.12 47.01 -22.87
N LYS F 222 7.48 45.85 -22.74
CA LYS F 222 7.35 45.22 -21.44
C LYS F 222 8.57 44.38 -21.07
N GLY F 223 9.19 43.73 -22.06
CA GLY F 223 10.17 42.69 -21.81
C GLY F 223 11.28 43.02 -20.82
N PRO F 224 12.01 44.12 -21.06
CA PRO F 224 13.06 44.48 -20.10
C PRO F 224 12.51 44.91 -18.76
N TYR F 225 11.29 45.45 -18.74
CA TYR F 225 10.63 45.83 -17.49
C TYR F 225 10.31 44.59 -16.66
N LEU F 226 9.82 43.54 -17.31
CA LEU F 226 9.56 42.28 -16.62
C LEU F 226 10.87 41.62 -16.18
N GLN F 227 11.94 41.74 -16.97
CA GLN F 227 13.22 41.21 -16.53
C GLN F 227 13.76 41.96 -15.32
N ASP F 228 13.54 43.27 -15.24
CA ASP F 228 13.84 44.01 -14.02
C ASP F 228 12.97 43.54 -12.87
N ALA F 229 11.70 43.25 -13.15
CA ALA F 229 10.76 42.86 -12.10
C ALA F 229 11.11 41.50 -11.52
N LYS F 230 11.65 40.58 -12.34
CA LYS F 230 12.06 39.30 -11.82
C LYS F 230 13.27 39.44 -10.91
N LYS F 231 14.18 40.35 -11.23
CA LYS F 231 15.31 40.59 -10.33
C LYS F 231 14.84 41.18 -9.02
N LYS F 232 13.97 42.19 -9.09
CA LYS F 232 13.48 42.83 -7.86
C LYS F 232 12.65 41.86 -7.03
N LEU F 233 12.00 40.89 -7.66
CA LEU F 233 11.27 39.85 -6.94
C LEU F 233 12.19 38.77 -6.38
N LYS F 234 13.31 38.51 -7.05
CA LYS F 234 14.22 37.48 -6.58
C LYS F 234 15.10 37.97 -5.43
N LYS F 235 15.33 39.28 -5.35
CA LYS F 235 16.12 39.82 -4.25
C LYS F 235 15.43 39.58 -2.91
N ILE F 236 14.15 39.93 -2.80
CA ILE F 236 13.44 39.79 -1.53
C ILE F 236 13.30 38.32 -1.17
N THR F 237 13.17 37.44 -2.16
CA THR F 237 13.16 36.01 -1.89
C THR F 237 14.52 35.55 -1.38
N LYS F 238 15.59 36.17 -1.89
CA LYS F 238 16.92 35.91 -1.34
C LYS F 238 17.01 36.36 0.11
N GLU F 239 16.31 37.43 0.48
CA GLU F 239 16.33 37.87 1.87
C GLU F 239 15.57 36.91 2.78
N MET F 240 14.34 36.54 2.38
CA MET F 240 13.62 35.48 3.10
C MET F 240 14.51 34.25 3.24
N TYR F 241 15.25 33.92 2.20
CA TYR F 241 16.20 32.81 2.27
C TYR F 241 17.28 33.08 3.30
N MET F 242 17.69 34.35 3.48
CA MET F 242 18.66 34.67 4.52
C MET F 242 18.11 34.32 5.90
N VAL F 243 16.94 34.86 6.24
CA VAL F 243 16.38 34.64 7.57
C VAL F 243 16.15 33.15 7.82
N VAL F 244 15.38 32.51 6.92
CA VAL F 244 14.96 31.14 7.17
C VAL F 244 16.17 30.20 7.20
N GLN F 245 17.15 30.44 6.33
CA GLN F 245 18.40 29.71 6.42
C GLN F 245 19.04 29.85 7.79
N TYR F 246 19.13 31.09 8.29
CA TYR F 246 19.73 31.29 9.61
C TYR F 246 19.02 30.43 10.66
N GLN F 247 17.69 30.53 10.72
CA GLN F 247 16.96 29.75 11.72
C GLN F 247 17.21 28.26 11.58
N VAL F 248 17.14 27.73 10.35
CA VAL F 248 17.33 26.30 10.16
C VAL F 248 18.72 25.86 10.61
N LEU F 249 19.75 26.59 10.18
CA LEU F 249 21.11 26.22 10.55
C LEU F 249 21.35 26.31 12.05
N GLU F 250 20.71 27.26 12.75
CA GLU F 250 20.82 27.27 14.19
C GLU F 250 20.16 26.04 14.81
N ILE F 251 18.90 25.79 14.43
CA ILE F 251 18.14 24.69 15.02
C ILE F 251 18.83 23.36 14.78
N TYR F 252 19.39 23.16 13.59
CA TYR F 252 20.12 21.92 13.33
C TYR F 252 21.44 21.90 14.09
N SER F 253 22.24 22.96 13.96
CA SER F 253 23.59 22.94 14.50
C SER F 253 23.60 22.76 16.00
N ILE F 254 22.55 23.21 16.70
CA ILE F 254 22.51 23.08 18.15
C ILE F 254 21.79 21.82 18.57
N PHE F 255 20.50 21.71 18.23
CA PHE F 255 19.62 20.71 18.81
C PHE F 255 19.45 19.48 17.92
N GLU F 256 18.78 19.65 16.77
CA GLU F 256 18.34 18.52 15.95
C GLU F 256 19.48 17.60 15.57
N SER F 257 20.71 18.11 15.49
CA SER F 257 21.84 17.25 15.16
C SER F 257 22.19 16.32 16.31
N LYS F 258 21.81 16.70 17.54
CA LYS F 258 22.17 15.91 18.70
C LYS F 258 21.14 14.83 19.01
N ILE F 259 20.01 14.83 18.30
CA ILE F 259 18.89 13.93 18.62
C ILE F 259 19.00 12.72 17.69
N TYR F 260 19.36 11.57 18.24
CA TYR F 260 19.55 10.37 17.43
C TYR F 260 18.32 9.47 17.37
N ILE F 261 17.33 9.68 18.24
CA ILE F 261 16.16 8.80 18.32
C ILE F 261 14.91 9.65 18.29
N ASN F 262 14.14 9.55 17.21
CA ASN F 262 12.91 10.31 17.06
C ASN F 262 11.66 9.49 17.37
N TYR F 263 11.80 8.23 17.78
CA TYR F 263 10.68 7.30 17.89
C TYR F 263 10.53 6.75 19.31
N TYR F 264 9.48 5.94 19.49
CA TYR F 264 8.98 5.60 20.83
C TYR F 264 9.76 4.46 21.47
N THR F 265 10.15 3.45 20.69
CA THR F 265 10.72 2.20 21.19
C THR F 265 9.74 1.50 22.12
N SER F 266 10.09 1.34 23.41
CA SER F 266 9.19 0.61 24.32
C SER F 266 9.24 1.19 25.73
N PRO F 267 8.42 0.69 26.66
CA PRO F 267 8.57 1.10 28.06
C PRO F 267 9.85 0.63 28.74
N GLU F 268 10.55 -0.35 28.17
CA GLU F 268 11.82 -0.81 28.71
C GLU F 268 13.03 -0.13 28.08
N THR F 269 12.83 0.84 27.21
CA THR F 269 13.96 1.53 26.62
C THR F 269 14.53 2.57 27.58
N LEU F 270 15.83 2.79 27.47
CA LEU F 270 16.51 3.87 28.16
C LEU F 270 17.06 4.83 27.11
N VAL F 271 17.09 6.11 27.42
CA VAL F 271 17.63 7.11 26.52
C VAL F 271 18.90 7.67 27.13
N SER F 272 19.80 8.14 26.27
CA SER F 272 21.07 8.66 26.74
C SER F 272 20.86 10.02 27.42
N SER F 273 21.80 10.37 28.29
CA SER F 273 21.67 11.60 29.07
C SER F 273 21.77 12.84 28.19
N ASP F 274 22.72 12.85 27.26
CA ASP F 274 22.86 13.98 26.34
C ASP F 274 21.58 14.20 25.53
N GLU F 275 20.91 13.11 25.16
CA GLU F 275 19.66 13.25 24.43
C GLU F 275 18.58 13.88 25.31
N ILE F 276 18.49 13.47 26.57
CA ILE F 276 17.62 14.15 27.52
C ILE F 276 17.91 15.64 27.57
N GLU F 277 19.19 15.98 27.75
CA GLU F 277 19.58 17.38 27.88
C GLU F 277 19.22 18.19 26.64
N THR F 278 19.40 17.61 25.46
CA THR F 278 19.06 18.33 24.23
C THR F 278 17.56 18.43 24.02
N TRP F 279 16.78 17.46 24.50
CA TRP F 279 15.34 17.65 24.48
C TRP F 279 14.92 18.76 25.42
N ILE F 280 15.47 18.79 26.65
CA ILE F 280 15.14 19.87 27.58
C ILE F 280 15.46 21.23 26.96
N LYS F 281 16.69 21.43 26.52
CA LYS F 281 17.07 22.73 25.96
C LYS F 281 16.32 23.05 24.69
N TYR F 282 16.01 22.03 23.88
CA TYR F 282 15.22 22.25 22.68
C TYR F 282 13.81 22.72 23.02
N LEU F 283 13.26 22.21 24.12
CA LEU F 283 11.95 22.65 24.57
C LEU F 283 11.99 24.05 25.15
N ASP F 284 13.07 24.41 25.87
CA ASP F 284 13.19 25.78 26.34
C ASP F 284 13.30 26.75 25.18
N TYR F 285 14.11 26.41 24.17
CA TYR F 285 14.23 27.23 22.98
C TYR F 285 12.88 27.38 22.28
N THR F 286 12.20 26.25 22.03
CA THR F 286 10.88 26.30 21.42
C THR F 286 9.90 27.18 22.21
N ILE F 287 9.92 27.08 23.54
CA ILE F 287 9.12 27.97 24.36
C ILE F 287 9.48 29.42 24.09
N THR F 288 10.78 29.70 23.94
CA THR F 288 11.23 31.07 23.71
C THR F 288 10.70 31.62 22.40
N LEU F 289 10.56 30.77 21.37
CA LEU F 289 10.02 31.22 20.10
C LEU F 289 8.58 31.74 20.22
N GLN F 290 7.86 31.35 21.27
CA GLN F 290 6.48 31.79 21.53
C GLN F 290 5.54 31.46 20.38
N THR F 291 5.76 30.34 19.70
CA THR F 291 4.84 29.82 18.70
C THR F 291 4.10 28.64 19.32
N ASP F 292 2.83 28.85 19.63
CA ASP F 292 2.08 27.85 20.40
C ASP F 292 1.94 26.53 19.64
N SER F 293 1.58 26.58 18.36
CA SER F 293 1.46 25.35 17.58
C SER F 293 2.78 24.58 17.56
N LEU F 294 3.87 25.26 17.21
CA LEU F 294 5.17 24.59 17.21
C LEU F 294 5.63 24.23 18.62
N THR F 295 5.12 24.93 19.65
CA THR F 295 5.48 24.58 21.01
C THR F 295 4.83 23.27 21.45
N HIS F 296 3.50 23.19 21.35
CA HIS F 296 2.81 21.94 21.65
C HIS F 296 3.33 20.81 20.77
N LEU F 297 3.63 21.11 19.50
CA LEU F 297 4.19 20.11 18.62
C LEU F 297 5.51 19.59 19.17
N ASN F 298 6.44 20.49 19.51
CA ASN F 298 7.73 20.07 20.02
C ASN F 298 7.66 19.44 21.41
N PHE F 299 6.59 19.65 22.17
CA PHE F 299 6.40 18.83 23.36
C PHE F 299 5.94 17.43 22.99
N GLN F 300 4.90 17.31 22.16
CA GLN F 300 4.46 16.00 21.71
C GLN F 300 5.51 15.29 20.88
N ARG F 301 6.31 16.06 20.13
CA ARG F 301 7.45 15.50 19.43
C ARG F 301 8.48 14.95 20.39
N ALA F 302 8.78 15.69 21.46
CA ALA F 302 9.71 15.24 22.49
C ALA F 302 9.13 14.18 23.40
N LEU F 303 7.81 14.02 23.41
CA LEU F 303 7.13 13.18 24.38
C LEU F 303 7.20 11.71 24.01
N LEU F 304 7.06 11.39 22.73
CA LEU F 304 7.11 9.98 22.33
C LEU F 304 8.50 9.35 22.47
N PRO F 305 9.64 10.06 22.22
CA PRO F 305 10.94 9.42 22.46
C PRO F 305 11.12 8.99 23.90
N LEU F 306 10.83 9.87 24.84
CA LEU F 306 10.78 9.52 26.26
C LEU F 306 9.39 9.88 26.79
N ALA F 307 8.53 8.88 26.95
CA ALA F 307 7.22 9.09 27.56
C ALA F 307 7.13 8.62 29.01
N HIS F 308 8.06 7.79 29.46
CA HIS F 308 7.88 7.04 30.70
C HIS F 308 8.61 7.63 31.90
N TYR F 309 9.33 8.74 31.73
CA TYR F 309 10.15 9.24 32.83
C TYR F 309 9.34 10.04 33.84
N ASP F 310 8.40 10.85 33.34
CA ASP F 310 7.67 11.95 33.99
C ASP F 310 8.41 13.27 33.80
N LEU F 311 9.58 13.21 33.15
CA LEU F 311 10.40 14.41 33.04
C LEU F 311 9.74 15.49 32.20
N VAL F 312 9.35 15.16 30.97
CA VAL F 312 8.81 16.17 30.06
C VAL F 312 7.34 16.40 30.38
N TRP F 313 6.71 15.47 31.09
CA TRP F 313 5.35 15.70 31.53
C TRP F 313 5.27 16.86 32.52
N ILE F 314 6.16 16.88 33.51
CA ILE F 314 6.15 17.95 34.49
C ILE F 314 6.39 19.30 33.83
N LYS F 315 7.44 19.41 33.01
CA LYS F 315 7.71 20.67 32.33
C LYS F 315 6.54 21.08 31.45
N TYR F 316 5.98 20.14 30.68
CA TYR F 316 4.88 20.49 29.79
C TYR F 316 3.62 20.84 30.55
N SER F 317 3.55 20.47 31.84
CA SER F 317 2.53 21.04 32.70
C SER F 317 2.93 22.43 33.22
N LYS F 318 4.24 22.67 33.39
CA LYS F 318 4.69 23.93 33.96
C LYS F 318 4.57 25.09 32.98
N TRP F 319 5.12 24.94 31.77
CA TRP F 319 4.98 25.98 30.77
C TRP F 319 3.52 26.31 30.49
N LEU F 320 2.64 25.31 30.56
CA LEU F 320 1.24 25.60 30.30
C LEU F 320 0.52 26.14 31.53
N ILE F 321 1.05 25.89 32.74
CA ILE F 321 0.40 26.44 33.93
C ILE F 321 0.85 27.89 34.18
N ASN F 322 2.05 28.28 33.75
CA ASN F 322 2.54 29.62 34.00
C ASN F 322 2.59 30.51 32.77
N SER F 323 3.39 30.18 31.76
CA SER F 323 3.48 31.00 30.54
C SER F 323 2.12 31.27 29.93
N LYS F 324 1.41 30.21 29.51
CA LYS F 324 0.08 30.41 28.96
C LYS F 324 -0.94 30.73 30.03
N ASN F 325 -0.62 30.46 31.30
CA ASN F 325 -1.58 30.57 32.38
C ASN F 325 -2.86 29.81 32.06
N ASP F 326 -2.74 28.49 31.89
CA ASP F 326 -3.92 27.65 31.68
C ASP F 326 -3.83 26.50 32.68
N LEU F 327 -4.70 26.54 33.69
CA LEU F 327 -4.57 25.58 34.78
C LEU F 327 -5.25 24.25 34.46
N LEU F 328 -6.44 24.29 33.85
CA LEU F 328 -7.09 23.03 33.44
C LEU F 328 -6.24 22.25 32.46
N GLY F 329 -5.67 22.93 31.46
CA GLY F 329 -4.77 22.24 30.54
C GLY F 329 -3.63 21.56 31.26
N ALA F 330 -3.11 22.18 32.32
CA ALA F 330 -2.07 21.56 33.13
C ALA F 330 -2.59 20.33 33.85
N LYS F 331 -3.76 20.42 34.48
CA LYS F 331 -4.37 19.23 35.09
C LYS F 331 -4.48 18.11 34.08
N ASN F 332 -4.96 18.40 32.88
CA ASN F 332 -5.16 17.37 31.88
C ASN F 332 -3.83 16.79 31.42
N VAL F 333 -2.79 17.62 31.34
CA VAL F 333 -1.45 17.12 31.03
C VAL F 333 -0.99 16.14 32.09
N LEU F 334 -1.17 16.47 33.37
CA LEU F 334 -0.70 15.58 34.42
C LEU F 334 -1.53 14.30 34.46
N LEU F 335 -2.82 14.40 34.15
CA LEU F 335 -3.66 13.20 34.07
C LEU F 335 -3.21 12.27 32.96
N MET F 336 -2.94 12.81 31.76
CA MET F 336 -2.44 11.94 30.72
C MET F 336 -1.04 11.44 31.04
N GLY F 337 -0.29 12.20 31.84
CA GLY F 337 1.02 11.75 32.29
C GLY F 337 0.98 10.62 33.29
N LEU F 338 -0.10 10.50 34.06
CA LEU F 338 -0.24 9.36 34.97
C LEU F 338 -0.19 8.03 34.23
N LYS F 339 -0.62 7.99 32.97
CA LYS F 339 -0.70 6.71 32.27
C LYS F 339 0.68 6.25 31.79
N PHE F 340 1.41 7.14 31.13
CA PHE F 340 2.66 6.72 30.50
C PHE F 340 3.80 6.63 31.51
N SER F 341 3.90 7.60 32.41
CA SER F 341 5.04 7.66 33.31
C SER F 341 5.02 6.51 34.31
N LEU F 342 6.19 5.92 34.53
CA LEU F 342 6.36 4.82 35.47
C LEU F 342 6.51 5.29 36.91
N LYS F 343 7.17 6.41 37.15
CA LYS F 343 7.47 6.82 38.51
C LYS F 343 6.22 7.38 39.21
N LYS F 344 5.53 8.32 38.56
CA LYS F 344 4.20 8.77 38.95
C LYS F 344 4.14 9.58 40.24
N THR F 345 5.21 9.58 41.06
CA THR F 345 5.11 10.22 42.37
C THR F 345 5.14 11.74 42.25
N GLU F 346 6.10 12.28 41.50
CA GLU F 346 6.17 13.71 41.32
C GLU F 346 4.94 14.23 40.58
N ILE F 347 4.50 13.49 39.55
CA ILE F 347 3.33 13.90 38.79
C ILE F 347 2.09 13.92 39.68
N ILE F 348 1.98 12.97 40.61
CA ILE F 348 0.77 12.93 41.42
C ILE F 348 0.86 13.97 42.55
N LYS F 349 2.05 14.34 43.00
CA LYS F 349 2.16 15.44 43.95
C LYS F 349 1.80 16.77 43.29
N LEU F 350 2.49 17.11 42.19
CA LEU F 350 2.16 18.33 41.46
C LEU F 350 0.69 18.32 41.02
N LEU F 351 0.14 17.13 40.79
CA LEU F 351 -1.26 17.01 40.42
C LEU F 351 -2.18 17.31 41.58
N TYR F 352 -1.85 16.79 42.77
CA TYR F 352 -2.57 17.22 43.97
C TYR F 352 -2.59 18.73 44.09
N SER F 353 -1.43 19.37 43.88
CA SER F 353 -1.39 20.84 43.99
C SER F 353 -2.26 21.52 42.95
N VAL F 354 -2.14 21.10 41.68
CA VAL F 354 -2.95 21.70 40.62
C VAL F 354 -4.43 21.56 40.92
N ILE F 355 -4.85 20.41 41.45
CA ILE F 355 -6.26 20.23 41.75
C ILE F 355 -6.66 21.10 42.93
N CYS F 356 -5.78 21.26 43.92
CA CYS F 356 -6.07 22.17 45.02
C CYS F 356 -6.30 23.59 44.53
N LYS F 357 -5.40 24.12 43.71
CA LYS F 357 -5.56 25.50 43.26
C LYS F 357 -6.75 25.64 42.30
N LEU F 358 -7.05 24.61 41.52
CA LEU F 358 -8.17 24.67 40.60
C LEU F 358 -9.50 24.71 41.35
N ASN F 359 -9.48 24.45 42.66
CA ASN F 359 -10.65 24.41 43.52
C ASN F 359 -11.63 23.30 43.13
N GLU F 360 -11.11 22.12 42.78
CA GLU F 360 -11.95 20.92 42.70
C GLU F 360 -11.57 19.98 43.84
N TYR F 361 -12.42 19.97 44.86
CA TYR F 361 -12.13 19.16 46.04
C TYR F 361 -12.69 17.75 45.93
N VAL F 362 -13.84 17.59 45.27
CA VAL F 362 -14.40 16.26 45.10
C VAL F 362 -13.53 15.42 44.19
N LEU F 363 -12.87 16.04 43.21
CA LEU F 363 -11.99 15.28 42.33
C LEU F 363 -10.73 14.84 43.07
N LEU F 364 -10.14 15.74 43.86
CA LEU F 364 -8.94 15.36 44.63
C LEU F 364 -9.26 14.29 45.65
N ARG F 365 -10.32 14.49 46.45
CA ARG F 365 -10.68 13.49 47.45
C ARG F 365 -11.04 12.17 46.80
N ASN F 366 -11.74 12.22 45.66
CA ASN F 366 -11.97 11.00 44.89
C ASN F 366 -10.66 10.32 44.52
N LEU F 367 -9.68 11.09 44.05
CA LEU F 367 -8.43 10.50 43.59
C LEU F 367 -7.64 9.92 44.75
N LEU F 368 -7.76 10.53 45.94
CA LEU F 368 -7.19 9.92 47.14
C LEU F 368 -7.88 8.61 47.47
N GLU F 369 -9.21 8.54 47.30
CA GLU F 369 -9.90 7.27 47.45
C GLU F 369 -9.38 6.24 46.44
N LYS F 370 -9.07 6.68 45.23
CA LYS F 370 -8.57 5.77 44.20
C LYS F 370 -7.18 5.25 44.55
N ILE F 371 -6.28 6.10 45.03
CA ILE F 371 -4.94 5.66 45.37
C ILE F 371 -4.89 4.85 46.66
N GLU F 372 -5.82 5.09 47.60
CA GLU F 372 -5.87 4.22 48.77
C GLU F 372 -6.53 2.88 48.42
N SER F 373 -7.39 2.87 47.39
CA SER F 373 -7.98 1.62 46.95
C SER F 373 -6.98 0.78 46.15
N SER F 374 -5.93 1.41 45.64
CA SER F 374 -4.91 0.68 44.90
C SER F 374 -4.16 -0.28 45.82
N TYR F 375 -3.92 0.13 47.05
CA TYR F 375 -3.17 -0.64 48.03
C TYR F 375 -4.06 -1.48 48.93
N SER F 376 -5.36 -1.59 48.62
CA SER F 376 -6.32 -2.34 49.41
C SER F 376 -6.50 -1.72 50.79
N ASP F 377 -6.59 -0.39 50.79
CA ASP F 377 -6.82 0.42 52.00
C ASP F 377 -5.72 0.26 53.04
N ASN F 378 -4.53 -0.21 52.66
CA ASN F 378 -3.33 0.04 53.45
C ASN F 378 -2.37 0.89 52.62
N VAL F 379 -2.37 2.20 52.87
CA VAL F 379 -1.28 3.02 52.36
C VAL F 379 -0.13 3.01 53.36
N GLU F 380 -0.44 2.71 54.62
CA GLU F 380 0.55 2.84 55.70
C GLU F 380 1.60 1.76 55.59
N ASN F 381 1.29 0.68 54.90
CA ASN F 381 2.21 -0.44 54.76
C ASN F 381 3.06 -0.34 53.51
N VAL F 382 2.92 0.73 52.73
CA VAL F 382 3.64 0.85 51.47
C VAL F 382 5.14 0.94 51.73
N ASP F 383 5.92 0.39 50.80
CA ASP F 383 7.37 0.44 50.92
C ASP F 383 7.90 1.84 50.61
N ASP F 384 7.40 2.46 49.54
CA ASP F 384 7.85 3.79 49.12
C ASP F 384 7.12 4.84 49.95
N PHE F 385 7.89 5.69 50.63
CA PHE F 385 7.30 6.58 51.63
C PHE F 385 6.64 7.80 50.99
N GLU F 386 7.15 8.25 49.84
CA GLU F 386 6.65 9.50 49.27
C GLU F 386 5.17 9.41 48.92
N ILE F 387 4.69 8.21 48.56
CA ILE F 387 3.28 8.04 48.23
C ILE F 387 2.43 8.17 49.51
N PHE F 388 2.85 7.50 50.58
CA PHE F 388 2.10 7.58 51.83
C PHE F 388 2.11 8.98 52.40
N TRP F 389 3.22 9.70 52.22
CA TRP F 389 3.32 11.04 52.79
C TRP F 389 2.51 12.05 52.00
N ASP F 390 2.69 12.06 50.67
CA ASP F 390 1.91 12.95 49.83
C ASP F 390 0.42 12.65 49.95
N TYR F 391 0.06 11.37 50.07
CA TYR F 391 -1.32 11.00 50.34
C TYR F 391 -1.79 11.51 51.69
N LEU F 392 -0.95 11.37 52.73
CA LEU F 392 -1.41 11.63 54.08
C LEU F 392 -1.60 13.12 54.34
N GLN F 393 -0.75 13.96 53.75
CA GLN F 393 -0.88 15.39 54.03
C GLN F 393 -2.05 16.02 53.26
N PHE F 394 -2.26 15.63 52.01
CA PHE F 394 -3.46 16.10 51.31
C PHE F 394 -4.73 15.49 51.86
N LYS F 395 -4.68 14.25 52.37
CA LYS F 395 -5.83 13.69 53.06
C LYS F 395 -6.14 14.51 54.31
N THR F 396 -5.10 14.88 55.05
CA THR F 396 -5.24 15.77 56.20
C THR F 396 -5.93 17.07 55.82
N PHE F 397 -5.42 17.74 54.77
CA PHE F 397 -6.01 18.98 54.32
C PHE F 397 -7.50 18.84 54.00
N CYS F 398 -7.94 17.64 53.62
CA CYS F 398 -9.37 17.43 53.37
C CYS F 398 -10.14 17.23 54.67
N GLN F 399 -9.68 16.34 55.56
CA GLN F 399 -10.46 16.09 56.76
C GLN F 399 -10.43 17.25 57.74
N ASN F 400 -9.51 18.20 57.58
CA ASN F 400 -9.63 19.45 58.31
C ASN F 400 -10.88 20.21 57.91
N SER F 401 -11.18 20.22 56.61
CA SER F 401 -12.35 20.93 56.13
C SER F 401 -13.64 20.17 56.42
N LEU F 402 -13.60 18.84 56.33
CA LEU F 402 -14.80 18.05 56.56
C LEU F 402 -15.29 18.18 58.01
N TYR F 403 -14.46 17.83 58.97
CA TYR F 403 -14.84 17.78 60.37
C TYR F 403 -14.41 19.05 61.09
N SER F 404 -15.34 19.65 61.83
CA SER F 404 -15.02 20.83 62.62
C SER F 404 -13.99 20.49 63.69
N SER F 405 -13.21 21.50 64.07
CA SER F 405 -12.12 21.29 65.01
C SER F 405 -12.64 20.91 66.38
N ARG F 406 -12.03 19.89 66.98
CA ARG F 406 -12.41 19.36 68.28
C ARG F 406 -11.73 20.07 69.44
N TYR F 407 -10.67 20.84 69.19
CA TYR F 407 -9.77 21.29 70.23
C TYR F 407 -9.94 22.78 70.49
N SER F 408 -9.61 23.20 71.72
CA SER F 408 -9.65 24.60 72.09
C SER F 408 -8.55 25.39 71.37
N ASP F 409 -8.68 26.71 71.39
CA ASP F 409 -7.82 27.68 70.70
C ASP F 409 -8.16 27.69 69.22
N SER F 410 -9.12 26.85 68.80
CA SER F 410 -9.66 26.76 67.45
C SER F 410 -8.74 25.97 66.52
N GLN F 411 -7.60 25.50 67.01
CA GLN F 411 -6.69 24.71 66.19
C GLN F 411 -7.44 23.54 65.55
N SER F 412 -7.37 23.45 64.23
CA SER F 412 -7.89 22.28 63.55
C SER F 412 -7.08 21.06 63.98
N ASN F 413 -7.71 19.90 64.00
CA ASN F 413 -6.94 18.68 64.22
C ASN F 413 -6.55 18.14 62.86
N GLY F 414 -5.30 18.43 62.48
CA GLY F 414 -4.80 17.95 61.22
C GLY F 414 -4.40 16.50 61.20
N LEU F 415 -3.38 16.17 62.00
CA LEU F 415 -2.84 14.83 61.99
C LEU F 415 -3.31 14.01 63.18
N LEU F 416 -4.09 14.60 64.09
CA LEU F 416 -4.65 13.85 65.21
C LEU F 416 -6.12 13.65 64.91
N ASN F 417 -6.47 12.45 64.46
CA ASN F 417 -7.87 12.10 64.24
C ASN F 417 -7.98 10.59 64.28
N LYS F 418 -9.12 10.07 64.74
CA LYS F 418 -9.29 8.63 64.84
C LYS F 418 -9.00 7.93 63.51
N GLU F 419 -9.33 8.57 62.39
CA GLU F 419 -9.06 7.96 61.09
C GLU F 419 -7.57 8.01 60.75
N LEU F 420 -6.98 9.19 60.80
CA LEU F 420 -5.59 9.38 60.39
C LEU F 420 -4.58 9.01 61.47
N PHE F 421 -4.91 9.21 62.75
CA PHE F 421 -3.93 8.90 63.78
C PHE F 421 -3.73 7.40 63.91
N ASP F 422 -4.77 6.61 63.64
CA ASP F 422 -4.60 5.17 63.58
C ASP F 422 -3.74 4.77 62.39
N LYS F 423 -3.85 5.51 61.28
CA LYS F 423 -2.97 5.29 60.15
C LYS F 423 -1.51 5.56 60.53
N VAL F 424 -1.27 6.71 61.17
CA VAL F 424 0.08 7.09 61.59
C VAL F 424 0.64 6.07 62.57
N TRP F 425 -0.16 5.65 63.55
CA TRP F 425 0.33 4.73 64.56
C TRP F 425 0.60 3.35 63.96
N LYS F 426 -0.22 2.94 62.99
CA LYS F 426 0.07 1.69 62.27
C LYS F 426 1.35 1.81 61.46
N ARG F 427 1.62 3.00 60.92
CA ARG F 427 2.88 3.24 60.23
C ARG F 427 4.06 3.15 61.20
N LEU F 428 3.87 3.62 62.43
CA LEU F 428 4.98 3.64 63.38
C LEU F 428 5.23 2.30 64.04
N SER F 429 4.21 1.44 64.11
CA SER F 429 4.38 0.18 64.83
C SER F 429 5.34 -0.77 64.11
N CYS F 430 5.68 -0.48 62.85
CA CYS F 430 6.52 -1.40 62.09
C CYS F 430 8.00 -1.19 62.38
N LYS F 431 8.38 -0.02 62.90
CA LYS F 431 9.74 0.25 63.40
C LYS F 431 10.74 0.12 62.26
N GLU F 432 11.74 -0.77 62.35
CA GLU F 432 12.89 -0.73 61.45
C GLU F 432 12.50 -1.07 60.02
N LYS F 433 11.40 -1.78 59.84
CA LYS F 433 11.11 -2.37 58.54
C LYS F 433 10.62 -1.33 57.53
N LYS F 434 9.93 -0.30 58.00
CA LYS F 434 9.38 0.72 57.13
C LYS F 434 10.20 2.00 57.24
N SER F 435 10.31 2.73 56.14
CA SER F 435 11.37 3.72 56.00
C SER F 435 11.06 5.04 56.72
N GLY F 436 9.82 5.52 56.60
CA GLY F 436 9.58 6.94 56.85
C GLY F 436 9.94 7.37 58.26
N GLN F 437 9.30 6.77 59.26
CA GLN F 437 9.71 6.92 60.65
C GLN F 437 9.75 8.37 61.12
N GLU F 438 10.95 8.87 61.42
CA GLU F 438 11.12 10.17 62.06
C GLU F 438 10.42 11.30 61.31
N ILE F 439 10.39 11.25 59.98
CA ILE F 439 9.73 12.30 59.21
C ILE F 439 8.26 12.40 59.59
N LEU F 440 7.60 11.25 59.73
CA LEU F 440 6.23 11.23 60.21
C LEU F 440 6.14 11.70 61.65
N LEU F 441 7.20 11.46 62.43
CA LEU F 441 7.17 11.82 63.84
C LEU F 441 7.39 13.32 64.05
N ASN F 442 8.28 13.93 63.25
CA ASN F 442 8.58 15.34 63.41
C ASN F 442 7.32 16.19 63.29
N ASN F 443 6.42 15.83 62.39
CA ASN F 443 5.20 16.58 62.17
C ASN F 443 4.16 16.34 63.25
N LEU F 444 4.39 15.39 64.17
CA LEU F 444 3.51 15.24 65.31
C LEU F 444 3.86 16.21 66.43
N VAL F 445 4.91 17.00 66.26
CA VAL F 445 5.35 17.94 67.28
C VAL F 445 4.84 19.36 66.99
N GLN F 446 4.05 19.53 65.92
CA GLN F 446 3.80 20.85 65.34
C GLN F 446 2.60 21.57 65.96
N PHE F 447 2.00 21.01 67.00
CA PHE F 447 0.69 21.46 67.45
C PHE F 447 0.72 22.69 68.36
N TYR F 448 1.67 22.77 69.29
CA TYR F 448 1.98 24.02 70.00
C TYR F 448 0.81 24.54 70.84
N SER F 449 0.20 23.69 71.66
CA SER F 449 -0.88 24.14 72.52
C SER F 449 -0.95 23.26 73.76
N LYS F 450 -1.97 23.49 74.57
CA LYS F 450 -2.16 22.68 75.79
C LYS F 450 -2.79 21.33 75.45
N ASP F 451 -4.01 21.35 74.93
CA ASP F 451 -4.76 20.14 74.64
C ASP F 451 -3.95 19.17 73.79
N THR F 452 -3.28 19.69 72.76
CA THR F 452 -2.61 18.84 71.79
C THR F 452 -1.23 18.36 72.26
N VAL F 453 -0.54 19.13 73.10
CA VAL F 453 0.69 18.62 73.70
C VAL F 453 0.38 17.56 74.75
N GLU F 454 -0.76 17.69 75.44
CA GLU F 454 -1.22 16.60 76.28
C GLU F 454 -1.59 15.38 75.46
N PHE F 455 -2.32 15.57 74.36
CA PHE F 455 -2.75 14.45 73.53
C PHE F 455 -1.54 13.71 72.95
N VAL F 456 -0.67 14.43 72.25
CA VAL F 456 0.48 13.80 71.63
C VAL F 456 1.47 13.31 72.69
N GLU F 457 1.49 13.95 73.86
CA GLU F 457 2.32 13.43 74.94
C GLU F 457 1.86 12.04 75.35
N LYS F 458 0.57 11.88 75.65
CA LYS F 458 0.10 10.63 76.22
C LYS F 458 -0.04 9.52 75.17
N ASN F 459 -0.58 9.86 73.99
CA ASN F 459 -1.04 8.84 73.07
C ASN F 459 0.04 8.28 72.16
N ILE F 460 1.20 8.91 72.08
CA ILE F 460 2.32 8.32 71.34
C ILE F 460 3.57 8.29 72.22
N PHE F 461 4.12 9.46 72.54
CA PHE F 461 5.37 9.50 73.28
C PHE F 461 5.32 8.75 74.61
N GLN F 462 4.17 8.69 75.27
CA GLN F 462 4.07 7.86 76.46
C GLN F 462 3.92 6.38 76.14
N LYS F 463 3.01 6.02 75.24
CA LYS F 463 2.78 4.62 74.92
C LYS F 463 4.01 3.98 74.31
N ILE F 464 4.78 4.75 73.54
CA ILE F 464 5.99 4.22 72.93
C ILE F 464 7.07 3.94 73.98
N ILE F 465 7.00 4.60 75.14
CA ILE F 465 7.90 4.27 76.24
C ILE F 465 7.43 3.02 76.95
N GLU F 466 6.11 2.89 77.13
CA GLU F 466 5.56 1.76 77.87
C GLU F 466 5.77 0.46 77.12
N PHE F 467 5.41 0.43 75.83
CA PHE F 467 5.73 -0.73 75.01
C PHE F 467 7.24 -0.90 74.86
N GLY F 468 7.99 0.19 75.03
CA GLY F 468 9.44 0.13 75.13
C GLY F 468 10.12 -0.47 73.92
N TRP F 469 9.92 0.09 72.74
CA TRP F 469 10.62 -0.43 71.57
C TRP F 469 12.03 0.13 71.53
N GLU F 470 12.96 -0.70 71.05
CA GLU F 470 14.38 -0.37 71.13
C GLU F 470 14.80 0.60 70.02
N TYR F 471 14.20 0.48 68.83
CA TYR F 471 14.55 1.35 67.72
C TYR F 471 14.26 2.81 68.04
N TYR F 472 13.09 3.08 68.62
CA TYR F 472 12.71 4.45 68.92
C TYR F 472 13.44 5.00 70.14
N LEU F 473 13.86 4.14 71.07
CA LEU F 473 14.58 4.63 72.24
C LEU F 473 16.06 4.87 71.95
N GLN F 474 16.68 4.05 71.10
CA GLN F 474 18.07 4.30 70.73
C GLN F 474 18.18 5.57 69.88
N ASN F 475 17.08 6.03 69.32
CA ASN F 475 17.13 7.13 68.36
C ASN F 475 17.19 8.46 69.08
N GLY F 476 18.01 9.37 68.55
CA GLY F 476 18.11 10.70 69.16
C GLY F 476 17.05 11.65 68.64
N MET F 477 16.54 11.41 67.43
CA MET F 477 15.48 12.25 66.90
C MET F 477 14.21 12.12 67.73
N PHE F 478 13.93 10.92 68.23
CA PHE F 478 12.77 10.72 69.10
C PHE F 478 12.84 11.59 70.35
N TRP F 479 13.96 11.50 71.08
CA TRP F 479 14.08 12.25 72.32
C TRP F 479 14.18 13.76 72.06
N ASN F 480 14.85 14.14 70.97
CA ASN F 480 14.94 15.55 70.61
C ASN F 480 13.54 16.11 70.33
N CYS F 481 12.72 15.38 69.58
CA CYS F 481 11.38 15.85 69.29
C CYS F 481 10.48 15.82 70.52
N TYR F 482 10.70 14.85 71.41
CA TYR F 482 9.90 14.79 72.63
C TYR F 482 10.31 15.87 73.62
N CYS F 483 11.52 16.42 73.46
CA CYS F 483 11.87 17.63 74.18
C CYS F 483 11.27 18.87 73.53
N ARG F 484 11.37 18.97 72.20
CA ARG F 484 10.83 20.14 71.49
C ARG F 484 9.31 20.22 71.56
N LEU F 485 8.64 19.11 71.86
CA LEU F 485 7.19 19.15 71.99
C LEU F 485 6.77 19.82 73.29
N ILE F 486 7.49 19.54 74.37
CA ILE F 486 7.21 20.19 75.64
C ILE F 486 7.75 21.61 75.64
N TYR F 487 8.84 21.86 74.90
CA TYR F 487 9.56 23.11 75.05
C TYR F 487 8.89 24.25 74.32
N PHE F 488 8.18 23.96 73.23
CA PHE F 488 7.50 25.02 72.49
C PHE F 488 6.05 25.21 72.89
N ASP F 489 5.57 24.50 73.91
CA ASP F 489 4.21 24.68 74.38
C ASP F 489 4.03 26.11 74.88
N THR F 490 2.90 26.72 74.50
CA THR F 490 2.61 28.08 74.95
C THR F 490 1.92 28.10 76.31
N SER F 491 1.44 26.96 76.79
CA SER F 491 0.76 26.92 78.08
C SER F 491 1.74 26.92 79.23
N ARG F 492 2.88 26.24 79.07
CA ARG F 492 3.83 26.09 80.16
C ARG F 492 4.68 27.34 80.33
N SER F 493 5.06 27.63 81.58
CA SER F 493 6.05 28.65 81.85
C SER F 493 7.44 28.10 81.54
N TYR F 494 8.47 28.86 81.88
CA TYR F 494 9.84 28.39 81.65
C TYR F 494 10.26 27.39 82.72
N LEU F 495 9.82 27.61 83.97
CA LEU F 495 10.29 26.80 85.08
C LEU F 495 9.77 25.37 84.99
N ASP F 496 8.46 25.20 84.78
CA ASP F 496 7.90 23.86 84.66
C ASP F 496 8.29 23.22 83.33
N LYS F 497 8.68 24.04 82.35
CA LYS F 497 9.12 23.51 81.07
C LYS F 497 10.50 22.86 81.19
N ARG F 498 11.47 23.63 81.69
CA ARG F 498 12.82 23.09 81.86
C ARG F 498 12.87 22.03 82.95
N GLN F 499 12.14 22.26 84.04
CA GLN F 499 12.06 21.27 85.10
C GLN F 499 11.37 19.99 84.64
N TYR F 500 10.37 20.13 83.76
CA TYR F 500 9.72 18.93 83.24
C TYR F 500 10.64 18.17 82.30
N ILE F 501 11.41 18.89 81.48
CA ILE F 501 12.32 18.21 80.55
C ILE F 501 13.43 17.50 81.30
N VAL F 502 13.96 18.14 82.35
CA VAL F 502 15.11 17.57 83.05
C VAL F 502 14.68 16.48 84.02
N ARG F 503 13.62 16.73 84.79
CA ARG F 503 13.29 15.83 85.89
C ARG F 503 12.63 14.55 85.41
N LYS F 504 12.00 14.58 84.24
CA LYS F 504 11.23 13.45 83.73
C LYS F 504 11.73 12.94 82.39
N ILE F 505 11.72 13.78 81.35
CA ILE F 505 12.08 13.33 80.01
C ILE F 505 13.48 12.70 80.01
N TRP F 506 14.47 13.39 80.56
CA TRP F 506 15.85 12.90 80.47
C TRP F 506 16.10 11.61 81.23
N PRO F 507 15.74 11.46 82.51
CA PRO F 507 16.08 10.21 83.22
C PRO F 507 15.45 8.97 82.62
N GLN F 508 14.43 9.10 81.77
CA GLN F 508 13.83 7.94 81.12
C GLN F 508 14.75 7.33 80.06
N ILE F 509 15.88 7.96 79.78
CA ILE F 509 16.82 7.42 78.81
C ILE F 509 17.72 6.40 79.51
N ASP F 510 17.96 5.28 78.84
CA ASP F 510 18.84 4.27 79.39
C ASP F 510 20.30 4.63 79.07
N LYS F 511 21.18 4.37 80.04
CA LYS F 511 22.56 4.81 79.91
C LYS F 511 23.30 4.06 78.80
N LYS F 512 22.81 2.88 78.39
CA LYS F 512 23.45 2.18 77.29
C LYS F 512 23.08 2.78 75.94
N PHE F 513 21.91 3.41 75.86
CA PHE F 513 21.52 4.13 74.64
C PHE F 513 22.26 5.45 74.49
N ALA F 514 22.88 5.93 75.58
CA ALA F 514 23.37 7.30 75.63
C ALA F 514 24.28 7.64 74.46
N GLN F 515 25.19 6.73 74.11
CA GLN F 515 26.16 7.01 73.06
C GLN F 515 25.46 7.42 71.77
N SER F 516 24.34 6.78 71.44
CA SER F 516 23.59 7.18 70.25
C SER F 516 22.69 8.37 70.53
N VAL F 517 22.16 8.48 71.75
CA VAL F 517 21.17 9.50 72.05
C VAL F 517 21.83 10.85 72.32
N LEU F 518 23.05 10.83 72.85
CA LEU F 518 23.69 12.08 73.25
C LEU F 518 23.92 13.07 72.10
N PRO F 519 24.43 12.69 70.93
CA PRO F 519 24.72 13.71 69.90
C PRO F 519 23.50 14.51 69.48
N SER F 520 22.37 13.86 69.25
CA SER F 520 21.18 14.57 68.81
C SER F 520 20.53 15.33 69.97
N LEU F 521 20.53 14.76 71.16
CA LEU F 521 19.92 15.41 72.30
C LEU F 521 20.81 16.49 72.91
N THR F 522 22.10 16.47 72.60
CA THR F 522 22.96 17.60 72.97
C THR F 522 22.63 18.83 72.14
N GLU F 523 22.36 18.63 70.84
CA GLU F 523 22.08 19.76 69.96
C GLU F 523 20.86 20.54 70.43
N PHE F 524 19.88 19.85 71.02
CA PHE F 524 18.76 20.57 71.62
C PHE F 524 19.19 21.30 72.88
N CYS F 525 19.99 20.65 73.73
CA CYS F 525 20.36 21.28 74.99
C CYS F 525 21.42 22.36 74.78
N GLU F 526 22.30 22.17 73.80
CA GLU F 526 23.35 23.17 73.57
C GLU F 526 22.74 24.52 73.19
N SER F 527 21.80 24.54 72.26
CA SER F 527 21.17 25.78 71.83
C SER F 527 20.22 26.36 72.87
N TYR F 528 19.23 25.58 73.31
CA TYR F 528 18.17 26.10 74.17
C TYR F 528 18.54 26.18 75.64
N PHE F 529 19.22 25.17 76.19
CA PHE F 529 19.52 25.09 77.63
C PHE F 529 21.02 25.03 77.87
N PRO F 530 21.73 26.15 77.75
CA PRO F 530 23.16 26.14 78.06
C PRO F 530 23.41 25.98 79.54
N GLU F 531 22.45 26.43 80.36
CA GLU F 531 22.62 26.42 81.81
C GLU F 531 22.70 25.00 82.36
N GLU F 532 21.81 24.13 81.90
CA GLU F 532 21.62 22.78 82.43
C GLU F 532 22.43 21.76 81.63
N MET F 533 23.25 22.25 80.71
CA MET F 533 24.13 21.40 79.91
C MET F 533 24.97 20.45 80.75
N ASP F 534 25.33 20.85 81.97
CA ASP F 534 26.21 20.02 82.80
C ASP F 534 25.46 18.79 83.32
N THR F 535 24.27 18.99 83.88
CA THR F 535 23.52 17.85 84.40
C THR F 535 23.14 16.89 83.29
N LEU F 536 23.19 17.34 82.03
CA LEU F 536 23.09 16.40 80.91
C LEU F 536 24.34 15.55 80.81
N GLU F 537 25.52 16.17 80.90
CA GLU F 537 26.76 15.43 80.75
C GLU F 537 26.99 14.46 81.91
N GLU F 538 26.51 14.81 83.11
CA GLU F 538 26.77 13.95 84.26
C GLU F 538 25.93 12.67 84.19
N MET F 539 24.82 12.71 83.45
CA MET F 539 23.98 11.52 83.36
C MET F 539 24.61 10.45 82.50
N PHE F 540 25.27 10.85 81.41
CA PHE F 540 25.79 9.90 80.45
C PHE F 540 27.31 9.80 80.53
N ALA G 18 55.52 38.27 53.23
CA ALA G 18 55.15 36.90 52.89
C ALA G 18 56.18 36.27 51.95
N LEU G 19 57.19 37.05 51.57
CA LEU G 19 58.24 36.55 50.70
C LEU G 19 59.47 36.20 51.54
N ARG G 20 59.85 34.92 51.53
CA ARG G 20 60.98 34.48 52.34
C ARG G 20 62.31 34.91 51.73
N GLY G 21 62.45 34.75 50.41
CA GLY G 21 63.70 35.12 49.76
C GLY G 21 64.00 36.60 49.86
N LEU G 22 62.95 37.43 49.88
CA LEU G 22 63.16 38.86 50.04
C LEU G 22 63.69 39.19 51.42
N ASP G 23 63.12 38.57 52.46
CA ASP G 23 63.58 38.83 53.82
C ASP G 23 64.98 38.27 54.04
N THR G 24 65.31 37.17 53.38
CA THR G 24 66.65 36.61 53.49
C THR G 24 67.66 37.50 52.79
N GLN G 25 67.31 38.02 51.61
CA GLN G 25 68.20 38.93 50.91
C GLN G 25 68.36 40.24 51.67
N PHE G 26 67.31 40.66 52.37
CA PHE G 26 67.39 41.89 53.16
C PHE G 26 68.25 41.68 54.39
N LEU G 27 68.17 40.49 55.00
CA LEU G 27 69.00 40.20 56.16
C LEU G 27 70.47 40.10 55.76
N GLN G 28 70.75 39.41 54.66
CA GLN G 28 72.13 39.30 54.20
C GLN G 28 72.70 40.65 53.78
N ASP G 29 71.89 41.48 53.11
CA ASP G 29 72.34 42.80 52.69
C ASP G 29 72.56 43.74 53.87
N ASN G 30 71.69 43.67 54.88
CA ASN G 30 71.84 44.52 56.05
C ASN G 30 73.03 44.10 56.89
N THR G 31 73.19 42.79 57.09
CA THR G 31 74.32 42.29 57.87
C THR G 31 75.64 42.58 57.14
N ALA G 32 75.65 42.40 55.81
CA ALA G 32 76.82 42.77 55.03
C ALA G 32 77.02 44.28 54.99
N LEU G 33 75.98 45.06 55.31
CA LEU G 33 76.16 46.49 55.48
C LEU G 33 76.80 46.83 56.82
N VAL G 34 76.43 46.09 57.87
CA VAL G 34 77.02 46.34 59.19
C VAL G 34 78.47 45.87 59.22
N GLN G 35 78.76 44.76 58.55
CA GLN G 35 80.14 44.27 58.49
C GLN G 35 80.97 45.05 57.49
N ALA G 36 80.47 45.23 56.27
CA ALA G 36 81.17 45.99 55.25
C ALA G 36 81.40 47.44 55.65
N TYR G 37 80.50 48.02 56.44
CA TYR G 37 80.71 49.37 56.98
C TYR G 37 81.81 49.40 58.03
N ARG G 38 82.20 48.24 58.57
CA ARG G 38 83.31 48.10 59.50
C ARG G 38 83.07 48.74 60.86
N GLY G 39 82.01 49.54 60.98
CA GLY G 39 81.65 50.14 62.25
C GLY G 39 80.41 49.52 62.86
N LEU G 40 80.08 49.99 64.07
CA LEU G 40 78.84 49.60 64.71
C LEU G 40 77.64 50.10 63.91
N ASP G 41 77.70 51.35 63.47
CA ASP G 41 76.67 51.93 62.60
C ASP G 41 75.29 51.75 63.18
N TRP G 42 74.98 52.50 64.26
CA TRP G 42 73.76 52.27 65.03
C TRP G 42 72.51 52.28 64.17
N SER G 43 72.53 52.99 63.04
CA SER G 43 71.40 52.93 62.11
C SER G 43 71.33 51.55 61.46
N ASP G 44 72.48 51.01 61.08
CA ASP G 44 72.51 49.69 60.46
C ASP G 44 72.32 48.59 61.49
N ILE G 45 72.74 48.83 62.73
CA ILE G 45 72.56 47.85 63.79
C ILE G 45 71.09 47.77 64.19
N SER G 46 70.49 48.94 64.44
CA SER G 46 69.07 48.97 64.75
C SER G 46 68.23 48.47 63.57
N SER G 47 68.68 48.74 62.34
CA SER G 47 67.97 48.23 61.18
C SER G 47 68.06 46.71 61.09
N LEU G 48 69.23 46.15 61.42
CA LEU G 48 69.39 44.70 61.39
C LEU G 48 68.55 44.04 62.47
N THR G 49 68.51 44.64 63.66
CA THR G 49 67.71 44.09 64.74
C THR G 49 66.22 44.17 64.41
N GLN G 50 65.78 45.29 63.83
CA GLN G 50 64.37 45.44 63.47
C GLN G 50 63.98 44.46 62.38
N MET G 51 64.83 44.31 61.37
CA MET G 51 64.55 43.34 60.30
C MET G 51 64.50 41.93 60.85
N VAL G 52 65.39 41.60 61.79
CA VAL G 52 65.40 40.27 62.37
C VAL G 52 64.13 40.03 63.18
N ASP G 53 63.68 41.04 63.92
CA ASP G 53 62.47 40.89 64.73
C ASP G 53 61.23 40.75 63.87
N VAL G 54 61.19 41.49 62.76
CA VAL G 54 60.04 41.42 61.86
C VAL G 54 60.01 40.08 61.15
N ILE G 55 61.18 39.60 60.74
CA ILE G 55 61.26 38.30 60.08
C ILE G 55 60.91 37.18 61.04
N GLU G 56 61.27 37.35 62.32
CA GLU G 56 60.95 36.34 63.32
C GLU G 56 59.46 36.35 63.64
N GLN G 57 58.85 37.53 63.63
CA GLN G 57 57.40 37.61 63.79
C GLN G 57 56.67 37.04 62.60
N THR G 58 57.26 37.14 61.40
CA THR G 58 56.59 36.64 60.20
C THR G 58 56.76 35.13 60.01
N VAL G 59 57.87 34.57 60.46
CA VAL G 59 58.27 33.22 60.06
C VAL G 59 58.66 32.40 61.28
N VAL G 60 58.86 31.09 61.07
CA VAL G 60 59.11 30.17 62.17
C VAL G 60 60.58 30.03 62.50
N LYS G 61 61.46 30.75 61.79
CA LYS G 61 62.86 30.89 62.19
C LYS G 61 63.58 29.56 62.34
N TYR G 62 63.88 28.89 61.22
CA TYR G 62 64.61 27.64 61.27
C TYR G 62 66.01 27.87 61.86
N GLY G 63 66.59 26.79 62.39
CA GLY G 63 67.77 26.90 63.24
C GLY G 63 68.90 27.74 62.67
N ASN G 64 69.11 27.68 61.35
CA ASN G 64 70.22 28.43 60.77
C ASN G 64 70.07 29.94 60.95
N PRO G 65 68.96 30.57 60.54
CA PRO G 65 68.87 32.03 60.69
C PRO G 65 68.84 32.48 62.15
N ASN G 66 68.39 31.62 63.06
CA ASN G 66 68.46 31.94 64.48
C ASN G 66 69.89 31.87 64.97
N ASP G 67 70.70 30.98 64.38
CA ASP G 67 72.11 30.92 64.70
C ASP G 67 72.83 32.16 64.19
N SER G 68 72.50 32.60 62.98
CA SER G 68 73.12 33.82 62.45
C SER G 68 72.71 35.04 63.25
N ILE G 69 71.44 35.11 63.65
CA ILE G 69 70.96 36.26 64.43
C ILE G 69 71.60 36.25 65.81
N LYS G 70 71.73 35.06 66.41
CA LYS G 70 72.38 34.96 67.71
C LYS G 70 73.85 35.36 67.63
N LEU G 71 74.51 34.99 66.54
CA LEU G 71 75.91 35.37 66.35
C LEU G 71 76.03 36.88 66.17
N ALA G 72 75.08 37.48 65.45
CA ALA G 72 75.14 38.92 65.23
C ALA G 72 74.89 39.68 66.53
N LEU G 73 73.94 39.22 67.33
CA LEU G 73 73.67 39.87 68.61
C LEU G 73 74.82 39.65 69.59
N GLU G 74 75.49 38.50 69.49
CA GLU G 74 76.63 38.24 70.36
C GLU G 74 77.82 39.10 69.98
N THR G 75 77.97 39.38 68.68
CA THR G 75 79.05 40.27 68.24
C THR G 75 78.84 41.69 68.76
N ILE G 76 77.59 42.11 68.89
CA ILE G 76 77.27 43.42 69.43
C ILE G 76 77.45 43.48 70.95
N LEU G 77 77.49 42.31 71.60
CA LEU G 77 77.68 42.19 73.04
C LEU G 77 76.58 42.88 73.84
N TRP G 78 75.36 42.34 73.79
CA TRP G 78 74.26 42.75 74.67
C TRP G 78 73.78 41.49 75.43
N GLN G 79 74.02 41.46 76.74
CA GLN G 79 73.78 40.26 77.54
C GLN G 79 72.30 39.94 77.69
N ILE G 80 71.52 40.91 78.18
CA ILE G 80 70.11 40.66 78.45
C ILE G 80 69.35 40.43 77.15
N LEU G 81 69.65 41.22 76.12
CA LEU G 81 69.04 41.00 74.81
C LEU G 81 69.40 39.64 74.26
N ARG G 82 70.61 39.14 74.59
CA ARG G 82 70.98 37.79 74.18
C ARG G 82 70.23 36.75 75.00
N LYS G 83 69.85 37.10 76.23
CA LYS G 83 69.08 36.17 77.05
C LYS G 83 67.65 36.06 76.54
N TYR G 84 67.07 37.19 76.11
CA TYR G 84 65.74 37.16 75.52
C TYR G 84 65.73 36.45 74.17
N PRO G 85 66.70 36.67 73.28
CA PRO G 85 66.64 35.98 71.98
C PRO G 85 66.90 34.48 72.08
N LEU G 86 67.49 34.02 73.18
CA LEU G 86 67.58 32.59 73.42
C LEU G 86 66.21 32.01 73.77
N LEU G 87 65.42 32.76 74.54
CA LEU G 87 64.09 32.30 74.90
C LEU G 87 63.12 32.42 73.73
N PHE G 88 63.36 33.39 72.85
CA PHE G 88 62.55 33.54 71.66
C PHE G 88 62.97 32.56 70.58
N GLY G 89 64.23 32.11 70.62
CA GLY G 89 64.65 31.04 69.74
C GLY G 89 64.13 29.70 70.21
N PHE G 90 64.13 29.48 71.53
CA PHE G 90 63.52 28.28 72.08
C PHE G 90 62.00 28.37 72.02
N TRP G 91 61.46 29.57 71.75
CA TRP G 91 60.04 29.71 71.51
C TRP G 91 59.57 28.90 70.32
N LYS G 92 60.10 29.13 69.13
CA LYS G 92 59.80 28.25 67.99
C LYS G 92 60.98 27.32 67.81
N ARG G 93 60.83 26.13 68.40
CA ARG G 93 61.47 24.87 68.09
C ARG G 93 61.15 23.97 69.26
N PHE G 94 61.20 22.66 69.08
CA PHE G 94 61.14 21.74 70.21
C PHE G 94 62.48 21.08 70.33
N ALA G 95 62.98 20.51 69.22
CA ALA G 95 64.04 19.50 69.19
C ALA G 95 65.46 20.07 69.01
N THR G 96 65.66 21.39 68.97
CA THR G 96 67.00 21.94 68.66
C THR G 96 67.89 21.88 69.90
N ILE G 97 69.00 21.15 69.74
CA ILE G 97 70.02 21.10 70.78
C ILE G 97 71.13 22.12 70.53
N GLU G 98 71.13 22.74 69.36
CA GLU G 98 72.16 23.73 69.05
C GLU G 98 71.84 25.06 69.71
N TYR G 99 70.55 25.36 69.87
CA TYR G 99 70.16 26.56 70.59
C TYR G 99 70.31 26.38 72.09
N GLN G 100 69.92 25.21 72.61
CA GLN G 100 70.10 24.93 74.03
C GLN G 100 71.58 24.90 74.38
N LEU G 101 72.38 24.17 73.59
CA LEU G 101 73.82 24.15 73.81
C LEU G 101 74.43 25.51 73.55
N PHE G 102 73.78 26.32 72.72
CA PHE G 102 74.23 27.68 72.49
C PHE G 102 73.98 28.55 73.71
N GLY G 103 72.93 28.24 74.48
CA GLY G 103 72.67 28.97 75.70
C GLY G 103 73.51 28.49 76.87
N LEU G 104 73.77 27.18 76.95
CA LEU G 104 74.64 26.62 77.98
C LEU G 104 76.11 27.02 77.77
N LYS G 105 76.54 27.08 76.50
CA LYS G 105 77.79 27.76 76.17
C LYS G 105 77.70 29.24 76.53
N LYS G 106 76.60 29.89 76.14
CA LYS G 106 76.21 31.11 76.84
C LYS G 106 75.68 30.68 78.19
N SER G 107 75.33 31.59 79.08
CA SER G 107 74.83 31.20 80.40
C SER G 107 75.82 30.35 81.18
N ILE G 108 76.85 29.80 80.50
CA ILE G 108 78.00 29.25 81.21
C ILE G 108 78.91 30.38 81.70
N ALA G 109 78.88 31.53 81.04
CA ALA G 109 79.56 32.74 81.51
C ALA G 109 78.51 33.71 82.02
N VAL G 110 78.49 33.93 83.34
CA VAL G 110 77.32 34.49 84.01
C VAL G 110 77.78 35.28 85.23
N LEU G 111 76.84 35.59 86.10
CA LEU G 111 76.97 36.53 87.21
C LEU G 111 76.46 35.87 88.48
N ALA G 112 76.23 36.68 89.51
CA ALA G 112 75.89 36.19 90.86
C ALA G 112 74.84 35.08 90.86
N THR G 113 73.94 35.08 89.89
CA THR G 113 72.90 34.05 89.80
C THR G 113 73.35 32.82 89.01
N SER G 114 74.61 32.77 88.57
CA SER G 114 75.11 31.74 87.66
C SER G 114 74.74 30.32 88.06
N VAL G 115 75.24 29.89 89.23
CA VAL G 115 75.17 28.47 89.62
C VAL G 115 73.75 27.93 89.44
N LYS G 116 72.76 28.65 89.95
CA LYS G 116 71.37 28.20 89.83
C LYS G 116 70.80 28.50 88.45
N TRP G 117 71.33 29.51 87.76
CA TRP G 117 70.79 29.88 86.45
C TRP G 117 71.11 28.81 85.41
N PHE G 118 72.38 28.43 85.30
CA PHE G 118 72.77 27.41 84.32
C PHE G 118 72.14 26.06 84.62
N PRO G 119 71.99 25.64 85.87
CA PRO G 119 71.28 24.38 86.12
C PRO G 119 69.81 24.44 85.78
N THR G 120 69.21 25.63 85.78
CA THR G 120 67.82 25.77 85.37
C THR G 120 67.69 25.58 83.86
N SER G 121 68.60 26.21 83.10
CA SER G 121 68.57 26.06 81.65
C SER G 121 68.91 24.63 81.24
N LEU G 122 69.88 24.01 81.93
CA LEU G 122 70.20 22.63 81.63
C LEU G 122 69.05 21.70 81.98
N GLU G 123 68.37 21.96 83.11
CA GLU G 123 67.28 21.10 83.53
C GLU G 123 66.08 21.22 82.59
N LEU G 124 65.81 22.45 82.12
CA LEU G 124 64.69 22.65 81.19
C LEU G 124 65.02 22.07 79.82
N TRP G 125 66.24 22.30 79.33
CA TRP G 125 66.68 21.68 78.08
C TRP G 125 66.61 20.17 78.18
N CYS G 126 66.87 19.62 79.37
CA CYS G 126 66.72 18.18 79.57
C CYS G 126 65.26 17.78 79.49
N ASP G 127 64.39 18.53 80.16
CA ASP G 127 62.95 18.30 80.05
C ASP G 127 62.47 18.28 78.62
N TYR G 128 63.09 19.07 77.73
CA TYR G 128 62.67 19.15 76.33
C TYR G 128 63.36 18.14 75.43
N LEU G 129 64.64 18.35 75.10
CA LEU G 129 65.29 17.60 74.03
C LEU G 129 66.12 16.41 74.47
N ASN G 130 66.18 16.09 75.76
CA ASN G 130 67.07 15.01 76.21
C ASN G 130 66.61 13.63 75.77
N VAL G 131 65.34 13.45 75.41
CA VAL G 131 64.81 12.15 75.01
C VAL G 131 65.06 11.88 73.52
N LEU G 132 65.58 12.86 72.79
CA LEU G 132 65.89 12.73 71.37
C LEU G 132 67.04 11.76 71.14
N CYS G 133 67.16 11.29 69.89
CA CYS G 133 68.20 10.33 69.55
C CYS G 133 69.56 11.01 69.37
N VAL G 134 69.56 12.29 68.99
CA VAL G 134 70.79 13.05 68.75
C VAL G 134 71.18 13.83 70.00
N ASN G 135 70.49 13.57 71.11
CA ASN G 135 70.54 14.42 72.30
C ASN G 135 71.76 14.18 73.18
N ASN G 136 72.64 13.24 72.83
CA ASN G 136 73.84 12.95 73.63
C ASN G 136 74.70 14.18 73.93
N PRO G 137 74.84 15.14 73.02
CA PRO G 137 75.70 16.30 73.33
C PRO G 137 75.14 17.17 74.44
N ASN G 138 73.83 17.17 74.65
CA ASN G 138 73.27 17.94 75.75
C ASN G 138 73.63 17.33 77.09
N GLU G 139 73.57 16.00 77.19
CA GLU G 139 73.97 15.32 78.41
C GLU G 139 75.48 15.44 78.62
N THR G 140 76.24 15.43 77.53
CA THR G 140 77.68 15.62 77.63
C THR G 140 78.01 17.01 78.16
N ASP G 141 77.30 18.03 77.66
CA ASP G 141 77.56 19.40 78.09
C ASP G 141 77.11 19.63 79.52
N PHE G 142 76.00 19.02 79.92
CA PHE G 142 75.54 19.17 81.30
C PHE G 142 76.46 18.44 82.27
N ILE G 143 76.96 17.27 81.86
CA ILE G 143 77.90 16.53 82.70
C ILE G 143 79.22 17.26 82.80
N ARG G 144 79.59 17.98 81.74
CA ARG G 144 80.81 18.78 81.76
C ARG G 144 80.63 20.01 82.64
N ASN G 145 79.43 20.59 82.63
CA ASN G 145 79.15 21.77 83.44
C ASN G 145 79.11 21.42 84.92
N ASN G 146 78.54 20.25 85.26
CA ASN G 146 78.55 19.82 86.64
C ASN G 146 79.95 19.34 87.05
N PHE G 147 80.71 18.80 86.10
CA PHE G 147 82.05 18.33 86.43
C PHE G 147 83.01 19.49 86.63
N GLU G 148 82.71 20.64 86.03
CA GLU G 148 83.48 21.85 86.29
C GLU G 148 83.42 22.24 87.76
N ILE G 149 82.38 21.84 88.49
CA ILE G 149 82.21 22.15 89.90
C ILE G 149 82.63 20.97 90.77
N ALA G 150 82.32 21.07 92.07
CA ALA G 150 82.48 20.02 93.07
C ALA G 150 81.24 19.15 93.16
N LYS G 151 80.36 19.25 92.16
CA LYS G 151 78.96 18.81 92.23
C LYS G 151 78.84 17.32 91.90
N ASP G 152 79.96 16.61 91.98
CA ASP G 152 80.10 15.22 91.54
C ASP G 152 78.91 14.34 91.90
N LEU G 153 78.27 14.59 93.05
CA LEU G 153 76.98 13.95 93.32
C LEU G 153 75.98 14.24 92.19
N ILE G 154 75.90 15.50 91.76
CA ILE G 154 74.99 15.86 90.69
C ILE G 154 75.44 15.22 89.38
N GLY G 155 76.74 15.07 89.20
CA GLY G 155 77.23 14.38 88.01
C GLY G 155 76.86 12.91 87.98
N LYS G 156 76.83 12.29 89.17
CA LYS G 156 76.39 10.90 89.26
C LYS G 156 74.89 10.79 89.03
N GLN G 157 74.12 11.77 89.50
CA GLN G 157 72.70 11.79 89.21
C GLN G 157 72.44 11.92 87.72
N PHE G 158 73.17 12.83 87.05
CA PHE G 158 72.99 13.01 85.62
C PHE G 158 73.44 11.77 84.85
N LEU G 159 74.52 11.13 85.29
CA LEU G 159 75.00 9.93 84.63
C LEU G 159 74.00 8.79 84.80
N SER G 160 73.33 8.74 85.95
CA SER G 160 72.33 7.70 86.16
C SER G 160 71.07 7.97 85.36
N HIS G 161 70.72 9.25 85.16
CA HIS G 161 69.54 9.63 84.42
C HIS G 161 69.67 9.29 82.94
N PRO G 162 70.78 9.69 82.29
CA PRO G 162 70.90 9.44 80.85
C PRO G 162 71.06 7.98 80.49
N PHE G 163 71.50 7.15 81.44
CA PHE G 163 71.70 5.73 81.15
C PHE G 163 70.36 5.01 81.01
N TRP G 164 69.30 5.59 81.57
CA TRP G 164 67.98 4.97 81.47
C TRP G 164 67.28 5.28 80.15
N ASP G 165 67.77 6.25 79.38
CA ASP G 165 67.17 6.64 78.12
C ASP G 165 67.97 6.07 76.96
N LYS G 166 67.27 5.68 75.90
CA LYS G 166 67.92 5.12 74.72
C LYS G 166 68.51 6.24 73.88
N PHE G 167 69.81 6.17 73.62
CA PHE G 167 70.52 7.16 72.83
C PHE G 167 71.44 6.46 71.83
N ILE G 168 71.96 7.24 70.89
CA ILE G 168 72.81 6.68 69.83
C ILE G 168 74.14 6.20 70.41
N GLU G 169 74.75 7.03 71.26
CA GLU G 169 76.07 6.79 71.82
C GLU G 169 76.02 6.08 73.17
N PHE G 170 74.84 5.60 73.57
CA PHE G 170 74.61 5.12 74.94
C PHE G 170 75.71 4.21 75.45
N GLU G 171 76.26 3.35 74.59
CA GLU G 171 77.32 2.44 75.04
C GLU G 171 78.57 3.21 75.47
N VAL G 172 78.98 4.20 74.67
CA VAL G 172 80.18 4.97 75.00
C VAL G 172 79.92 5.82 76.24
N GLY G 173 78.66 6.19 76.46
CA GLY G 173 78.33 6.90 77.70
C GLY G 173 78.38 5.99 78.91
N GLN G 174 78.02 4.72 78.73
CA GLN G 174 78.10 3.76 79.83
C GLN G 174 79.57 3.46 80.16
N LYS G 175 80.42 3.41 79.14
CA LYS G 175 81.84 3.18 79.38
C LYS G 175 82.51 4.41 79.99
N ASN G 176 82.09 5.60 79.56
CA ASN G 176 82.59 6.83 80.19
C ASN G 176 82.13 6.92 81.63
N TRP G 177 80.91 6.46 81.92
CA TRP G 177 80.44 6.47 83.29
C TRP G 177 81.18 5.46 84.16
N HIS G 178 81.42 4.25 83.63
CA HIS G 178 82.25 3.27 84.31
C HIS G 178 83.70 3.73 84.46
N ASN G 179 84.15 4.67 83.62
CA ASN G 179 85.50 5.21 83.68
C ASN G 179 85.66 6.34 84.67
N VAL G 180 84.93 7.44 84.48
CA VAL G 180 85.01 8.57 85.41
C VAL G 180 84.30 8.24 86.71
N GLN G 181 83.71 7.04 86.80
CA GLN G 181 83.03 6.58 88.00
C GLN G 181 84.02 6.00 88.99
N ARG G 182 85.32 6.12 88.70
CA ARG G 182 86.36 5.40 89.41
C ARG G 182 86.28 5.53 90.93
N ILE G 183 85.53 6.52 91.44
CA ILE G 183 85.38 6.64 92.88
C ILE G 183 84.20 5.81 93.39
N TYR G 184 82.99 6.17 92.97
CA TYR G 184 81.73 5.58 93.42
C TYR G 184 81.15 4.52 92.48
N GLU G 185 81.94 4.04 91.50
CA GLU G 185 81.45 3.31 90.33
C GLU G 185 80.35 2.29 90.56
N TYR G 186 80.64 1.25 91.35
CA TYR G 186 79.77 0.07 91.47
C TYR G 186 78.72 0.24 92.55
N ILE G 187 78.58 1.46 93.07
CA ILE G 187 77.73 1.77 94.21
C ILE G 187 76.35 1.11 94.09
N ILE G 188 75.69 1.27 92.94
CA ILE G 188 74.54 0.43 92.66
C ILE G 188 74.74 -0.20 91.28
N GLU G 189 75.03 -1.50 91.26
CA GLU G 189 75.35 -2.21 90.03
C GLU G 189 74.11 -2.73 89.31
N VAL G 190 73.17 -3.30 90.06
CA VAL G 190 72.03 -4.00 89.51
C VAL G 190 71.07 -3.03 88.84
N PRO G 191 70.65 -1.97 89.52
CA PRO G 191 69.71 -1.02 88.91
C PRO G 191 70.29 -0.32 87.69
N LEU G 192 71.56 0.10 87.80
CA LEU G 192 72.19 0.83 86.70
C LEU G 192 72.44 -0.08 85.50
N HIS G 193 72.95 -1.28 85.75
CA HIS G 193 73.22 -2.22 84.66
C HIS G 193 71.94 -2.72 84.02
N GLN G 194 70.89 -2.94 84.82
CA GLN G 194 69.61 -3.38 84.27
C GLN G 194 68.97 -2.28 83.43
N TYR G 195 68.95 -1.05 83.97
CA TYR G 195 68.39 0.07 83.22
C TYR G 195 69.18 0.33 81.94
N ALA G 196 70.51 0.15 81.99
CA ALA G 196 71.32 0.31 80.80
C ALA G 196 71.04 -0.80 79.80
N ARG G 197 70.73 -2.00 80.29
CA ARG G 197 70.41 -3.11 79.39
C ARG G 197 69.09 -2.88 78.68
N PHE G 198 68.05 -2.48 79.43
CA PHE G 198 66.76 -2.19 78.82
C PHE G 198 66.86 -1.02 77.86
N PHE G 199 67.66 -0.01 78.22
CA PHE G 199 67.87 1.14 77.34
C PHE G 199 68.55 0.70 76.05
N THR G 200 69.52 -0.22 76.16
CA THR G 200 70.16 -0.77 74.97
C THR G 200 69.19 -1.56 74.11
N SER G 201 68.27 -2.30 74.74
CA SER G 201 67.29 -3.06 73.97
C SER G 201 66.33 -2.13 73.23
N TYR G 202 65.85 -1.10 73.91
CA TYR G 202 64.97 -0.14 73.26
C TYR G 202 65.68 0.59 72.13
N LYS G 203 66.96 0.92 72.34
CA LYS G 203 67.74 1.53 71.28
C LYS G 203 67.90 0.60 70.09
N LYS G 204 68.13 -0.69 70.35
CA LYS G 204 68.24 -1.66 69.26
C LYS G 204 66.91 -1.80 68.52
N PHE G 205 65.80 -1.65 69.23
CA PHE G 205 64.49 -1.75 68.61
C PHE G 205 64.20 -0.53 67.74
N LEU G 206 64.63 0.65 68.21
CA LEU G 206 64.34 1.88 67.44
C LEU G 206 65.43 2.15 66.42
N ASN G 207 66.46 1.31 66.36
CA ASN G 207 67.54 1.52 65.40
C ASN G 207 67.05 1.32 63.97
N GLU G 208 65.99 0.53 63.79
CA GLU G 208 65.47 0.27 62.46
C GLU G 208 64.68 1.48 61.95
N LYS G 209 63.90 2.11 62.83
CA LYS G 209 63.16 3.31 62.44
C LYS G 209 64.11 4.47 62.23
N ASN G 210 65.09 4.63 63.14
CA ASN G 210 66.09 5.69 62.97
C ASN G 210 66.92 5.46 61.72
N LEU G 211 67.20 4.20 61.38
CA LEU G 211 67.95 3.89 60.17
C LEU G 211 67.14 4.21 58.92
N LYS G 212 65.87 3.79 58.89
CA LYS G 212 64.98 4.17 57.80
C LYS G 212 64.81 5.67 57.69
N THR G 213 65.01 6.41 58.78
CA THR G 213 64.97 7.86 58.77
C THR G 213 66.24 8.44 58.13
N THR G 214 67.39 8.17 58.76
CA THR G 214 68.66 8.70 58.28
C THR G 214 69.00 8.28 56.86
N ARG G 215 68.42 7.18 56.37
CA ARG G 215 68.58 6.78 54.98
C ARG G 215 67.58 7.48 54.07
N ASN G 216 66.70 8.30 54.64
CA ASN G 216 65.66 9.02 53.89
C ASN G 216 65.94 10.49 53.73
N ILE G 217 66.07 11.24 54.82
CA ILE G 217 66.01 12.70 54.79
C ILE G 217 67.28 13.35 54.28
N ASP G 218 67.12 14.08 53.17
CA ASP G 218 68.06 15.10 52.71
C ASP G 218 67.25 15.96 51.76
N ILE G 219 67.72 17.17 51.44
CA ILE G 219 66.83 18.05 50.67
C ILE G 219 67.07 17.85 49.18
N VAL G 220 66.13 17.15 48.54
CA VAL G 220 66.00 17.11 47.09
C VAL G 220 64.86 18.02 46.64
N LEU G 221 64.24 18.69 47.61
CA LEU G 221 62.91 19.30 47.42
C LEU G 221 61.92 18.24 46.95
N ARG G 222 61.87 17.14 47.70
CA ARG G 222 61.07 15.97 47.37
C ARG G 222 60.65 15.31 48.66
N LYS G 223 59.70 14.37 48.56
CA LYS G 223 59.20 13.67 49.74
C LYS G 223 60.30 13.07 50.59
N THR G 224 61.49 12.81 50.02
CA THR G 224 62.65 12.43 50.81
C THR G 224 62.97 13.49 51.87
N GLN G 225 62.93 14.78 51.51
CA GLN G 225 63.29 15.84 52.44
C GLN G 225 62.36 15.85 53.64
N THR G 226 61.06 15.73 53.39
CA THR G 226 60.11 15.63 54.50
C THR G 226 60.20 14.28 55.19
N THR G 227 60.67 13.24 54.48
CA THR G 227 60.71 11.87 54.98
C THR G 227 59.39 11.46 55.62
N VAL G 228 58.27 11.75 54.95
CA VAL G 228 56.94 11.62 55.52
C VAL G 228 56.60 10.16 55.76
N ASN G 229 57.08 9.28 54.88
CA ASN G 229 56.80 7.85 55.04
C ASN G 229 57.52 7.28 56.26
N GLU G 230 58.82 7.55 56.36
CA GLU G 230 59.59 7.06 57.51
C GLU G 230 59.11 7.69 58.80
N ILE G 231 58.67 8.95 58.74
CA ILE G 231 58.14 9.60 59.93
C ILE G 231 56.82 8.98 60.34
N TRP G 232 55.99 8.63 59.36
CA TRP G 232 54.72 7.98 59.66
C TRP G 232 54.94 6.61 60.28
N GLN G 233 55.93 5.86 59.77
CA GLN G 233 56.21 4.53 60.31
C GLN G 233 56.82 4.63 61.70
N PHE G 234 57.65 5.65 61.93
CA PHE G 234 58.27 5.84 63.24
C PHE G 234 57.22 6.26 64.27
N GLU G 235 56.28 7.11 63.86
CA GLU G 235 55.22 7.54 64.76
C GLU G 235 54.25 6.38 65.04
N SER G 236 54.01 5.55 64.02
CA SER G 236 53.15 4.38 64.21
C SER G 236 53.77 3.40 65.20
N LYS G 237 55.06 3.10 65.00
CA LYS G 237 55.78 2.26 65.94
C LYS G 237 55.86 2.87 67.34
N ILE G 238 55.91 4.20 67.44
CA ILE G 238 56.02 4.84 68.74
C ILE G 238 54.67 4.85 69.48
N LYS G 239 53.57 5.01 68.75
CA LYS G 239 52.26 5.10 69.41
C LYS G 239 51.78 3.72 69.87
N GLN G 240 51.85 2.72 68.98
CA GLN G 240 51.44 1.37 69.38
C GLN G 240 52.32 0.82 70.49
N PRO G 241 53.64 0.79 70.36
CA PRO G 241 54.47 0.35 71.48
C PRO G 241 54.74 1.47 72.45
N PHE G 242 53.74 1.81 73.28
CA PHE G 242 53.86 2.93 74.21
C PHE G 242 54.22 2.44 75.61
N PHE G 243 55.42 2.80 76.09
CA PHE G 243 55.89 2.41 77.42
C PHE G 243 56.74 3.55 78.02
N ASN G 244 56.45 3.83 79.29
CA ASN G 244 57.14 4.85 80.09
C ASN G 244 57.12 6.24 79.44
N LEU G 245 58.31 6.76 79.14
CA LEU G 245 58.53 8.10 78.61
C LEU G 245 57.91 8.28 77.24
N GLY G 246 57.30 7.23 76.71
CA GLY G 246 56.72 7.23 75.39
C GLY G 246 55.74 8.36 75.13
N GLN G 247 55.28 9.03 76.20
CA GLN G 247 54.64 10.33 76.03
C GLN G 247 55.66 11.37 75.54
N VAL G 248 56.80 11.45 76.23
CA VAL G 248 57.85 12.40 75.82
C VAL G 248 58.54 11.90 74.55
N LEU G 249 58.57 10.59 74.33
CA LEU G 249 59.06 10.08 73.07
C LEU G 249 58.10 10.43 71.94
N ASN G 250 56.79 10.41 72.23
CA ASN G 250 55.81 10.75 71.21
C ASN G 250 55.85 12.24 70.89
N ASP G 251 56.00 13.07 71.92
CA ASP G 251 56.13 14.52 71.68
C ASP G 251 57.43 14.83 70.95
N ASP G 252 58.51 14.15 71.31
CA ASP G 252 59.78 14.36 70.62
C ASP G 252 59.68 13.96 69.15
N LEU G 253 59.07 12.80 68.88
CA LEU G 253 58.93 12.35 67.50
C LEU G 253 57.99 13.26 66.71
N GLU G 254 56.94 13.76 67.35
CA GLU G 254 56.02 14.68 66.68
C GLU G 254 56.72 16.00 66.36
N ASN G 255 57.59 16.45 67.26
CA ASN G 255 58.32 17.69 67.05
C ASN G 255 59.33 17.53 65.91
N TRP G 256 60.13 16.47 65.96
CA TRP G 256 61.09 16.22 64.89
C TRP G 256 60.39 16.02 63.55
N SER G 257 59.19 15.44 63.56
CA SER G 257 58.42 15.29 62.33
C SER G 257 57.93 16.64 61.83
N ARG G 258 57.54 17.53 62.76
CA ARG G 258 57.02 18.82 62.34
C ARG G 258 58.14 19.77 61.93
N TYR G 259 59.39 19.46 62.30
CA TYR G 259 60.50 20.34 61.97
C TYR G 259 60.83 20.31 60.48
N LEU G 260 60.42 19.25 59.79
CA LEU G 260 60.70 19.14 58.37
C LEU G 260 59.49 19.58 57.54
N TYR G 288 54.43 21.73 57.58
CA TYR G 288 53.25 21.96 58.40
C TYR G 288 52.12 20.98 58.12
N HIS G 289 52.43 19.69 58.04
CA HIS G 289 51.42 18.68 57.78
C HIS G 289 50.68 18.42 59.09
N GLU G 290 49.38 18.71 59.12
CA GLU G 290 48.66 18.70 60.38
C GLU G 290 47.93 17.39 60.65
N ASN G 291 48.07 16.40 59.78
CA ASN G 291 47.62 15.06 60.15
C ASN G 291 48.63 14.37 61.05
N THR G 292 49.82 14.95 61.19
CA THR G 292 50.74 14.52 62.24
C THR G 292 50.26 14.96 63.62
N TRP G 293 49.93 16.24 63.77
CA TRP G 293 49.30 16.70 64.99
C TRP G 293 47.95 16.01 65.19
N MET G 294 47.22 15.76 64.09
CA MET G 294 45.96 15.04 64.12
C MET G 294 46.16 13.55 64.40
N MET G 295 47.38 13.04 64.30
CA MET G 295 47.72 11.76 64.89
C MET G 295 48.01 11.89 66.38
N TYR G 296 48.65 13.00 66.78
CA TYR G 296 49.07 13.19 68.16
C TYR G 296 47.86 13.39 69.07
N ILE G 297 46.78 13.96 68.53
CA ILE G 297 45.58 14.26 69.32
C ILE G 297 45.02 12.99 69.95
N LYS G 298 44.94 11.90 69.17
CA LYS G 298 44.46 10.65 69.72
C LYS G 298 45.53 9.96 70.57
N TRP G 299 46.79 10.23 70.28
CA TRP G 299 47.89 9.64 71.04
C TRP G 299 47.87 10.11 72.48
N LEU G 300 47.62 11.39 72.71
CA LEU G 300 47.57 11.88 74.09
C LEU G 300 46.25 11.60 74.78
N THR G 301 45.19 11.29 74.02
CA THR G 301 43.95 10.89 74.65
C THR G 301 43.99 9.43 75.09
N LYS G 302 44.67 8.59 74.31
CA LYS G 302 44.69 7.16 74.62
C LYS G 302 45.66 6.85 75.76
N LYS G 303 46.83 7.48 75.76
CA LYS G 303 47.84 7.19 76.78
C LYS G 303 47.51 7.87 78.11
N ASN G 304 46.48 8.72 78.14
CA ASN G 304 45.96 9.32 79.37
C ASN G 304 47.04 10.13 80.10
N ILE G 305 47.40 11.24 79.48
CA ILE G 305 48.27 12.25 80.08
C ILE G 305 47.38 13.42 80.50
N SER G 306 47.75 14.09 81.59
CA SER G 306 46.87 15.07 82.21
C SER G 306 46.57 16.22 81.25
N ASP G 307 45.44 16.87 81.50
CA ASP G 307 44.95 17.93 80.61
C ASP G 307 45.94 19.07 80.46
N GLU G 308 46.73 19.36 81.49
CA GLU G 308 47.70 20.45 81.41
C GLU G 308 48.70 20.22 80.27
N VAL G 309 49.09 18.97 80.04
CA VAL G 309 50.04 18.69 78.98
C VAL G 309 49.35 18.70 77.62
N VAL G 310 48.07 18.31 77.57
CA VAL G 310 47.37 18.20 76.29
C VAL G 310 46.97 19.57 75.76
N VAL G 311 46.46 20.44 76.63
CA VAL G 311 45.97 21.74 76.15
C VAL G 311 47.13 22.59 75.63
N ASP G 312 48.32 22.45 76.23
CA ASP G 312 49.49 23.18 75.75
C ASP G 312 49.91 22.73 74.36
N ILE G 313 49.70 21.45 74.03
CA ILE G 313 50.00 20.97 72.69
C ILE G 313 49.19 21.75 71.66
N TYR G 314 47.88 21.88 71.88
CA TYR G 314 47.04 22.56 70.91
C TYR G 314 47.26 24.07 70.98
N GLN G 315 47.68 24.59 72.14
CA GLN G 315 48.00 26.00 72.26
C GLN G 315 49.25 26.34 71.46
N LYS G 316 50.19 25.39 71.35
CA LYS G 316 51.37 25.60 70.52
C LYS G 316 51.07 25.37 69.05
N ALA G 317 50.28 24.33 68.74
CA ALA G 317 49.99 24.00 67.36
C ALA G 317 49.09 25.02 66.68
N ASN G 318 48.11 25.57 67.42
CA ASN G 318 47.24 26.59 66.83
C ASN G 318 48.04 27.79 66.34
N THR G 319 49.09 28.17 67.07
CA THR G 319 49.97 29.23 66.60
C THR G 319 50.89 28.73 65.48
N PHE G 320 51.53 27.57 65.68
CA PHE G 320 52.42 27.00 64.68
C PHE G 320 51.70 26.74 63.36
N LEU G 321 50.74 25.81 63.37
CA LEU G 321 50.05 25.42 62.15
C LEU G 321 49.46 26.63 61.44
N PRO G 322 49.49 26.64 60.11
CA PRO G 322 49.09 27.85 59.38
C PRO G 322 47.60 28.13 59.50
N LEU G 323 47.25 29.39 59.23
CA LEU G 323 45.86 29.80 59.16
C LEU G 323 45.19 29.19 57.94
N ASP G 324 43.85 29.20 57.95
CA ASP G 324 42.96 28.74 56.89
C ASP G 324 42.79 27.23 56.93
N PHE G 325 43.56 26.51 57.74
CA PHE G 325 43.45 25.05 57.81
C PHE G 325 42.20 24.64 58.58
N LYS G 326 42.15 24.92 59.89
CA LYS G 326 40.91 24.95 60.67
C LYS G 326 40.15 23.63 60.69
N THR G 327 40.82 22.57 61.15
CA THR G 327 40.10 21.40 61.61
C THR G 327 40.43 21.15 63.08
N LEU G 328 41.71 20.97 63.40
CA LEU G 328 42.12 20.76 64.78
C LEU G 328 41.76 21.92 65.70
N ARG G 329 41.51 23.11 65.14
CA ARG G 329 41.11 24.24 65.97
C ARG G 329 39.72 24.03 66.54
N TYR G 330 38.75 23.70 65.67
CA TYR G 330 37.41 23.39 66.15
C TYR G 330 37.42 22.18 67.08
N ASP G 331 38.30 21.21 66.81
CA ASP G 331 38.44 20.07 67.72
C ASP G 331 39.02 20.50 69.05
N PHE G 332 39.76 21.61 69.06
CA PHE G 332 40.26 22.15 70.32
C PHE G 332 39.18 22.90 71.08
N LEU G 333 38.32 23.66 70.39
CA LEU G 333 37.15 24.20 71.05
C LEU G 333 36.28 23.09 71.65
N ARG G 334 36.06 22.01 70.88
CA ARG G 334 35.32 20.88 71.41
C ARG G 334 36.04 20.24 72.59
N PHE G 335 37.38 20.22 72.58
CA PHE G 335 38.11 19.71 73.73
C PHE G 335 37.92 20.58 74.95
N LEU G 336 37.90 21.91 74.77
CA LEU G 336 37.69 22.80 75.90
C LEU G 336 36.29 22.63 76.48
N LYS G 337 35.27 22.64 75.61
CA LYS G 337 33.90 22.44 76.07
C LYS G 337 33.72 21.07 76.70
N ARG G 338 34.50 20.07 76.28
CA ARG G 338 34.39 18.75 76.86
C ARG G 338 35.08 18.67 78.23
N LYS G 339 36.27 19.27 78.36
CA LYS G 339 36.98 19.30 79.62
C LYS G 339 36.37 20.28 80.62
N TYR G 340 35.42 21.11 80.19
CA TYR G 340 34.69 21.96 81.13
C TYR G 340 33.87 21.14 82.11
N ARG G 341 33.63 19.86 81.82
CA ARG G 341 32.83 19.01 82.69
C ARG G 341 33.31 19.07 84.13
N SER G 342 34.62 19.03 84.33
CA SER G 342 35.21 19.34 85.63
C SER G 342 35.46 20.85 85.62
N ASN G 343 34.72 21.56 86.46
CA ASN G 343 34.60 23.00 86.29
C ASN G 343 35.87 23.71 86.69
N ASN G 344 36.45 24.46 85.77
CA ASN G 344 37.66 25.24 86.02
C ASN G 344 37.54 26.56 85.26
N THR G 345 37.85 27.67 85.94
CA THR G 345 37.91 28.95 85.25
C THR G 345 39.01 28.95 84.20
N LEU G 346 39.97 28.03 84.32
CA LEU G 346 41.06 27.96 83.35
C LEU G 346 40.54 27.66 81.95
N PHE G 347 39.66 26.66 81.82
CA PHE G 347 39.12 26.32 80.51
C PHE G 347 38.21 27.41 79.97
N ASN G 348 37.53 28.14 80.86
CA ASN G 348 36.73 29.27 80.41
C ASN G 348 37.61 30.39 79.86
N ASN G 349 38.77 30.63 80.51
CA ASN G 349 39.67 31.66 80.03
C ASN G 349 40.32 31.24 78.72
N ILE G 350 40.80 30.01 78.63
CA ILE G 350 41.40 29.50 77.40
C ILE G 350 40.38 29.55 76.27
N PHE G 351 39.12 29.24 76.57
CA PHE G 351 38.09 29.30 75.53
C PHE G 351 37.83 30.73 75.10
N ASN G 352 37.60 31.64 76.06
CA ASN G 352 37.30 33.03 75.73
C ASN G 352 38.43 33.68 74.94
N GLU G 353 39.69 33.46 75.30
CA GLU G 353 40.79 34.02 74.56
C GLU G 353 40.97 33.34 73.20
N THR G 354 40.86 32.01 73.17
CA THR G 354 41.03 31.29 71.91
C THR G 354 40.00 31.70 70.88
N VAL G 355 38.73 31.78 71.30
CA VAL G 355 37.68 32.29 70.41
C VAL G 355 37.99 33.72 69.99
N SER G 356 38.56 34.51 70.90
CA SER G 356 38.98 35.85 70.55
C SER G 356 40.02 35.85 69.44
N ARG G 357 40.91 34.86 69.40
CA ARG G 357 41.87 34.79 68.30
C ARG G 357 41.25 34.28 67.02
N TYR G 358 40.53 33.14 67.08
CA TYR G 358 39.98 32.56 65.86
C TYR G 358 38.97 33.49 65.19
N LEU G 359 38.22 34.25 65.99
CA LEU G 359 37.29 35.19 65.38
C LEU G 359 38.02 36.31 64.64
N LYS G 360 39.22 36.68 65.12
CA LYS G 360 40.02 37.65 64.39
C LYS G 360 40.57 37.07 63.10
N ILE G 361 41.10 35.84 63.16
CA ILE G 361 41.68 35.27 61.94
C ILE G 361 40.59 34.73 61.00
N TRP G 362 39.43 34.37 61.54
CA TRP G 362 38.29 34.00 60.71
C TRP G 362 37.07 34.83 61.09
N PRO G 363 36.91 36.00 60.48
CA PRO G 363 35.77 36.86 60.80
C PRO G 363 34.44 36.34 60.29
N ASN G 364 34.47 35.57 59.19
CA ASN G 364 33.24 35.22 58.50
C ASN G 364 32.54 33.98 59.07
N ASP G 365 33.21 33.23 59.92
CA ASP G 365 32.61 32.01 60.45
C ASP G 365 31.63 32.36 61.56
N ILE G 366 30.36 31.95 61.39
CA ILE G 366 29.32 32.26 62.35
C ILE G 366 29.26 31.27 63.51
N LEU G 367 29.88 30.09 63.37
CA LEU G 367 29.80 29.08 64.42
C LEU G 367 30.54 29.51 65.68
N LEU G 368 31.58 30.32 65.52
CA LEU G 368 32.37 30.77 66.67
C LEU G 368 31.54 31.63 67.62
N MET G 369 30.67 32.49 67.07
CA MET G 369 29.87 33.34 67.94
C MET G 369 28.76 32.55 68.62
N THR G 370 28.27 31.49 67.98
CA THR G 370 27.32 30.61 68.64
C THR G 370 27.98 29.85 69.80
N GLU G 371 29.17 29.29 69.56
CA GLU G 371 29.90 28.61 70.63
C GLU G 371 30.21 29.57 71.77
N TYR G 372 30.78 30.73 71.45
CA TYR G 372 31.15 31.69 72.50
C TYR G 372 29.95 32.17 73.28
N LEU G 373 28.83 32.43 72.59
CA LEU G 373 27.65 32.89 73.31
C LEU G 373 27.06 31.78 74.16
N CYS G 374 27.21 30.52 73.72
CA CYS G 374 26.79 29.40 74.55
C CYS G 374 27.61 29.33 75.83
N MET G 375 28.94 29.48 75.71
CA MET G 375 29.77 29.43 76.91
C MET G 375 29.56 30.65 77.79
N LEU G 376 29.19 31.79 77.19
CA LEU G 376 28.89 32.99 77.98
C LEU G 376 27.60 32.81 78.76
N LYS G 377 26.59 32.18 78.14
CA LYS G 377 25.38 31.85 78.88
C LYS G 377 25.65 30.78 79.93
N ARG G 378 26.67 29.95 79.70
CA ARG G 378 26.91 28.79 80.55
C ARG G 378 27.72 29.17 81.79
N HIS G 379 29.00 29.47 81.61
CA HIS G 379 29.91 29.66 82.73
C HIS G 379 29.61 30.89 83.58
N SER G 380 28.92 31.89 83.02
CA SER G 380 28.77 33.16 83.73
C SER G 380 27.49 33.24 84.55
N PHE G 381 26.63 32.21 84.52
CA PHE G 381 25.41 32.22 85.33
C PHE G 381 25.24 30.93 86.10
N LYS G 382 25.03 29.79 85.41
CA LYS G 382 24.95 28.48 86.06
C LYS G 382 23.82 28.42 87.08
N ASN G 383 22.58 28.42 86.60
CA ASN G 383 21.41 28.37 87.48
C ASN G 383 21.22 27.01 88.15
N SER G 384 21.27 25.93 87.38
CA SER G 384 21.21 24.54 87.84
C SER G 384 19.83 24.13 88.34
N LEU G 385 18.85 25.04 88.35
CA LEU G 385 17.45 24.75 88.64
C LEU G 385 17.25 24.25 90.08
N ASP G 386 18.20 24.53 90.97
CA ASP G 386 18.02 24.31 92.40
C ASP G 386 17.66 25.60 93.14
N GLN G 387 17.64 26.71 92.42
CA GLN G 387 17.55 28.04 93.02
C GLN G 387 16.09 28.43 93.20
N SER G 388 15.90 29.67 93.64
CA SER G 388 14.56 30.23 93.77
C SER G 388 14.05 30.66 92.41
N PRO G 389 12.72 30.63 92.19
CA PRO G 389 12.19 31.07 90.89
C PRO G 389 12.49 32.52 90.56
N LYS G 390 12.55 33.40 91.56
CA LYS G 390 12.88 34.80 91.29
C LYS G 390 14.34 35.00 90.92
N GLU G 391 15.22 34.10 91.37
CA GLU G 391 16.65 34.26 91.11
C GLU G 391 17.00 33.90 89.67
N ILE G 392 16.48 32.77 89.18
CA ILE G 392 16.80 32.33 87.83
C ILE G 392 16.29 33.32 86.79
N LEU G 393 15.08 33.85 87.00
CA LEU G 393 14.54 34.84 86.06
C LEU G 393 15.37 36.11 86.05
N GLU G 394 15.96 36.47 87.20
CA GLU G 394 16.89 37.59 87.22
C GLU G 394 18.15 37.28 86.44
N LYS G 395 18.69 36.06 86.60
CA LYS G 395 19.90 35.69 85.86
C LYS G 395 19.64 35.65 84.36
N GLN G 396 18.41 35.35 83.94
CA GLN G 396 18.07 35.39 82.53
C GLN G 396 17.90 36.82 82.04
N THR G 397 17.17 37.64 82.79
CA THR G 397 16.91 39.01 82.35
C THR G 397 18.19 39.83 82.30
N SER G 398 19.10 39.64 83.25
CA SER G 398 20.39 40.32 83.18
C SER G 398 21.13 39.98 81.89
N PHE G 399 21.17 38.69 81.54
CA PHE G 399 21.71 38.25 80.26
C PHE G 399 21.04 38.95 79.09
N THR G 400 19.71 39.04 79.09
CA THR G 400 18.99 39.75 78.04
C THR G 400 19.46 41.21 77.94
N LYS G 401 19.64 41.87 79.08
CA LYS G 401 20.04 43.28 79.06
C LYS G 401 21.45 43.45 78.53
N ILE G 402 22.39 42.62 79.00
CA ILE G 402 23.76 42.67 78.47
C ILE G 402 23.74 42.46 76.97
N LEU G 403 22.88 41.55 76.48
CA LEU G 403 22.90 41.25 75.06
C LEU G 403 22.29 42.37 74.23
N GLU G 404 21.12 42.88 74.64
CA GLU G 404 20.49 43.99 73.92
C GLU G 404 21.38 45.22 73.91
N THR G 405 21.88 45.63 75.09
CA THR G 405 22.82 46.75 75.15
C THR G 405 24.11 46.46 74.40
N SER G 406 24.45 45.20 74.18
CA SER G 406 25.62 44.88 73.38
C SER G 406 25.37 45.17 71.91
N ILE G 407 24.27 44.67 71.36
CA ILE G 407 24.02 44.87 69.94
C ILE G 407 23.68 46.33 69.66
N THR G 408 23.04 47.00 70.62
CA THR G 408 22.72 48.42 70.44
C THR G 408 23.98 49.26 70.28
N ASN G 409 25.00 48.98 71.07
CA ASN G 409 26.29 49.65 70.92
C ASN G 409 27.02 49.21 69.66
N TYR G 410 26.92 47.93 69.30
CA TYR G 410 27.56 47.41 68.10
C TYR G 410 27.05 48.03 66.82
N ILE G 411 25.75 48.33 66.72
CA ILE G 411 25.21 48.97 65.53
C ILE G 411 25.52 50.47 65.48
N ASN G 412 25.66 51.13 66.63
CA ASN G 412 25.91 52.56 66.68
C ASN G 412 27.39 52.93 66.68
N ASN G 413 28.28 51.94 66.52
CA ASN G 413 29.73 52.15 66.48
C ASN G 413 30.24 52.68 67.81
N GLN G 414 29.74 52.09 68.88
CA GLN G 414 30.21 52.36 70.24
C GLN G 414 30.67 51.05 70.84
N ILE G 415 31.88 51.02 71.38
CA ILE G 415 32.48 49.80 71.88
C ILE G 415 32.85 49.97 73.35
N ASP G 416 32.44 49.01 74.17
CA ASP G 416 32.75 48.99 75.58
C ASP G 416 33.72 47.85 75.84
N ALA G 417 34.97 48.17 76.13
CA ALA G 417 35.98 47.16 76.39
C ALA G 417 35.69 46.36 77.65
N LYS G 418 34.93 46.92 78.59
CA LYS G 418 34.58 46.18 79.80
C LYS G 418 33.79 44.92 79.46
N VAL G 419 32.82 45.03 78.58
CA VAL G 419 32.08 43.85 78.12
C VAL G 419 32.88 43.19 77.01
N HIS G 420 33.26 41.93 77.22
CA HIS G 420 34.10 41.24 76.24
C HIS G 420 33.37 40.99 74.93
N LEU G 421 32.06 40.73 74.99
CA LEU G 421 31.29 40.45 73.77
C LEU G 421 31.44 41.57 72.75
N GLN G 422 31.54 42.82 73.21
CA GLN G 422 31.70 43.95 72.29
C GLN G 422 32.89 43.78 71.37
N THR G 423 33.97 43.17 71.86
CA THR G 423 35.12 42.95 70.99
C THR G 423 34.84 41.89 69.95
N LEU G 424 34.05 40.87 70.30
CA LEU G 424 33.84 39.74 69.40
C LEU G 424 32.77 40.01 68.34
N ILE G 425 31.74 40.79 68.66
CA ILE G 425 30.62 40.94 67.75
C ILE G 425 31.10 41.55 66.44
N ASN G 426 30.59 41.02 65.33
CA ASN G 426 31.08 41.36 64.01
C ASN G 426 29.89 41.64 63.10
N ASP G 427 30.14 42.37 62.02
CA ASP G 427 29.08 42.65 61.05
C ASP G 427 28.46 41.36 60.51
N LYS G 428 29.25 40.31 60.33
CA LYS G 428 28.69 39.02 59.96
C LYS G 428 28.12 38.26 61.15
N ASN G 429 28.67 38.47 62.34
CA ASN G 429 28.31 37.67 63.52
C ASN G 429 27.24 38.31 64.38
N LEU G 430 26.78 39.52 64.05
CA LEU G 430 25.73 40.16 64.82
C LEU G 430 24.39 39.46 64.67
N SER G 431 24.22 38.72 63.57
CA SER G 431 22.94 38.09 63.26
C SER G 431 22.50 37.15 64.37
N ILE G 432 23.31 36.12 64.65
CA ILE G 432 22.87 35.13 65.63
C ILE G 432 22.81 35.73 67.02
N VAL G 433 23.48 36.85 67.24
CA VAL G 433 23.37 37.53 68.52
C VAL G 433 21.97 38.11 68.69
N VAL G 434 21.50 38.84 67.68
CA VAL G 434 20.12 39.31 67.70
C VAL G 434 19.17 38.12 67.77
N VAL G 435 19.51 37.03 67.07
CA VAL G 435 18.63 35.86 67.01
C VAL G 435 18.48 35.22 68.38
N GLU G 436 19.57 35.18 69.16
CA GLU G 436 19.47 34.59 70.49
C GLU G 436 18.83 35.56 71.47
N LEU G 437 18.91 36.87 71.19
CA LEU G 437 18.05 37.80 71.91
C LEU G 437 16.58 37.47 71.69
N ILE G 438 16.20 37.24 70.43
CA ILE G 438 14.82 36.85 70.13
C ILE G 438 14.45 35.57 70.86
N LYS G 439 15.30 34.55 70.73
CA LYS G 439 15.02 33.24 71.30
C LYS G 439 14.88 33.29 72.82
N THR G 440 15.79 33.99 73.51
CA THR G 440 15.69 34.10 74.96
C THR G 440 14.48 34.92 75.37
N THR G 441 14.18 36.00 74.64
CA THR G 441 13.02 36.82 75.00
C THR G 441 11.73 36.04 74.89
N TRP G 442 11.54 35.33 73.77
CA TRP G 442 10.26 34.67 73.50
C TRP G 442 10.14 33.34 74.22
N LEU G 443 11.20 32.52 74.21
CA LEU G 443 11.11 31.19 74.81
C LEU G 443 11.26 31.23 76.33
N VAL G 444 12.26 31.94 76.84
CA VAL G 444 12.54 31.92 78.26
C VAL G 444 11.60 32.84 79.02
N LEU G 445 11.41 34.07 78.53
CA LEU G 445 10.62 35.05 79.26
C LEU G 445 9.13 34.95 78.96
N LYS G 446 8.74 34.21 77.90
CA LYS G 446 7.34 34.08 77.49
C LYS G 446 6.73 35.46 77.22
N ASN G 447 7.53 36.38 76.70
CA ASN G 447 7.09 37.72 76.35
C ASN G 447 6.96 37.80 74.83
N ASN G 448 5.72 37.85 74.35
CA ASN G 448 5.44 37.87 72.92
C ASN G 448 5.55 39.25 72.29
N MET G 449 5.04 40.29 72.95
CA MET G 449 4.97 41.61 72.33
C MET G 449 6.34 42.25 72.19
N GLN G 450 7.19 42.08 73.19
CA GLN G 450 8.54 42.59 73.12
C GLN G 450 9.25 41.91 71.95
N THR G 451 8.97 40.62 71.77
CA THR G 451 9.65 39.84 70.74
C THR G 451 9.24 40.30 69.34
N ARG G 452 7.93 40.40 69.10
CA ARG G 452 7.46 40.93 67.81
C ARG G 452 7.97 42.35 67.59
N LYS G 453 8.11 43.13 68.66
CA LYS G 453 8.71 44.44 68.53
C LYS G 453 10.16 44.34 68.06
N TYR G 454 10.89 43.36 68.60
CA TYR G 454 12.27 43.17 68.16
C TYR G 454 12.35 42.72 66.69
N PHE G 455 11.40 41.91 66.23
CA PHE G 455 11.35 41.56 64.82
C PHE G 455 11.23 42.80 63.94
N ASN G 456 10.34 43.73 64.29
CA ASN G 456 10.15 44.90 63.45
C ASN G 456 11.33 45.86 63.56
N LEU G 457 11.88 46.02 64.75
CA LEU G 457 13.02 46.88 64.96
C LEU G 457 14.26 46.42 64.21
N TYR G 458 14.51 45.11 64.24
CA TYR G 458 15.70 44.51 63.66
C TYR G 458 15.46 43.95 62.26
N GLN G 459 14.27 44.13 61.70
CA GLN G 459 13.99 43.62 60.37
C GLN G 459 14.59 44.51 59.30
N LYS G 460 14.71 45.80 59.60
CA LYS G 460 15.20 46.75 58.62
C LYS G 460 16.70 47.03 58.67
N ASN G 461 17.40 46.42 59.62
CA ASN G 461 18.85 46.60 59.68
C ASN G 461 19.49 45.97 58.45
N ILE G 462 20.51 46.62 57.92
CA ILE G 462 21.12 46.14 56.67
C ILE G 462 21.88 44.85 56.89
N LEU G 463 22.66 44.76 57.98
CA LEU G 463 23.44 43.56 58.25
C LEU G 463 22.58 42.31 58.37
N ILE G 464 21.55 42.35 59.21
CA ILE G 464 20.73 41.18 59.51
C ILE G 464 19.49 41.15 58.63
N LYS G 465 19.41 42.09 57.68
CA LYS G 465 18.36 42.04 56.67
C LYS G 465 18.32 40.71 55.94
N ASN G 466 19.47 40.25 55.44
CA ASN G 466 19.60 38.92 54.86
C ASN G 466 20.32 38.06 55.89
N SER G 467 19.57 37.18 56.53
CA SER G 467 20.12 36.28 57.53
C SER G 467 19.38 34.96 57.48
N VAL G 468 20.12 33.86 57.51
CA VAL G 468 19.48 32.55 57.63
C VAL G 468 18.84 32.36 59.00
N PRO G 469 19.56 32.48 60.13
CA PRO G 469 18.92 32.17 61.42
C PRO G 469 17.89 33.18 61.86
N PHE G 470 17.97 34.43 61.41
CA PHE G 470 16.96 35.41 61.77
C PHE G 470 15.61 35.04 61.17
N TRP G 471 15.59 34.75 59.86
CA TRP G 471 14.32 34.45 59.22
C TRP G 471 13.87 33.02 59.45
N LEU G 472 14.78 32.12 59.84
CA LEU G 472 14.33 30.82 60.32
C LEU G 472 13.73 30.92 61.70
N THR G 473 14.27 31.81 62.55
CA THR G 473 13.68 32.03 63.86
C THR G 473 12.33 32.73 63.74
N TYR G 474 12.21 33.63 62.76
CA TYR G 474 10.91 34.24 62.50
C TYR G 474 9.95 33.22 61.90
N TYR G 475 10.46 32.30 61.09
CA TYR G 475 9.61 31.25 60.53
C TYR G 475 9.11 30.32 61.63
N LYS G 476 9.96 30.03 62.62
CA LYS G 476 9.54 29.18 63.72
C LYS G 476 8.62 29.92 64.68
N PHE G 477 8.81 31.25 64.82
CA PHE G 477 7.92 32.04 65.65
C PHE G 477 6.53 32.15 65.05
N GLU G 478 6.45 32.54 63.78
CA GLU G 478 5.17 32.61 63.09
C GLU G 478 4.62 31.23 62.76
N LYS G 479 5.41 30.17 62.93
CA LYS G 479 4.86 28.82 62.92
C LYS G 479 4.21 28.49 64.25
N SER G 480 4.89 28.82 65.36
CA SER G 480 4.39 28.53 66.69
C SER G 480 3.02 29.16 66.92
N ASN G 481 2.95 30.49 66.82
CA ASN G 481 1.66 31.16 66.72
C ASN G 481 1.10 30.86 65.33
N VAL G 482 -0.11 30.29 65.29
CA VAL G 482 -0.49 29.50 64.12
C VAL G 482 -0.89 30.38 62.94
N ASN G 483 -0.99 31.70 63.11
CA ASN G 483 -1.53 32.57 62.06
C ASN G 483 -0.76 32.44 60.75
N PHE G 484 -1.49 32.11 59.69
CA PHE G 484 -0.92 31.97 58.34
C PHE G 484 -0.73 33.29 57.63
N THR G 485 -1.50 34.32 58.00
CA THR G 485 -1.48 35.58 57.27
C THR G 485 -0.08 36.20 57.26
N LYS G 486 0.56 36.27 58.42
CA LYS G 486 1.93 36.77 58.47
C LYS G 486 2.87 35.85 57.69
N LEU G 487 2.64 34.54 57.78
CA LEU G 487 3.58 33.58 57.22
C LEU G 487 3.43 33.44 55.71
N ASN G 488 2.19 33.55 55.20
CA ASN G 488 2.01 33.67 53.74
C ASN G 488 2.78 34.86 53.19
N LYS G 489 2.60 36.03 53.80
CA LYS G 489 3.36 37.21 53.40
C LYS G 489 4.86 36.99 53.55
N PHE G 490 5.28 36.13 54.49
CA PHE G 490 6.69 35.76 54.59
C PHE G 490 7.14 35.00 53.36
N ILE G 491 6.38 34.00 52.92
CA ILE G 491 6.88 33.14 51.85
C ILE G 491 6.68 33.78 50.48
N ARG G 492 5.75 34.74 50.34
CA ARG G 492 5.59 35.37 49.03
C ARG G 492 6.53 36.55 48.85
N GLU G 493 7.13 37.04 49.94
CA GLU G 493 8.14 38.09 49.90
C GLU G 493 9.56 37.53 49.87
N LEU G 494 9.69 36.21 49.79
CA LEU G 494 10.97 35.56 50.03
C LEU G 494 11.92 35.67 48.85
N GLY G 495 11.40 35.75 47.63
CA GLY G 495 12.27 35.96 46.49
C GLY G 495 12.41 37.41 46.06
N VAL G 496 11.41 38.23 46.35
CA VAL G 496 11.42 39.61 45.89
C VAL G 496 12.29 40.48 46.79
N GLU G 497 12.13 40.37 48.11
CA GLU G 497 12.73 41.34 49.02
C GLU G 497 13.68 40.68 50.02
N ILE G 498 13.23 39.70 50.79
CA ILE G 498 14.09 39.11 51.80
C ILE G 498 14.92 38.01 51.17
N TYR G 499 16.24 38.20 51.07
CA TYR G 499 17.06 37.35 50.21
C TYR G 499 17.81 36.33 51.06
N LEU G 500 17.37 35.08 50.96
CA LEU G 500 18.08 33.95 51.52
C LEU G 500 18.73 33.14 50.41
N PRO G 501 19.52 32.11 50.74
CA PRO G 501 19.99 31.20 49.69
C PRO G 501 18.90 30.26 49.22
N THR G 502 19.12 29.67 48.05
CA THR G 502 18.08 28.88 47.39
C THR G 502 17.83 27.56 48.09
N THR G 503 18.87 26.94 48.66
CA THR G 503 18.68 25.71 49.41
C THR G 503 17.79 25.93 50.63
N VAL G 504 17.93 27.08 51.28
CA VAL G 504 17.08 27.39 52.42
C VAL G 504 15.68 27.80 51.95
N MET G 505 15.59 28.48 50.82
CA MET G 505 14.28 28.82 50.25
C MET G 505 13.47 27.58 49.94
N ASN G 506 14.06 26.58 49.29
CA ASN G 506 13.40 25.30 49.08
C ASN G 506 12.91 24.73 50.39
N ASP G 507 13.66 24.97 51.46
CA ASP G 507 13.35 24.39 52.76
C ASP G 507 12.12 25.05 53.38
N ILE G 508 12.08 26.39 53.41
CA ILE G 508 10.90 27.07 53.95
C ILE G 508 9.68 26.78 53.08
N LEU G 509 9.87 26.75 51.76
CA LEU G 509 8.72 26.51 50.89
C LEU G 509 8.16 25.11 51.06
N THR G 510 9.02 24.09 51.12
CA THR G 510 8.52 22.72 51.29
C THR G 510 7.94 22.52 52.69
N ASP G 511 8.70 22.88 53.72
CA ASP G 511 8.23 22.68 55.08
C ASP G 511 6.95 23.47 55.36
N TYR G 512 6.82 24.66 54.75
CA TYR G 512 5.59 25.41 54.89
C TYR G 512 4.46 24.84 54.05
N LYS G 513 4.78 24.20 52.93
CA LYS G 513 3.73 23.51 52.18
C LYS G 513 3.14 22.38 53.02
N THR G 514 3.99 21.55 53.60
CA THR G 514 3.51 20.48 54.46
C THR G 514 2.74 21.05 55.66
N PHE G 515 3.35 22.02 56.37
CA PHE G 515 2.69 22.62 57.53
C PHE G 515 1.32 23.18 57.17
N TYR G 516 1.22 23.84 56.02
CA TYR G 516 -0.05 24.44 55.64
C TYR G 516 -1.09 23.37 55.31
N LEU G 517 -0.69 22.33 54.57
CA LEU G 517 -1.62 21.24 54.30
C LEU G 517 -2.11 20.57 55.58
N THR G 518 -1.24 20.41 56.56
CA THR G 518 -1.66 19.72 57.78
C THR G 518 -2.54 20.58 58.67
N HIS G 519 -2.15 21.83 58.94
CA HIS G 519 -2.82 22.60 59.97
C HIS G 519 -3.95 23.49 59.47
N SER G 520 -4.13 23.66 58.16
CA SER G 520 -5.17 24.52 57.63
C SER G 520 -6.30 23.68 57.03
N ASN G 521 -7.31 24.38 56.52
CA ASN G 521 -8.44 23.78 55.84
C ASN G 521 -8.79 24.60 54.60
N ILE G 522 -9.89 24.20 53.94
CA ILE G 522 -10.25 24.83 52.67
C ILE G 522 -10.88 26.19 52.90
N VAL G 523 -11.78 26.30 53.90
CA VAL G 523 -12.43 27.58 54.18
C VAL G 523 -11.39 28.68 54.38
N THR G 524 -10.33 28.39 55.13
CA THR G 524 -9.23 29.35 55.25
C THR G 524 -8.49 29.52 53.93
N TYR G 525 -8.39 28.43 53.15
CA TYR G 525 -7.55 28.47 51.95
C TYR G 525 -8.14 29.36 50.86
N GLU G 526 -9.37 29.09 50.44
CA GLU G 526 -9.93 29.79 49.28
C GLU G 526 -10.18 31.26 49.58
N SER G 527 -10.29 31.63 50.85
CA SER G 527 -10.40 33.03 51.22
C SER G 527 -9.06 33.75 51.15
N SER G 528 -7.99 32.97 51.05
CA SER G 528 -6.64 33.49 51.17
C SER G 528 -6.00 33.90 49.85
N ILE G 529 -6.71 33.75 48.74
CA ILE G 529 -6.16 34.16 47.45
C ILE G 529 -6.85 35.42 46.96
N ILE G 530 -6.09 36.50 46.84
CA ILE G 530 -6.64 37.77 46.39
C ILE G 530 -7.13 37.71 44.94
N ASP G 531 -6.31 37.10 44.08
CA ASP G 531 -6.65 36.88 42.68
C ASP G 531 -6.34 38.10 41.82
N SER G 532 -5.95 39.19 42.47
CA SER G 532 -5.37 40.34 41.79
C SER G 532 -4.05 39.85 41.20
N ASN G 533 -3.39 39.00 41.98
CA ASN G 533 -2.18 38.32 41.61
C ASN G 533 -2.47 36.86 41.85
N THR G 534 -1.75 35.97 41.18
CA THR G 534 -2.01 34.56 41.36
C THR G 534 -1.11 34.01 42.44
N PHE G 535 -1.71 33.54 43.52
CA PHE G 535 -0.97 33.05 44.68
C PHE G 535 -1.82 32.02 45.40
N ASP G 536 -1.27 30.83 45.61
CA ASP G 536 -1.93 29.86 46.47
C ASP G 536 -0.88 29.16 47.30
N PRO G 537 -1.15 28.93 48.59
CA PRO G 537 -0.13 28.32 49.46
C PRO G 537 0.18 26.88 49.12
N ILE G 538 -0.75 26.14 48.52
CA ILE G 538 -0.43 24.79 48.07
C ILE G 538 0.43 24.80 46.82
N LEU G 539 -0.04 25.46 45.76
CA LEU G 539 0.60 25.37 44.45
C LEU G 539 1.78 26.30 44.27
N TYR G 540 1.68 27.55 44.73
CA TYR G 540 2.73 28.54 44.50
C TYR G 540 4.11 28.11 45.01
N PRO G 541 4.26 27.47 46.17
CA PRO G 541 5.59 26.97 46.53
C PRO G 541 6.16 25.97 45.54
N GLU G 542 5.31 25.24 44.81
CA GLU G 542 5.84 24.26 43.87
C GLU G 542 6.38 24.94 42.61
N LEU G 543 5.80 26.07 42.22
CA LEU G 543 6.33 26.81 41.08
C LEU G 543 7.52 27.67 41.45
N LYS G 544 7.63 28.08 42.71
CA LYS G 544 8.64 29.03 43.18
C LYS G 544 9.91 28.33 43.68
N MET G 545 10.01 27.01 43.55
CA MET G 545 11.01 26.30 44.34
C MET G 545 12.41 26.61 43.86
N SER G 546 12.79 26.20 42.65
CA SER G 546 14.11 26.51 42.14
C SER G 546 14.22 27.94 41.62
N ASN G 547 13.12 28.68 41.57
CA ASN G 547 13.13 30.03 41.00
C ASN G 547 13.02 31.06 42.11
N PRO G 548 14.11 31.77 42.47
CA PRO G 548 13.97 32.82 43.49
C PRO G 548 13.20 34.03 42.99
N LYS G 549 13.37 34.40 41.73
CA LYS G 549 12.81 35.64 41.18
C LYS G 549 11.46 35.42 40.50
N TYR G 550 10.87 34.23 40.62
CA TYR G 550 9.58 33.94 40.02
C TYR G 550 8.53 34.95 40.48
N ASP G 551 7.93 35.66 39.53
CA ASP G 551 6.85 36.59 39.78
C ASP G 551 5.61 36.15 39.02
N PRO G 552 4.52 35.81 39.68
CA PRO G 552 3.31 35.41 38.96
C PRO G 552 2.59 36.59 38.32
N VAL G 553 3.09 37.07 37.20
CA VAL G 553 2.60 38.29 36.56
C VAL G 553 1.78 37.90 35.34
N LEU G 554 0.53 38.37 35.30
CA LEU G 554 -0.37 38.13 34.17
C LEU G 554 -0.49 39.42 33.38
N ASN G 555 0.11 39.45 32.18
CA ASN G 555 0.05 40.65 31.38
C ASN G 555 0.07 40.27 29.89
N THR G 556 -0.76 40.97 29.11
CA THR G 556 -0.75 40.80 27.67
C THR G 556 0.32 41.64 26.99
N THR G 557 0.78 42.72 27.63
CA THR G 557 1.74 43.60 26.99
C THR G 557 3.15 43.04 26.98
N ALA G 558 3.41 41.94 27.69
CA ALA G 558 4.68 41.25 27.52
C ALA G 558 4.80 40.67 26.12
N ASN G 559 3.68 40.52 25.42
CA ASN G 559 3.69 40.05 24.04
C ASN G 559 4.15 41.16 23.09
N VAL G 560 3.79 42.42 23.41
CA VAL G 560 4.12 43.54 22.54
C VAL G 560 5.61 43.88 22.65
N ASP G 561 6.14 43.85 23.86
CA ASP G 561 7.54 44.23 24.12
C ASP G 561 8.50 43.08 23.88
N TRP G 562 8.01 41.94 23.41
CA TRP G 562 8.83 40.76 23.19
C TRP G 562 9.85 41.00 22.07
N HIS G 563 10.85 40.11 22.02
CA HIS G 563 11.96 39.96 21.06
C HIS G 563 13.02 41.04 21.22
N LYS G 564 12.85 42.01 22.13
CA LYS G 564 13.94 42.87 22.57
C LYS G 564 14.55 42.38 23.88
N LYS G 565 14.06 41.25 24.40
CA LYS G 565 14.46 40.74 25.70
C LYS G 565 15.64 39.79 25.57
N THR G 566 16.54 39.83 26.55
CA THR G 566 17.74 39.01 26.53
C THR G 566 17.43 37.52 26.45
N GLU G 567 16.28 37.08 26.95
CA GLU G 567 15.92 35.68 26.82
C GLU G 567 15.66 35.31 25.37
N TRP G 568 15.17 36.28 24.58
CA TRP G 568 15.01 36.04 23.15
C TRP G 568 16.34 36.10 22.42
N LYS G 569 17.20 37.05 22.79
CA LYS G 569 18.47 37.21 22.11
C LYS G 569 19.40 36.04 22.38
N GLU G 570 19.39 35.49 23.59
CA GLU G 570 20.02 34.20 23.78
C GLU G 570 18.93 33.19 24.08
N ALA G 571 18.78 32.19 23.22
CA ALA G 571 17.77 31.18 23.46
C ALA G 571 18.39 29.79 23.49
N GLY G 572 18.99 29.41 22.37
CA GLY G 572 19.71 28.15 22.26
C GLY G 572 21.13 28.21 22.76
N HIS G 573 21.63 29.41 23.06
CA HIS G 573 22.97 29.60 23.61
C HIS G 573 22.90 30.68 24.68
N ILE G 574 23.39 30.38 25.87
CA ILE G 574 23.25 31.26 27.02
C ILE G 574 24.54 32.04 27.24
N GLY G 575 24.40 33.28 27.72
CA GLY G 575 25.52 34.18 27.95
C GLY G 575 25.96 34.91 26.71
N ILE G 576 25.55 34.41 25.54
CA ILE G 576 25.96 34.98 24.26
C ILE G 576 24.71 35.59 23.63
N THR G 577 24.69 36.91 23.44
CA THR G 577 23.53 37.56 22.86
C THR G 577 23.79 37.87 21.39
N THR G 578 23.19 37.05 20.53
CA THR G 578 23.11 37.32 19.11
C THR G 578 21.90 38.20 18.81
N GLU G 579 21.97 38.92 17.70
CA GLU G 579 20.82 39.62 17.14
C GLU G 579 20.33 38.79 15.95
N ARG G 580 19.13 38.23 16.03
CA ARG G 580 18.72 37.26 15.02
C ARG G 580 17.72 37.79 14.00
N PRO G 581 18.03 37.52 12.66
CA PRO G 581 17.07 38.10 11.72
C PRO G 581 15.74 37.40 11.78
N GLN G 582 14.67 38.13 11.53
CA GLN G 582 13.33 37.54 11.50
C GLN G 582 12.45 38.38 10.60
N ILE G 583 11.40 37.76 10.08
CA ILE G 583 10.43 38.47 9.26
C ILE G 583 9.44 39.18 10.18
N SER G 584 9.26 40.48 9.96
CA SER G 584 8.40 41.27 10.85
C SER G 584 6.98 40.71 10.88
N ASN G 585 6.37 40.55 9.70
CA ASN G 585 5.04 39.97 9.59
C ASN G 585 5.18 38.54 9.05
N SER G 586 4.95 37.57 9.93
CA SER G 586 5.18 36.17 9.58
C SER G 586 3.85 35.43 9.45
N ILE G 587 3.75 34.59 8.41
CA ILE G 587 2.50 33.94 8.05
C ILE G 587 2.31 32.59 8.74
N ILE G 588 3.35 32.04 9.35
CA ILE G 588 3.31 30.67 9.85
C ILE G 588 2.23 30.44 10.90
N GLU G 589 1.66 31.49 11.47
CA GLU G 589 0.51 31.32 12.35
C GLU G 589 -0.79 31.13 11.58
N CYS G 590 -0.96 31.85 10.47
CA CYS G 590 -2.18 31.75 9.69
C CYS G 590 -2.21 30.47 8.87
N ASN G 591 -3.31 29.72 8.99
CA ASN G 591 -3.49 28.50 8.22
C ASN G 591 -3.65 28.82 6.75
N SER G 592 -3.31 27.84 5.91
CA SER G 592 -3.38 28.04 4.47
C SER G 592 -4.81 28.22 3.99
N GLY G 593 -5.78 27.71 4.75
CA GLY G 593 -7.18 27.94 4.39
C GLY G 593 -7.59 29.39 4.56
N THR G 594 -6.99 30.09 5.53
CA THR G 594 -7.30 31.49 5.75
C THR G 594 -6.43 32.43 4.94
N LEU G 595 -5.46 31.92 4.20
CA LEU G 595 -4.62 32.78 3.37
C LEU G 595 -5.26 33.10 2.03
N ILE G 596 -6.10 32.21 1.49
CA ILE G 596 -6.57 32.34 0.13
C ILE G 596 -7.56 33.48 -0.05
N GLN G 597 -8.11 34.01 1.04
CA GLN G 597 -8.97 35.19 0.96
C GLN G 597 -8.27 36.35 0.28
N LYS G 598 -7.20 36.85 0.89
CA LYS G 598 -6.52 38.03 0.41
C LYS G 598 -5.09 37.71 -0.03
N PRO G 599 -4.57 38.43 -1.03
CA PRO G 599 -3.17 38.24 -1.41
C PRO G 599 -2.23 38.60 -0.26
N ILE G 600 -1.22 37.78 -0.06
CA ILE G 600 -0.31 37.94 1.06
C ILE G 600 0.63 39.10 0.79
N SER G 601 0.78 39.99 1.77
CA SER G 601 1.72 41.10 1.63
C SER G 601 3.14 40.60 1.58
N LEU G 602 4.02 41.43 1.00
CA LEU G 602 5.43 41.07 0.92
C LEU G 602 6.04 41.04 2.32
N PRO G 603 7.06 40.22 2.54
CA PRO G 603 7.66 40.14 3.88
C PRO G 603 8.39 41.41 4.28
N ASN G 604 8.09 41.93 5.46
CA ASN G 604 8.87 43.01 6.05
C ASN G 604 9.88 42.40 7.00
N PHE G 605 11.14 42.81 6.89
CA PHE G 605 12.17 42.19 7.70
C PHE G 605 12.59 43.12 8.85
N ARG G 606 13.46 42.58 9.71
CA ARG G 606 14.18 43.37 10.69
C ARG G 606 15.41 42.57 11.11
N ASN G 607 16.40 43.27 11.66
CA ASN G 607 17.59 42.65 12.22
C ASN G 607 18.33 41.81 11.20
N LEU G 608 18.24 42.19 9.92
CA LEU G 608 18.82 41.40 8.85
C LEU G 608 20.27 41.76 8.56
N GLU G 609 20.75 42.90 9.08
CA GLU G 609 22.13 43.29 8.85
C GLU G 609 23.07 42.57 9.81
N LYS G 610 22.54 42.13 10.95
CA LYS G 610 23.33 41.69 12.10
C LYS G 610 23.56 40.18 12.10
N ILE G 611 23.20 39.49 11.01
CA ILE G 611 23.24 38.03 10.98
C ILE G 611 24.62 37.50 11.40
N ASN G 612 25.70 38.18 11.01
CA ASN G 612 27.04 37.77 11.42
C ASN G 612 27.49 38.45 12.70
N GLN G 613 26.72 39.41 13.21
CA GLN G 613 27.11 40.14 14.41
C GLN G 613 26.66 39.33 15.62
N VAL G 614 27.63 38.86 16.40
CA VAL G 614 27.38 38.11 17.62
C VAL G 614 28.29 38.66 18.70
N LYS G 615 27.69 39.19 19.76
CA LYS G 615 28.43 39.91 20.78
C LYS G 615 28.40 39.17 22.11
N ILE G 616 29.52 39.26 22.83
CA ILE G 616 29.63 38.71 24.18
C ILE G 616 30.30 39.76 25.03
N ASN G 617 29.68 40.13 26.15
CA ASN G 617 30.40 40.79 27.22
C ASN G 617 31.16 39.69 27.94
N ASP G 618 32.49 39.78 27.94
CA ASP G 618 33.30 38.74 28.58
C ASP G 618 33.51 39.19 30.01
N LEU G 619 32.83 38.51 30.92
CA LEU G 619 32.86 38.89 32.32
C LEU G 619 33.92 38.13 33.11
N TYR G 620 34.47 37.07 32.52
CA TYR G 620 35.54 36.32 33.17
C TYR G 620 36.90 36.97 32.95
N THR G 621 37.14 37.50 31.76
CA THR G 621 38.46 38.04 31.44
C THR G 621 38.66 39.41 32.07
N GLU G 622 37.70 40.32 31.87
CA GLU G 622 37.95 41.72 32.18
C GLU G 622 37.82 42.03 33.66
N GLU G 623 36.96 41.33 34.39
CA GLU G 623 36.83 41.55 35.83
C GLU G 623 37.66 40.59 36.66
N PHE G 624 38.37 39.64 36.03
CA PHE G 624 39.17 38.71 36.80
C PHE G 624 40.60 38.65 36.26
N LEU G 625 40.77 38.20 35.02
CA LEU G 625 42.09 38.17 34.42
C LEU G 625 42.71 39.56 34.30
N LYS G 626 41.93 40.57 33.91
CA LYS G 626 42.40 41.94 33.85
C LYS G 626 42.45 42.61 35.20
N GLU G 627 41.55 42.25 36.11
CA GLU G 627 41.44 42.88 37.44
C GLU G 627 41.30 44.38 37.33
N ASN H 289 25.88 18.12 -16.40
CA ASN H 289 25.49 17.57 -15.11
C ASN H 289 26.69 17.50 -14.17
N HIS H 290 27.47 18.58 -14.13
CA HIS H 290 28.64 18.64 -13.26
C HIS H 290 28.28 19.26 -11.92
N MET H 291 27.96 20.55 -11.91
CA MET H 291 27.51 21.19 -10.68
C MET H 291 26.12 20.68 -10.32
N SER H 292 25.81 20.77 -9.03
CA SER H 292 24.54 20.28 -8.50
C SER H 292 23.77 21.43 -7.89
N GLN H 293 22.47 21.22 -7.73
CA GLN H 293 21.61 22.28 -7.23
C GLN H 293 21.87 22.57 -5.75
N PHE H 294 22.17 21.53 -4.97
CA PHE H 294 22.25 21.64 -3.53
C PHE H 294 23.58 21.11 -3.01
N ILE H 295 24.05 21.68 -1.90
CA ILE H 295 25.28 21.27 -1.25
C ILE H 295 25.02 21.25 0.25
N TYR H 296 25.85 20.53 1.00
CA TYR H 296 25.80 20.64 2.44
C TYR H 296 26.57 21.87 2.89
N PRO H 297 26.04 22.66 3.83
CA PRO H 297 26.69 23.91 4.23
C PRO H 297 27.96 23.64 5.03
N VAL H 298 29.01 24.38 4.70
CA VAL H 298 30.27 24.34 5.44
C VAL H 298 30.46 25.66 6.17
N GLN H 299 31.00 25.59 7.38
CA GLN H 299 30.97 26.77 8.24
C GLN H 299 32.20 26.76 9.15
N GLN H 300 32.65 27.97 9.49
CA GLN H 300 33.90 28.18 10.22
C GLN H 300 33.72 27.96 11.71
N GLN H 301 34.82 27.62 12.39
CA GLN H 301 34.86 27.35 13.82
C GLN H 301 35.26 28.59 14.61
N PRO H 302 34.56 28.87 15.72
CA PRO H 302 34.77 30.14 16.44
C PRO H 302 35.84 30.09 17.53
N SER H 303 37.07 29.74 17.19
CA SER H 303 38.30 29.98 17.93
C SER H 303 38.39 29.25 19.27
N LEU H 304 37.28 28.67 19.76
CA LEU H 304 37.27 27.88 20.99
C LEU H 304 37.76 28.70 22.19
N ASN H 305 36.89 29.62 22.62
CA ASN H 305 37.05 30.24 23.94
C ASN H 305 36.06 29.59 24.90
N HIS H 306 36.05 30.07 26.14
CA HIS H 306 35.24 29.39 27.14
C HIS H 306 33.76 29.73 27.01
N PHE H 307 33.45 30.63 26.09
CA PHE H 307 32.09 31.07 25.78
C PHE H 307 31.45 30.28 24.61
N THR H 308 32.26 29.74 23.73
CA THR H 308 31.82 28.97 22.57
C THR H 308 32.02 27.48 22.81
N ASP H 309 32.52 27.13 24.00
CA ASP H 309 32.76 25.75 24.34
C ASP H 309 31.44 25.12 24.77
N PRO H 310 30.89 24.17 23.99
CA PRO H 310 29.60 23.57 24.35
C PRO H 310 29.65 22.68 25.58
N ASN H 311 30.84 22.25 26.00
CA ASN H 311 30.97 21.37 27.15
C ASN H 311 31.18 22.13 28.46
N ASN H 312 31.34 23.45 28.41
CA ASN H 312 31.68 24.21 29.61
C ASN H 312 30.58 24.10 30.64
N THR H 313 30.98 24.00 31.91
CA THR H 313 30.08 23.79 33.04
C THR H 313 30.26 24.92 34.06
N THR H 314 31.49 25.06 34.55
CA THR H 314 31.80 26.05 35.58
C THR H 314 31.30 27.45 35.20
N VAL H 315 30.61 28.08 36.15
CA VAL H 315 30.03 29.40 36.00
C VAL H 315 30.80 30.38 36.86
N PHE H 316 31.38 31.39 36.22
CA PHE H 316 32.02 32.49 36.93
C PHE H 316 30.95 33.40 37.55
N ILE H 317 30.98 33.53 38.87
CA ILE H 317 30.05 34.38 39.60
C ILE H 317 30.84 35.61 40.06
N GLY H 318 30.58 36.75 39.42
CA GLY H 318 31.25 37.98 39.78
C GLY H 318 30.34 38.92 40.55
N GLY H 319 30.96 39.94 41.13
CA GLY H 319 30.23 40.93 41.90
C GLY H 319 29.80 40.49 43.28
N LEU H 320 30.58 39.63 43.94
CA LEU H 320 30.20 39.18 45.27
C LEU H 320 30.46 40.28 46.30
N SER H 321 30.03 40.03 47.53
CA SER H 321 30.27 40.97 48.62
C SER H 321 31.61 40.77 49.30
N SER H 322 32.20 39.58 49.18
CA SER H 322 33.39 39.17 49.93
C SER H 322 33.17 39.23 51.43
N LEU H 323 31.90 39.26 51.88
CA LEU H 323 31.52 38.97 53.25
C LEU H 323 31.00 37.54 53.34
N VAL H 324 30.90 36.87 52.20
CA VAL H 324 30.22 35.59 52.07
C VAL H 324 31.27 34.49 52.11
N THR H 325 30.93 33.37 52.74
CA THR H 325 31.79 32.20 52.73
C THR H 325 31.51 31.35 51.49
N GLU H 326 32.26 30.26 51.34
CA GLU H 326 32.01 29.35 50.24
C GLU H 326 30.87 28.40 50.54
N ASP H 327 30.70 28.00 51.81
CA ASP H 327 29.60 27.11 52.17
C ASP H 327 28.25 27.79 52.04
N GLU H 328 28.23 29.13 52.09
CA GLU H 328 27.00 29.85 51.80
C GLU H 328 26.72 29.87 50.30
N LEU H 329 27.74 30.10 49.49
CA LEU H 329 27.57 30.06 48.03
C LEU H 329 27.11 28.68 47.57
N ARG H 330 27.64 27.62 48.17
CA ARG H 330 27.12 26.28 47.89
C ARG H 330 25.64 26.20 48.18
N ALA H 331 25.19 26.76 49.30
CA ALA H 331 23.76 26.82 49.59
C ALA H 331 22.95 27.48 48.48
N TYR H 332 23.49 28.54 47.86
CA TYR H 332 22.82 29.15 46.72
C TYR H 332 22.77 28.23 45.51
N PHE H 333 23.90 27.67 45.10
CA PHE H 333 24.00 26.94 43.84
C PHE H 333 23.79 25.44 44.00
N GLN H 334 23.43 24.98 45.20
CA GLN H 334 23.18 23.55 45.39
C GLN H 334 21.96 23.04 44.62
N PRO H 335 20.76 23.64 44.77
CA PRO H 335 19.56 23.02 44.19
C PRO H 335 19.55 22.89 42.68
N PHE H 336 20.38 23.65 41.96
CA PHE H 336 20.37 23.57 40.50
C PHE H 336 21.02 22.31 39.96
N GLY H 337 21.67 21.51 40.81
CA GLY H 337 22.27 20.28 40.35
C GLY H 337 23.45 19.91 41.24
N THR H 338 24.03 18.76 40.93
CA THR H 338 25.20 18.28 41.65
C THR H 338 26.44 19.07 41.25
N ILE H 339 27.28 19.37 42.23
CA ILE H 339 28.41 20.28 42.05
C ILE H 339 29.71 19.51 42.21
N VAL H 340 30.63 19.73 41.27
CA VAL H 340 32.04 19.49 41.55
C VAL H 340 32.71 20.85 41.71
N TYR H 341 33.01 21.22 42.96
CA TYR H 341 33.38 22.60 43.19
C TYR H 341 34.86 22.82 42.87
N VAL H 342 35.20 24.06 42.55
CA VAL H 342 36.57 24.45 42.23
C VAL H 342 37.19 25.28 43.35
N LYS H 343 36.81 26.56 43.47
CA LYS H 343 37.34 27.42 44.52
C LYS H 343 36.66 28.79 44.44
N ILE H 344 36.75 29.54 45.54
CA ILE H 344 36.41 30.95 45.59
C ILE H 344 37.67 31.76 45.92
N PRO H 345 38.16 32.60 45.01
CA PRO H 345 39.37 33.37 45.30
C PRO H 345 39.21 34.27 46.52
N VAL H 346 40.33 34.55 47.16
CA VAL H 346 40.34 35.45 48.31
C VAL H 346 40.67 36.85 47.83
N GLY H 347 39.98 37.85 48.40
CA GLY H 347 40.25 39.24 48.09
C GLY H 347 39.85 39.69 46.71
N LYS H 348 39.46 38.78 45.83
CA LYS H 348 39.11 39.12 44.45
C LYS H 348 37.64 39.43 44.28
N CYS H 349 36.84 39.21 45.33
CA CYS H 349 35.40 39.50 45.38
C CYS H 349 34.65 38.93 44.19
N CYS H 350 35.18 37.86 43.58
CA CYS H 350 34.43 37.14 42.55
C CYS H 350 34.81 35.67 42.71
N GLY H 351 33.82 34.80 42.78
CA GLY H 351 34.07 33.38 42.79
C GLY H 351 33.67 32.72 41.49
N PHE H 352 33.66 31.39 41.51
CA PHE H 352 33.06 30.61 40.44
C PHE H 352 32.77 29.20 40.93
N VAL H 353 31.85 28.51 40.25
CA VAL H 353 31.33 27.22 40.65
C VAL H 353 31.50 26.28 39.46
N GLN H 354 31.38 24.98 39.68
CA GLN H 354 31.35 24.05 38.56
C GLN H 354 30.37 22.94 38.84
N TYR H 355 29.48 22.67 37.88
CA TYR H 355 28.55 21.55 37.97
C TYR H 355 29.07 20.38 37.15
N VAL H 356 28.33 19.28 37.20
CA VAL H 356 28.63 18.12 36.36
C VAL H 356 28.09 18.29 34.96
N ASP H 357 26.86 18.77 34.81
CA ASP H 357 26.19 18.84 33.52
C ASP H 357 25.90 20.29 33.15
N ARG H 358 25.95 20.57 31.85
CA ARG H 358 25.77 21.94 31.38
C ARG H 358 24.33 22.41 31.60
N LEU H 359 23.37 21.49 31.58
CA LEU H 359 21.98 21.88 31.79
C LEU H 359 21.79 22.50 33.16
N SER H 360 22.45 21.93 34.16
CA SER H 360 22.40 22.53 35.50
C SER H 360 23.12 23.87 35.53
N ALA H 361 24.23 24.00 34.80
CA ALA H 361 24.93 25.28 34.74
C ALA H 361 24.05 26.37 34.16
N GLU H 362 23.44 26.12 33.00
CA GLU H 362 22.55 27.08 32.37
C GLU H 362 21.34 27.36 33.24
N ALA H 363 20.81 26.34 33.92
CA ALA H 363 19.72 26.55 34.85
C ALA H 363 20.14 27.44 36.02
N ALA H 364 21.42 27.43 36.38
CA ALA H 364 21.91 28.31 37.43
C ALA H 364 22.15 29.73 36.91
N ILE H 365 22.64 29.86 35.69
CA ILE H 365 22.88 31.18 35.11
C ILE H 365 21.57 31.92 34.89
N ALA H 366 20.61 31.23 34.26
CA ALA H 366 19.29 31.83 34.08
C ALA H 366 18.55 31.94 35.40
N GLY H 367 18.75 30.98 36.30
CA GLY H 367 18.08 30.98 37.58
C GLY H 367 18.46 32.17 38.44
N MET H 368 19.75 32.38 38.66
CA MET H 368 20.26 33.52 39.41
C MET H 368 21.02 34.43 38.45
N GLN H 369 20.42 35.57 38.14
CA GLN H 369 21.09 36.66 37.45
C GLN H 369 20.67 37.95 38.11
N GLY H 370 21.61 38.70 38.65
CA GLY H 370 21.26 39.90 39.39
C GLY H 370 20.66 39.62 40.75
N PHE H 371 20.85 38.41 41.29
CA PHE H 371 20.29 38.04 42.58
C PHE H 371 21.22 38.48 43.69
N PRO H 372 20.80 39.39 44.57
CA PRO H 372 21.73 39.94 45.57
C PRO H 372 22.13 38.92 46.61
N ILE H 373 23.43 38.86 46.88
CA ILE H 373 24.00 38.05 47.96
C ILE H 373 24.73 39.01 48.89
N ALA H 374 24.23 39.14 50.11
CA ALA H 374 24.74 40.11 51.09
C ALA H 374 24.61 41.53 50.54
N ASN H 375 23.44 41.83 49.96
CA ASN H 375 23.09 43.16 49.48
C ASN H 375 24.02 43.64 48.38
N SER H 376 24.40 42.71 47.49
CA SER H 376 25.17 43.07 46.31
C SER H 376 24.58 42.31 45.12
N ARG H 377 24.05 43.05 44.14
CA ARG H 377 23.57 42.43 42.92
C ARG H 377 24.70 41.65 42.25
N VAL H 378 24.45 40.37 42.00
CA VAL H 378 25.47 39.45 41.49
C VAL H 378 25.40 39.44 39.97
N ARG H 379 26.56 39.50 39.33
CA ARG H 379 26.66 39.44 37.87
C ARG H 379 27.52 38.25 37.49
N LEU H 380 26.91 37.24 36.87
CA LEU H 380 27.59 35.98 36.63
C LEU H 380 27.43 35.57 35.17
N SER H 381 28.49 34.95 34.65
CA SER H 381 28.58 34.54 33.25
C SER H 381 29.50 33.33 33.20
N TRP H 382 29.91 32.96 31.99
CA TRP H 382 30.77 31.80 31.83
C TRP H 382 32.23 32.14 32.11
N GLY H 383 32.97 31.18 32.64
CA GLY H 383 34.38 31.31 32.95
C GLY H 383 35.04 29.97 33.17
N ARG H 384 36.37 29.91 33.11
CA ARG H 384 37.07 28.64 33.22
C ARG H 384 37.36 28.27 34.68
N SER H 385 38.07 27.17 34.85
CA SER H 385 38.40 26.61 36.15
C SER H 385 39.75 27.15 36.62
N ALA H 386 40.30 26.55 37.68
CA ALA H 386 41.49 27.08 38.32
C ALA H 386 42.73 26.85 37.48
N LYS H 387 42.93 25.62 36.99
CA LYS H 387 44.17 25.31 36.28
C LYS H 387 44.23 26.05 34.95
N GLN H 388 43.14 26.03 34.17
CA GLN H 388 43.10 26.80 32.94
C GLN H 388 43.24 28.29 33.22
N THR H 389 42.76 28.74 34.38
CA THR H 389 43.02 30.12 34.78
C THR H 389 44.51 30.37 34.96
N ALA H 390 45.22 29.41 35.56
CA ALA H 390 46.67 29.56 35.70
C ALA H 390 47.34 29.62 34.33
N LEU H 391 46.99 28.69 33.45
CA LEU H 391 47.52 28.70 32.09
C LEU H 391 47.21 29.99 31.35
N LEU H 392 46.10 30.66 31.67
CA LEU H 392 45.82 31.94 31.06
C LEU H 392 46.65 33.05 31.69
N GLN H 393 46.73 33.09 33.02
CA GLN H 393 47.44 34.17 33.69
C GLN H 393 48.94 34.14 33.42
N GLN H 394 49.51 32.96 33.14
CA GLN H 394 50.91 32.94 32.73
C GLN H 394 51.07 33.53 31.33
N ALA H 395 50.02 33.44 30.50
CA ALA H 395 50.07 34.03 29.17
C ALA H 395 49.77 35.52 29.18
N MET H 396 48.97 35.98 30.15
CA MET H 396 48.59 37.40 30.18
C MET H 396 49.82 38.28 30.38
N LEU H 397 50.79 37.80 31.16
CA LEU H 397 52.01 38.57 31.36
C LEU H 397 52.91 38.52 30.13
N SER H 398 52.97 37.37 29.48
CA SER H 398 53.85 37.17 28.33
C SER H 398 53.15 37.35 26.99
N ASN H 399 51.84 37.62 27.00
CA ASN H 399 50.99 37.96 25.85
C ASN H 399 51.41 37.20 24.60
N SER H 400 51.25 35.87 24.62
CA SER H 400 51.76 35.01 23.55
C SER H 400 50.64 34.37 22.74
N LEU H 401 49.92 33.43 23.34
CA LEU H 401 48.98 32.60 22.58
C LEU H 401 47.57 32.60 23.18
N GLN H 402 47.45 32.11 24.42
CA GLN H 402 46.17 31.89 25.08
C GLN H 402 45.34 30.85 24.33
N VAL H 403 45.95 29.70 24.04
CA VAL H 403 45.24 28.62 23.36
C VAL H 403 44.43 27.86 24.41
N GLN H 404 43.10 27.87 24.27
CA GLN H 404 42.21 27.21 25.20
C GLN H 404 42.21 25.69 25.00
N GLN H 405 41.79 24.98 26.03
CA GLN H 405 41.56 23.55 25.95
C GLN H 405 40.20 23.24 26.57
N GLN H 406 39.29 22.72 25.75
CA GLN H 406 37.91 22.52 26.17
C GLN H 406 37.81 21.45 27.25
N GLN H 407 36.70 21.47 27.98
CA GLN H 407 36.49 20.50 29.03
C GLN H 407 36.29 19.10 28.46
N PRO H 408 36.60 18.06 29.23
CA PRO H 408 36.38 16.70 28.75
C PRO H 408 34.90 16.32 28.71
N GLY H 409 34.54 15.56 27.69
CA GLY H 409 33.18 15.08 27.54
C GLY H 409 32.89 13.87 28.41
N LEU H 410 31.63 13.46 28.37
CA LEU H 410 31.19 12.35 29.19
C LEU H 410 31.16 11.03 28.43
N GLN H 411 31.61 11.01 27.17
CA GLN H 411 31.64 9.80 26.34
C GLN H 411 30.22 9.29 26.19
N GLN H 412 29.40 10.02 25.43
CA GLN H 412 27.96 9.87 25.58
C GLN H 412 27.16 8.99 24.64
N PRO H 413 27.02 7.71 24.99
CA PRO H 413 25.81 7.10 25.52
C PRO H 413 25.87 7.29 27.02
N ASN H 414 24.80 7.59 27.73
CA ASN H 414 24.57 7.02 29.04
C ASN H 414 23.08 6.87 29.32
N TYR H 415 22.64 5.64 29.54
CA TYR H 415 21.22 5.40 29.67
C TYR H 415 20.72 5.52 31.10
N GLY H 416 21.63 5.51 32.07
CA GLY H 416 21.20 5.46 33.46
C GLY H 416 21.09 6.84 34.09
N TYR H 417 21.77 7.83 33.53
CA TYR H 417 21.87 9.13 34.17
C TYR H 417 20.81 10.09 33.64
N ILE H 418 20.21 10.85 34.55
CA ILE H 418 19.27 11.90 34.21
C ILE H 418 19.89 13.23 34.63
N PRO H 419 20.27 14.10 33.68
CA PRO H 419 20.99 15.31 34.03
C PRO H 419 20.18 16.23 34.93
N SER H 420 20.92 17.08 35.66
CA SER H 420 20.35 18.05 36.60
C SER H 420 19.49 17.34 37.64
N SER H 421 20.15 16.48 38.42
CA SER H 421 19.52 15.77 39.51
C SER H 421 20.56 15.51 40.59
N THR H 422 20.12 15.52 41.84
CA THR H 422 21.02 15.48 42.99
C THR H 422 20.75 14.24 43.83
N CYS H 423 21.81 13.67 44.39
CA CYS H 423 21.70 12.64 45.41
C CYS H 423 21.95 13.31 46.75
N GLU H 424 20.89 13.44 47.55
CA GLU H 424 20.94 14.30 48.72
C GLU H 424 21.67 13.68 49.90
N ALA H 425 21.88 12.37 49.90
CA ALA H 425 22.64 11.70 50.95
C ALA H 425 23.03 10.32 50.45
N PRO H 426 23.83 9.57 51.23
CA PRO H 426 24.07 8.19 50.83
C PRO H 426 23.06 7.22 51.45
N ASN H 432 22.76 -0.65 50.86
CA ASN H 432 22.57 -1.74 49.91
C ASN H 432 21.40 -1.46 48.97
N VAL H 433 21.68 -1.50 47.66
CA VAL H 433 20.65 -1.21 46.67
C VAL H 433 20.70 -2.23 45.53
N SER H 434 19.62 -2.98 45.36
CA SER H 434 19.35 -3.75 44.15
C SER H 434 18.02 -3.26 43.58
N SER H 435 18.09 -2.53 42.47
CA SER H 435 16.89 -1.90 41.94
C SER H 435 16.40 -2.63 40.69
N THR H 436 15.31 -2.11 40.15
CA THR H 436 14.77 -2.65 38.90
C THR H 436 15.40 -2.03 37.67
N MET H 437 16.09 -0.89 37.83
CA MET H 437 16.74 -0.19 36.72
C MET H 437 15.74 0.20 35.64
N LEU H 438 14.50 0.45 36.04
CA LEU H 438 13.46 0.87 35.11
C LEU H 438 13.65 2.32 34.70
N PRO H 439 13.06 2.72 33.57
CA PRO H 439 13.33 4.07 33.04
C PRO H 439 12.92 5.18 33.99
N GLY H 440 11.75 5.11 34.61
CA GLY H 440 11.27 6.24 35.40
C GLY H 440 12.20 6.64 36.51
N CYS H 441 12.75 5.66 37.22
CA CYS H 441 13.63 5.94 38.35
C CYS H 441 14.98 6.44 37.87
N GLN H 442 15.68 7.14 38.76
CA GLN H 442 17.03 7.62 38.52
C GLN H 442 18.00 6.53 38.96
N ILE H 443 18.72 5.95 38.01
CA ILE H 443 19.55 4.79 38.27
C ILE H 443 20.86 5.25 38.88
N LEU H 444 21.69 5.91 38.09
CA LEU H 444 22.98 6.39 38.57
C LEU H 444 22.87 7.85 39.00
N ASN H 445 23.94 8.35 39.59
CA ASN H 445 23.97 9.72 40.11
C ASN H 445 25.41 10.00 40.56
N TYR H 446 25.65 11.17 41.14
CA TYR H 446 26.97 11.55 41.63
C TYR H 446 26.89 11.80 43.13
N SER H 447 28.03 11.70 43.80
CA SER H 447 28.13 12.01 45.22
C SER H 447 29.00 13.26 45.43
N ASN H 448 28.66 14.02 46.46
CA ASN H 448 29.37 15.25 46.76
C ASN H 448 30.77 14.98 47.28
N GLY H 491 33.99 12.29 44.94
CA GLY H 491 33.87 11.73 43.60
C GLY H 491 33.56 10.25 43.59
N GLN H 492 32.29 9.91 43.80
CA GLN H 492 31.86 8.51 43.81
C GLN H 492 30.52 8.41 43.10
N GLN H 493 30.44 7.53 42.10
CA GLN H 493 29.19 7.28 41.38
C GLN H 493 28.35 6.33 42.22
N VAL H 494 27.15 6.76 42.59
CA VAL H 494 26.28 5.97 43.46
C VAL H 494 25.00 5.66 42.71
N ILE H 495 24.43 4.48 42.98
CA ILE H 495 23.12 4.09 42.47
C ILE H 495 22.07 4.64 43.41
N MET H 496 21.15 5.43 42.87
CA MET H 496 20.17 6.14 43.69
C MET H 496 18.95 5.28 43.91
N GLN H 497 18.58 5.08 45.18
CA GLN H 497 17.37 4.36 45.55
C GLN H 497 16.22 5.37 45.63
N GLY H 498 15.20 5.18 44.78
CA GLY H 498 14.15 6.18 44.67
C GLY H 498 13.32 6.32 45.94
N SER H 499 13.14 5.22 46.68
CA SER H 499 12.35 5.29 47.91
C SER H 499 13.13 5.98 49.02
N GLU H 500 14.39 5.59 49.22
CA GLU H 500 15.19 6.11 50.31
C GLU H 500 15.68 7.53 50.06
N ALA H 501 15.75 7.96 48.80
CA ALA H 501 16.29 9.29 48.50
C ALA H 501 15.37 10.39 48.98
N VAL H 502 14.06 10.19 48.85
CA VAL H 502 13.12 11.23 49.28
C VAL H 502 13.11 11.35 50.79
N VAL H 503 13.12 10.22 51.51
CA VAL H 503 13.09 10.29 52.96
C VAL H 503 14.41 10.80 53.51
N ASN H 504 15.53 10.48 52.85
CA ASN H 504 16.80 11.08 53.24
C ASN H 504 16.82 12.59 53.00
N SER H 505 16.37 13.04 51.83
CA SER H 505 16.39 14.45 51.51
C SER H 505 15.48 15.24 52.45
N THR H 506 14.31 14.68 52.78
CA THR H 506 13.43 15.34 53.74
C THR H 506 14.02 15.30 55.15
N ASN H 507 14.78 14.25 55.48
CA ASN H 507 15.42 14.19 56.79
C ASN H 507 16.45 15.31 56.93
N ALA H 508 17.34 15.43 55.94
CA ALA H 508 18.29 16.54 55.93
C ALA H 508 17.60 17.89 55.83
N MET H 509 16.41 17.93 55.23
CA MET H 509 15.66 19.18 55.15
C MET H 509 15.19 19.62 56.53
N LEU H 510 14.62 18.69 57.30
CA LEU H 510 14.13 19.04 58.63
C LEU H 510 15.26 19.23 59.62
N ASN H 511 16.43 18.63 59.36
CA ASN H 511 17.59 18.93 60.19
C ASN H 511 18.14 20.32 59.89
N ARG H 512 18.18 20.69 58.61
CA ARG H 512 18.74 21.98 58.21
C ARG H 512 17.97 23.15 58.81
N LEU H 513 16.66 22.99 59.05
CA LEU H 513 15.90 24.02 59.75
C LEU H 513 16.31 24.17 61.20
N GLU H 514 16.31 23.08 61.98
CA GLU H 514 16.65 23.16 63.39
C GLU H 514 18.10 23.61 63.63
N GLN H 515 19.03 23.15 62.81
CA GLN H 515 20.41 23.64 62.97
C GLN H 515 20.56 25.05 62.41
N GLY H 516 19.79 25.40 61.39
CA GLY H 516 19.94 26.71 60.78
C GLY H 516 19.38 27.82 61.65
N SER H 517 18.31 27.54 62.38
CA SER H 517 17.70 28.58 63.22
C SER H 517 18.60 28.97 64.38
N ASN H 518 19.37 28.04 64.91
CA ASN H 518 20.16 28.27 66.11
C ASN H 518 21.61 28.67 65.82
N GLY H 519 21.99 28.72 64.54
CA GLY H 519 23.27 29.27 64.15
C GLY H 519 24.35 28.25 63.82
N PHE H 520 24.07 26.96 63.91
CA PHE H 520 25.11 25.97 63.63
C PHE H 520 25.37 25.83 62.14
N MET H 521 24.31 25.80 61.33
CA MET H 521 24.44 25.73 59.89
C MET H 521 24.04 27.07 59.28
N PHE H 522 24.76 27.46 58.23
CA PHE H 522 24.52 28.75 57.60
C PHE H 522 24.71 28.67 56.08
N PHE I 45 -25.26 40.04 45.50
CA PHE I 45 -24.79 38.70 45.18
C PHE I 45 -25.91 37.66 45.28
N ASP I 46 -27.14 38.09 45.03
CA ASP I 46 -28.29 37.21 44.93
C ASP I 46 -28.61 36.98 43.46
N ILE I 47 -29.09 35.78 43.14
CA ILE I 47 -29.10 35.35 41.75
C ILE I 47 -30.28 35.95 41.00
N TRP I 48 -31.37 36.26 41.69
CA TRP I 48 -32.56 36.73 40.99
C TRP I 48 -32.45 38.19 40.57
N LYS I 49 -32.03 39.07 41.48
CA LYS I 49 -31.84 40.47 41.11
C LYS I 49 -30.74 40.60 40.06
N ASN I 50 -29.70 39.78 40.17
CA ASN I 50 -28.62 39.80 39.19
C ASN I 50 -29.08 39.24 37.85
N LEU I 51 -29.99 38.27 37.87
CA LEU I 51 -30.51 37.69 36.63
C LEU I 51 -31.48 38.64 35.94
N ASP I 52 -32.23 39.43 36.70
CA ASP I 52 -33.03 40.47 36.08
C ASP I 52 -32.15 41.59 35.54
N ARG I 53 -31.09 41.95 36.28
CA ARG I 53 -30.17 42.96 35.78
C ARG I 53 -29.53 42.52 34.46
N ILE I 54 -29.15 41.24 34.35
CA ILE I 54 -28.65 40.77 33.06
C ILE I 54 -29.76 40.61 32.04
N ARG I 55 -31.01 40.44 32.48
CA ARG I 55 -32.12 40.48 31.53
C ARG I 55 -32.26 41.86 30.89
N SER I 56 -31.97 42.92 31.65
CA SER I 56 -32.22 44.27 31.16
C SER I 56 -31.15 44.71 30.15
N THR I 57 -29.87 44.50 30.47
CA THR I 57 -28.78 45.12 29.75
C THR I 57 -28.13 44.21 28.69
N LYS I 58 -28.65 43.00 28.49
CA LYS I 58 -27.98 42.03 27.64
C LYS I 58 -28.30 42.14 26.15
N LYS I 59 -29.14 43.09 25.75
CA LYS I 59 -29.47 43.27 24.33
C LYS I 59 -30.06 41.98 23.75
N ASN I 60 -31.31 41.69 24.09
CA ASN I 60 -32.03 40.52 23.60
C ASN I 60 -31.35 39.22 24.02
N ALA I 61 -31.46 38.89 25.32
CA ALA I 61 -30.98 37.63 25.86
C ALA I 61 -32.07 36.56 25.91
N GLY I 62 -33.25 36.87 25.39
CA GLY I 62 -34.39 35.96 25.50
C GLY I 62 -34.38 34.78 24.55
N GLN I 63 -33.98 35.00 23.31
CA GLN I 63 -34.07 33.96 22.29
C GLN I 63 -33.01 32.88 22.50
N PHE I 64 -33.30 31.69 21.99
CA PHE I 64 -32.44 30.53 22.13
C PHE I 64 -31.58 30.35 20.88
N ILE I 65 -30.36 29.88 21.09
CA ILE I 65 -29.40 29.66 20.01
C ILE I 65 -29.72 28.34 19.33
N LYS I 66 -29.58 28.31 18.00
CA LYS I 66 -29.86 27.10 17.25
C LYS I 66 -28.80 26.05 17.53
N GLY I 67 -29.23 24.78 17.59
CA GLY I 67 -28.33 23.66 17.79
C GLY I 67 -27.38 23.86 18.95
N SER I 68 -27.93 24.26 20.09
CA SER I 68 -27.12 24.67 21.22
C SER I 68 -27.05 23.55 22.26
N LEU I 69 -25.82 23.21 22.65
CA LEU I 69 -25.58 22.11 23.56
C LEU I 69 -24.48 22.49 24.54
N LEU I 70 -24.69 22.19 25.82
CA LEU I 70 -23.72 22.49 26.88
C LEU I 70 -23.72 21.32 27.85
N ILE I 71 -22.54 20.81 28.19
CA ILE I 71 -22.40 19.66 29.06
C ILE I 71 -21.47 20.04 30.21
N LEU I 72 -21.99 20.01 31.43
CA LEU I 72 -21.17 20.15 32.64
C LEU I 72 -21.29 18.89 33.49
N PRO I 73 -20.26 18.05 33.58
CA PRO I 73 -20.28 16.96 34.57
C PRO I 73 -19.89 17.49 35.94
N MET I 74 -20.42 16.85 36.98
CA MET I 74 -19.97 17.16 38.34
C MET I 74 -20.11 15.91 39.19
N ARG I 75 -19.27 15.82 40.22
CA ARG I 75 -19.33 14.73 41.18
C ARG I 75 -19.64 15.29 42.55
N THR I 76 -20.58 14.65 43.26
CA THR I 76 -20.97 15.05 44.59
C THR I 76 -21.01 13.83 45.48
N GLU I 77 -20.53 13.99 46.71
CA GLU I 77 -20.53 12.87 47.66
C GLU I 77 -21.92 12.62 48.22
N ASP I 78 -22.70 13.67 48.42
CA ASP I 78 -24.04 13.55 49.01
C ASP I 78 -25.06 13.54 47.89
N LYS I 79 -25.70 12.38 47.67
CA LYS I 79 -26.75 12.28 46.69
C LYS I 79 -28.04 12.93 47.19
N GLN I 80 -28.31 12.78 48.49
CA GLN I 80 -29.51 13.38 49.06
C GLN I 80 -29.44 14.90 49.02
N GLN I 81 -28.25 15.46 49.13
CA GLN I 81 -28.11 16.92 49.09
C GLN I 81 -28.30 17.45 47.67
N PHE I 82 -27.75 16.75 46.68
CA PHE I 82 -27.80 17.26 45.31
C PHE I 82 -29.15 16.99 44.65
N ASP I 83 -29.81 15.89 44.99
CA ASP I 83 -31.07 15.54 44.34
C ASP I 83 -32.14 16.59 44.62
N GLU I 84 -32.11 17.21 45.80
CA GLU I 84 -33.10 18.23 46.12
C GLU I 84 -32.78 19.56 45.47
N CYS I 85 -31.48 19.89 45.35
CA CYS I 85 -31.10 21.12 44.64
C CYS I 85 -31.46 21.02 43.16
N MET I 86 -31.16 19.88 42.53
CA MET I 86 -31.53 19.71 41.13
C MET I 86 -33.04 19.64 40.96
N ASP I 87 -33.74 18.97 41.89
CA ASP I 87 -35.19 18.92 41.84
C ASP I 87 -35.78 20.33 41.91
N GLU I 88 -35.25 21.17 42.79
CA GLU I 88 -35.71 22.55 42.86
C GLU I 88 -35.28 23.34 41.64
N LEU I 89 -34.24 22.89 40.94
CA LEU I 89 -33.81 23.58 39.74
C LEU I 89 -34.68 23.26 38.53
N HIS I 90 -35.19 22.03 38.43
CA HIS I 90 -36.02 21.66 37.28
C HIS I 90 -37.32 22.45 37.20
N LYS I 91 -37.74 23.11 38.29
CA LYS I 91 -39.00 23.83 38.27
C LYS I 91 -39.09 24.82 37.13
N TYR I 92 -38.07 25.67 36.95
CA TYR I 92 -38.11 26.73 35.98
C TYR I 92 -37.52 26.36 34.63
N ILE I 93 -36.85 25.21 34.51
CA ILE I 93 -36.18 24.86 33.27
C ILE I 93 -37.00 23.89 32.40
N SER I 94 -38.15 23.41 32.90
CA SER I 94 -39.12 22.62 32.14
C SER I 94 -38.56 21.33 31.58
N LYS I 95 -37.45 20.83 32.11
CA LYS I 95 -36.99 19.45 31.89
C LYS I 95 -36.59 19.14 30.45
N ASP I 96 -37.03 19.95 29.49
CA ASP I 96 -36.60 19.73 28.10
C ASP I 96 -35.26 20.38 27.83
N ILE I 97 -35.06 21.59 28.36
CA ILE I 97 -33.83 22.33 28.14
C ILE I 97 -32.69 21.76 28.97
N LEU I 98 -33.01 21.21 30.14
CA LEU I 98 -32.01 20.66 31.04
C LEU I 98 -32.40 19.25 31.45
N ARG I 99 -31.42 18.35 31.42
CA ARG I 99 -31.61 16.96 31.78
C ARG I 99 -30.41 16.50 32.58
N CYS I 100 -30.64 15.64 33.56
CA CYS I 100 -29.61 15.16 34.47
C CYS I 100 -29.43 13.66 34.25
N TYR I 101 -28.25 13.26 33.82
CA TYR I 101 -27.95 11.86 33.54
C TYR I 101 -27.01 11.32 34.60
N PRO I 102 -27.47 10.49 35.53
CA PRO I 102 -26.56 9.90 36.52
C PRO I 102 -25.72 8.78 35.93
N GLN I 103 -24.53 8.60 36.48
CA GLN I 103 -23.63 7.53 36.08
C GLN I 103 -23.26 6.72 37.32
N LYS I 104 -23.68 5.46 37.35
CA LYS I 104 -23.54 4.62 38.54
C LYS I 104 -22.57 3.47 38.27
N GLU I 105 -21.58 3.34 39.14
CA GLU I 105 -20.69 2.17 39.15
C GLU I 105 -20.54 1.63 40.57
N MET I 111 -20.21 10.06 43.57
CA MET I 111 -21.30 9.98 42.61
C MET I 111 -21.12 11.00 41.49
N LEU I 112 -21.34 10.57 40.25
CA LEU I 112 -21.10 11.40 39.07
C LEU I 112 -22.42 11.64 38.37
N PHE I 113 -22.75 12.91 38.17
CA PHE I 113 -23.91 13.32 37.38
C PHE I 113 -23.42 14.11 36.18
N TYR I 114 -23.99 13.84 35.01
CA TYR I 114 -23.80 14.68 33.83
C TYR I 114 -24.96 15.65 33.76
N ILE I 115 -24.67 16.94 33.71
CA ILE I 115 -25.69 17.96 33.58
C ILE I 115 -25.68 18.42 32.13
N VAL I 116 -26.73 18.07 31.40
CA VAL I 116 -26.83 18.41 29.99
C VAL I 116 -27.88 19.51 29.83
N LEU I 117 -27.46 20.62 29.23
CA LEU I 117 -28.31 21.79 29.07
C LEU I 117 -28.26 22.22 27.61
N LYS I 118 -29.38 22.09 26.91
CA LYS I 118 -29.38 22.22 25.46
C LYS I 118 -30.59 23.00 25.00
N ASP I 119 -30.51 23.53 23.78
CA ASP I 119 -31.56 24.39 23.21
C ASP I 119 -31.88 25.54 24.15
N PHE I 120 -30.85 26.09 24.78
CA PHE I 120 -31.02 27.03 25.87
C PHE I 120 -30.83 28.46 25.39
N ASN I 121 -31.59 29.37 25.99
CA ASN I 121 -31.30 30.79 25.88
C ASN I 121 -30.12 31.12 26.77
N ILE I 122 -29.45 32.22 26.46
CA ILE I 122 -28.29 32.65 27.24
C ILE I 122 -28.67 32.95 28.69
N LEU I 123 -29.83 33.61 28.87
CA LEU I 123 -30.28 33.94 30.21
C LEU I 123 -30.55 32.69 31.04
N ASP I 124 -30.82 31.57 30.39
CA ASP I 124 -31.06 30.32 31.12
C ASP I 124 -29.75 29.73 31.62
N SER I 125 -28.74 29.67 30.76
CA SER I 125 -27.43 29.17 31.19
C SER I 125 -26.82 30.05 32.27
N CYS I 126 -26.99 31.37 32.14
CA CYS I 126 -26.57 32.28 33.22
C CYS I 126 -27.16 31.85 34.56
N PHE I 127 -28.44 31.49 34.57
CA PHE I 127 -29.09 31.05 35.80
C PHE I 127 -28.50 29.73 36.28
N VAL I 128 -28.52 28.71 35.42
CA VAL I 128 -28.22 27.35 35.88
C VAL I 128 -26.77 27.23 36.31
N LEU I 129 -25.83 27.64 35.46
CA LEU I 129 -24.42 27.47 35.80
C LEU I 129 -24.07 28.22 37.08
N SER I 130 -24.69 29.37 37.30
CA SER I 130 -24.48 30.09 38.55
C SER I 130 -25.06 29.34 39.74
N VAL I 131 -26.19 28.65 39.56
CA VAL I 131 -26.72 27.83 40.65
C VAL I 131 -25.77 26.67 40.96
N LEU I 132 -25.44 25.86 39.95
CA LEU I 132 -24.68 24.64 40.16
C LEU I 132 -23.27 24.91 40.65
N LEU I 133 -22.55 25.82 39.99
CA LEU I 133 -21.17 26.09 40.39
C LEU I 133 -21.07 26.59 41.82
N ALA I 134 -22.09 27.29 42.31
CA ALA I 134 -22.09 27.69 43.72
C ALA I 134 -22.48 26.53 44.64
N PHE I 135 -23.45 25.71 44.22
CA PHE I 135 -23.82 24.55 45.03
C PHE I 135 -22.64 23.60 45.19
N GLN I 136 -21.72 23.58 44.23
CA GLN I 136 -20.59 22.66 44.33
C GLN I 136 -19.60 23.12 45.39
N LYS I 137 -19.43 24.43 45.55
CA LYS I 137 -18.55 24.97 46.58
C LYS I 137 -19.20 25.00 47.95
N ARG I 138 -20.53 25.11 48.01
CA ARG I 138 -21.19 25.36 49.30
C ARG I 138 -20.94 24.23 50.29
N LEU I 139 -20.86 22.99 49.83
CA LEU I 139 -20.63 21.88 50.75
C LEU I 139 -19.36 22.07 51.56
N TRP I 140 -18.29 22.52 50.93
CA TRP I 140 -17.03 22.78 51.62
C TRP I 140 -17.04 24.14 52.33
N MET I 141 -17.70 25.14 51.75
CA MET I 141 -17.63 26.50 52.29
C MET I 141 -18.57 26.71 53.46
N ALA I 142 -19.88 26.70 53.20
CA ALA I 142 -20.91 26.99 54.19
C ALA I 142 -21.96 25.89 54.16
N PRO I 143 -21.70 24.76 54.81
CA PRO I 143 -22.73 23.71 54.87
C PRO I 143 -23.95 24.10 55.69
N SER I 144 -23.85 25.14 56.52
CA SER I 144 -25.00 25.56 57.32
C SER I 144 -25.96 26.46 56.55
N GLU I 145 -25.52 27.03 55.42
CA GLU I 145 -26.35 27.95 54.64
C GLU I 145 -27.65 27.29 54.19
N LYS I 146 -27.53 26.32 53.28
CA LYS I 146 -28.67 25.52 52.81
C LYS I 146 -29.78 26.38 52.23
N SER I 147 -29.41 27.37 51.41
CA SER I 147 -30.34 28.15 50.61
C SER I 147 -29.84 28.11 49.18
N TYR I 148 -30.58 27.43 48.29
CA TYR I 148 -30.02 27.07 46.99
C TYR I 148 -29.75 28.27 46.10
N PHE I 149 -30.73 29.16 45.94
CA PHE I 149 -30.58 30.31 45.05
C PHE I 149 -29.82 31.46 45.67
N ARG I 150 -29.61 31.45 46.99
CA ARG I 150 -28.86 32.51 47.66
C ARG I 150 -27.40 32.11 47.75
N VAL I 151 -26.54 32.82 47.03
CA VAL I 151 -25.11 32.55 47.09
C VAL I 151 -24.51 33.26 48.31
N PRO I 152 -23.90 32.53 49.24
CA PRO I 152 -23.26 33.19 50.38
C PRO I 152 -22.04 34.00 49.94
N LYS I 153 -21.75 35.03 50.72
CA LYS I 153 -20.70 35.98 50.39
C LYS I 153 -19.33 35.33 50.48
N ASN I 154 -18.35 35.96 49.82
CA ASN I 154 -16.96 35.54 49.84
C ASN I 154 -16.78 34.12 49.31
N ILE I 155 -17.45 33.82 48.21
CA ILE I 155 -17.24 32.58 47.47
C ILE I 155 -17.04 32.94 45.99
N ASN I 156 -15.90 32.57 45.46
CA ASN I 156 -15.57 32.80 44.06
C ASN I 156 -15.92 31.57 43.22
N LEU I 157 -16.57 31.79 42.08
CA LEU I 157 -17.03 30.69 41.25
C LEU I 157 -15.91 30.18 40.36
N THR I 158 -15.66 28.88 40.42
CA THR I 158 -14.69 28.22 39.55
C THR I 158 -15.34 26.96 38.99
N GLY I 159 -14.71 26.42 37.94
CA GLY I 159 -15.22 25.19 37.35
C GLY I 159 -14.91 25.14 35.85
N SER I 160 -15.48 24.13 35.21
CA SER I 160 -15.22 23.87 33.81
C SER I 160 -16.46 23.28 33.17
N PHE I 161 -16.67 23.58 31.90
CA PHE I 161 -17.80 23.02 31.16
C PHE I 161 -17.38 22.66 29.75
N TYR I 162 -18.17 21.81 29.13
CA TYR I 162 -17.87 21.27 27.81
C TYR I 162 -18.81 21.86 26.76
N LEU I 163 -18.28 22.05 25.56
CA LEU I 163 -19.08 22.39 24.40
C LEU I 163 -18.60 21.52 23.24
N PRO I 164 -19.43 21.33 22.21
CA PRO I 164 -18.99 20.58 21.03
C PRO I 164 -17.77 21.23 20.39
N LYS I 165 -16.98 20.42 19.69
CA LYS I 165 -15.76 20.94 19.07
C LYS I 165 -16.08 21.97 18.00
N ASN I 166 -17.28 21.89 17.40
CA ASN I 166 -17.69 22.91 16.44
C ASN I 166 -18.47 24.01 17.16
N ILE I 167 -17.81 25.14 17.30
CA ILE I 167 -18.35 26.39 17.80
C ILE I 167 -17.56 27.50 17.11
N GLU I 168 -18.23 28.59 16.77
CA GLU I 168 -17.60 29.65 16.00
C GLU I 168 -17.63 30.93 16.82
N THR I 169 -16.46 31.40 17.25
CA THR I 169 -16.34 32.56 18.10
C THR I 169 -16.13 33.82 17.28
N SER I 185 -9.97 37.89 30.16
CA SER I 185 -11.32 37.35 30.26
C SER I 185 -11.38 36.21 31.27
N SER I 186 -12.53 36.07 31.93
CA SER I 186 -12.70 35.03 32.94
C SER I 186 -12.81 33.64 32.32
N ILE I 187 -13.70 33.46 31.35
CA ILE I 187 -13.89 32.16 30.72
C ILE I 187 -12.88 32.00 29.60
N VAL I 188 -12.06 30.97 29.69
CA VAL I 188 -10.97 30.75 28.74
C VAL I 188 -11.06 29.34 28.19
N GLU I 189 -10.75 29.20 26.90
CA GLU I 189 -10.63 27.88 26.31
C GLU I 189 -9.26 27.31 26.62
N VAL I 190 -9.19 26.00 26.82
CA VAL I 190 -7.96 25.37 27.25
C VAL I 190 -7.28 24.74 26.05
N GLY I 191 -5.95 24.76 26.06
CA GLY I 191 -5.15 23.94 25.17
C GLY I 191 -5.01 22.56 25.79
N PHE I 192 -4.83 21.56 24.94
CA PHE I 192 -4.70 20.17 25.38
C PHE I 192 -5.96 19.74 26.13
N ASN I 193 -7.07 19.61 25.41
CA ASN I 193 -8.31 19.08 25.94
C ASN I 193 -8.35 17.57 25.76
N VAL I 194 -8.83 16.88 26.79
CA VAL I 194 -8.82 15.42 26.84
C VAL I 194 -9.89 14.83 25.92
N VAL I 195 -11.16 15.05 26.23
CA VAL I 195 -12.29 14.47 25.51
C VAL I 195 -12.16 14.81 24.02
N PRO I 196 -12.09 13.82 23.14
CA PRO I 196 -11.60 14.04 21.77
C PRO I 196 -12.41 15.02 20.94
N ASP I 197 -13.73 14.85 20.91
CA ASP I 197 -14.58 15.59 19.98
C ASP I 197 -15.17 16.84 20.63
N PHE I 198 -14.77 17.19 21.84
CA PHE I 198 -15.35 18.30 22.59
C PHE I 198 -14.25 19.22 23.09
N GLN I 199 -14.65 20.41 23.53
CA GLN I 199 -13.72 21.40 24.04
C GLN I 199 -14.22 21.91 25.38
N GLN I 200 -13.33 21.91 26.38
CA GLN I 200 -13.67 22.35 27.72
C GLN I 200 -13.16 23.76 27.99
N PHE I 201 -13.95 24.51 28.73
CA PHE I 201 -13.70 25.89 29.06
C PHE I 201 -13.63 26.06 30.58
N GLN I 202 -12.61 26.81 31.00
CA GLN I 202 -12.38 27.13 32.41
C GLN I 202 -13.08 28.44 32.75
N VAL I 203 -13.68 28.50 33.94
CA VAL I 203 -14.17 29.74 34.51
C VAL I 203 -13.26 30.08 35.69
N LYS I 204 -12.44 31.10 35.52
CA LYS I 204 -11.51 31.49 36.58
C LYS I 204 -12.29 32.08 37.75
N ALA I 205 -11.63 32.14 38.90
CA ALA I 205 -12.29 32.61 40.12
C ALA I 205 -12.89 33.99 39.92
N CYS I 206 -14.21 34.09 40.17
CA CYS I 206 -14.94 35.31 39.88
C CYS I 206 -16.14 35.45 40.81
N HIS I 207 -16.52 36.70 41.05
CA HIS I 207 -17.76 36.98 41.76
C HIS I 207 -18.93 36.61 40.87
N VAL I 208 -20.08 36.30 41.48
CA VAL I 208 -21.25 35.87 40.70
C VAL I 208 -21.65 36.95 39.70
N SER I 209 -21.76 38.20 40.15
CA SER I 209 -22.20 39.26 39.25
C SER I 209 -21.22 39.44 38.10
N LYS I 210 -19.93 39.26 38.37
CA LYS I 210 -18.95 39.29 37.31
C LYS I 210 -19.10 38.10 36.38
N PHE I 211 -19.48 36.95 36.94
CA PHE I 211 -19.63 35.73 36.15
C PHE I 211 -20.82 35.83 35.20
N MET I 212 -21.93 36.43 35.66
CA MET I 212 -23.05 36.67 34.77
C MET I 212 -22.64 37.53 33.57
N ASN I 213 -21.87 38.59 33.82
CA ASN I 213 -21.47 39.47 32.73
C ASN I 213 -20.53 38.76 31.77
N GLU I 214 -19.50 38.08 32.28
CA GLU I 214 -18.55 37.40 31.42
C GLU I 214 -19.23 36.30 30.60
N LEU I 215 -20.11 35.52 31.23
CA LEU I 215 -20.77 34.45 30.51
C LEU I 215 -21.75 35.02 29.47
N SER I 216 -22.50 36.04 29.85
CA SER I 216 -23.41 36.69 28.91
C SER I 216 -22.67 37.28 27.72
N ASN I 217 -21.46 37.79 27.93
CA ASN I 217 -20.65 38.24 26.80
C ASN I 217 -20.02 37.09 26.03
N PHE I 218 -19.89 35.92 26.65
CA PHE I 218 -19.29 34.78 25.96
C PHE I 218 -20.29 34.14 25.01
N PHE I 219 -21.50 33.85 25.49
CA PHE I 219 -22.47 33.20 24.61
C PHE I 219 -23.03 34.12 23.54
N SER I 220 -22.70 35.41 23.57
CA SER I 220 -23.09 36.28 22.46
C SER I 220 -22.20 36.05 21.25
N GLN I 221 -20.94 35.68 21.48
CA GLN I 221 -20.01 35.47 20.37
C GLN I 221 -20.22 34.09 19.73
N VAL I 222 -20.32 33.05 20.54
CA VAL I 222 -20.30 31.69 20.01
C VAL I 222 -21.52 31.45 19.15
N GLU I 223 -21.30 30.99 17.93
CA GLU I 223 -22.37 30.67 17.00
C GLU I 223 -22.09 29.27 16.48
N PHE I 224 -22.97 28.32 16.77
CA PHE I 224 -22.65 26.93 16.49
C PHE I 224 -23.93 26.14 16.28
N GLY I 225 -23.78 24.98 15.66
CA GLY I 225 -24.93 24.13 15.40
C GLY I 225 -24.50 22.87 14.67
N LYS I 226 -25.51 22.15 14.18
CA LYS I 226 -25.32 20.92 13.42
C LYS I 226 -24.55 19.86 14.24
N CYS I 227 -25.23 19.35 15.25
CA CYS I 227 -24.71 18.27 16.08
C CYS I 227 -25.61 17.05 15.94
N GLU I 228 -24.99 15.87 16.00
CA GLU I 228 -25.75 14.63 15.91
C GLU I 228 -26.64 14.49 17.14
N ALA I 229 -27.68 13.67 17.00
CA ALA I 229 -28.73 13.62 18.03
C ALA I 229 -28.21 13.05 19.35
N ASN I 230 -27.53 11.90 19.29
CA ASN I 230 -27.19 11.12 20.49
C ASN I 230 -25.84 11.53 21.08
N VAL I 231 -25.26 12.61 20.56
CA VAL I 231 -23.88 13.00 20.88
C VAL I 231 -23.60 12.92 22.39
N ILE I 232 -24.60 13.27 23.22
CA ILE I 232 -24.43 13.12 24.66
C ILE I 232 -23.95 11.71 25.01
N ASN I 233 -24.56 10.70 24.39
CA ASN I 233 -24.14 9.32 24.61
C ASN I 233 -22.69 9.08 24.21
N TYR I 234 -22.19 9.80 23.20
CA TYR I 234 -20.77 9.75 22.86
C TYR I 234 -19.93 10.39 23.95
N PHE I 235 -20.40 11.50 24.52
CA PHE I 235 -19.70 12.15 25.60
C PHE I 235 -19.56 11.24 26.82
N LYS I 236 -20.64 10.54 27.17
CA LYS I 236 -20.55 9.58 28.27
C LYS I 236 -19.49 8.52 28.02
N ARG I 237 -19.48 7.99 26.80
CA ARG I 237 -18.55 6.95 26.40
C ARG I 237 -17.10 7.43 26.53
N GLU I 238 -16.81 8.62 26.01
CA GLU I 238 -15.45 9.13 26.07
C GLU I 238 -15.05 9.47 27.51
N TYR I 239 -15.93 10.18 28.23
CA TYR I 239 -15.60 10.68 29.55
C TYR I 239 -15.41 9.56 30.55
N ASN I 240 -16.22 8.50 30.45
CA ASN I 240 -16.03 7.35 31.33
C ASN I 240 -14.75 6.61 30.99
N ARG I 241 -14.41 6.57 29.70
CA ARG I 241 -13.21 5.89 29.24
C ARG I 241 -11.93 6.56 29.75
N THR I 242 -11.87 7.89 29.63
CA THR I 242 -10.67 8.62 30.04
C THR I 242 -10.33 8.38 31.52
N TYR I 243 -11.32 8.46 32.41
CA TYR I 243 -11.08 8.20 33.82
C TYR I 243 -10.94 6.72 34.15
N SER I 244 -11.56 5.83 33.37
CA SER I 244 -11.24 4.42 33.50
C SER I 244 -9.76 4.16 33.25
N GLN I 245 -9.16 4.91 32.32
CA GLN I 245 -7.75 4.75 32.01
C GLN I 245 -6.85 5.25 33.15
N ILE I 246 -7.22 6.36 33.81
CA ILE I 246 -6.37 6.84 34.89
C ILE I 246 -6.57 6.01 36.14
N SER I 247 -7.77 5.44 36.33
CA SER I 247 -7.96 4.50 37.43
C SER I 247 -7.14 3.25 37.21
N LEU I 248 -7.22 2.67 36.01
CA LEU I 248 -6.36 1.56 35.64
C LEU I 248 -4.88 1.92 35.74
N ALA I 249 -4.54 3.20 35.58
CA ALA I 249 -3.16 3.63 35.71
C ALA I 249 -2.73 3.69 37.17
N LEU I 250 -3.63 4.13 38.06
CA LEU I 250 -3.30 4.14 39.48
C LEU I 250 -3.26 2.74 40.07
N TYR I 251 -4.00 1.80 39.48
CA TYR I 251 -3.91 0.41 39.91
C TYR I 251 -2.66 -0.28 39.39
N GLU I 252 -1.99 0.29 38.39
CA GLU I 252 -0.70 -0.22 37.97
C GLU I 252 0.44 0.31 38.83
N LEU I 253 0.16 1.27 39.72
CA LEU I 253 1.21 1.96 40.44
C LEU I 253 2.00 1.08 41.40
N PRO I 254 1.37 0.34 42.32
CA PRO I 254 2.15 -0.49 43.25
C PRO I 254 2.84 -1.68 42.60
N LEU I 255 2.27 -2.20 41.52
CA LEU I 255 2.69 -3.46 40.92
C LEU I 255 3.76 -3.26 39.85
N ILE I 256 4.28 -2.03 39.71
CA ILE I 256 5.32 -1.77 38.72
C ILE I 256 6.45 -2.79 38.85
N GLY I 257 6.89 -3.08 40.07
CA GLY I 257 7.90 -4.11 40.22
C GLY I 257 7.41 -5.50 39.88
N ASP I 258 8.02 -6.09 38.86
CA ASP I 258 8.01 -7.50 38.46
C ASP I 258 6.64 -7.99 37.97
N GLY I 259 5.55 -7.26 38.25
CA GLY I 259 4.24 -7.83 37.99
C GLY I 259 3.92 -7.97 36.52
N LEU I 260 3.92 -6.87 35.78
CA LEU I 260 3.68 -6.91 34.34
C LEU I 260 4.91 -6.70 33.45
N PHE I 261 6.07 -6.38 34.04
CA PHE I 261 7.23 -6.04 33.24
C PHE I 261 8.10 -7.18 32.75
N ASP I 262 8.09 -8.34 33.41
CA ASP I 262 9.12 -9.37 33.17
C ASP I 262 10.50 -8.77 33.43
N ILE I 263 10.83 -8.55 34.71
CA ILE I 263 12.06 -7.84 35.03
C ILE I 263 13.28 -8.72 34.84
N LYS I 264 13.14 -10.04 34.92
CA LYS I 264 14.32 -10.90 34.83
C LYS I 264 15.12 -10.63 33.55
N SER I 265 14.47 -10.79 32.39
CA SER I 265 15.14 -10.51 31.13
C SER I 265 15.57 -9.05 31.04
N TYR I 266 14.82 -8.13 31.65
CA TYR I 266 15.14 -6.72 31.55
C TYR I 266 16.45 -6.40 32.27
N ILE I 267 16.62 -6.93 33.49
CA ILE I 267 17.88 -6.79 34.20
C ILE I 267 19.01 -7.47 33.45
N SER I 268 18.76 -8.70 32.97
CA SER I 268 19.80 -9.38 32.20
C SER I 268 20.26 -8.57 31.00
N LYS I 269 19.38 -7.81 30.38
CA LYS I 269 19.73 -6.94 29.26
C LYS I 269 20.40 -5.64 29.66
N THR I 270 19.82 -4.90 30.61
CA THR I 270 20.27 -3.55 30.93
C THR I 270 21.43 -3.48 31.92
N ARG I 271 21.66 -4.53 32.71
CA ARG I 271 22.69 -4.42 33.74
C ARG I 271 24.09 -4.27 33.16
N PRO I 272 24.51 -5.07 32.16
CA PRO I 272 25.86 -4.90 31.63
C PRO I 272 26.12 -3.51 31.05
N ILE I 273 25.15 -2.90 30.39
CA ILE I 273 25.37 -1.58 29.80
C ILE I 273 25.31 -0.48 30.86
N ILE I 274 24.52 -0.67 31.92
CA ILE I 274 24.51 0.31 33.01
C ILE I 274 25.82 0.27 33.78
N GLU I 275 26.39 -0.93 33.96
CA GLU I 275 27.73 -1.00 34.55
C GLU I 275 28.75 -0.21 33.74
N THR I 276 28.71 -0.33 32.41
CA THR I 276 29.62 0.43 31.57
C THR I 276 29.38 1.92 31.68
N SER I 277 28.11 2.34 31.69
CA SER I 277 27.79 3.75 31.90
C SER I 277 28.31 4.24 33.24
N LYS I 278 28.40 3.36 34.24
CA LYS I 278 29.02 3.74 35.50
C LYS I 278 30.53 3.88 35.36
N ALA I 279 31.17 2.94 34.66
CA ALA I 279 32.60 3.03 34.41
C ALA I 279 32.98 4.31 33.70
N GLN I 280 32.15 4.78 32.76
CA GLN I 280 32.41 6.04 32.08
C GLN I 280 32.22 7.25 33.01
N MET I 281 31.36 7.13 34.02
CA MET I 281 31.23 8.20 35.01
C MET I 281 32.42 8.27 35.94
N ILE I 282 32.81 7.13 36.55
CA ILE I 282 33.99 7.13 37.40
C ILE I 282 35.24 7.50 36.59
N LYS I 283 35.19 7.28 35.27
CA LYS I 283 36.26 7.79 34.40
C LYS I 283 36.17 9.30 34.22
N HIS I 284 34.94 9.83 34.09
CA HIS I 284 34.74 11.27 33.91
C HIS I 284 35.08 12.07 35.15
N ILE I 285 34.96 11.46 36.34
CA ILE I 285 35.29 12.19 37.56
C ILE I 285 36.78 12.44 37.65
N SER I 286 37.58 11.41 37.40
CA SER I 286 39.04 11.60 37.39
C SER I 286 39.45 12.47 36.21
N GLU I 287 38.90 12.21 35.03
CA GLU I 287 39.20 13.03 33.86
C GLU I 287 38.89 14.50 34.08
N MET I 288 37.90 14.81 34.92
CA MET I 288 37.64 16.20 35.28
C MET I 288 38.60 16.68 36.37
N LYS I 289 38.95 15.80 37.31
CA LYS I 289 39.92 16.17 38.34
C LYS I 289 41.24 16.61 37.73
N ALA I 290 41.68 15.92 36.68
CA ALA I 290 42.91 16.33 35.99
C ALA I 290 42.73 17.65 35.25
N TYR I 291 41.49 18.00 34.89
CA TYR I 291 41.25 19.25 34.18
C TYR I 291 41.22 20.44 35.13
N ASN I 292 40.62 20.27 36.31
CA ASN I 292 40.48 21.39 37.23
C ASN I 292 41.78 21.67 37.98
N GLU I 293 42.55 20.65 38.30
CA GLU I 293 43.79 20.83 39.05
C GLU I 293 44.99 20.38 38.22
N LYS J 3 -24.52 30.03 -34.01
CA LYS J 3 -23.49 29.33 -33.24
C LYS J 3 -22.45 28.73 -34.19
N ILE J 4 -22.59 27.46 -34.52
CA ILE J 4 -21.67 26.73 -35.38
C ILE J 4 -22.48 26.01 -36.44
N GLN J 5 -22.06 26.14 -37.69
CA GLN J 5 -22.70 25.48 -38.82
C GLN J 5 -21.82 24.33 -39.28
N VAL J 6 -22.31 23.11 -39.13
CA VAL J 6 -21.62 21.92 -39.62
C VAL J 6 -21.90 21.77 -41.10
N ALA J 7 -20.92 21.22 -41.83
CA ALA J 7 -21.10 20.98 -43.25
C ALA J 7 -22.38 20.18 -43.50
N HIS J 8 -23.18 20.66 -44.45
CA HIS J 8 -24.50 20.08 -44.70
C HIS J 8 -24.44 18.57 -44.92
N SER J 9 -23.42 18.07 -45.61
CA SER J 9 -23.13 16.63 -45.64
C SER J 9 -21.78 16.44 -44.96
N SER J 10 -21.80 15.96 -43.73
CA SER J 10 -20.59 15.62 -42.99
C SER J 10 -20.89 14.40 -42.14
N ARG J 11 -20.09 13.35 -42.28
CA ARG J 11 -20.30 12.14 -41.49
C ARG J 11 -19.32 12.10 -40.33
N LEU J 12 -19.45 11.08 -39.50
CA LEU J 12 -18.60 10.95 -38.32
C LEU J 12 -17.13 10.85 -38.70
N ALA J 13 -16.82 10.39 -39.90
CA ALA J 13 -15.44 10.35 -40.37
C ALA J 13 -14.94 11.71 -40.81
N ASN J 14 -15.79 12.53 -41.43
CA ASN J 14 -15.38 13.87 -41.81
C ASN J 14 -15.01 14.70 -40.59
N LEU J 15 -15.74 14.52 -39.50
CA LEU J 15 -15.52 15.33 -38.31
C LEU J 15 -14.56 14.64 -37.35
N ILE J 16 -13.36 15.19 -37.26
CA ILE J 16 -12.42 14.80 -36.22
C ILE J 16 -11.94 16.07 -35.52
N ASP J 17 -11.55 15.92 -34.26
CA ASP J 17 -11.00 17.01 -33.47
C ASP J 17 -12.03 18.11 -33.20
N TYR J 18 -13.23 18.01 -33.78
CA TYR J 18 -14.31 18.88 -33.35
C TYR J 18 -14.71 18.50 -31.94
N LYS J 19 -14.99 19.52 -31.11
CA LYS J 19 -15.56 19.24 -29.81
C LYS J 19 -17.00 18.79 -30.00
N LEU J 20 -17.33 17.57 -29.54
CA LEU J 20 -18.66 17.04 -29.70
C LEU J 20 -19.43 17.05 -28.39
N ARG J 21 -20.68 16.62 -28.48
CA ARG J 21 -21.60 16.49 -27.34
C ARG J 21 -22.31 15.15 -27.53
N VAL J 22 -22.05 14.22 -26.62
CA VAL J 22 -22.48 12.85 -26.80
C VAL J 22 -23.56 12.51 -25.78
N LEU J 23 -24.64 11.91 -26.27
CA LEU J 23 -25.78 11.54 -25.45
C LEU J 23 -25.82 10.03 -25.26
N THR J 24 -25.95 9.60 -24.01
CA THR J 24 -26.03 8.17 -23.70
C THR J 24 -27.45 7.81 -23.32
N GLN J 25 -27.66 6.53 -23.01
CA GLN J 25 -29.00 6.05 -22.69
C GLN J 25 -29.44 6.52 -21.31
N ASP J 26 -28.50 6.87 -20.45
CA ASP J 26 -28.80 7.18 -19.05
C ASP J 26 -29.08 8.65 -18.80
N GLY J 27 -29.03 9.50 -19.82
CA GLY J 27 -29.38 10.90 -19.67
C GLY J 27 -28.24 11.78 -19.25
N ARG J 28 -27.01 11.33 -19.49
CA ARG J 28 -25.81 12.11 -19.17
C ARG J 28 -25.08 12.41 -20.46
N VAL J 29 -24.20 13.41 -20.45
CA VAL J 29 -23.57 13.86 -21.68
C VAL J 29 -22.06 13.99 -21.50
N TYR J 30 -21.32 13.60 -22.53
CA TYR J 30 -19.87 13.66 -22.58
C TYR J 30 -19.49 14.64 -23.67
N ILE J 31 -18.90 15.78 -23.28
CA ILE J 31 -18.52 16.83 -24.23
C ILE J 31 -17.00 16.85 -24.34
N GLY J 32 -16.49 16.83 -25.57
CA GLY J 32 -15.07 16.86 -25.78
C GLY J 32 -14.69 16.61 -27.22
N GLN J 33 -13.39 16.66 -27.48
CA GLN J 33 -12.87 16.45 -28.83
C GLN J 33 -12.95 14.98 -29.20
N LEU J 34 -13.57 14.68 -30.34
CA LEU J 34 -13.51 13.32 -30.85
C LEU J 34 -12.18 13.10 -31.56
N MET J 35 -11.61 11.92 -31.35
CA MET J 35 -10.42 11.50 -32.09
C MET J 35 -10.65 10.28 -32.96
N ALA J 36 -10.97 9.13 -32.41
CA ALA J 36 -11.27 7.96 -33.23
C ALA J 36 -12.71 7.54 -32.97
N PHE J 37 -13.14 6.53 -33.73
CA PHE J 37 -14.41 5.87 -33.56
C PHE J 37 -14.26 4.48 -34.16
N ASP J 38 -15.36 3.76 -34.32
CA ASP J 38 -15.24 2.36 -34.71
C ASP J 38 -16.49 1.94 -35.48
N LYS J 39 -16.48 0.69 -35.93
CA LYS J 39 -17.58 0.11 -36.70
C LYS J 39 -18.91 0.24 -35.96
N HIS J 40 -18.93 -0.18 -34.69
CA HIS J 40 -20.11 -0.15 -33.84
C HIS J 40 -20.26 1.19 -33.11
N MET J 41 -19.45 2.18 -33.47
CA MET J 41 -19.60 3.55 -33.00
C MET J 41 -19.35 3.67 -31.49
N ASN J 42 -18.24 3.12 -31.02
CA ASN J 42 -17.67 3.53 -29.75
C ASN J 42 -16.45 4.41 -30.01
N LEU J 43 -16.46 5.59 -29.42
CA LEU J 43 -15.59 6.68 -29.84
C LEU J 43 -14.70 7.13 -28.68
N VAL J 44 -13.64 7.87 -29.02
CA VAL J 44 -12.62 8.28 -28.07
C VAL J 44 -12.64 9.79 -27.97
N LEU J 45 -12.91 10.30 -26.76
CA LEU J 45 -12.91 11.73 -26.49
C LEU J 45 -11.66 12.11 -25.71
N ASN J 46 -11.11 13.27 -26.05
CA ASN J 46 -9.83 13.73 -25.52
C ASN J 46 -9.95 14.35 -24.14
N GLU J 47 -10.47 15.57 -24.05
CA GLU J 47 -10.74 16.20 -22.76
C GLU J 47 -12.25 16.27 -22.63
N CYS J 48 -12.82 15.43 -21.77
CA CYS J 48 -14.27 15.36 -21.74
C CYS J 48 -14.81 15.50 -20.33
N ILE J 49 -16.01 16.06 -20.25
CA ILE J 49 -16.66 16.40 -19.00
C ILE J 49 -18.07 15.83 -19.06
N GLU J 50 -18.42 14.98 -18.12
CA GLU J 50 -19.77 14.44 -18.11
C GLU J 50 -20.70 15.35 -17.30
N GLU J 51 -21.73 15.84 -17.97
CA GLU J 51 -22.74 16.70 -17.38
C GLU J 51 -23.98 15.86 -17.11
N ARG J 52 -24.63 16.17 -15.98
CA ARG J 52 -25.73 15.41 -15.43
C ARG J 52 -26.76 16.39 -14.86
N VAL J 53 -28.03 16.16 -15.13
CA VAL J 53 -29.12 16.89 -14.48
C VAL J 53 -29.54 16.11 -13.25
N PRO J 54 -29.37 16.66 -12.04
CA PRO J 54 -29.77 15.93 -10.84
C PRO J 54 -31.27 15.68 -10.81
N LYS J 55 -31.66 14.71 -9.99
CA LYS J 55 -33.08 14.41 -9.80
C LYS J 55 -33.82 15.61 -9.22
N THR J 56 -33.12 16.47 -8.49
CA THR J 56 -33.78 17.59 -7.84
C THR J 56 -34.01 18.75 -8.81
N GLN J 57 -33.09 18.96 -9.76
CA GLN J 57 -33.26 20.00 -10.76
C GLN J 57 -34.24 19.58 -11.87
N LEU J 58 -34.53 18.29 -12.00
CA LEU J 58 -35.31 17.79 -13.13
C LEU J 58 -36.72 18.36 -13.17
N ASP J 59 -37.37 18.54 -12.02
CA ASP J 59 -38.70 19.15 -11.98
C ASP J 59 -38.72 20.53 -12.62
N LYS J 60 -37.56 21.17 -12.76
CA LYS J 60 -37.50 22.50 -13.34
C LYS J 60 -37.66 22.45 -14.87
N LEU J 61 -37.36 21.30 -15.48
CA LEU J 61 -37.46 21.15 -16.93
C LEU J 61 -38.86 20.83 -17.40
N ARG J 62 -39.75 20.34 -16.54
CA ARG J 62 -41.10 20.02 -16.95
C ARG J 62 -41.84 21.28 -17.37
N PRO J 63 -42.77 21.17 -18.33
CA PRO J 63 -43.36 22.38 -18.92
C PRO J 63 -44.20 23.15 -17.91
N ARG J 64 -44.29 24.47 -18.14
CA ARG J 64 -45.01 25.36 -17.25
C ARG J 64 -46.36 25.75 -17.83
N THR J 72 -37.38 32.19 -18.15
CA THR J 72 -36.04 31.68 -18.43
C THR J 72 -35.60 30.69 -17.36
N LEU J 73 -35.33 29.47 -17.80
CA LEU J 73 -34.92 28.40 -16.89
C LEU J 73 -33.42 28.40 -16.69
N ASN J 74 -32.99 28.13 -15.46
CA ASN J 74 -31.58 27.95 -15.14
C ASN J 74 -31.41 26.63 -14.41
N ILE J 75 -30.74 25.69 -15.07
CA ILE J 75 -30.54 24.34 -14.54
C ILE J 75 -29.14 24.30 -13.95
N LYS J 76 -29.01 23.70 -12.76
CA LYS J 76 -27.71 23.42 -12.18
C LYS J 76 -27.34 22.00 -12.61
N VAL J 77 -26.36 21.92 -13.50
CA VAL J 77 -25.98 20.64 -14.10
C VAL J 77 -24.67 20.19 -13.48
N GLU J 78 -24.73 19.17 -12.63
CA GLU J 78 -23.54 18.66 -11.94
C GLU J 78 -22.72 17.86 -12.94
N LYS J 79 -21.45 18.23 -13.07
CA LYS J 79 -20.57 17.67 -14.08
C LYS J 79 -19.22 17.40 -13.47
N ARG J 80 -18.53 16.38 -14.00
CA ARG J 80 -17.22 16.03 -13.50
C ARG J 80 -16.29 15.75 -14.68
N VAL J 81 -15.02 16.08 -14.50
CA VAL J 81 -14.07 16.07 -15.61
C VAL J 81 -13.27 14.77 -15.62
N LEU J 82 -13.29 14.11 -16.77
CA LEU J 82 -12.58 12.84 -16.99
C LEU J 82 -11.91 12.90 -18.35
N GLY J 83 -10.58 12.86 -18.37
CA GLY J 83 -9.82 13.05 -19.60
C GLY J 83 -9.50 11.75 -20.32
N LEU J 84 -9.44 11.84 -21.65
CA LEU J 84 -9.10 10.73 -22.55
C LEU J 84 -9.84 9.46 -22.17
N THR J 85 -11.13 9.42 -22.46
CA THR J 85 -11.92 8.22 -22.22
C THR J 85 -12.12 7.45 -23.52
N ILE J 86 -12.74 6.29 -23.40
CA ILE J 86 -13.20 5.52 -24.55
C ILE J 86 -14.62 5.06 -24.23
N LEU J 87 -15.58 5.58 -25.00
CA LEU J 87 -16.97 5.26 -24.73
C LEU J 87 -17.28 3.87 -25.28
N ARG J 88 -18.53 3.46 -25.07
CA ARG J 88 -19.01 2.20 -25.62
C ARG J 88 -20.21 2.47 -26.52
N GLY J 89 -20.16 1.88 -27.71
CA GLY J 89 -21.17 2.10 -28.72
C GLY J 89 -22.55 1.73 -28.26
N GLU J 90 -22.64 0.75 -27.35
CA GLU J 90 -23.92 0.29 -26.85
C GLU J 90 -24.65 1.40 -26.10
N GLN J 91 -23.90 2.21 -25.34
CA GLN J 91 -24.52 3.24 -24.52
C GLN J 91 -24.87 4.49 -25.32
N ILE J 92 -24.15 4.76 -26.42
CA ILE J 92 -24.33 6.02 -27.13
C ILE J 92 -25.71 6.08 -27.76
N LEU J 93 -26.33 7.26 -27.68
CA LEU J 93 -27.66 7.50 -28.22
C LEU J 93 -27.66 8.41 -29.43
N SER J 94 -27.25 9.67 -29.29
CA SER J 94 -27.11 10.58 -30.42
C SER J 94 -25.90 11.46 -30.16
N THR J 95 -25.43 12.12 -31.22
CA THR J 95 -24.25 12.98 -31.14
C THR J 95 -24.54 14.31 -31.81
N VAL J 96 -24.05 15.39 -31.18
CA VAL J 96 -24.24 16.75 -31.68
C VAL J 96 -22.88 17.43 -31.69
N VAL J 97 -22.73 18.46 -32.50
CA VAL J 97 -21.48 19.22 -32.58
C VAL J 97 -21.58 20.45 -31.69
N GLU J 98 -20.55 20.66 -30.88
CA GLU J 98 -20.46 21.84 -30.02
C GLU J 98 -19.62 22.91 -30.68
N ASP J 99 -18.34 22.66 -30.92
CA ASP J 99 -17.43 23.65 -31.50
C ASP J 99 -16.68 23.04 -32.67
N LYS J 100 -15.79 23.85 -33.25
CA LYS J 100 -14.94 23.50 -34.37
C LYS J 100 -13.47 23.56 -33.93
N PRO J 101 -12.56 22.89 -34.65
CA PRO J 101 -11.26 22.58 -34.04
C PRO J 101 -10.40 23.83 -33.89
N LEU J 102 -9.34 23.68 -33.08
CA LEU J 102 -8.41 24.77 -32.84
C LEU J 102 -7.80 25.27 -34.14
N LEU J 103 -7.72 24.41 -35.15
CA LEU J 103 -7.09 24.75 -36.42
C LEU J 103 -8.14 24.89 -37.52
N SER J 104 -7.86 25.77 -38.48
CA SER J 104 -8.74 25.94 -39.62
C SER J 104 -8.55 24.79 -40.60
N LYS J 105 -9.30 24.84 -41.70
CA LYS J 105 -9.20 23.79 -42.71
C LYS J 105 -7.89 23.88 -43.48
N LYS J 106 -7.52 25.10 -43.91
CA LYS J 106 -6.25 25.30 -44.61
C LYS J 106 -5.07 24.83 -43.77
N GLU J 107 -5.02 25.24 -42.50
CA GLU J 107 -3.92 24.86 -41.63
C GLU J 107 -3.85 23.35 -41.45
N ARG J 108 -5.00 22.68 -41.33
CA ARG J 108 -5.00 21.22 -41.26
C ARG J 108 -4.53 20.58 -42.56
N LEU J 109 -4.85 21.16 -43.72
CA LEU J 109 -4.23 20.69 -44.96
C LEU J 109 -2.71 20.83 -44.92
N VAL J 110 -2.21 21.95 -44.39
CA VAL J 110 -0.77 22.16 -44.31
C VAL J 110 -0.11 21.09 -43.44
N ARG J 111 -0.60 20.93 -42.20
CA ARG J 111 -0.01 19.94 -41.32
C ARG J 111 -0.18 18.52 -41.84
N ASP J 112 -1.25 18.23 -42.58
CA ASP J 112 -1.41 16.92 -43.19
C ASP J 112 -0.34 16.68 -44.24
N LYS J 113 -0.10 17.66 -45.11
CA LYS J 113 0.92 17.49 -46.14
C LYS J 113 2.31 17.36 -45.55
N LYS J 114 2.65 18.23 -44.58
CA LYS J 114 3.97 18.11 -43.95
C LYS J 114 4.12 16.78 -43.23
N GLU J 115 3.07 16.31 -42.56
CA GLU J 115 3.12 15.02 -41.89
C GLU J 115 3.33 13.87 -42.88
N LYS J 116 2.67 13.93 -44.03
CA LYS J 116 2.85 12.89 -45.04
C LYS J 116 4.27 12.90 -45.59
N LYS J 117 4.79 14.08 -45.94
CA LYS J 117 6.17 14.17 -46.42
C LYS J 117 7.15 13.61 -45.39
N GLN J 118 7.00 14.02 -44.13
CA GLN J 118 7.85 13.45 -43.08
C GLN J 118 7.72 11.94 -42.99
N ALA J 119 6.50 11.41 -43.14
CA ALA J 119 6.30 9.97 -43.12
C ALA J 119 7.05 9.27 -44.24
N GLN J 120 7.00 9.81 -45.46
CA GLN J 120 7.80 9.23 -46.55
C GLN J 120 9.29 9.29 -46.24
N LYS J 121 9.78 10.44 -45.77
CA LYS J 121 11.18 10.55 -45.39
C LYS J 121 11.57 9.46 -44.39
N GLN J 122 10.66 9.12 -43.47
CA GLN J 122 10.95 8.03 -42.53
C GLN J 122 11.16 6.71 -43.27
N THR J 123 10.29 6.38 -44.23
CA THR J 123 10.43 5.13 -44.95
C THR J 123 11.72 5.07 -45.75
N LYS J 124 12.12 6.19 -46.36
CA LYS J 124 13.39 6.18 -47.08
C LYS J 124 14.57 6.04 -46.14
N LEU J 125 14.60 6.81 -45.05
CA LEU J 125 15.70 6.70 -44.10
C LEU J 125 15.79 5.33 -43.45
N ARG J 126 14.66 4.62 -43.32
CA ARG J 126 14.69 3.25 -42.80
C ARG J 126 15.15 2.26 -43.86
N LYS J 127 14.65 2.40 -45.08
CA LYS J 127 15.02 1.48 -46.16
C LYS J 127 16.51 1.54 -46.43
N GLU J 128 17.07 2.75 -46.55
CA GLU J 128 18.49 2.86 -46.86
C GLU J 128 19.38 2.67 -45.65
N LYS J 129 18.83 2.70 -44.43
CA LYS J 129 19.57 2.26 -43.26
C LYS J 129 19.60 0.75 -43.12
N GLU J 130 18.57 0.06 -43.61
CA GLU J 130 18.56 -1.40 -43.61
C GLU J 130 19.36 -1.98 -44.77
N LYS J 131 19.36 -1.34 -45.93
CA LYS J 131 19.89 -1.96 -47.13
C LYS J 131 21.41 -2.13 -47.06
N LYS J 132 22.14 -1.03 -46.84
CA LYS J 132 23.60 -1.11 -46.91
C LYS J 132 24.19 -1.90 -45.74
N PRO J 133 23.87 -1.60 -44.46
CA PRO J 133 24.40 -2.47 -43.40
C PRO J 133 23.81 -3.88 -43.45
N MET K 1 -32.36 -9.70 -48.90
CA MET K 1 -32.86 -8.33 -48.91
C MET K 1 -32.61 -7.62 -47.59
N LYS K 2 -32.12 -6.38 -47.69
CA LYS K 2 -32.00 -5.48 -46.54
C LYS K 2 -32.85 -4.26 -46.84
N LEU K 3 -33.93 -4.08 -46.09
CA LEU K 3 -34.85 -2.98 -46.31
C LEU K 3 -34.26 -1.63 -45.94
N VAL K 4 -33.14 -1.62 -45.19
CA VAL K 4 -32.44 -0.37 -44.88
C VAL K 4 -31.98 0.30 -46.17
N ASN K 5 -31.66 -0.49 -47.21
CA ASN K 5 -31.28 0.08 -48.50
C ASN K 5 -32.39 0.95 -49.09
N PHE K 6 -33.64 0.79 -48.62
CA PHE K 6 -34.69 1.72 -49.00
C PHE K 6 -34.45 3.11 -48.43
N LEU K 7 -34.12 3.19 -47.13
CA LEU K 7 -33.94 4.48 -46.48
C LEU K 7 -32.83 5.28 -47.13
N LYS K 8 -31.87 4.62 -47.77
CA LYS K 8 -30.75 5.33 -48.38
C LYS K 8 -31.18 6.08 -49.63
N LYS K 9 -32.35 5.75 -50.17
CA LYS K 9 -32.89 6.50 -51.30
C LYS K 9 -33.87 7.59 -50.88
N LEU K 10 -34.07 7.76 -49.57
CA LEU K 10 -34.98 8.77 -49.02
C LEU K 10 -34.24 10.07 -48.72
N ARG K 11 -32.96 10.12 -49.09
CA ARG K 11 -32.07 11.22 -48.78
C ARG K 11 -32.65 12.55 -49.27
N ASN K 12 -32.41 13.60 -48.49
CA ASN K 12 -32.92 14.95 -48.76
C ASN K 12 -34.44 14.99 -48.76
N GLU K 13 -35.05 14.43 -47.71
CA GLU K 13 -36.48 14.49 -47.50
C GLU K 13 -36.78 14.85 -46.05
N GLN K 14 -37.90 15.55 -45.85
CA GLN K 14 -38.39 15.84 -44.52
C GLN K 14 -38.94 14.57 -43.90
N VAL K 15 -38.53 14.30 -42.65
CA VAL K 15 -38.84 13.03 -42.00
C VAL K 15 -38.95 13.27 -40.51
N THR K 16 -39.71 12.40 -39.83
CA THR K 16 -39.67 12.33 -38.38
C THR K 16 -39.07 10.99 -37.99
N ILE K 17 -38.01 11.03 -37.19
CA ILE K 17 -37.45 9.83 -36.60
C ILE K 17 -37.92 9.75 -35.17
N GLU K 18 -38.80 8.78 -34.89
CA GLU K 18 -39.42 8.63 -33.59
C GLU K 18 -38.69 7.53 -32.85
N LEU K 19 -37.98 7.90 -31.79
CA LEU K 19 -37.00 7.03 -31.15
C LEU K 19 -37.65 6.16 -30.07
N LYS K 20 -36.80 5.35 -29.42
CA LYS K 20 -37.28 4.49 -28.34
C LYS K 20 -37.65 5.29 -27.11
N ASN K 21 -36.99 6.44 -26.91
CA ASN K 21 -37.27 7.27 -25.74
C ASN K 21 -38.67 7.88 -25.83
N GLY K 22 -39.24 7.95 -27.02
CA GLY K 22 -40.46 8.68 -27.24
C GLY K 22 -40.16 10.03 -27.86
N THR K 23 -38.87 10.36 -27.90
CA THR K 23 -38.40 11.61 -28.50
C THR K 23 -38.63 11.55 -30.00
N THR K 24 -39.16 12.62 -30.56
CA THR K 24 -39.46 12.69 -31.98
C THR K 24 -38.59 13.76 -32.65
N VAL K 25 -38.04 13.43 -33.81
CA VAL K 25 -37.13 14.35 -34.48
C VAL K 25 -37.63 14.69 -35.87
N TRP K 26 -38.02 15.94 -36.09
CA TRP K 26 -38.36 16.43 -37.41
C TRP K 26 -37.13 17.04 -38.05
N GLY K 27 -36.80 16.61 -39.26
CA GLY K 27 -35.62 17.17 -39.90
C GLY K 27 -35.46 16.72 -41.34
N THR K 28 -34.49 17.35 -41.99
CA THR K 28 -34.09 16.98 -43.34
C THR K 28 -33.06 15.87 -43.25
N LEU K 29 -33.23 14.82 -44.06
CA LEU K 29 -32.49 13.59 -43.90
C LEU K 29 -31.27 13.54 -44.81
N GLN K 30 -30.18 13.02 -44.27
CA GLN K 30 -28.94 12.83 -45.01
C GLN K 30 -28.62 11.34 -44.96
N SER K 31 -27.44 10.96 -45.47
CA SER K 31 -27.09 9.57 -45.73
C SER K 31 -27.34 8.64 -44.55
N VAL K 32 -28.01 7.51 -44.81
CA VAL K 32 -28.34 6.55 -43.76
C VAL K 32 -27.40 5.37 -43.86
N SER K 33 -26.69 5.07 -42.78
CA SER K 33 -25.70 4.01 -42.76
C SER K 33 -26.37 2.65 -42.89
N PRO K 34 -25.60 1.60 -43.24
CA PRO K 34 -26.20 0.26 -43.34
C PRO K 34 -26.72 -0.28 -42.03
N GLN K 35 -26.27 0.25 -40.89
CA GLN K 35 -26.78 -0.10 -39.58
C GLN K 35 -27.98 0.75 -39.21
N MET K 36 -28.49 1.54 -40.14
CA MET K 36 -29.59 2.48 -39.97
C MET K 36 -29.18 3.66 -39.07
N ASN K 37 -27.90 4.01 -39.05
CA ASN K 37 -27.49 5.24 -38.38
C ASN K 37 -27.96 6.42 -39.21
N ALA K 38 -28.80 7.27 -38.63
CA ALA K 38 -29.47 8.30 -39.40
C ALA K 38 -28.96 9.68 -39.02
N ILE K 39 -28.47 10.41 -40.02
CA ILE K 39 -27.83 11.69 -39.81
C ILE K 39 -28.71 12.76 -40.44
N LEU K 40 -29.10 13.76 -39.67
CA LEU K 40 -30.04 14.76 -40.14
C LEU K 40 -29.34 16.13 -40.14
N THR K 41 -30.05 17.15 -40.60
CA THR K 41 -29.39 18.45 -40.74
C THR K 41 -30.06 19.52 -39.88
N ASP K 42 -31.23 20.02 -40.29
CA ASP K 42 -31.94 21.04 -39.52
C ASP K 42 -33.12 20.37 -38.82
N VAL K 43 -32.99 20.21 -37.51
CA VAL K 43 -33.90 19.37 -36.77
C VAL K 43 -34.53 20.11 -35.60
N LYS K 44 -35.79 19.81 -35.36
CA LYS K 44 -36.50 20.20 -34.14
C LYS K 44 -36.95 18.89 -33.49
N LEU K 45 -36.34 18.57 -32.36
CA LEU K 45 -36.60 17.29 -31.70
C LEU K 45 -37.23 17.58 -30.34
N THR K 46 -38.28 16.84 -30.00
CA THR K 46 -39.12 17.17 -28.87
C THR K 46 -39.65 15.91 -28.21
N LEU K 47 -40.47 16.11 -27.18
CA LEU K 47 -41.20 15.06 -26.49
C LEU K 47 -42.69 15.37 -26.51
N PRO K 48 -43.53 14.36 -26.69
CA PRO K 48 -44.97 14.59 -26.62
C PRO K 48 -45.42 14.73 -25.17
N GLN K 49 -46.55 15.42 -25.01
CA GLN K 49 -47.12 15.59 -23.67
C GLN K 49 -48.23 14.59 -23.48
N PRO K 50 -48.03 13.54 -22.69
CA PRO K 50 -49.19 12.76 -22.22
C PRO K 50 -50.01 13.66 -21.32
N ARG K 51 -51.31 13.79 -21.58
CA ARG K 51 -52.06 14.78 -20.81
C ARG K 51 -52.48 14.19 -19.48
N LEU K 52 -53.54 13.38 -19.50
CA LEU K 52 -53.97 12.50 -18.42
C LEU K 52 -53.86 13.19 -17.06
N ASN K 53 -54.18 14.49 -17.02
CA ASN K 53 -54.02 15.31 -15.82
C ASN K 53 -52.63 15.14 -15.21
N LYS K 54 -51.64 15.67 -15.92
CA LYS K 54 -50.25 15.71 -15.47
C LYS K 54 -49.70 14.31 -15.19
N LEU K 55 -49.45 13.57 -16.27
CA LEU K 55 -48.67 12.35 -16.17
C LEU K 55 -47.22 12.67 -16.49
N ASN K 56 -46.33 12.44 -15.52
CA ASN K 56 -44.93 12.79 -15.67
C ASN K 56 -44.35 12.13 -16.92
N SER K 57 -43.73 12.94 -17.78
CA SER K 57 -43.14 12.44 -19.01
C SER K 57 -41.87 11.64 -18.70
N ASN K 58 -41.20 11.20 -19.76
CA ASN K 58 -39.95 10.48 -19.59
C ASN K 58 -38.94 11.35 -18.86
N GLY K 59 -38.40 10.85 -17.75
CA GLY K 59 -37.44 11.63 -16.99
C GLY K 59 -36.05 11.62 -17.61
N ILE K 60 -35.71 10.55 -18.32
CA ILE K 60 -34.40 10.49 -18.97
C ILE K 60 -34.39 11.31 -20.25
N ALA K 61 -35.51 11.34 -20.97
CA ALA K 61 -35.56 12.07 -22.24
C ALA K 61 -35.56 13.58 -22.04
N MET K 62 -36.11 14.07 -20.93
CA MET K 62 -36.01 15.50 -20.63
C MET K 62 -34.56 15.91 -20.38
N ALA K 63 -33.84 15.12 -19.57
CA ALA K 63 -32.44 15.43 -19.31
C ALA K 63 -31.61 15.33 -20.59
N SER K 64 -31.76 14.24 -21.33
CA SER K 64 -31.07 14.12 -22.62
C SER K 64 -31.44 15.23 -23.58
N LEU K 65 -32.63 15.81 -23.44
CA LEU K 65 -33.06 16.87 -24.33
C LEU K 65 -32.46 18.22 -23.95
N TYR K 66 -32.42 18.51 -22.65
CA TYR K 66 -31.77 19.75 -22.20
C TYR K 66 -30.27 19.69 -22.42
N LEU K 67 -29.70 18.48 -22.42
CA LEU K 67 -28.25 18.36 -22.52
C LEU K 67 -27.74 18.37 -23.96
N THR K 68 -28.62 18.55 -24.94
CA THR K 68 -28.15 18.74 -26.31
C THR K 68 -27.60 20.15 -26.52
N GLY K 69 -27.87 21.07 -25.60
CA GLY K 69 -27.48 22.45 -25.78
C GLY K 69 -28.36 23.22 -26.73
N GLY K 70 -29.37 22.59 -27.32
CA GLY K 70 -30.20 23.22 -28.32
C GLY K 70 -31.52 23.72 -27.77
N GLN K 71 -31.88 23.31 -26.56
CA GLN K 71 -33.11 23.80 -25.94
C GLN K 71 -32.92 25.26 -25.55
N GLN K 72 -33.80 26.12 -26.05
CA GLN K 72 -33.67 27.53 -25.72
C GLN K 72 -34.39 27.85 -24.42
N PRO K 73 -33.90 28.82 -23.64
CA PRO K 73 -34.45 29.03 -22.29
C PRO K 73 -35.92 29.40 -22.26
N THR K 74 -36.41 30.14 -23.27
CA THR K 74 -37.74 30.70 -23.23
C THR K 74 -38.80 29.80 -23.85
N ALA K 75 -38.44 28.59 -24.25
CA ALA K 75 -39.42 27.63 -24.75
C ALA K 75 -40.38 27.26 -23.63
N SER K 76 -41.68 27.46 -23.87
CA SER K 76 -42.66 27.13 -22.85
C SER K 76 -42.86 25.63 -22.72
N ASP K 77 -43.11 24.96 -23.85
CA ASP K 77 -43.21 23.51 -23.87
C ASP K 77 -41.82 22.90 -24.02
N ASN K 78 -41.78 21.59 -24.18
CA ASN K 78 -40.49 20.89 -24.14
C ASN K 78 -40.12 20.53 -25.59
N ILE K 79 -39.14 21.26 -26.12
CA ILE K 79 -38.63 21.09 -27.49
C ILE K 79 -37.16 21.51 -27.50
N ALA K 80 -36.47 21.19 -28.59
CA ALA K 80 -35.17 21.76 -28.85
C ALA K 80 -34.95 21.84 -30.35
N SER K 81 -34.27 22.87 -30.82
CA SER K 81 -33.95 23.02 -32.24
C SER K 81 -32.43 23.12 -32.41
N LEU K 82 -31.90 22.33 -33.33
CA LEU K 82 -30.45 22.30 -33.51
C LEU K 82 -30.13 21.84 -34.93
N GLN K 83 -28.89 22.06 -35.32
CA GLN K 83 -28.38 21.59 -36.59
C GLN K 83 -27.47 20.39 -36.38
N TYR K 84 -27.53 19.45 -37.33
CA TYR K 84 -26.66 18.29 -37.33
C TYR K 84 -26.78 17.45 -36.06
N ILE K 85 -27.82 16.62 -35.98
CA ILE K 85 -27.85 15.54 -35.00
C ILE K 85 -27.53 14.23 -35.74
N ASN K 86 -26.67 13.41 -35.14
CA ASN K 86 -26.38 12.08 -35.66
C ASN K 86 -26.94 11.04 -34.69
N ILE K 87 -27.76 10.13 -35.21
CA ILE K 87 -28.55 9.21 -34.39
C ILE K 87 -28.05 7.80 -34.64
N ARG K 88 -27.75 7.08 -33.56
CA ARG K 88 -27.39 5.67 -33.67
C ARG K 88 -28.59 4.88 -34.18
N GLY K 89 -28.31 3.74 -34.82
CA GLY K 89 -29.36 3.01 -35.51
C GLY K 89 -30.33 2.32 -34.57
N ASN K 90 -29.80 1.74 -33.49
CA ASN K 90 -30.65 0.94 -32.62
C ASN K 90 -31.62 1.80 -31.81
N THR K 91 -31.47 3.13 -31.84
CA THR K 91 -32.35 4.00 -31.08
C THR K 91 -33.67 4.25 -31.81
N ILE K 92 -33.71 4.02 -33.12
CA ILE K 92 -34.90 4.35 -33.90
C ILE K 92 -36.01 3.35 -33.61
N ARG K 93 -37.23 3.85 -33.44
CA ARG K 93 -38.42 3.02 -33.36
C ARG K 93 -39.24 3.08 -34.65
N GLN K 94 -39.83 4.22 -34.93
CA GLN K 94 -40.64 4.44 -36.13
C GLN K 94 -40.00 5.54 -36.96
N ILE K 95 -40.28 5.53 -38.26
CA ILE K 95 -39.88 6.61 -39.15
C ILE K 95 -41.08 7.02 -39.98
N ILE K 96 -41.52 8.28 -39.83
CA ILE K 96 -42.64 8.78 -40.62
C ILE K 96 -42.05 9.63 -41.75
N LEU K 97 -42.13 9.10 -42.96
CA LEU K 97 -41.71 9.66 -44.23
C LEU K 97 -42.85 10.43 -44.88
N PRO K 98 -42.54 11.37 -45.78
CA PRO K 98 -43.59 12.26 -46.30
C PRO K 98 -44.62 11.52 -47.14
N ASP K 99 -45.76 12.18 -47.34
CA ASP K 99 -46.87 11.59 -48.07
C ASP K 99 -46.67 11.67 -49.58
N SER K 100 -45.78 12.55 -50.03
CA SER K 100 -45.71 12.86 -51.46
C SER K 100 -45.03 11.74 -52.25
N LEU K 101 -43.92 11.22 -51.74
CA LEU K 101 -43.13 10.24 -52.49
C LEU K 101 -43.92 8.97 -52.74
N ASN K 102 -43.66 8.35 -53.88
CA ASN K 102 -44.32 7.11 -54.26
C ASN K 102 -43.42 5.93 -53.93
N LEU K 103 -44.02 4.89 -53.34
CA LEU K 103 -43.24 3.74 -52.89
C LEU K 103 -42.90 2.80 -54.04
N ASP K 104 -43.80 2.67 -55.01
CA ASP K 104 -43.60 1.71 -56.10
C ASP K 104 -42.31 1.95 -56.86
N SER K 105 -41.85 3.19 -56.94
CA SER K 105 -40.58 3.47 -57.59
C SER K 105 -39.41 3.19 -56.66
N LEU K 106 -39.53 3.58 -55.38
CA LEU K 106 -38.44 3.45 -54.43
C LEU K 106 -38.33 2.05 -53.83
N LEU K 107 -39.41 1.28 -53.78
CA LEU K 107 -39.34 -0.04 -53.15
C LEU K 107 -38.77 -1.11 -54.05
N VAL K 108 -38.41 -0.78 -55.30
CA VAL K 108 -37.76 -1.74 -56.17
C VAL K 108 -36.28 -1.80 -55.82
N ASP K 109 -35.81 -2.96 -55.37
CA ASP K 109 -34.40 -3.12 -55.05
C ASP K 109 -33.64 -3.66 -56.26
N GLN K 110 -32.52 -3.01 -56.59
CA GLN K 110 -31.79 -3.36 -57.79
C GLN K 110 -31.08 -4.71 -57.65
N LYS K 111 -30.72 -5.09 -56.43
CA LYS K 111 -30.13 -6.40 -56.21
C LYS K 111 -31.15 -7.52 -56.40
N GLN K 112 -32.41 -7.29 -56.01
CA GLN K 112 -33.42 -8.32 -56.17
C GLN K 112 -33.66 -8.63 -57.64
N LEU K 113 -33.80 -7.59 -58.47
CA LEU K 113 -33.87 -7.80 -59.91
C LEU K 113 -32.60 -8.44 -60.44
N ASN K 114 -31.44 -7.88 -60.06
CA ASN K 114 -30.16 -8.37 -60.55
C ASN K 114 -29.99 -9.86 -60.32
N SER K 115 -30.48 -10.39 -59.19
CA SER K 115 -30.42 -11.82 -58.97
C SER K 115 -31.31 -12.58 -59.94
N LEU K 116 -32.50 -12.06 -60.24
CA LEU K 116 -33.42 -12.76 -61.14
C LEU K 116 -33.03 -12.57 -62.60
N ARG K 117 -32.58 -11.37 -62.98
CA ARG K 117 -32.18 -11.13 -64.35
C ARG K 117 -30.98 -12.00 -64.76
N ARG K 118 -30.11 -12.30 -63.80
CA ARG K 118 -28.90 -13.08 -64.11
C ARG K 118 -29.19 -14.57 -64.21
N SER K 119 -30.11 -15.09 -63.41
CA SER K 119 -30.44 -16.51 -63.45
C SER K 119 -31.27 -16.83 -64.68
N ARG L 8 -28.37 -27.46 -40.88
CA ARG L 8 -27.05 -27.15 -41.42
C ARG L 8 -26.70 -25.67 -41.20
N PRO L 9 -25.52 -25.41 -40.65
CA PRO L 9 -25.14 -24.03 -40.32
C PRO L 9 -25.03 -23.16 -41.56
N LYS L 10 -25.08 -21.85 -41.34
CA LYS L 10 -25.15 -20.90 -42.45
C LYS L 10 -23.79 -20.58 -43.05
N HIS L 11 -22.71 -20.82 -42.30
CA HIS L 11 -21.39 -20.40 -42.79
C HIS L 11 -20.85 -21.36 -43.85
N GLU L 12 -21.47 -22.53 -44.00
CA GLU L 12 -21.02 -23.49 -45.00
C GLU L 12 -21.57 -23.13 -46.39
N LEU L 13 -22.74 -22.54 -46.46
CA LEU L 13 -23.44 -22.34 -47.72
C LEU L 13 -22.76 -21.26 -48.55
N SER L 14 -23.03 -21.28 -49.85
CA SER L 14 -22.47 -20.31 -50.77
C SER L 14 -23.37 -19.07 -50.86
N ARG L 15 -23.01 -18.16 -51.76
CA ARG L 15 -23.73 -16.90 -51.85
C ARG L 15 -25.14 -17.09 -52.38
N ALA L 16 -25.33 -18.02 -53.32
CA ALA L 16 -26.66 -18.24 -53.88
C ALA L 16 -27.52 -19.11 -52.97
N GLU L 17 -26.89 -20.01 -52.20
CA GLU L 17 -27.65 -20.87 -51.31
C GLU L 17 -28.30 -20.08 -50.19
N LEU L 18 -27.68 -18.97 -49.79
CA LEU L 18 -28.34 -18.06 -48.86
C LEU L 18 -29.54 -17.37 -49.49
N GLU L 19 -29.46 -17.05 -50.78
CA GLU L 19 -30.60 -16.42 -51.45
C GLU L 19 -31.77 -17.39 -51.57
N GLU L 20 -31.48 -18.66 -51.90
CA GLU L 20 -32.55 -19.65 -51.92
C GLU L 20 -33.08 -19.92 -50.52
N LEU L 21 -32.21 -19.83 -49.51
CA LEU L 21 -32.67 -20.03 -48.14
C LEU L 21 -33.61 -18.92 -47.70
N GLU L 22 -33.27 -17.67 -48.00
CA GLU L 22 -34.15 -16.56 -47.65
C GLU L 22 -35.44 -16.60 -48.45
N GLU L 23 -35.35 -17.00 -49.73
CA GLU L 23 -36.57 -17.16 -50.53
C GLU L 23 -37.49 -18.22 -49.95
N PHE L 24 -36.92 -19.34 -49.47
CA PHE L 24 -37.73 -20.35 -48.80
C PHE L 24 -38.34 -19.81 -47.51
N GLU L 25 -37.52 -19.20 -46.66
CA GLU L 25 -38.01 -18.71 -45.37
C GLU L 25 -39.12 -17.69 -45.53
N PHE L 26 -39.04 -16.82 -46.54
CA PHE L 26 -40.14 -15.90 -46.80
C PHE L 26 -41.34 -16.63 -47.36
N LYS L 27 -41.13 -17.46 -48.40
CA LYS L 27 -42.23 -18.18 -49.03
C LYS L 27 -42.84 -19.25 -48.12
N HIS L 28 -41.99 -20.12 -47.54
CA HIS L 28 -42.46 -21.18 -46.65
C HIS L 28 -41.80 -20.96 -45.28
N GLY L 29 -42.60 -20.56 -44.30
CA GLY L 29 -42.10 -20.29 -42.98
C GLY L 29 -43.01 -19.38 -42.18
N PRO L 30 -42.56 -18.96 -40.99
CA PRO L 30 -43.40 -18.06 -40.18
C PRO L 30 -43.70 -16.74 -40.87
N MET L 31 -42.69 -16.09 -41.44
CA MET L 31 -42.87 -14.79 -42.09
C MET L 31 -43.78 -14.88 -43.32
N SER L 32 -44.11 -16.10 -43.78
CA SER L 32 -45.12 -16.24 -44.81
C SER L 32 -46.46 -15.67 -44.39
N LEU L 33 -46.70 -15.51 -43.07
CA LEU L 33 -47.91 -14.82 -42.65
C LEU L 33 -47.90 -13.37 -43.11
N ILE L 34 -46.74 -12.72 -43.05
CA ILE L 34 -46.65 -11.34 -43.50
C ILE L 34 -46.64 -11.27 -45.03
N ASN L 35 -45.92 -12.19 -45.67
CA ASN L 35 -45.83 -12.17 -47.13
C ASN L 35 -47.21 -12.34 -47.77
N ASP L 36 -47.95 -13.38 -47.38
CA ASP L 36 -49.32 -13.53 -47.85
C ASP L 36 -50.19 -12.33 -47.51
N ALA L 37 -49.84 -11.59 -46.46
CA ALA L 37 -50.56 -10.38 -46.12
C ALA L 37 -50.19 -9.21 -47.02
N MET L 38 -48.98 -9.21 -47.58
CA MET L 38 -48.57 -8.11 -48.44
C MET L 38 -49.19 -8.24 -49.82
N VAL L 39 -49.29 -9.47 -50.34
CA VAL L 39 -49.78 -9.67 -51.70
C VAL L 39 -51.30 -9.52 -51.74
N THR L 40 -51.99 -9.99 -50.70
CA THR L 40 -53.44 -10.04 -50.70
C THR L 40 -54.10 -8.75 -50.21
N ARG L 41 -53.31 -7.73 -49.86
CA ARG L 41 -53.84 -6.44 -49.40
C ARG L 41 -54.72 -6.61 -48.17
N THR L 42 -54.31 -7.50 -47.27
CA THR L 42 -55.05 -7.71 -46.04
C THR L 42 -54.43 -6.91 -44.91
N PRO L 43 -55.19 -6.07 -44.22
CA PRO L 43 -54.62 -5.27 -43.13
C PRO L 43 -54.20 -6.14 -41.96
N VAL L 44 -53.07 -5.77 -41.36
CA VAL L 44 -52.48 -6.51 -40.27
C VAL L 44 -52.51 -5.66 -39.01
N ILE L 45 -52.55 -6.36 -37.87
CA ILE L 45 -52.47 -5.74 -36.55
C ILE L 45 -51.09 -6.05 -36.00
N ILE L 46 -50.42 -5.02 -35.49
CA ILE L 46 -49.07 -5.18 -34.95
C ILE L 46 -49.00 -4.60 -33.55
N SER L 47 -48.52 -5.41 -32.61
CA SER L 47 -48.23 -4.98 -31.25
C SER L 47 -46.74 -4.77 -31.12
N LEU L 48 -46.35 -3.58 -30.67
CA LEU L 48 -44.94 -3.32 -30.37
C LEU L 48 -44.68 -3.63 -28.91
N ARG L 49 -43.41 -3.50 -28.51
CA ARG L 49 -43.07 -3.64 -27.10
C ARG L 49 -43.31 -2.35 -26.35
N ASN L 50 -43.49 -1.24 -27.06
CA ASN L 50 -43.85 0.03 -26.44
C ASN L 50 -45.28 0.03 -25.94
N ASN L 51 -46.00 -1.07 -26.15
CA ASN L 51 -47.36 -1.28 -25.63
C ASN L 51 -48.37 -0.33 -26.24
N HIS L 52 -48.36 -0.23 -27.58
CA HIS L 52 -49.52 0.25 -28.31
C HIS L 52 -49.44 -0.26 -29.74
N LYS L 53 -50.59 -0.30 -30.40
CA LYS L 53 -50.81 -1.23 -31.50
C LYS L 53 -51.26 -0.49 -32.76
N ILE L 54 -50.63 -0.84 -33.88
CA ILE L 54 -50.89 -0.19 -35.15
C ILE L 54 -51.70 -1.14 -36.03
N ILE L 55 -52.78 -0.63 -36.61
CA ILE L 55 -53.59 -1.33 -37.61
C ILE L 55 -53.18 -0.73 -38.94
N ALA L 56 -52.61 -1.54 -39.83
CA ALA L 56 -52.01 -0.96 -41.03
C ALA L 56 -51.99 -1.98 -42.15
N ARG L 57 -51.28 -1.63 -43.21
CA ARG L 57 -51.21 -2.42 -44.44
C ARG L 57 -49.77 -2.44 -44.91
N VAL L 58 -49.25 -3.63 -45.16
CA VAL L 58 -47.82 -3.81 -45.35
C VAL L 58 -47.46 -3.70 -46.82
N LYS L 59 -46.75 -2.63 -47.17
CA LYS L 59 -46.14 -2.47 -48.49
C LYS L 59 -44.81 -3.19 -48.64
N ALA L 60 -44.06 -3.40 -47.56
CA ALA L 60 -42.81 -4.14 -47.63
C ALA L 60 -42.50 -4.72 -46.27
N PHE L 61 -41.65 -5.75 -46.26
CA PHE L 61 -41.14 -6.33 -45.02
C PHE L 61 -39.72 -6.84 -45.29
N ASP L 62 -39.10 -7.38 -44.24
CA ASP L 62 -37.70 -7.75 -44.34
C ASP L 62 -37.38 -8.78 -43.27
N ARG L 63 -36.22 -9.42 -43.45
CA ARG L 63 -35.67 -10.43 -42.55
C ARG L 63 -35.75 -10.04 -41.08
N HIS L 64 -35.28 -8.84 -40.75
CA HIS L 64 -35.29 -8.37 -39.38
C HIS L 64 -36.69 -8.08 -38.86
N CYS L 65 -37.70 -8.18 -39.74
CA CYS L 65 -39.13 -7.93 -39.53
C CYS L 65 -39.45 -6.45 -39.69
N ASN L 66 -38.45 -5.59 -39.87
CA ASN L 66 -38.73 -4.20 -40.16
C ASN L 66 -39.48 -4.10 -41.50
N MET L 67 -40.47 -3.22 -41.53
CA MET L 67 -41.43 -3.28 -42.62
C MET L 67 -41.97 -1.88 -42.95
N VAL L 68 -42.33 -1.69 -44.21
CA VAL L 68 -42.82 -0.40 -44.72
C VAL L 68 -44.32 -0.49 -44.89
N LEU L 69 -45.03 0.51 -44.37
CA LEU L 69 -46.47 0.47 -44.17
C LEU L 69 -47.16 1.67 -44.81
N GLU L 70 -48.44 1.50 -45.12
CA GLU L 70 -49.26 2.50 -45.78
C GLU L 70 -50.64 2.49 -45.15
N ASN L 71 -51.17 3.68 -44.87
CA ASN L 71 -52.37 3.87 -44.05
C ASN L 71 -52.22 3.20 -42.69
N VAL L 72 -51.35 3.79 -41.87
CA VAL L 72 -51.10 3.31 -40.52
C VAL L 72 -52.06 4.01 -39.56
N LYS L 73 -52.64 3.25 -38.64
CA LYS L 73 -53.49 3.83 -37.60
C LYS L 73 -52.97 3.33 -36.26
N GLU L 74 -52.44 4.24 -35.45
CA GLU L 74 -51.84 3.88 -34.17
C GLU L 74 -52.83 4.09 -33.03
N LEU L 75 -52.89 3.10 -32.14
CA LEU L 75 -53.83 3.11 -31.01
C LEU L 75 -53.01 2.95 -29.74
N TRP L 76 -53.04 3.96 -28.87
CA TRP L 76 -52.34 3.90 -27.59
C TRP L 76 -53.20 4.48 -26.48
N THR L 77 -53.31 3.72 -25.38
CA THR L 77 -54.05 4.15 -24.20
C THR L 77 -53.07 4.41 -23.08
N GLU L 78 -53.43 5.30 -22.16
CA GLU L 78 -52.62 5.53 -20.98
C GLU L 78 -53.51 5.71 -19.75
N LYS L 79 -52.97 5.29 -18.61
CA LYS L 79 -53.67 5.29 -17.34
C LYS L 79 -52.75 5.80 -16.24
N LYS L 80 -53.30 6.60 -15.34
CA LYS L 80 -52.59 7.06 -14.14
C LYS L 80 -53.56 6.93 -12.96
N GLY L 81 -53.22 6.09 -12.00
CA GLY L 81 -54.10 5.85 -10.87
C GLY L 81 -55.45 5.34 -11.29
N LYS L 82 -55.45 4.44 -12.28
CA LYS L 82 -56.68 3.87 -12.84
C LYS L 82 -57.61 4.96 -13.37
N ASN L 83 -57.04 5.88 -14.14
CA ASN L 83 -57.80 6.83 -14.95
C ASN L 83 -57.31 6.65 -16.38
N VAL L 84 -58.17 6.13 -17.25
CA VAL L 84 -57.77 5.65 -18.56
C VAL L 84 -58.22 6.65 -19.63
N ILE L 85 -57.41 6.76 -20.68
CA ILE L 85 -57.82 7.49 -21.89
C ILE L 85 -57.22 6.77 -23.09
N ASN L 86 -58.03 6.69 -24.16
CA ASN L 86 -57.68 6.02 -25.41
C ASN L 86 -57.36 7.10 -26.45
N ARG L 87 -56.19 7.01 -27.05
CA ARG L 87 -55.77 7.98 -28.06
C ARG L 87 -55.44 7.29 -29.37
N GLU L 88 -55.84 7.93 -30.46
CA GLU L 88 -55.66 7.41 -31.81
C GLU L 88 -54.89 8.43 -32.63
N ARG L 89 -53.94 7.95 -33.44
CA ARG L 89 -53.09 8.81 -34.22
C ARG L 89 -52.95 8.23 -35.62
N PHE L 90 -53.31 9.03 -36.64
CA PHE L 90 -53.32 8.55 -38.01
C PHE L 90 -52.05 8.95 -38.74
N ILE L 91 -51.56 8.04 -39.60
CA ILE L 91 -50.37 8.24 -40.40
C ILE L 91 -50.64 7.70 -41.79
N SER L 92 -50.14 8.39 -42.81
CA SER L 92 -50.30 7.91 -44.18
C SER L 92 -49.33 6.77 -44.47
N LYS L 93 -48.03 7.06 -44.44
CA LYS L 93 -47.01 6.07 -44.76
C LYS L 93 -45.98 6.05 -43.64
N LEU L 94 -45.38 4.88 -43.41
CA LEU L 94 -44.51 4.73 -42.25
C LEU L 94 -43.44 3.69 -42.55
N PHE L 95 -42.33 3.80 -41.82
CA PHE L 95 -41.29 2.77 -41.81
C PHE L 95 -41.10 2.32 -40.37
N LEU L 96 -41.22 1.02 -40.14
CA LEU L 96 -41.18 0.45 -38.80
C LEU L 96 -39.95 -0.43 -38.64
N ARG L 97 -39.12 -0.13 -37.64
CA ARG L 97 -37.99 -0.99 -37.30
C ARG L 97 -38.51 -2.23 -36.58
N GLY L 98 -37.98 -3.39 -36.95
CA GLY L 98 -38.56 -4.66 -36.57
C GLY L 98 -38.26 -5.16 -35.17
N ASP L 99 -37.37 -4.51 -34.43
CA ASP L 99 -37.04 -5.03 -33.10
C ASP L 99 -38.12 -4.71 -32.07
N SER L 100 -38.95 -3.71 -32.35
CA SER L 100 -39.96 -3.30 -31.38
C SER L 100 -41.17 -4.22 -31.39
N VAL L 101 -41.45 -4.90 -32.51
CA VAL L 101 -42.68 -5.67 -32.64
C VAL L 101 -42.57 -6.96 -31.82
N ILE L 102 -43.73 -7.46 -31.38
CA ILE L 102 -43.83 -8.74 -30.70
C ILE L 102 -44.79 -9.70 -31.41
N VAL L 103 -46.07 -9.34 -31.51
CA VAL L 103 -47.05 -10.18 -32.18
C VAL L 103 -47.63 -9.41 -33.35
N VAL L 104 -47.82 -10.10 -34.48
CA VAL L 104 -48.43 -9.54 -35.68
C VAL L 104 -49.47 -10.53 -36.17
N LEU L 105 -50.72 -10.09 -36.28
CA LEU L 105 -51.77 -10.96 -36.76
C LEU L 105 -52.35 -10.45 -38.06
N LYS L 106 -52.83 -11.38 -38.88
CA LYS L 106 -53.44 -11.08 -40.17
C LYS L 106 -54.95 -11.09 -40.01
N THR L 107 -55.57 -9.93 -40.26
CA THR L 107 -57.01 -9.82 -40.13
C THR L 107 -57.71 -10.63 -41.23
N PRO L 108 -58.92 -11.14 -40.95
CA PRO L 108 -59.72 -11.88 -41.93
C PRO L 108 -60.00 -11.08 -43.20
N GLY M 5 -10.43 -1.94 -34.39
CA GLY M 5 -10.65 -0.50 -34.27
C GLY M 5 -9.69 0.17 -33.30
N ILE M 6 -9.49 1.47 -33.48
CA ILE M 6 -8.58 2.25 -32.64
C ILE M 6 -9.05 2.28 -31.18
N PRO M 7 -10.34 2.50 -30.88
CA PRO M 7 -10.76 2.57 -29.47
C PRO M 7 -10.36 1.36 -28.63
N VAL M 8 -10.41 0.16 -29.19
CA VAL M 8 -9.98 -1.01 -28.43
C VAL M 8 -8.45 -1.08 -28.36
N LYS M 9 -7.77 -0.70 -29.44
CA LYS M 9 -6.32 -0.73 -29.45
C LYS M 9 -5.75 0.23 -28.41
N LEU M 10 -6.42 1.35 -28.16
CA LEU M 10 -6.00 2.26 -27.11
C LEU M 10 -6.17 1.63 -25.74
N LEU M 11 -7.20 0.79 -25.57
CA LEU M 11 -7.37 0.07 -24.31
C LEU M 11 -6.28 -0.97 -24.13
N ASN M 12 -5.86 -1.63 -25.21
CA ASN M 12 -4.71 -2.51 -25.12
C ASN M 12 -3.43 -1.75 -24.82
N GLU M 13 -3.34 -0.49 -25.28
CA GLU M 13 -2.15 0.31 -25.02
C GLU M 13 -2.09 0.82 -23.58
N ALA M 14 -3.19 0.69 -22.83
CA ALA M 14 -3.27 1.20 -21.46
C ALA M 14 -2.94 0.13 -20.42
N GLN M 15 -2.51 -1.05 -20.84
CA GLN M 15 -2.17 -2.11 -19.90
C GLN M 15 -1.05 -1.68 -18.97
N GLY M 16 -1.17 -2.05 -17.69
CA GLY M 16 -0.17 -1.70 -16.70
C GLY M 16 -0.24 -0.28 -16.19
N HIS M 17 -1.35 0.41 -16.41
CA HIS M 17 -1.52 1.78 -15.96
C HIS M 17 -2.86 1.92 -15.25
N ILE M 18 -2.93 2.90 -14.35
CA ILE M 18 -4.16 3.12 -13.57
C ILE M 18 -5.23 3.64 -14.50
N VAL M 19 -6.39 2.99 -14.48
CA VAL M 19 -7.53 3.37 -15.30
C VAL M 19 -8.77 3.40 -14.42
N SER M 20 -9.81 4.05 -14.92
CA SER M 20 -11.10 4.12 -14.24
C SER M 20 -12.16 3.45 -15.08
N LEU M 21 -13.19 2.93 -14.42
CA LEU M 21 -14.28 2.26 -15.11
C LEU M 21 -15.60 2.85 -14.65
N GLU M 22 -16.59 2.75 -15.53
CA GLU M 22 -17.98 2.97 -15.12
C GLU M 22 -18.78 1.79 -15.67
N LEU M 23 -19.29 0.96 -14.78
CA LEU M 23 -20.18 -0.09 -15.25
C LEU M 23 -21.59 0.47 -15.42
N THR M 24 -22.35 -0.13 -16.34
CA THR M 24 -23.71 0.31 -16.58
C THR M 24 -24.61 0.07 -15.38
N THR M 25 -24.14 -0.69 -14.39
CA THR M 25 -24.88 -0.83 -13.13
C THR M 25 -24.72 0.41 -12.25
N GLY M 26 -23.80 1.30 -12.58
CA GLY M 26 -23.60 2.52 -11.83
C GLY M 26 -22.36 2.58 -10.97
N ALA M 27 -21.63 1.46 -10.82
CA ALA M 27 -20.47 1.47 -9.96
C ALA M 27 -19.27 2.10 -10.67
N THR M 28 -18.18 2.24 -9.91
CA THR M 28 -16.95 2.83 -10.44
C THR M 28 -15.78 2.01 -9.92
N TYR M 29 -15.00 1.43 -10.82
CA TYR M 29 -13.83 0.66 -10.44
C TYR M 29 -12.58 1.37 -10.92
N ARG M 30 -11.83 1.96 -10.00
CA ARG M 30 -10.60 2.63 -10.38
C ARG M 30 -9.44 1.81 -9.84
N GLY M 31 -8.51 1.47 -10.73
CA GLY M 31 -7.35 0.71 -10.33
C GLY M 31 -6.52 0.35 -11.54
N LYS M 32 -5.54 -0.50 -11.31
CA LYS M 32 -4.54 -0.78 -12.33
C LYS M 32 -5.02 -1.91 -13.25
N LEU M 33 -4.87 -1.69 -14.54
CA LEU M 33 -5.38 -2.60 -15.56
C LEU M 33 -4.35 -3.66 -15.84
N VAL M 34 -4.70 -4.92 -15.58
CA VAL M 34 -3.82 -6.04 -15.93
C VAL M 34 -4.11 -6.53 -17.33
N GLU M 35 -5.32 -7.02 -17.59
CA GLU M 35 -5.61 -7.62 -18.89
C GLU M 35 -6.81 -6.95 -19.54
N SER M 36 -6.81 -7.01 -20.87
CA SER M 36 -7.93 -6.55 -21.69
C SER M 36 -7.97 -7.38 -22.95
N GLU M 37 -9.18 -7.67 -23.41
CA GLU M 37 -9.38 -8.42 -24.64
C GLU M 37 -10.06 -7.54 -25.68
N ASP M 38 -10.23 -8.08 -26.88
CA ASP M 38 -10.96 -7.38 -27.92
C ASP M 38 -12.45 -7.39 -27.68
N SER M 39 -12.93 -8.16 -26.70
CA SER M 39 -14.31 -8.09 -26.27
C SER M 39 -14.49 -7.05 -25.18
N MET M 40 -13.43 -6.29 -24.87
CA MET M 40 -13.46 -5.12 -23.99
C MET M 40 -13.59 -5.52 -22.53
N ASN M 41 -13.81 -6.81 -22.27
CA ASN M 41 -13.78 -7.30 -20.90
C ASN M 41 -12.35 -7.24 -20.37
N VAL M 42 -12.17 -6.55 -19.25
CA VAL M 42 -10.85 -6.29 -18.69
C VAL M 42 -10.79 -6.89 -17.30
N GLN M 43 -9.56 -7.12 -16.82
CA GLN M 43 -9.33 -7.46 -15.43
C GLN M 43 -8.31 -6.50 -14.84
N LEU M 44 -8.60 -6.03 -13.63
CA LEU M 44 -7.87 -4.97 -12.95
C LEU M 44 -7.27 -5.49 -11.64
N ARG M 45 -6.22 -4.81 -11.18
CA ARG M 45 -5.44 -5.23 -10.03
C ARG M 45 -5.44 -4.13 -8.99
N ASP M 46 -5.61 -4.50 -7.71
CA ASP M 46 -5.53 -3.57 -6.59
C ASP M 46 -6.41 -2.34 -6.83
N VAL M 47 -7.72 -2.59 -6.81
CA VAL M 47 -8.69 -1.62 -7.28
C VAL M 47 -9.57 -1.15 -6.13
N ILE M 48 -9.93 0.13 -6.19
CA ILE M 48 -10.87 0.75 -5.27
C ILE M 48 -12.22 0.81 -5.98
N ALA M 49 -13.26 0.39 -5.27
CA ALA M 49 -14.59 0.25 -5.84
C ALA M 49 -15.54 1.24 -5.18
N THR M 50 -16.38 1.87 -5.99
CA THR M 50 -17.42 2.76 -5.52
C THR M 50 -18.76 2.18 -5.94
N GLU M 51 -19.56 1.76 -4.98
CA GLU M 51 -20.88 1.23 -5.28
C GLU M 51 -21.75 2.33 -5.88
N PRO M 52 -22.85 1.96 -6.55
CA PRO M 52 -23.72 2.99 -7.13
C PRO M 52 -24.21 4.03 -6.13
N GLN M 53 -24.36 3.67 -4.86
CA GLN M 53 -24.83 4.58 -3.83
C GLN M 53 -23.69 5.25 -3.07
N GLY M 54 -22.44 4.99 -3.45
CA GLY M 54 -21.30 5.71 -2.95
C GLY M 54 -20.42 4.94 -1.98
N ALA M 55 -20.91 3.82 -1.45
CA ALA M 55 -20.10 3.05 -0.52
C ALA M 55 -18.84 2.53 -1.23
N VAL M 56 -17.68 2.83 -0.65
CA VAL M 56 -16.41 2.55 -1.28
C VAL M 56 -15.73 1.42 -0.53
N THR M 57 -15.19 0.45 -1.28
CA THR M 57 -14.46 -0.68 -0.74
C THR M 57 -13.18 -0.86 -1.54
N HIS M 58 -12.43 -1.90 -1.21
CA HIS M 58 -11.15 -2.19 -1.87
C HIS M 58 -11.03 -3.68 -2.10
N MET M 59 -10.65 -4.07 -3.33
CA MET M 59 -10.45 -5.47 -3.65
C MET M 59 -9.18 -5.63 -4.46
N ASP M 60 -8.53 -6.79 -4.33
CA ASP M 60 -7.18 -6.94 -4.88
C ASP M 60 -7.22 -7.24 -6.38
N GLN M 61 -8.21 -7.98 -6.85
CA GLN M 61 -8.28 -8.43 -8.23
C GLN M 61 -9.75 -8.36 -8.65
N ILE M 62 -10.00 -8.01 -9.91
CA ILE M 62 -11.37 -7.97 -10.40
C ILE M 62 -11.38 -8.30 -11.87
N PHE M 63 -12.46 -8.97 -12.32
CA PHE M 63 -12.72 -9.22 -13.72
C PHE M 63 -14.14 -8.77 -14.05
N VAL M 64 -14.29 -7.96 -15.09
CA VAL M 64 -15.57 -7.38 -15.44
C VAL M 64 -15.91 -7.76 -16.87
N ARG M 65 -17.20 -7.89 -17.16
CA ARG M 65 -17.63 -8.19 -18.52
C ARG M 65 -17.69 -6.92 -19.35
N GLY M 66 -17.14 -7.00 -20.56
CA GLY M 66 -17.06 -5.82 -21.42
C GLY M 66 -18.41 -5.25 -21.80
N SER M 67 -19.43 -6.11 -21.92
CA SER M 67 -20.76 -5.63 -22.27
C SER M 67 -21.33 -4.70 -21.21
N GLN M 68 -20.89 -4.83 -19.97
CA GLN M 68 -21.41 -4.03 -18.86
C GLN M 68 -20.63 -2.75 -18.65
N ILE M 69 -19.51 -2.57 -19.34
CA ILE M 69 -18.70 -1.36 -19.23
C ILE M 69 -19.41 -0.22 -19.95
N LYS M 70 -19.32 0.99 -19.38
CA LYS M 70 -19.90 2.18 -19.98
C LYS M 70 -18.86 3.15 -20.53
N PHE M 71 -17.98 3.67 -19.69
CA PHE M 71 -16.80 4.37 -20.20
C PHE M 71 -15.58 3.94 -19.40
N ILE M 72 -14.42 4.07 -20.04
CA ILE M 72 -13.13 3.76 -19.44
C ILE M 72 -12.26 5.01 -19.51
N VAL M 73 -11.69 5.40 -18.37
CA VAL M 73 -10.80 6.56 -18.29
C VAL M 73 -9.37 6.05 -18.33
N VAL M 74 -8.58 6.61 -19.23
CA VAL M 74 -7.23 6.14 -19.56
C VAL M 74 -6.26 7.28 -19.28
N PRO M 75 -5.03 6.99 -18.84
CA PRO M 75 -4.06 8.07 -18.61
C PRO M 75 -3.92 8.98 -19.82
N ASP M 76 -3.97 10.28 -19.55
CA ASP M 76 -4.05 11.32 -20.57
C ASP M 76 -2.90 11.30 -21.56
N LEU M 77 -1.70 10.92 -21.13
CA LEU M 77 -0.53 10.96 -22.00
C LEU M 77 -0.62 10.00 -23.18
N LEU M 78 -1.61 9.10 -23.19
CA LEU M 78 -1.85 8.25 -24.34
C LEU M 78 -2.55 8.98 -25.48
N LYS M 79 -2.90 10.26 -25.30
CA LYS M 79 -3.58 11.01 -26.34
C LYS M 79 -2.74 11.16 -27.60
N ASN M 80 -1.42 11.35 -27.46
CA ASN M 80 -0.53 11.64 -28.57
C ASN M 80 0.12 10.36 -29.09
N ALA M 81 -0.30 9.24 -28.53
CA ALA M 81 0.16 7.90 -28.88
C ALA M 81 -0.01 7.64 -30.38
N PRO M 82 0.87 6.82 -30.96
CA PRO M 82 0.94 6.70 -32.42
C PRO M 82 -0.32 6.17 -33.09
N LEU M 83 -1.27 5.59 -32.34
CA LEU M 83 -2.50 5.11 -32.94
C LEU M 83 -3.26 6.23 -33.66
N PHE M 84 -3.13 7.46 -33.19
CA PHE M 84 -3.91 8.57 -33.71
C PHE M 84 -3.22 9.29 -34.86
N LYS M 85 -2.09 8.79 -35.34
CA LYS M 85 -1.47 9.36 -36.53
C LYS M 85 -2.33 9.07 -37.75
N LYS M 86 -2.75 10.12 -38.45
CA LYS M 86 -3.61 9.96 -39.61
C LYS M 86 -2.81 9.45 -40.82
N ASN M 87 -1.85 10.24 -41.27
CA ASN M 87 -0.97 9.82 -42.36
C ASN M 87 0.26 9.18 -41.73
N SER M 88 0.38 7.86 -41.90
CA SER M 88 1.49 7.10 -41.36
C SER M 88 2.02 6.17 -42.46
N SER M 89 3.31 5.88 -42.38
CA SER M 89 3.98 5.09 -43.42
C SER M 89 4.47 3.77 -42.84
N ARG M 90 3.81 2.68 -43.22
CA ARG M 90 4.21 1.34 -42.84
C ARG M 90 5.12 0.73 -43.90
N PRO M 91 6.05 -0.14 -43.49
CA PRO M 91 6.84 -0.91 -44.47
C PRO M 91 5.98 -2.01 -45.09
N MET M 92 6.62 -2.77 -45.99
CA MET M 92 5.92 -3.88 -46.63
C MET M 92 5.80 -5.05 -45.66
N PRO M 93 4.68 -5.78 -45.68
CA PRO M 93 4.51 -6.91 -44.77
C PRO M 93 5.37 -8.09 -45.20
N PRO M 94 5.83 -8.89 -44.24
CA PRO M 94 6.66 -10.04 -44.61
C PRO M 94 5.85 -11.10 -45.32
N ILE M 95 6.51 -11.81 -46.24
CA ILE M 95 5.82 -12.78 -47.07
C ILE M 95 5.83 -14.14 -46.40
N ARG M 96 4.65 -14.63 -46.04
CA ARG M 96 4.50 -15.96 -45.45
C ARG M 96 3.36 -16.73 -46.10
N MET N 10 -10.47 -28.83 -15.68
CA MET N 10 -11.55 -27.88 -15.94
C MET N 10 -12.78 -28.59 -16.46
N VAL N 11 -13.95 -28.07 -16.09
CA VAL N 11 -15.24 -28.63 -16.46
C VAL N 11 -16.02 -27.57 -17.23
N PRO N 12 -15.96 -27.55 -18.55
CA PRO N 12 -16.73 -26.55 -19.32
C PRO N 12 -18.19 -26.55 -18.90
N PRO N 13 -18.84 -25.38 -18.94
CA PRO N 13 -20.20 -25.29 -18.39
C PRO N 13 -21.21 -26.14 -19.12
N ILE N 14 -21.20 -26.14 -20.45
CA ILE N 14 -22.17 -26.92 -21.21
C ILE N 14 -21.86 -28.41 -21.11
N ASN N 15 -20.61 -28.78 -20.85
CA ASN N 15 -20.33 -30.16 -20.47
C ASN N 15 -21.09 -30.51 -19.19
N CYS N 16 -20.97 -29.68 -18.16
CA CYS N 16 -21.77 -29.84 -16.96
C CYS N 16 -23.27 -29.94 -17.24
N ILE N 17 -23.79 -29.16 -18.19
CA ILE N 17 -25.20 -29.29 -18.53
C ILE N 17 -25.47 -30.65 -19.15
N PHE N 18 -24.57 -31.14 -20.00
CA PHE N 18 -24.71 -32.49 -20.54
C PHE N 18 -24.69 -33.54 -19.43
N ASN N 19 -23.97 -33.26 -18.33
CA ASN N 19 -24.02 -34.09 -17.15
C ASN N 19 -25.32 -33.93 -16.37
N PHE N 20 -26.06 -32.83 -16.59
CA PHE N 20 -27.42 -32.74 -16.12
C PHE N 20 -28.42 -33.47 -17.01
N LEU N 21 -28.12 -33.63 -18.29
CA LEU N 21 -29.02 -34.35 -19.17
C LEU N 21 -29.00 -35.85 -18.90
N GLN N 22 -27.81 -36.45 -18.91
CA GLN N 22 -27.70 -37.90 -18.83
C GLN N 22 -27.81 -38.43 -17.40
N GLN N 23 -27.39 -37.64 -16.40
CA GLN N 23 -27.50 -38.11 -15.02
C GLN N 23 -28.91 -38.02 -14.46
N GLN N 24 -29.83 -37.40 -15.20
CA GLN N 24 -31.24 -37.33 -14.84
C GLN N 24 -31.45 -36.66 -13.47
N THR N 25 -30.55 -35.77 -13.08
CA THR N 25 -30.73 -35.06 -11.83
C THR N 25 -31.71 -33.90 -12.01
N PRO N 26 -32.62 -33.68 -11.06
CA PRO N 26 -33.55 -32.55 -11.17
C PRO N 26 -32.84 -31.23 -10.89
N VAL N 27 -33.29 -30.19 -11.59
CA VAL N 27 -32.65 -28.89 -11.49
C VAL N 27 -33.69 -27.80 -11.28
N THR N 28 -33.33 -26.84 -10.43
CA THR N 28 -34.03 -25.56 -10.31
C THR N 28 -33.26 -24.53 -11.12
N ILE N 29 -34.00 -23.67 -11.83
CA ILE N 29 -33.41 -22.71 -12.76
C ILE N 29 -34.08 -21.36 -12.52
N TRP N 30 -33.26 -20.34 -12.25
CA TRP N 30 -33.75 -19.00 -11.99
C TRP N 30 -33.85 -18.23 -13.31
N LEU N 31 -34.91 -17.45 -13.46
CA LEU N 31 -35.09 -16.64 -14.65
C LEU N 31 -34.64 -15.21 -14.35
N PHE N 32 -34.88 -14.31 -15.30
CA PHE N 32 -34.51 -12.92 -15.09
C PHE N 32 -35.33 -12.31 -13.95
N GLU N 33 -34.78 -11.26 -13.34
CA GLU N 33 -35.40 -10.69 -12.15
C GLU N 33 -36.74 -10.03 -12.43
N GLN N 34 -37.07 -9.79 -13.70
CA GLN N 34 -38.31 -9.08 -14.02
C GLN N 34 -39.51 -10.01 -13.99
N ILE N 35 -39.35 -11.26 -14.44
CA ILE N 35 -40.49 -12.15 -14.56
C ILE N 35 -41.05 -12.51 -13.20
N GLY N 36 -40.21 -13.03 -12.31
CA GLY N 36 -40.65 -13.35 -10.97
C GLY N 36 -41.02 -14.80 -10.73
N ILE N 37 -40.66 -15.70 -11.65
CA ILE N 37 -40.91 -17.13 -11.46
C ILE N 37 -39.60 -17.88 -11.69
N ARG N 38 -39.47 -19.02 -11.04
CA ARG N 38 -38.34 -19.92 -11.23
C ARG N 38 -38.88 -21.29 -11.62
N ILE N 39 -38.21 -21.94 -12.57
CA ILE N 39 -38.71 -23.18 -13.14
C ILE N 39 -37.91 -24.31 -12.52
N LYS N 40 -38.51 -25.50 -12.38
CA LYS N 40 -37.69 -26.64 -12.00
C LYS N 40 -38.23 -27.89 -12.67
N GLY N 41 -37.31 -28.76 -13.07
CA GLY N 41 -37.68 -29.97 -13.78
C GLY N 41 -36.45 -30.77 -14.14
N LYS N 42 -36.65 -31.69 -15.09
CA LYS N 42 -35.56 -32.54 -15.56
C LYS N 42 -35.08 -32.07 -16.91
N ILE N 43 -33.85 -31.56 -16.97
CA ILE N 43 -33.28 -31.07 -18.23
C ILE N 43 -33.03 -32.28 -19.11
N VAL N 44 -33.60 -32.26 -20.32
CA VAL N 44 -33.46 -33.39 -21.23
C VAL N 44 -32.34 -33.13 -22.23
N GLY N 45 -32.49 -32.09 -23.05
CA GLY N 45 -31.49 -31.77 -24.05
C GLY N 45 -31.41 -30.27 -24.22
N PHE N 46 -30.35 -29.83 -24.89
CA PHE N 46 -30.05 -28.41 -25.01
C PHE N 46 -29.47 -28.13 -26.40
N ASP N 47 -29.43 -26.85 -26.74
CA ASP N 47 -28.83 -26.40 -27.98
C ASP N 47 -27.60 -25.54 -27.68
N GLU N 48 -26.99 -25.02 -28.74
CA GLU N 48 -25.81 -24.17 -28.59
C GLU N 48 -26.13 -22.86 -27.89
N PHE N 49 -27.40 -22.47 -27.89
CA PHE N 49 -27.82 -21.16 -27.38
C PHE N 49 -28.22 -21.22 -25.92
N MET N 50 -28.08 -22.40 -25.30
CA MET N 50 -28.40 -22.63 -23.89
C MET N 50 -29.89 -22.45 -23.62
N ASN N 51 -30.69 -22.80 -24.63
CA ASN N 51 -32.13 -22.96 -24.49
C ASN N 51 -32.43 -24.45 -24.35
N VAL N 52 -33.17 -24.81 -23.30
CA VAL N 52 -33.22 -26.21 -22.87
C VAL N 52 -34.67 -26.68 -22.80
N VAL N 53 -34.85 -27.97 -23.07
CA VAL N 53 -36.12 -28.65 -22.88
C VAL N 53 -36.14 -29.26 -21.49
N ILE N 54 -37.23 -29.01 -20.76
CA ILE N 54 -37.38 -29.49 -19.38
C ILE N 54 -38.62 -30.38 -19.35
N ASP N 55 -38.44 -31.63 -18.94
CA ASP N 55 -39.52 -32.59 -18.78
C ASP N 55 -40.00 -32.54 -17.33
N GLU N 56 -41.31 -32.59 -17.16
CA GLU N 56 -41.95 -32.52 -15.83
C GLU N 56 -41.49 -31.27 -15.09
N ALA N 57 -41.83 -30.12 -15.65
CA ALA N 57 -41.42 -28.84 -15.12
C ALA N 57 -42.58 -28.18 -14.39
N VAL N 58 -42.26 -27.52 -13.28
CA VAL N 58 -43.23 -26.71 -12.54
C VAL N 58 -42.67 -25.31 -12.41
N GLU N 59 -43.56 -24.32 -12.47
CA GLU N 59 -43.21 -22.91 -12.34
C GLU N 59 -43.60 -22.46 -10.93
N ILE N 60 -42.60 -21.99 -10.18
CA ILE N 60 -42.80 -21.54 -8.80
C ILE N 60 -42.71 -20.02 -8.78
N PRO N 61 -43.72 -19.31 -8.28
CA PRO N 61 -43.59 -17.86 -8.13
C PRO N 61 -42.72 -17.50 -6.94
N VAL N 62 -42.09 -16.32 -7.04
CA VAL N 62 -41.23 -15.82 -5.97
C VAL N 62 -41.54 -14.36 -5.67
N GLU N 72 -44.82 -22.65 -3.09
CA GLU N 72 -44.69 -24.02 -3.58
C GLU N 72 -46.03 -24.51 -4.13
N LYS N 73 -46.94 -23.57 -4.34
CA LYS N 73 -48.27 -23.85 -4.90
C LYS N 73 -48.26 -23.75 -6.42
N GLY N 74 -47.10 -23.59 -7.04
CA GLY N 74 -47.03 -23.43 -8.48
C GLY N 74 -47.65 -24.59 -9.23
N THR N 75 -48.10 -24.29 -10.45
CA THR N 75 -48.78 -25.29 -11.25
C THR N 75 -47.77 -26.06 -12.10
N PRO N 76 -48.00 -27.35 -12.33
CA PRO N 76 -47.12 -28.13 -13.20
C PRO N 76 -47.25 -27.72 -14.66
N LEU N 77 -46.12 -27.67 -15.35
CA LEU N 77 -46.10 -27.26 -16.76
C LEU N 77 -46.22 -28.44 -17.70
N GLY N 78 -45.16 -29.25 -17.83
CA GLY N 78 -45.15 -30.30 -18.83
C GLY N 78 -43.75 -30.61 -19.31
N LYS N 79 -43.65 -31.09 -20.55
CA LYS N 79 -42.42 -31.03 -21.32
C LYS N 79 -42.46 -29.69 -22.03
N ILE N 80 -41.53 -28.80 -21.67
CA ILE N 80 -41.57 -27.41 -22.12
C ILE N 80 -40.19 -26.99 -22.60
N LEU N 81 -40.15 -26.34 -23.77
CA LEU N 81 -38.93 -25.70 -24.24
C LEU N 81 -38.82 -24.31 -23.63
N LEU N 82 -37.70 -24.04 -22.98
CA LEU N 82 -37.44 -22.74 -22.36
C LEU N 82 -36.27 -22.06 -23.06
N LYS N 83 -36.46 -20.80 -23.42
CA LYS N 83 -35.48 -20.03 -24.17
C LYS N 83 -34.28 -19.69 -23.30
N GLY N 84 -33.11 -19.68 -23.92
CA GLY N 84 -31.87 -19.37 -23.22
C GLY N 84 -31.66 -17.90 -22.91
N ASP N 85 -32.42 -17.01 -23.54
CA ASP N 85 -32.26 -15.59 -23.30
C ASP N 85 -32.65 -15.21 -21.87
N ASN N 86 -33.65 -15.90 -21.30
CA ASN N 86 -34.14 -15.61 -19.97
C ASN N 86 -33.44 -16.40 -18.89
N ILE N 87 -32.52 -17.30 -19.25
CA ILE N 87 -31.84 -18.14 -18.26
C ILE N 87 -30.89 -17.27 -17.45
N THR N 88 -30.93 -17.44 -16.13
CA THR N 88 -29.93 -16.86 -15.23
C THR N 88 -29.07 -17.92 -14.57
N LEU N 89 -29.67 -18.81 -13.78
CA LEU N 89 -28.98 -19.90 -13.15
C LEU N 89 -29.62 -21.22 -13.56
N ILE N 90 -28.79 -22.27 -13.61
CA ILE N 90 -29.28 -23.65 -13.66
C ILE N 90 -28.68 -24.36 -12.47
N THR N 91 -29.51 -24.72 -11.50
CA THR N 91 -29.04 -25.17 -10.20
C THR N 91 -29.67 -26.51 -9.84
N SER N 92 -28.85 -27.45 -9.41
CA SER N 92 -29.34 -28.74 -8.93
C SER N 92 -29.86 -28.60 -7.50
N PRO O 12 -33.51 -38.10 -25.17
CA PRO O 12 -32.43 -37.15 -25.48
C PRO O 12 -32.82 -36.15 -26.56
N VAL O 13 -34.06 -35.67 -26.53
CA VAL O 13 -34.54 -34.74 -27.55
C VAL O 13 -33.93 -33.37 -27.31
N ASN O 14 -33.54 -32.70 -28.39
CA ASN O 14 -33.02 -31.34 -28.33
C ASN O 14 -34.11 -30.36 -28.75
N PRO O 15 -33.85 -29.05 -28.65
CA PRO O 15 -34.93 -28.09 -28.95
C PRO O 15 -35.45 -28.14 -30.38
N LYS O 16 -34.57 -28.15 -31.38
CA LYS O 16 -35.05 -28.06 -32.76
C LYS O 16 -35.88 -29.28 -33.16
N PRO O 17 -35.44 -30.52 -32.94
CA PRO O 17 -36.35 -31.65 -33.19
C PRO O 17 -37.59 -31.62 -32.30
N PHE O 18 -37.53 -30.96 -31.15
CA PHE O 18 -38.73 -30.82 -30.32
C PHE O 18 -39.74 -29.90 -30.98
N LEU O 19 -39.28 -28.86 -31.67
CA LEU O 19 -40.21 -28.04 -32.44
C LEU O 19 -40.66 -28.74 -33.71
N LYS O 20 -39.79 -29.55 -34.31
CA LYS O 20 -40.21 -30.32 -35.48
C LYS O 20 -41.24 -31.38 -35.11
N GLY O 21 -41.25 -31.80 -33.85
CA GLY O 21 -42.25 -32.77 -33.42
C GLY O 21 -43.54 -32.14 -32.95
N LEU O 22 -43.50 -30.84 -32.67
CA LEU O 22 -44.67 -30.11 -32.17
C LEU O 22 -45.42 -29.38 -33.27
N VAL O 23 -44.99 -29.50 -34.53
CA VAL O 23 -45.68 -28.86 -35.64
C VAL O 23 -47.11 -29.39 -35.71
N ASN O 24 -48.04 -28.50 -36.06
CA ASN O 24 -49.48 -28.78 -36.21
C ASN O 24 -50.03 -29.59 -35.03
N HIS O 25 -49.54 -29.28 -33.84
CA HIS O 25 -50.11 -29.71 -32.58
C HIS O 25 -50.51 -28.46 -31.78
N ARG O 26 -51.41 -28.62 -30.84
CA ARG O 26 -51.82 -27.49 -30.01
C ARG O 26 -50.70 -27.17 -29.03
N VAL O 27 -50.17 -25.96 -29.09
CA VAL O 27 -49.08 -25.53 -28.24
C VAL O 27 -49.43 -24.17 -27.65
N GLY O 28 -49.18 -24.03 -26.36
CA GLY O 28 -49.18 -22.74 -25.71
C GLY O 28 -47.78 -22.16 -25.73
N VAL O 29 -47.70 -20.84 -25.78
CA VAL O 29 -46.43 -20.13 -25.74
C VAL O 29 -46.56 -18.98 -24.75
N LYS O 30 -45.73 -18.99 -23.71
CA LYS O 30 -45.73 -17.92 -22.73
C LYS O 30 -44.67 -16.89 -23.13
N LEU O 31 -45.12 -15.66 -23.35
CA LEU O 31 -44.25 -14.51 -23.51
C LEU O 31 -43.70 -14.06 -22.16
N LYS O 32 -42.64 -13.26 -22.19
CA LYS O 32 -41.92 -12.91 -20.98
C LYS O 32 -42.51 -11.71 -20.24
N PHE O 33 -43.53 -11.05 -20.77
CA PHE O 33 -43.92 -9.75 -20.22
C PHE O 33 -45.04 -9.83 -19.19
N ASN O 34 -46.27 -10.01 -19.67
CA ASN O 34 -47.47 -9.89 -18.85
C ASN O 34 -47.93 -11.24 -18.33
N SER O 35 -47.11 -12.27 -18.56
CA SER O 35 -47.50 -13.66 -18.36
C SER O 35 -48.68 -13.99 -19.27
N THR O 36 -48.57 -13.52 -20.51
CA THR O 36 -49.54 -13.80 -21.56
C THR O 36 -49.09 -15.03 -22.33
N GLU O 37 -50.02 -15.94 -22.59
CA GLU O 37 -49.74 -17.15 -23.34
C GLU O 37 -50.72 -17.28 -24.49
N TYR O 38 -50.18 -17.54 -25.67
CA TYR O 38 -50.98 -17.77 -26.87
C TYR O 38 -51.14 -19.27 -27.05
N ARG O 39 -52.39 -19.74 -27.04
CA ARG O 39 -52.73 -21.15 -27.14
C ARG O 39 -53.26 -21.40 -28.55
N GLY O 40 -52.49 -22.15 -29.35
CA GLY O 40 -52.92 -22.40 -30.72
C GLY O 40 -52.16 -23.47 -31.44
N THR O 41 -52.65 -23.87 -32.60
CA THR O 41 -52.00 -24.88 -33.43
C THR O 41 -50.81 -24.27 -34.13
N LEU O 42 -49.63 -24.81 -33.87
CA LEU O 42 -48.42 -24.30 -34.52
C LEU O 42 -48.45 -24.61 -36.00
N VAL O 43 -47.97 -23.65 -36.80
CA VAL O 43 -47.89 -23.77 -38.24
C VAL O 43 -46.46 -24.06 -38.67
N SER O 44 -45.55 -23.13 -38.43
CA SER O 44 -44.17 -23.29 -38.84
C SER O 44 -43.26 -22.45 -37.95
N THR O 45 -41.98 -22.81 -37.96
CA THR O 45 -40.96 -22.14 -37.18
C THR O 45 -39.77 -21.82 -38.07
N ASP O 46 -39.03 -20.79 -37.67
CA ASP O 46 -37.84 -20.35 -38.38
C ASP O 46 -36.60 -20.94 -37.72
N ASN O 47 -35.43 -20.56 -38.21
CA ASN O 47 -34.19 -20.98 -37.56
C ASN O 47 -33.95 -20.24 -36.26
N TYR O 48 -34.56 -19.07 -36.10
CA TYR O 48 -34.54 -18.33 -34.84
C TYR O 48 -35.70 -18.71 -33.93
N PHE O 49 -36.49 -19.71 -34.34
CA PHE O 49 -37.68 -20.13 -33.61
C PHE O 49 -38.74 -19.02 -33.57
N ASN O 50 -38.86 -18.29 -34.67
CA ASN O 50 -40.06 -17.52 -34.91
C ASN O 50 -41.24 -18.48 -35.02
N LEU O 51 -42.42 -18.02 -34.63
CA LEU O 51 -43.56 -18.91 -34.53
C LEU O 51 -44.71 -18.43 -35.41
N GLN O 52 -45.39 -19.39 -36.04
CA GLN O 52 -46.66 -19.09 -36.68
C GLN O 52 -47.74 -19.99 -36.08
N LEU O 53 -48.92 -19.43 -35.85
CA LEU O 53 -50.01 -20.12 -35.18
C LEU O 53 -51.32 -19.91 -35.92
N ASN O 54 -52.17 -20.93 -35.88
CA ASN O 54 -53.53 -20.86 -36.38
C ASN O 54 -54.51 -21.03 -35.23
N GLU O 55 -55.65 -20.35 -35.32
CA GLU O 55 -56.75 -20.48 -34.37
C GLU O 55 -56.28 -20.23 -32.94
N ALA O 56 -55.38 -19.26 -32.78
CA ALA O 56 -54.80 -18.97 -31.49
C ALA O 56 -55.79 -18.24 -30.59
N GLU O 57 -55.53 -18.32 -29.28
CA GLU O 57 -56.32 -17.62 -28.28
C GLU O 57 -55.37 -17.00 -27.27
N GLU O 58 -55.62 -15.74 -26.94
CA GLU O 58 -54.75 -14.98 -26.04
C GLU O 58 -55.25 -15.13 -24.61
N PHE O 59 -54.39 -15.63 -23.73
CA PHE O 59 -54.71 -15.75 -22.31
C PHE O 59 -53.77 -14.84 -21.53
N VAL O 60 -54.33 -14.09 -20.59
CA VAL O 60 -53.54 -13.15 -19.79
C VAL O 60 -53.98 -13.19 -18.34
N HIS O 65 -58.47 -15.17 -23.23
CA HIS O 65 -59.88 -14.78 -23.16
C HIS O 65 -60.44 -14.46 -24.55
N GLY O 66 -59.56 -14.09 -25.47
CA GLY O 66 -59.98 -13.79 -26.83
C GLY O 66 -59.66 -14.93 -27.79
N THR O 67 -60.17 -14.79 -29.02
CA THR O 67 -59.95 -15.76 -30.08
C THR O 67 -59.29 -15.04 -31.26
N LEU O 68 -58.23 -15.62 -31.79
CA LEU O 68 -57.41 -14.98 -32.81
C LEU O 68 -57.13 -15.93 -33.97
N GLY O 69 -57.44 -15.47 -35.18
CA GLY O 69 -57.39 -16.29 -36.37
C GLY O 69 -56.03 -16.85 -36.75
N GLU O 70 -55.05 -15.97 -36.92
CA GLU O 70 -53.70 -16.36 -37.32
C GLU O 70 -52.71 -15.42 -36.65
N ILE O 71 -51.54 -15.96 -36.29
CA ILE O 71 -50.58 -15.25 -35.46
C ILE O 71 -49.15 -15.47 -35.96
N PHE O 72 -48.35 -14.41 -35.91
CA PHE O 72 -46.89 -14.47 -36.04
C PHE O 72 -46.27 -13.93 -34.77
N ILE O 73 -45.35 -14.71 -34.19
CA ILE O 73 -44.71 -14.37 -32.93
C ILE O 73 -43.21 -14.29 -33.16
N ARG O 74 -42.62 -13.14 -32.85
CA ARG O 74 -41.19 -12.93 -33.01
C ARG O 74 -40.43 -13.65 -31.89
N CYS O 75 -39.17 -13.97 -32.17
CA CYS O 75 -38.46 -14.94 -31.35
C CYS O 75 -38.03 -14.36 -30.02
N ASN O 76 -37.80 -13.05 -29.96
CA ASN O 76 -37.18 -12.49 -28.76
C ASN O 76 -38.16 -12.38 -27.60
N ASN O 77 -39.46 -12.33 -27.89
CA ASN O 77 -40.44 -12.02 -26.86
C ASN O 77 -41.03 -13.27 -26.20
N VAL O 78 -40.77 -14.47 -26.73
CA VAL O 78 -41.34 -15.68 -26.15
C VAL O 78 -40.54 -16.09 -24.93
N LEU O 79 -41.23 -16.57 -23.89
CA LEU O 79 -40.51 -17.09 -22.73
C LEU O 79 -40.33 -18.60 -22.85
N TYR O 80 -41.42 -19.35 -22.89
CA TYR O 80 -41.26 -20.79 -23.13
C TYR O 80 -42.40 -21.31 -24.01
N ILE O 81 -42.18 -22.51 -24.56
CA ILE O 81 -43.11 -23.17 -25.47
C ILE O 81 -43.49 -24.51 -24.85
N ARG O 82 -44.79 -24.78 -24.73
CA ARG O 82 -45.26 -26.04 -24.18
C ARG O 82 -46.40 -26.58 -25.04
N GLU O 83 -46.72 -27.85 -24.81
CA GLU O 83 -47.79 -28.51 -25.55
C GLU O 83 -49.02 -28.71 -24.67
N VAL P 2 -15.39 -16.02 -30.24
CA VAL P 2 -14.14 -16.01 -30.98
C VAL P 2 -12.97 -16.32 -30.06
N SER P 3 -12.69 -15.40 -29.15
CA SER P 3 -11.61 -15.56 -28.18
C SER P 3 -12.15 -16.00 -26.83
N THR P 4 -11.46 -16.92 -26.20
CA THR P 4 -11.88 -17.37 -24.87
C THR P 4 -11.46 -16.34 -23.82
N PRO P 5 -12.36 -15.94 -22.92
CA PRO P 5 -11.94 -15.09 -21.80
C PRO P 5 -10.86 -15.77 -20.98
N GLU P 6 -9.97 -14.97 -20.40
CA GLU P 6 -8.88 -15.55 -19.62
C GLU P 6 -9.21 -15.44 -18.14
N LEU P 7 -9.71 -16.56 -17.60
CA LEU P 7 -9.91 -16.78 -16.18
C LEU P 7 -8.85 -17.72 -15.61
N LYS P 8 -7.88 -18.10 -16.43
CA LYS P 8 -7.03 -19.25 -16.13
C LYS P 8 -6.40 -19.18 -14.74
N LYS P 9 -6.13 -17.98 -14.23
CA LYS P 9 -5.58 -17.87 -12.88
C LYS P 9 -6.67 -18.02 -11.82
N TYR P 10 -7.93 -17.82 -12.21
CA TYR P 10 -9.04 -17.81 -11.25
C TYR P 10 -9.53 -19.19 -10.85
N MET P 11 -9.49 -20.16 -11.75
CA MET P 11 -10.20 -21.42 -11.52
C MET P 11 -9.69 -22.12 -10.26
N ASP P 12 -10.59 -22.88 -9.62
CA ASP P 12 -10.38 -23.58 -8.36
C ASP P 12 -10.29 -22.66 -7.15
N LYS P 13 -10.27 -21.35 -7.35
CA LYS P 13 -10.26 -20.39 -6.27
C LYS P 13 -11.68 -19.93 -5.97
N LYS P 14 -11.97 -19.77 -4.68
CA LYS P 14 -13.27 -19.28 -4.25
C LYS P 14 -13.47 -17.85 -4.74
N ILE P 15 -14.60 -17.61 -5.41
CA ILE P 15 -14.82 -16.37 -6.14
C ILE P 15 -16.23 -15.86 -5.84
N LEU P 16 -16.33 -14.54 -5.63
CA LEU P 16 -17.62 -13.86 -5.57
C LEU P 16 -17.87 -13.11 -6.87
N LEU P 17 -19.12 -13.20 -7.35
CA LEU P 17 -19.52 -12.55 -8.58
C LEU P 17 -20.97 -12.12 -8.44
N ASN P 18 -21.32 -10.98 -9.03
CA ASN P 18 -22.63 -10.37 -8.84
C ASN P 18 -23.55 -10.74 -9.99
N ILE P 19 -24.61 -11.49 -9.69
CA ILE P 19 -25.64 -11.85 -10.65
C ILE P 19 -26.62 -10.69 -10.78
N ASN P 20 -26.77 -10.20 -12.01
CA ASN P 20 -27.61 -9.06 -12.34
C ASN P 20 -27.27 -7.84 -11.49
N GLY P 21 -28.28 -7.06 -11.12
CA GLY P 21 -28.04 -5.90 -10.29
C GLY P 21 -27.90 -6.21 -8.82
N SER P 22 -28.86 -6.94 -8.28
CA SER P 22 -28.93 -7.21 -6.86
C SER P 22 -28.03 -8.35 -6.39
N ARG P 23 -28.07 -9.50 -7.06
CA ARG P 23 -27.62 -10.71 -6.40
C ARG P 23 -26.10 -10.83 -6.42
N LYS P 24 -25.56 -11.57 -5.45
CA LYS P 24 -24.15 -11.89 -5.38
C LYS P 24 -23.98 -13.35 -4.97
N VAL P 25 -23.35 -14.13 -5.84
CA VAL P 25 -23.13 -15.56 -5.63
C VAL P 25 -21.65 -15.80 -5.39
N ALA P 26 -21.34 -16.67 -4.44
CA ALA P 26 -19.96 -17.06 -4.16
C ALA P 26 -19.81 -18.56 -4.30
N GLY P 27 -18.76 -18.97 -5.02
CA GLY P 27 -18.53 -20.39 -5.23
C GLY P 27 -17.15 -20.60 -5.80
N ILE P 28 -16.73 -21.87 -5.80
CA ILE P 28 -15.42 -22.27 -6.29
C ILE P 28 -15.53 -22.49 -7.79
N LEU P 29 -14.81 -21.68 -8.56
CA LEU P 29 -14.95 -21.69 -10.01
C LEU P 29 -14.46 -23.02 -10.56
N ARG P 30 -15.26 -23.63 -11.43
CA ARG P 30 -14.87 -24.88 -12.07
C ARG P 30 -14.47 -24.67 -13.53
N GLY P 31 -15.40 -24.18 -14.36
CA GLY P 31 -15.13 -24.03 -15.77
C GLY P 31 -15.83 -22.81 -16.34
N TYR P 32 -15.44 -22.48 -17.57
CA TYR P 32 -15.91 -21.28 -18.26
C TYR P 32 -15.84 -21.51 -19.75
N ASP P 33 -16.50 -20.64 -20.51
CA ASP P 33 -16.54 -20.76 -21.96
C ASP P 33 -16.40 -19.38 -22.59
N ILE P 34 -16.59 -19.33 -23.90
CA ILE P 34 -16.39 -18.10 -24.67
C ILE P 34 -17.45 -17.04 -24.38
N PHE P 35 -18.65 -17.44 -24.01
CA PHE P 35 -19.68 -16.50 -23.59
C PHE P 35 -19.53 -16.09 -22.14
N LEU P 36 -18.48 -16.57 -21.47
CA LEU P 36 -18.25 -16.34 -20.04
C LEU P 36 -19.35 -16.99 -19.21
N ASN P 37 -19.96 -18.06 -19.73
CA ASN P 37 -20.78 -18.92 -18.89
C ASN P 37 -19.87 -19.61 -17.89
N VAL P 38 -20.16 -19.46 -16.61
CA VAL P 38 -19.23 -19.93 -15.59
C VAL P 38 -19.93 -20.95 -14.70
N VAL P 39 -19.39 -22.15 -14.68
CA VAL P 39 -19.87 -23.22 -13.82
C VAL P 39 -18.94 -23.33 -12.62
N LEU P 40 -19.54 -23.40 -11.44
CA LEU P 40 -18.84 -23.44 -10.17
C LEU P 40 -19.60 -24.36 -9.22
N ASP P 41 -18.91 -24.80 -8.17
CA ASP P 41 -19.47 -25.76 -7.23
C ASP P 41 -19.55 -25.14 -5.84
N ASP P 42 -20.37 -25.74 -4.98
CA ASP P 42 -20.56 -25.28 -3.60
C ASP P 42 -21.02 -23.82 -3.59
N ALA P 43 -22.03 -23.52 -4.40
CA ALA P 43 -22.52 -22.17 -4.54
C ALA P 43 -23.27 -21.72 -3.29
N MET P 44 -23.18 -20.42 -3.01
CA MET P 44 -23.86 -19.82 -1.85
C MET P 44 -24.32 -18.43 -2.26
N GLU P 45 -25.56 -18.08 -1.92
CA GLU P 45 -26.12 -16.79 -2.30
C GLU P 45 -25.94 -15.83 -1.12
N ILE P 46 -25.07 -14.84 -1.28
CA ILE P 46 -24.74 -13.92 -0.21
C ILE P 46 -25.89 -12.93 -0.02
N ASN P 47 -26.09 -12.49 1.21
CA ASN P 47 -27.15 -11.54 1.53
C ASN P 47 -26.65 -10.63 2.65
N GLY P 48 -27.53 -9.76 3.14
CA GLY P 48 -27.13 -8.80 4.16
C GLY P 48 -26.59 -9.46 5.42
N GLU P 49 -27.36 -10.38 5.99
CA GLU P 49 -26.92 -11.14 7.15
C GLU P 49 -26.08 -12.31 6.67
N ASP P 50 -24.81 -12.33 7.07
CA ASP P 50 -23.87 -13.30 6.48
C ASP P 50 -24.25 -14.74 6.81
N PRO P 51 -24.33 -15.17 8.08
CA PRO P 51 -24.68 -16.57 8.35
C PRO P 51 -26.16 -16.88 8.11
N ALA P 52 -27.02 -15.87 8.27
CA ALA P 52 -28.45 -16.11 8.35
C ALA P 52 -29.10 -16.26 6.98
N ASN P 53 -29.20 -15.16 6.23
CA ASN P 53 -29.92 -15.19 4.97
C ASN P 53 -29.17 -15.91 3.86
N ASN P 54 -27.90 -16.26 4.09
CA ASN P 54 -27.16 -17.02 3.10
C ASN P 54 -27.68 -18.45 3.03
N HIS P 55 -27.96 -18.92 1.83
CA HIS P 55 -28.45 -20.28 1.61
C HIS P 55 -27.76 -20.86 0.39
N GLN P 56 -27.29 -22.10 0.53
CA GLN P 56 -26.59 -22.77 -0.54
C GLN P 56 -27.55 -23.12 -1.68
N LEU P 57 -27.00 -23.21 -2.89
CA LEU P 57 -27.80 -23.48 -4.07
C LEU P 57 -27.77 -24.96 -4.42
N GLY P 58 -26.62 -25.45 -4.87
CA GLY P 58 -26.52 -26.85 -5.26
C GLY P 58 -25.08 -27.29 -5.32
N LEU P 59 -24.90 -28.59 -5.61
CA LEU P 59 -23.56 -29.15 -5.68
C LEU P 59 -22.82 -28.61 -6.91
N GLN P 60 -23.53 -28.39 -8.00
CA GLN P 60 -22.97 -27.77 -9.20
C GLN P 60 -23.97 -26.75 -9.75
N THR P 61 -23.48 -25.54 -10.02
CA THR P 61 -24.30 -24.48 -10.59
C THR P 61 -23.58 -23.89 -11.79
N VAL P 62 -24.34 -23.59 -12.84
CA VAL P 62 -23.81 -22.96 -14.04
C VAL P 62 -24.49 -21.61 -14.20
N ILE P 63 -23.75 -20.63 -14.71
CA ILE P 63 -24.23 -19.26 -14.82
C ILE P 63 -24.11 -18.80 -16.28
N ARG P 64 -25.20 -18.23 -16.79
CA ARG P 64 -25.16 -17.59 -18.10
C ARG P 64 -24.29 -16.35 -18.07
N GLY P 65 -23.36 -16.26 -19.01
CA GLY P 65 -22.46 -15.14 -19.09
C GLY P 65 -23.10 -13.78 -19.26
N ASN P 66 -24.35 -13.73 -19.74
CA ASN P 66 -25.09 -12.50 -19.93
C ASN P 66 -25.44 -11.80 -18.63
N SER P 67 -25.70 -12.56 -17.56
CA SER P 67 -26.04 -11.99 -16.27
C SER P 67 -24.81 -11.64 -15.43
N ILE P 68 -23.60 -11.95 -15.91
CA ILE P 68 -22.40 -11.63 -15.18
C ILE P 68 -22.03 -10.16 -15.37
N ILE P 69 -21.81 -9.47 -14.26
CA ILE P 69 -21.39 -8.08 -14.27
C ILE P 69 -19.90 -7.94 -13.98
N SER P 70 -19.51 -8.17 -12.73
CA SER P 70 -18.11 -8.14 -12.32
C SER P 70 -17.79 -9.46 -11.63
N LEU P 71 -16.54 -9.90 -11.76
CA LEU P 71 -16.11 -11.13 -11.11
C LEU P 71 -14.86 -10.89 -10.28
N GLU P 72 -14.99 -10.98 -8.96
CA GLU P 72 -13.84 -10.82 -8.09
C GLU P 72 -13.51 -12.15 -7.43
N ALA P 73 -12.23 -12.47 -7.37
CA ALA P 73 -11.76 -13.66 -6.66
C ALA P 73 -11.35 -13.19 -5.27
N LEU P 74 -11.92 -13.81 -4.24
CA LEU P 74 -11.38 -13.64 -2.89
C LEU P 74 -10.55 -14.88 -2.60
N ASP P 75 -9.24 -14.71 -2.77
CA ASP P 75 -8.27 -15.80 -2.82
C ASP P 75 -6.92 -15.24 -3.22
N ALA P 76 -5.90 -16.09 -3.27
CA ALA P 76 -4.61 -15.69 -3.84
C ALA P 76 -4.75 -15.41 -5.33
N ASP Q 3 -14.27 -21.08 23.56
CA ASP Q 3 -13.04 -21.31 22.80
C ASP Q 3 -11.87 -20.49 23.36
N ILE Q 4 -12.11 -19.22 23.66
CA ILE Q 4 -11.06 -18.32 24.14
C ILE Q 4 -11.66 -17.38 25.17
N VAL Q 5 -10.89 -17.05 26.20
CA VAL Q 5 -11.30 -16.15 27.26
C VAL Q 5 -10.42 -14.91 27.20
N PHE Q 6 -10.97 -13.76 27.62
CA PHE Q 6 -10.29 -12.47 27.53
C PHE Q 6 -9.95 -12.02 28.95
N VAL Q 7 -8.67 -11.74 29.19
CA VAL Q 7 -8.20 -11.59 30.57
C VAL Q 7 -7.44 -10.27 30.74
N SER Q 8 -7.62 -9.65 31.91
CA SER Q 8 -6.97 -8.38 32.25
C SER Q 8 -6.15 -8.57 33.51
N PRO Q 9 -4.87 -8.90 33.38
CA PRO Q 9 -4.03 -9.08 34.58
C PRO Q 9 -3.96 -7.85 35.46
N GLN Q 10 -4.15 -6.65 34.90
CA GLN Q 10 -4.23 -5.47 35.76
C GLN Q 10 -5.47 -5.53 36.66
N LEU Q 11 -6.63 -5.77 36.07
CA LEU Q 11 -7.86 -5.82 36.85
C LEU Q 11 -7.86 -7.02 37.80
N TYR Q 12 -7.13 -8.07 37.44
CA TYR Q 12 -7.04 -9.24 38.32
C TYR Q 12 -6.14 -8.95 39.52
N LEU Q 13 -4.93 -8.45 39.27
CA LEU Q 13 -4.03 -8.16 40.38
C LEU Q 13 -4.54 -7.00 41.23
N SER Q 14 -5.41 -6.16 40.68
CA SER Q 14 -5.96 -5.06 41.47
C SER Q 14 -7.16 -5.48 42.28
N SER Q 15 -7.51 -6.76 42.26
CA SER Q 15 -8.62 -7.38 43.00
C SER Q 15 -9.98 -7.02 42.42
N GLN Q 16 -10.03 -6.21 41.37
CA GLN Q 16 -11.31 -5.82 40.78
C GLN Q 16 -12.00 -7.00 40.11
N GLU Q 17 -13.31 -6.83 39.89
CA GLU Q 17 -14.19 -7.95 39.61
C GLU Q 17 -14.04 -8.47 38.18
N GLY Q 18 -13.96 -7.55 37.22
CA GLY Q 18 -14.19 -7.88 35.82
C GLY Q 18 -12.99 -8.35 35.04
N TRP Q 19 -12.01 -8.95 35.71
CA TRP Q 19 -10.73 -9.25 35.07
C TRP Q 19 -10.89 -10.11 33.82
N LYS Q 20 -12.03 -10.80 33.68
CA LYS Q 20 -12.25 -11.65 32.52
C LYS Q 20 -13.67 -11.48 32.00
N SER Q 21 -13.82 -11.72 30.69
CA SER Q 21 -15.12 -11.71 30.04
C SER Q 21 -15.03 -12.53 28.77
N ASP Q 22 -16.19 -12.97 28.28
CA ASP Q 22 -16.22 -13.73 27.03
C ASP Q 22 -16.13 -12.79 25.84
N SER Q 23 -16.77 -11.62 25.92
CA SER Q 23 -16.77 -10.68 24.82
C SER Q 23 -15.48 -9.86 24.78
N ALA Q 24 -15.11 -9.41 23.59
CA ALA Q 24 -13.86 -8.68 23.42
C ALA Q 24 -14.00 -7.26 23.96
N LYS Q 25 -13.10 -6.91 24.88
CA LYS Q 25 -13.04 -5.57 25.43
C LYS Q 25 -11.65 -5.00 25.22
N SER Q 26 -11.54 -3.67 25.41
CA SER Q 26 -10.45 -2.90 24.84
C SER Q 26 -9.08 -3.44 25.23
N GLY Q 27 -8.89 -3.75 26.52
CA GLY Q 27 -7.54 -4.00 27.00
C GLY Q 27 -7.23 -5.47 27.29
N PHE Q 28 -8.22 -6.34 27.13
CA PHE Q 28 -7.98 -7.72 27.56
C PHE Q 28 -7.13 -8.46 26.54
N ILE Q 29 -6.43 -9.48 27.05
CA ILE Q 29 -5.59 -10.35 26.22
C ILE Q 29 -6.34 -11.65 26.01
N PRO Q 30 -6.51 -12.10 24.76
CA PRO Q 30 -7.09 -13.42 24.53
C PRO Q 30 -6.15 -14.54 24.97
N ILE Q 31 -6.67 -15.48 25.76
CA ILE Q 31 -5.93 -16.67 26.16
C ILE Q 31 -6.84 -17.87 25.95
N LEU Q 32 -6.22 -19.05 25.86
CA LEU Q 32 -6.98 -20.28 25.77
C LEU Q 32 -7.74 -20.53 27.06
N LYS Q 33 -8.98 -21.00 26.93
CA LYS Q 33 -9.85 -21.15 28.09
C LYS Q 33 -9.26 -22.14 29.09
N ASN Q 34 -8.79 -23.29 28.61
CA ASN Q 34 -8.21 -24.28 29.50
C ASN Q 34 -6.98 -23.74 30.23
N ASP Q 35 -6.26 -22.83 29.58
CA ASP Q 35 -5.08 -22.24 30.22
C ASP Q 35 -5.44 -21.20 31.26
N LEU Q 36 -6.71 -20.76 31.30
CA LEU Q 36 -7.13 -19.74 32.26
C LEU Q 36 -6.72 -20.11 33.68
N GLN Q 37 -7.12 -21.31 34.13
CA GLN Q 37 -6.67 -21.79 35.42
C GLN Q 37 -5.15 -21.74 35.53
N ARG Q 38 -4.46 -22.32 34.55
CA ARG Q 38 -3.00 -22.21 34.50
C ARG Q 38 -2.55 -20.77 34.66
N PHE Q 39 -3.17 -19.85 33.91
CA PHE Q 39 -2.78 -18.44 34.01
C PHE Q 39 -2.83 -17.94 35.44
N GLN Q 40 -3.89 -18.30 36.17
CA GLN Q 40 -4.00 -17.83 37.55
C GLN Q 40 -2.77 -18.26 38.34
N ASP Q 41 -2.36 -19.52 38.16
CA ASP Q 41 -1.17 -20.02 38.84
C ASP Q 41 0.01 -19.09 38.60
N SER Q 42 0.21 -18.65 37.36
CA SER Q 42 1.40 -17.87 37.03
C SER Q 42 1.45 -16.58 37.83
N LEU Q 43 0.30 -16.04 38.23
CA LEU Q 43 0.32 -14.79 38.97
C LEU Q 43 0.28 -14.97 40.48
N LYS Q 44 0.05 -16.19 40.99
CA LYS Q 44 -0.28 -16.33 42.41
C LYS Q 44 0.85 -15.81 43.30
N HIS Q 45 2.10 -16.11 42.92
CA HIS Q 45 3.23 -15.66 43.73
C HIS Q 45 3.26 -14.15 43.85
N ILE Q 46 2.92 -13.43 42.77
CA ILE Q 46 2.81 -11.98 42.86
C ILE Q 46 1.80 -11.61 43.94
N VAL Q 47 0.61 -12.19 43.88
CA VAL Q 47 -0.37 -11.97 44.95
C VAL Q 47 0.20 -12.41 46.29
N ASP Q 48 0.94 -13.53 46.29
CA ASP Q 48 1.54 -14.01 47.53
C ASP Q 48 2.54 -13.02 48.08
N ALA Q 49 3.16 -12.22 47.20
CA ALA Q 49 4.09 -11.21 47.70
C ALA Q 49 3.35 -10.04 48.32
N ARG Q 50 2.12 -9.80 47.88
CA ARG Q 50 1.36 -8.66 48.39
C ARG Q 50 0.68 -8.99 49.70
N ASN Q 51 0.48 -10.28 49.97
CA ASN Q 51 -0.19 -10.71 51.18
C ASN Q 51 0.74 -10.68 52.39
N MET R 4 -16.32 -20.25 -36.17
CA MET R 4 -15.12 -19.55 -35.72
C MET R 4 -15.32 -18.04 -35.77
N SER R 5 -16.17 -17.59 -36.70
CA SER R 5 -16.38 -16.15 -36.87
C SER R 5 -17.19 -15.57 -35.72
N THR R 6 -18.15 -16.33 -35.19
CA THR R 6 -19.01 -15.89 -34.10
C THR R 6 -18.94 -16.92 -32.97
N PRO R 7 -19.25 -16.50 -31.74
CA PRO R 7 -19.21 -17.47 -30.64
C PRO R 7 -20.31 -18.52 -30.72
N ALA R 8 -21.45 -18.19 -31.32
CA ALA R 8 -22.53 -19.18 -31.44
C ALA R 8 -22.14 -20.30 -32.39
N ALA R 9 -21.31 -20.01 -33.39
CA ALA R 9 -20.84 -21.04 -34.30
C ALA R 9 -19.86 -21.98 -33.62
N GLU R 10 -18.84 -21.42 -32.96
CA GLU R 10 -17.92 -22.24 -32.19
C GLU R 10 -18.66 -23.08 -31.17
N GLN R 11 -19.63 -22.47 -30.48
CA GLN R 11 -20.35 -23.21 -29.45
C GLN R 11 -21.22 -24.31 -30.06
N ARG R 12 -21.78 -24.07 -31.25
CA ARG R 12 -22.49 -25.14 -31.93
C ARG R 12 -21.53 -26.27 -32.29
N LYS R 13 -20.29 -25.93 -32.65
CA LYS R 13 -19.31 -26.97 -32.95
C LYS R 13 -19.00 -27.80 -31.71
N LEU R 14 -18.84 -27.12 -30.56
CA LEU R 14 -18.55 -27.85 -29.32
C LEU R 14 -19.72 -28.73 -28.90
N VAL R 15 -20.95 -28.22 -29.04
CA VAL R 15 -22.11 -29.01 -28.66
C VAL R 15 -22.29 -30.19 -29.62
N GLU R 16 -21.94 -30.01 -30.89
CA GLU R 16 -21.98 -31.14 -31.82
C GLU R 16 -20.88 -32.14 -31.49
N GLN R 17 -19.78 -31.69 -30.89
CA GLN R 17 -18.79 -32.64 -30.40
C GLN R 17 -19.33 -33.39 -29.18
N LEU R 18 -20.15 -32.71 -28.36
CA LEU R 18 -20.76 -33.40 -27.23
C LEU R 18 -21.81 -34.40 -27.68
N MET R 19 -22.66 -33.99 -28.62
CA MET R 19 -23.76 -34.83 -29.09
C MET R 19 -23.73 -34.87 -30.61
N GLY R 20 -23.72 -36.07 -31.17
CA GLY R 20 -23.55 -36.28 -32.60
C GLY R 20 -24.38 -35.40 -33.52
N PRO R 42 -14.54 -49.41 -31.09
CA PRO R 42 -14.54 -49.16 -32.54
C PRO R 42 -13.72 -47.93 -32.91
N LYS R 43 -14.18 -46.76 -32.46
CA LYS R 43 -13.46 -45.52 -32.77
C LYS R 43 -12.21 -45.39 -31.90
N ILE R 44 -12.17 -46.09 -30.76
CA ILE R 44 -10.98 -46.34 -29.95
C ILE R 44 -10.15 -45.07 -29.74
N CYS R 45 -8.91 -45.06 -30.21
CA CYS R 45 -8.09 -43.86 -30.16
C CYS R 45 -7.58 -43.46 -28.75
N LYS R 46 -8.20 -42.43 -28.19
CA LYS R 46 -7.67 -41.75 -26.99
C LYS R 46 -7.37 -42.73 -25.86
N SER R 47 -8.22 -43.74 -25.65
CA SER R 47 -7.96 -44.84 -24.71
C SER R 47 -7.78 -44.41 -23.25
N TYR R 48 -6.55 -44.54 -22.76
CA TYR R 48 -6.26 -44.68 -21.33
C TYR R 48 -6.92 -43.58 -20.50
N LEU R 49 -7.25 -43.94 -19.25
CA LEU R 49 -8.06 -43.11 -18.39
C LEU R 49 -7.49 -41.70 -18.26
N VAL R 50 -6.21 -41.50 -18.60
CA VAL R 50 -5.63 -40.17 -18.60
C VAL R 50 -5.20 -39.72 -19.99
N GLY R 51 -6.01 -38.80 -20.55
CA GLY R 51 -5.64 -37.89 -21.66
C GLY R 51 -4.92 -38.68 -22.75
N GLU R 52 -3.68 -38.36 -23.07
CA GLU R 52 -2.87 -39.04 -24.07
C GLU R 52 -3.40 -38.92 -25.50
N CYS R 53 -3.33 -40.03 -26.24
CA CYS R 53 -3.31 -40.12 -27.70
C CYS R 53 -1.96 -39.56 -28.15
N PRO R 54 -1.38 -40.07 -29.22
CA PRO R 54 -0.10 -39.52 -29.67
C PRO R 54 -0.22 -38.14 -30.31
N TYR R 55 -1.31 -37.95 -31.03
CA TYR R 55 -1.46 -36.79 -31.91
C TYR R 55 -1.82 -35.51 -31.16
N ASP R 56 -2.81 -35.58 -30.26
CA ASP R 56 -3.41 -34.38 -29.68
C ASP R 56 -2.38 -33.51 -28.99
N LEU R 57 -1.26 -34.10 -28.57
CA LEU R 57 -0.30 -33.38 -27.75
C LEU R 57 0.46 -32.34 -28.56
N PHE R 58 0.92 -32.70 -29.77
CA PHE R 58 1.94 -31.95 -30.49
C PHE R 58 1.38 -30.98 -31.52
N GLN R 59 0.07 -30.80 -31.60
CA GLN R 59 -0.50 -29.87 -32.57
C GLN R 59 0.13 -28.49 -32.46
N GLY R 60 0.43 -27.90 -33.62
CA GLY R 60 1.08 -26.62 -33.70
C GLY R 60 2.58 -26.64 -33.58
N THR R 61 3.14 -27.68 -32.99
CA THR R 61 4.58 -27.90 -33.00
C THR R 61 5.02 -28.49 -34.33
N LYS R 62 6.32 -28.37 -34.60
CA LYS R 62 6.88 -28.83 -35.86
C LYS R 62 6.72 -30.34 -36.05
N GLN R 63 6.56 -31.08 -34.96
CA GLN R 63 6.81 -32.52 -35.00
C GLN R 63 5.65 -33.30 -35.64
N SER R 64 4.42 -33.04 -35.22
CA SER R 64 3.27 -33.86 -35.61
C SER R 64 2.46 -33.16 -36.69
N LEU R 65 1.87 -33.93 -37.59
CA LEU R 65 1.06 -33.37 -38.67
C LEU R 65 -0.41 -33.85 -38.64
N GLY R 66 -1.20 -33.36 -39.61
CA GLY R 66 -2.56 -32.90 -39.32
C GLY R 66 -3.83 -33.59 -38.84
N LYS R 67 -4.38 -34.59 -39.52
CA LYS R 67 -5.77 -34.91 -39.21
C LYS R 67 -5.97 -36.08 -38.24
N CYS R 68 -5.04 -37.04 -38.14
CA CYS R 68 -5.08 -38.17 -37.21
C CYS R 68 -6.27 -39.10 -37.49
N PRO R 69 -6.18 -40.39 -37.15
CA PRO R 69 -7.32 -41.29 -37.40
C PRO R 69 -8.46 -41.26 -36.36
N GLN R 70 -9.60 -41.82 -36.79
CA GLN R 70 -10.86 -42.05 -36.09
C GLN R 70 -11.45 -40.83 -35.40
N MET R 71 -12.21 -41.01 -34.33
CA MET R 71 -12.73 -39.84 -33.62
C MET R 71 -12.86 -39.80 -32.11
N HIS R 72 -11.89 -39.05 -31.55
CA HIS R 72 -11.85 -38.51 -30.18
C HIS R 72 -12.91 -37.42 -29.93
N LEU R 73 -14.12 -37.95 -29.78
CA LEU R 73 -15.41 -37.35 -29.46
C LEU R 73 -15.67 -37.37 -27.96
N THR R 74 -16.07 -36.20 -27.44
CA THR R 74 -16.30 -36.07 -26.00
C THR R 74 -17.43 -36.97 -25.54
N LYS R 75 -18.34 -37.35 -26.46
CA LYS R 75 -19.41 -38.29 -26.10
C LYS R 75 -18.83 -39.65 -25.77
N HIS R 76 -18.02 -40.21 -26.69
CA HIS R 76 -17.36 -41.48 -26.42
C HIS R 76 -16.46 -41.38 -25.20
N LYS R 77 -15.75 -40.25 -25.04
CA LYS R 77 -14.87 -40.09 -23.90
C LYS R 77 -15.64 -40.11 -22.59
N ILE R 78 -16.80 -39.46 -22.55
CA ILE R 78 -17.62 -39.45 -21.34
C ILE R 78 -18.18 -40.84 -21.07
N GLN R 79 -18.56 -41.56 -22.14
CA GLN R 79 -19.05 -42.92 -21.97
C GLN R 79 -17.97 -43.81 -21.37
N TYR R 80 -16.75 -43.71 -21.88
CA TYR R 80 -15.66 -44.58 -21.43
C TYR R 80 -15.22 -44.22 -20.02
N GLU R 81 -15.04 -42.91 -19.77
CA GLU R 81 -14.64 -42.47 -18.43
C GLU R 81 -15.72 -42.74 -17.40
N ARG R 82 -16.98 -42.84 -17.85
CA ARG R 82 -18.04 -43.25 -16.92
C ARG R 82 -18.03 -44.76 -16.74
N GLU R 83 -17.60 -45.50 -17.76
CA GLU R 83 -17.42 -46.94 -17.59
C GLU R 83 -16.23 -47.24 -16.69
N VAL R 84 -15.33 -46.26 -16.49
CA VAL R 84 -14.33 -46.40 -15.45
C VAL R 84 -14.98 -46.49 -14.08
N LYS R 85 -16.01 -45.66 -13.85
CA LYS R 85 -16.81 -45.82 -12.64
C LYS R 85 -17.59 -47.13 -12.68
N GLN R 86 -18.10 -47.51 -13.85
CA GLN R 86 -18.72 -48.82 -14.00
C GLN R 86 -17.70 -49.93 -13.80
N GLY R 87 -16.43 -49.65 -14.09
CA GLY R 87 -15.36 -50.58 -13.77
C GLY R 87 -15.36 -51.83 -14.60
N LYS R 88 -15.87 -51.76 -15.83
CA LYS R 88 -15.81 -52.93 -16.71
C LYS R 88 -14.37 -53.23 -17.11
N THR R 89 -13.56 -52.19 -17.32
CA THR R 89 -12.10 -52.27 -17.27
C THR R 89 -11.54 -53.45 -18.06
N PHE R 90 -11.59 -53.33 -19.39
CA PHE R 90 -10.99 -54.39 -20.20
C PHE R 90 -9.88 -53.77 -21.06
N PRO R 91 -8.64 -53.81 -20.59
CA PRO R 91 -7.59 -53.00 -21.22
C PRO R 91 -7.18 -53.49 -22.60
N GLU R 92 -8.16 -53.73 -23.47
CA GLU R 92 -7.87 -53.94 -24.88
C GLU R 92 -7.47 -52.62 -25.52
N PHE R 93 -8.08 -51.52 -25.08
CA PHE R 93 -7.66 -50.18 -25.50
C PHE R 93 -6.19 -49.95 -25.16
N GLU R 94 -5.75 -50.44 -24.00
CA GLU R 94 -4.36 -50.28 -23.61
C GLU R 94 -3.45 -51.19 -24.42
N ARG R 95 -3.96 -52.35 -24.83
CA ARG R 95 -3.14 -53.26 -25.64
C ARG R 95 -2.97 -52.74 -27.05
N GLU R 96 -3.94 -51.97 -27.55
CA GLU R 96 -3.74 -51.22 -28.78
C GLU R 96 -2.90 -49.97 -28.51
N TYR R 97 -2.92 -49.50 -27.26
CA TYR R 97 -2.35 -48.22 -26.91
C TYR R 97 -0.86 -48.36 -26.64
N LEU R 98 -0.39 -49.59 -26.42
CA LEU R 98 1.03 -49.88 -26.41
C LEU R 98 1.58 -49.97 -27.83
N ALA R 99 0.83 -50.63 -28.73
CA ALA R 99 1.23 -50.67 -30.13
C ALA R 99 1.29 -49.25 -30.69
N ILE R 100 0.40 -48.36 -30.23
CA ILE R 100 0.46 -46.97 -30.68
C ILE R 100 1.63 -46.23 -30.03
N LEU R 101 1.70 -46.23 -28.69
CA LEU R 101 2.67 -45.40 -27.99
C LEU R 101 4.12 -45.87 -28.10
N SER R 102 4.40 -47.14 -27.82
CA SER R 102 5.79 -47.61 -27.76
C SER R 102 6.51 -47.37 -29.07
N ARG R 103 5.78 -47.37 -30.19
CA ARG R 103 6.36 -47.00 -31.46
C ARG R 103 6.88 -45.56 -31.43
N PHE R 104 6.12 -44.65 -30.83
CA PHE R 104 6.57 -43.27 -30.74
C PHE R 104 7.71 -43.12 -29.73
N VAL R 105 7.68 -43.90 -28.65
CA VAL R 105 8.82 -43.94 -27.73
C VAL R 105 10.08 -44.36 -28.47
N ASN R 106 9.97 -45.37 -29.33
CA ASN R 106 11.12 -45.83 -30.09
C ASN R 106 11.55 -44.80 -31.12
N GLU R 107 10.58 -44.09 -31.70
CA GLU R 107 10.94 -43.02 -32.64
C GLU R 107 11.73 -41.93 -31.94
N CYS R 108 11.30 -41.52 -30.75
CA CYS R 108 12.02 -40.49 -30.01
C CYS R 108 13.41 -40.97 -29.64
N ASN R 109 13.53 -42.21 -29.14
CA ASN R 109 14.85 -42.75 -28.85
C ASN R 109 15.75 -42.75 -30.08
N GLY R 110 15.18 -43.10 -31.25
CA GLY R 110 15.96 -43.07 -32.47
C GLY R 110 16.44 -41.68 -32.82
N GLN R 111 15.54 -40.69 -32.72
CA GLN R 111 15.94 -39.31 -32.97
C GLN R 111 17.04 -38.88 -32.01
N ILE R 112 16.99 -39.35 -30.75
CA ILE R 112 18.06 -39.11 -29.81
C ILE R 112 19.36 -39.68 -30.33
N SER R 113 19.33 -40.91 -30.84
CA SER R 113 20.54 -41.51 -31.40
C SER R 113 21.10 -40.68 -32.55
N VAL R 114 20.22 -40.22 -33.46
CA VAL R 114 20.68 -39.42 -34.58
C VAL R 114 21.33 -38.13 -34.10
N ALA R 115 20.72 -37.48 -33.11
CA ALA R 115 21.29 -36.25 -32.58
C ALA R 115 22.64 -36.49 -31.91
N LEU R 116 22.77 -37.61 -31.19
CA LEU R 116 24.05 -37.95 -30.58
C LEU R 116 25.12 -38.19 -31.64
N GLN R 117 24.72 -38.75 -32.78
CA GLN R 117 25.67 -38.94 -33.86
C GLN R 117 26.09 -37.60 -34.46
N ASN R 118 25.10 -36.72 -34.67
CA ASN R 118 25.34 -35.41 -35.28
C ASN R 118 26.26 -34.54 -34.44
N LEU R 119 25.88 -34.34 -33.16
CA LEU R 119 26.48 -33.28 -32.34
C LEU R 119 27.99 -33.43 -32.20
N LYS R 120 28.42 -34.59 -31.68
CA LYS R 120 29.73 -34.66 -31.03
C LYS R 120 30.87 -34.26 -31.95
N HIS R 121 30.78 -34.61 -33.23
CA HIS R 121 31.95 -34.48 -34.09
C HIS R 121 31.60 -33.65 -35.31
N THR R 122 32.65 -33.16 -35.95
CA THR R 122 32.62 -32.22 -37.07
C THR R 122 33.94 -32.35 -37.82
N ALA R 123 34.31 -31.37 -38.65
CA ALA R 123 35.70 -31.29 -39.07
C ALA R 123 36.63 -31.45 -37.87
N GLU R 124 36.39 -30.67 -36.80
CA GLU R 124 36.63 -31.12 -35.43
C GLU R 124 38.01 -31.72 -35.24
N GLU R 125 38.05 -33.02 -35.00
CA GLU R 125 39.23 -33.77 -34.60
C GLU R 125 40.43 -33.51 -35.49
N ARG R 126 40.20 -33.02 -36.72
CA ARG R 126 41.31 -32.52 -37.53
C ARG R 126 42.22 -31.62 -36.70
N MET R 127 41.70 -30.45 -36.30
CA MET R 127 42.45 -29.58 -35.40
C MET R 127 42.84 -30.32 -34.12
N LYS R 128 41.98 -31.20 -33.63
CA LYS R 128 42.33 -31.96 -32.44
C LYS R 128 43.53 -32.86 -32.72
N ILE R 129 43.54 -33.53 -33.87
CA ILE R 129 44.76 -34.21 -34.30
C ILE R 129 45.92 -33.23 -34.33
N GLN R 130 45.68 -32.03 -34.87
CA GLN R 130 46.68 -30.96 -34.79
C GLN R 130 47.14 -30.76 -33.36
N GLN R 131 46.20 -30.60 -32.41
CA GLN R 131 46.56 -30.52 -31.01
C GLN R 131 47.43 -31.69 -30.60
N VAL R 132 46.99 -32.91 -30.94
CA VAL R 132 47.78 -34.09 -30.62
C VAL R 132 49.18 -33.99 -31.21
N THR R 133 49.28 -33.50 -32.45
CA THR R 133 50.59 -33.27 -33.04
C THR R 133 51.43 -32.35 -32.18
N GLU R 134 50.85 -31.23 -31.74
CA GLU R 134 51.60 -30.29 -30.91
C GLU R 134 52.01 -30.93 -29.59
N GLU R 135 51.34 -32.02 -29.21
CA GLU R 135 51.75 -32.76 -28.02
C GLU R 135 52.87 -33.73 -28.34
N LEU R 136 52.81 -34.38 -29.52
CA LEU R 136 53.64 -35.55 -29.82
C LEU R 136 55.10 -35.29 -29.49
N ASP R 137 55.75 -34.43 -30.29
CA ASP R 137 57.16 -34.11 -30.07
C ASP R 137 57.41 -33.71 -28.63
N VAL R 138 56.51 -32.92 -28.05
CA VAL R 138 56.60 -32.57 -26.63
C VAL R 138 56.83 -33.81 -25.77
N LEU R 139 55.87 -34.73 -25.77
CA LEU R 139 55.99 -35.91 -24.90
C LEU R 139 57.18 -36.76 -25.29
N ASP R 140 57.77 -36.52 -26.45
CA ASP R 140 58.94 -37.28 -26.86
C ASP R 140 60.20 -36.77 -26.17
N VAL R 141 60.26 -35.47 -25.91
CA VAL R 141 61.51 -34.83 -25.51
C VAL R 141 62.18 -35.55 -24.35
N ARG R 142 61.39 -35.94 -23.34
CA ARG R 142 61.94 -36.62 -22.17
C ARG R 142 62.79 -37.81 -22.57
N ILE R 143 62.23 -38.71 -23.39
CA ILE R 143 62.93 -39.94 -23.72
C ILE R 143 64.22 -39.67 -24.49
N GLY R 144 64.34 -38.46 -25.05
CA GLY R 144 65.58 -38.10 -25.73
C GLY R 144 66.64 -37.65 -24.73
N LEU R 145 66.24 -36.91 -23.69
CA LEU R 145 67.20 -36.34 -22.76
C LEU R 145 67.46 -37.28 -21.59
N MET R 146 66.69 -38.35 -21.50
CA MET R 146 66.80 -39.28 -20.38
C MET R 146 67.82 -40.38 -20.68
N LYS R 168 66.91 -34.08 -14.30
CA LYS R 168 65.90 -33.32 -13.56
C LYS R 168 65.25 -32.27 -14.45
N LEU R 169 66.07 -31.50 -15.16
CA LEU R 169 65.54 -30.51 -16.09
C LEU R 169 64.81 -31.17 -17.25
N GLN R 170 65.27 -32.37 -17.64
CA GLN R 170 64.59 -33.14 -18.67
C GLN R 170 63.13 -33.38 -18.28
N GLU R 171 62.91 -34.09 -17.17
CA GLU R 171 61.55 -34.42 -16.74
C GLU R 171 60.73 -33.17 -16.43
N LEU R 172 61.41 -32.07 -16.08
CA LEU R 172 60.70 -30.81 -15.85
C LEU R 172 60.16 -30.23 -17.15
N ILE R 173 61.03 -30.10 -18.16
CA ILE R 173 60.58 -29.66 -19.47
C ILE R 173 59.50 -30.57 -20.02
N SER R 174 59.60 -31.88 -19.71
CA SER R 174 58.56 -32.81 -20.12
C SER R 174 57.24 -32.50 -19.42
N LYS R 175 57.29 -32.23 -18.12
CA LYS R 175 56.07 -31.91 -17.38
C LYS R 175 55.40 -30.65 -17.91
N ARG R 176 56.19 -29.59 -18.14
CA ARG R 176 55.63 -28.36 -18.68
C ARG R 176 55.09 -28.58 -20.09
N LYS R 177 55.77 -29.41 -20.87
CA LYS R 177 55.31 -29.71 -22.22
C LYS R 177 53.96 -30.39 -22.21
N GLU R 178 53.81 -31.45 -21.41
CA GLU R 178 52.54 -32.15 -21.32
C GLU R 178 51.46 -31.24 -20.74
N VAL R 179 51.83 -30.34 -19.83
CA VAL R 179 50.88 -29.36 -19.32
C VAL R 179 50.36 -28.47 -20.45
N ALA R 180 51.27 -27.97 -21.29
CA ALA R 180 50.84 -27.18 -22.44
C ALA R 180 49.95 -28.00 -23.37
N LYS R 181 50.26 -29.29 -23.52
CA LYS R 181 49.43 -30.16 -24.34
C LYS R 181 48.01 -30.25 -23.78
N ARG R 182 47.89 -30.48 -22.48
CA ARG R 182 46.57 -30.57 -21.85
C ARG R 182 45.82 -29.25 -21.97
N VAL R 183 46.55 -28.12 -21.90
CA VAL R 183 45.92 -26.82 -22.08
C VAL R 183 45.39 -26.67 -23.50
N ARG R 184 46.16 -27.13 -24.49
CA ARG R 184 45.71 -27.06 -25.88
C ARG R 184 44.47 -27.92 -26.10
N ASN R 185 44.47 -29.13 -25.52
CA ASN R 185 43.29 -29.99 -25.65
C ASN R 185 42.07 -29.37 -24.98
N ILE R 186 42.27 -28.76 -23.81
CA ILE R 186 41.16 -28.10 -23.12
C ILE R 186 40.62 -26.94 -23.95
N THR R 187 41.52 -26.19 -24.60
CA THR R 187 41.08 -25.10 -25.47
C THR R 187 40.30 -25.64 -26.67
N GLU R 188 40.74 -26.77 -27.22
CA GLU R 188 40.03 -27.38 -28.34
C GLU R 188 38.64 -27.84 -27.92
N ASN R 189 38.52 -28.44 -26.74
CA ASN R 189 37.23 -28.86 -26.24
C ASN R 189 36.32 -27.67 -25.99
N VAL R 190 36.89 -26.56 -25.49
CA VAL R 190 36.10 -25.35 -25.31
C VAL R 190 35.72 -24.74 -26.65
N GLY R 191 36.48 -25.06 -27.70
CA GLY R 191 36.14 -24.55 -29.03
C GLY R 191 34.99 -25.34 -29.64
N GLN R 192 35.06 -26.67 -29.57
CA GLN R 192 33.96 -27.50 -30.05
C GLN R 192 32.69 -27.25 -29.23
N SER R 193 32.86 -26.97 -27.94
CA SER R 193 31.72 -26.54 -27.13
C SER R 193 31.21 -25.18 -27.58
N ALA R 194 32.13 -24.27 -27.91
CA ALA R 194 31.71 -22.97 -28.43
C ALA R 194 30.85 -23.13 -29.68
N GLN R 195 31.18 -24.11 -30.53
CA GLN R 195 30.29 -24.44 -31.64
C GLN R 195 28.96 -24.99 -31.13
N GLN R 196 29.00 -26.11 -30.37
CA GLN R 196 27.81 -26.64 -29.73
C GLN R 196 28.16 -27.08 -28.30
N LYS R 197 27.59 -26.37 -27.31
CA LYS R 197 27.69 -26.76 -25.91
C LYS R 197 26.28 -26.96 -25.39
N LEU R 198 25.92 -28.22 -25.19
CA LEU R 198 24.55 -28.59 -24.86
C LEU R 198 24.47 -30.10 -24.68
N GLN R 199 23.39 -30.52 -24.02
CA GLN R 199 23.08 -31.93 -23.81
C GLN R 199 21.64 -32.20 -24.23
N VAL R 200 21.46 -33.21 -25.07
CA VAL R 200 20.14 -33.50 -25.61
C VAL R 200 19.31 -34.22 -24.55
N CYS R 201 18.12 -33.69 -24.27
CA CYS R 201 17.23 -34.29 -23.29
C CYS R 201 16.53 -35.50 -23.87
N GLU R 202 16.62 -36.64 -23.19
CA GLU R 202 16.03 -37.87 -23.69
C GLU R 202 14.53 -37.71 -23.93
N VAL R 203 13.87 -36.87 -23.13
CA VAL R 203 12.42 -36.77 -23.23
C VAL R 203 12.00 -36.19 -24.59
N CYS R 204 12.42 -34.96 -24.86
CA CYS R 204 11.98 -34.24 -26.05
C CYS R 204 12.94 -34.27 -27.23
N GLY R 205 14.09 -34.93 -27.09
CA GLY R 205 15.05 -35.00 -28.18
C GLY R 205 15.55 -33.65 -28.64
N ALA R 206 15.54 -32.65 -27.75
CA ALA R 206 15.97 -31.30 -28.05
C ALA R 206 17.14 -30.91 -27.17
N TYR R 207 17.85 -29.86 -27.57
CA TYR R 207 19.16 -29.60 -27.01
C TYR R 207 19.05 -28.62 -25.85
N LEU R 208 19.82 -28.87 -24.81
CA LEU R 208 19.78 -28.07 -23.60
C LEU R 208 21.20 -27.73 -23.17
N SER R 209 21.52 -26.43 -23.21
CA SER R 209 22.82 -25.93 -22.81
C SER R 209 22.90 -25.91 -21.29
N ARG R 210 24.08 -26.21 -20.74
CA ARG R 210 24.23 -26.24 -19.30
C ARG R 210 24.40 -24.85 -18.73
N LEU R 211 24.78 -23.88 -19.58
CA LEU R 211 25.12 -22.55 -19.08
C LEU R 211 23.91 -21.63 -19.04
N ASP R 212 22.77 -22.09 -19.56
CA ASP R 212 21.57 -21.25 -19.60
C ASP R 212 20.79 -21.36 -18.28
N THR R 213 21.36 -22.10 -17.31
CA THR R 213 20.83 -22.44 -15.99
C THR R 213 19.39 -22.97 -16.06
N ASP R 214 18.61 -22.80 -14.99
CA ASP R 214 17.29 -23.42 -14.95
C ASP R 214 16.20 -22.54 -15.54
N ARG R 215 16.20 -21.25 -15.18
CA ARG R 215 15.04 -20.40 -15.43
C ARG R 215 14.76 -20.27 -16.92
N ARG R 216 15.79 -20.45 -17.75
CA ARG R 216 15.56 -20.52 -19.19
C ARG R 216 15.05 -21.91 -19.59
N LEU R 217 15.53 -22.95 -18.90
CA LEU R 217 15.12 -24.30 -19.25
C LEU R 217 13.66 -24.56 -18.92
N ALA R 218 13.10 -23.78 -17.98
CA ALA R 218 11.69 -23.95 -17.63
C ALA R 218 10.79 -23.73 -18.85
N ASP R 219 11.19 -22.84 -19.75
CA ASP R 219 10.42 -22.60 -20.96
C ASP R 219 10.40 -23.83 -21.85
N HIS R 220 11.51 -24.57 -21.86
CA HIS R 220 11.61 -25.79 -22.64
C HIS R 220 10.88 -26.96 -21.97
N PHE R 221 10.84 -26.95 -20.64
CA PHE R 221 10.18 -28.01 -19.91
C PHE R 221 8.67 -27.85 -19.92
N LEU R 222 8.18 -26.61 -20.00
CA LEU R 222 6.74 -26.38 -20.03
C LEU R 222 6.18 -26.34 -21.44
N GLY R 223 7.03 -26.45 -22.46
CA GLY R 223 6.54 -26.48 -23.83
C GLY R 223 5.70 -27.71 -24.11
N LYS R 224 5.01 -27.67 -25.26
CA LYS R 224 4.11 -28.76 -25.63
C LYS R 224 4.88 -30.02 -25.98
N ILE R 225 5.99 -29.88 -26.71
CA ILE R 225 6.78 -31.05 -27.10
C ILE R 225 7.29 -31.79 -25.86
N HIS R 226 8.03 -31.09 -25.00
CA HIS R 226 8.67 -31.75 -23.87
C HIS R 226 7.65 -32.30 -22.89
N LEU R 227 6.63 -31.50 -22.54
CA LEU R 227 5.62 -31.97 -21.61
C LEU R 227 4.87 -33.17 -22.19
N GLY R 228 4.59 -33.12 -23.49
CA GLY R 228 3.92 -34.25 -24.13
C GLY R 228 4.74 -35.52 -24.04
N TYR R 229 6.03 -35.45 -24.42
CA TYR R 229 6.88 -36.63 -24.32
C TYR R 229 7.01 -37.10 -22.87
N VAL R 230 7.07 -36.16 -21.92
CA VAL R 230 7.05 -36.51 -20.50
C VAL R 230 5.83 -37.38 -20.20
N LYS R 231 4.67 -36.99 -20.71
CA LYS R 231 3.48 -37.80 -20.44
C LYS R 231 3.57 -39.16 -21.13
N MET R 232 4.09 -39.20 -22.35
CA MET R 232 4.09 -40.46 -23.10
C MET R 232 5.03 -41.48 -22.45
N ARG R 233 6.17 -41.03 -21.92
CA ARG R 233 7.05 -41.92 -21.16
C ARG R 233 6.28 -42.54 -19.99
N GLU R 234 5.64 -41.69 -19.19
CA GLU R 234 4.84 -42.17 -18.07
C GLU R 234 3.77 -43.15 -18.52
N ASP R 235 3.21 -42.93 -19.72
CA ASP R 235 2.18 -43.84 -20.23
C ASP R 235 2.78 -45.20 -20.57
N TYR R 236 4.01 -45.20 -21.10
CA TYR R 236 4.71 -46.47 -21.32
C TYR R 236 4.91 -47.21 -20.00
N ASP R 237 5.31 -46.48 -18.95
CA ASP R 237 5.42 -47.10 -17.63
C ASP R 237 4.06 -47.61 -17.14
N ARG R 238 2.99 -46.87 -17.44
CA ARG R 238 1.65 -47.33 -17.10
C ARG R 238 1.35 -48.66 -17.77
N LEU R 239 1.78 -48.82 -19.01
CA LEU R 239 1.37 -49.99 -19.78
C LEU R 239 2.31 -51.17 -19.56
N MET R 240 3.49 -50.94 -18.96
CA MET R 240 4.38 -52.06 -18.66
C MET R 240 3.86 -52.88 -17.49
N LYS R 241 3.13 -52.25 -16.57
CA LYS R 241 2.59 -52.97 -15.41
C LYS R 241 1.44 -53.92 -15.79
N ALA S 1 16.52 -22.15 -5.73
CA ALA S 1 16.04 -22.45 -7.07
C ALA S 1 14.53 -22.36 -7.14
N ALA S 2 13.87 -22.60 -6.01
CA ALA S 2 12.40 -22.54 -5.97
C ALA S 2 11.91 -21.10 -6.06
N ALA S 3 12.54 -20.20 -5.31
CA ALA S 3 12.09 -18.81 -5.28
C ALA S 3 12.32 -18.14 -6.63
N ALA S 4 13.33 -18.57 -7.37
CA ALA S 4 13.64 -17.92 -8.65
C ALA S 4 12.63 -18.31 -9.72
N ALA S 5 12.24 -19.58 -9.76
CA ALA S 5 11.36 -20.05 -10.82
C ALA S 5 9.89 -20.00 -10.40
N ALA S 6 9.62 -19.65 -9.14
CA ALA S 6 8.26 -19.73 -8.63
C ALA S 6 7.42 -18.53 -9.06
N ALA S 7 8.06 -17.39 -9.32
CA ALA S 7 7.32 -16.17 -9.61
C ALA S 7 6.52 -16.27 -10.91
N ALA S 8 7.22 -16.50 -12.02
CA ALA S 8 6.55 -16.43 -13.32
C ALA S 8 5.74 -17.68 -13.61
N ALA S 9 6.29 -18.85 -13.30
CA ALA S 9 5.66 -20.12 -13.60
C ALA S 9 4.47 -20.35 -12.67
N ALA S 10 3.45 -21.01 -13.21
CA ALA S 10 2.28 -21.38 -12.40
C ALA S 10 2.70 -22.38 -11.33
N ALA S 11 1.99 -22.33 -10.19
CA ALA S 11 2.37 -23.17 -9.05
C ALA S 11 2.09 -24.64 -9.33
N ALA S 12 1.10 -24.93 -10.18
CA ALA S 12 0.72 -26.31 -10.43
C ALA S 12 1.77 -27.03 -11.26
N ALA S 13 2.48 -26.30 -12.13
CA ALA S 13 3.53 -26.92 -12.93
C ALA S 13 4.90 -26.76 -12.28
N ALA S 14 4.94 -26.09 -11.12
CA ALA S 14 6.20 -25.84 -10.44
C ALA S 14 6.84 -27.14 -9.96
N ALA S 15 6.03 -28.10 -9.53
CA ALA S 15 6.56 -29.36 -9.02
C ALA S 15 7.21 -30.18 -10.12
N ALA S 16 6.48 -30.44 -11.20
CA ALA S 16 7.05 -31.23 -12.30
C ALA S 16 8.21 -30.49 -12.96
N ALA S 17 8.11 -29.17 -13.05
CA ALA S 17 9.24 -28.38 -13.55
C ALA S 17 10.47 -28.56 -12.66
N ALA S 18 10.27 -28.58 -11.34
CA ALA S 18 11.38 -28.77 -10.43
C ALA S 18 12.01 -30.14 -10.59
N ALA S 19 11.18 -31.19 -10.67
CA ALA S 19 11.71 -32.54 -10.85
C ALA S 19 12.48 -32.67 -12.17
N ALA S 20 11.94 -32.09 -13.25
CA ALA S 20 12.66 -32.12 -14.51
C ALA S 20 13.98 -31.37 -14.42
N ALA S 21 14.01 -30.27 -13.66
CA ALA S 21 15.25 -29.53 -13.46
C ALA S 21 16.29 -30.37 -12.73
N ALA S 22 15.89 -31.02 -11.63
CA ALA S 22 16.83 -31.86 -10.90
C ALA S 22 17.34 -33.00 -11.77
N ALA S 23 16.45 -33.62 -12.56
CA ALA S 23 16.88 -34.67 -13.47
C ALA S 23 17.91 -34.15 -14.48
N ALA S 24 17.68 -32.94 -15.02
CA ALA S 24 18.63 -32.37 -15.96
C ALA S 24 19.98 -32.12 -15.31
N ALA S 25 19.99 -31.60 -14.07
CA ALA S 25 21.25 -31.39 -13.37
C ALA S 25 21.99 -32.71 -13.17
N ALA S 26 21.27 -33.76 -12.78
CA ALA S 26 21.89 -35.07 -12.61
C ALA S 26 22.50 -35.55 -13.93
N ALA S 27 21.78 -35.39 -15.04
CA ALA S 27 22.33 -35.78 -16.34
C ALA S 27 23.60 -35.00 -16.66
N ALA S 28 23.64 -33.71 -16.32
CA ALA S 28 24.84 -32.93 -16.54
C ALA S 28 26.02 -33.48 -15.73
N ALA S 29 25.77 -33.81 -14.46
CA ALA S 29 26.83 -34.41 -13.65
C ALA S 29 27.34 -35.71 -14.28
N ALA S 30 26.42 -36.54 -14.78
CA ALA S 30 26.82 -37.80 -15.42
C ALA S 30 27.70 -37.53 -16.64
N ALA S 31 27.29 -36.59 -17.49
CA ALA S 31 28.11 -36.24 -18.65
C ALA S 31 29.50 -35.77 -18.23
N ALA S 32 29.58 -34.97 -17.15
CA ALA S 32 30.87 -34.55 -16.65
C ALA S 32 31.74 -35.74 -16.25
N ALA S 33 31.15 -36.69 -15.51
CA ALA S 33 31.91 -37.87 -15.10
C ALA S 33 32.42 -38.65 -16.32
N ALA S 34 31.57 -38.84 -17.33
CA ALA S 34 32.00 -39.54 -18.54
C ALA S 34 33.16 -38.83 -19.21
N ALA S 35 33.08 -37.49 -19.32
CA ALA S 35 34.19 -36.74 -19.90
C ALA S 35 35.47 -36.94 -19.10
N ALA S 36 35.37 -36.96 -17.77
CA ALA S 36 36.54 -37.19 -16.94
C ALA S 36 37.15 -38.57 -17.22
N ALA S 37 36.32 -39.60 -17.31
CA ALA S 37 36.82 -40.93 -17.63
C ALA S 37 37.54 -40.95 -18.98
N ALA S 38 36.94 -40.32 -19.99
CA ALA S 38 37.58 -40.23 -21.29
C ALA S 38 38.95 -39.55 -21.19
N ALA S 39 39.03 -38.50 -20.38
CA ALA S 39 40.30 -37.80 -20.19
C ALA S 39 41.34 -38.73 -19.57
N ALA S 40 40.93 -39.51 -18.56
CA ALA S 40 41.84 -40.47 -17.95
C ALA S 40 42.35 -41.48 -18.98
N ALA S 41 41.45 -42.00 -19.82
CA ALA S 41 41.86 -42.95 -20.85
C ALA S 41 42.84 -42.30 -21.83
N ALA S 42 42.61 -41.05 -22.19
CA ALA S 42 43.54 -40.34 -23.07
C ALA S 42 44.91 -40.20 -22.41
N ALA S 43 44.94 -39.90 -21.12
CA ALA S 43 46.21 -39.78 -20.41
C ALA S 43 46.95 -41.12 -20.39
N ALA S 44 46.22 -42.21 -20.16
CA ALA S 44 46.85 -43.53 -20.16
C ALA S 44 47.39 -43.88 -21.55
N ALA S 45 46.65 -43.54 -22.60
CA ALA S 45 47.11 -43.79 -23.96
C ALA S 45 48.36 -42.95 -24.27
N ALA S 46 48.43 -41.75 -23.71
CA ALA S 46 49.61 -40.92 -23.91
C ALA S 46 50.80 -41.43 -23.11
N ALA S 47 50.54 -42.10 -21.98
CA ALA S 47 51.61 -42.64 -21.17
C ALA S 47 52.15 -43.94 -21.74
N ALA S 48 51.29 -44.73 -22.38
CA ALA S 48 51.73 -46.01 -22.94
C ALA S 48 52.68 -45.81 -24.10
N ALA S 49 52.42 -44.83 -24.95
CA ALA S 49 53.26 -44.56 -26.12
C ALA S 49 54.57 -43.91 -25.70
CA ASN T 173 0.46 -71.12 -83.47
CA TRP T 174 0.66 -74.96 -83.42
CA GLU T 175 4.41 -75.31 -83.93
CA GLU T 176 6.36 -72.97 -81.61
CA LEU T 177 6.03 -74.50 -78.17
CA ASN T 178 6.68 -78.11 -79.11
CA ILE T 179 3.80 -79.29 -76.90
CA ILE T 180 2.38 -81.22 -79.82
CA PRO T 181 4.68 -83.89 -81.24
CA ARG T 182 5.55 -83.80 -84.94
CA ASP T 183 3.51 -86.80 -86.14
CA LEU T 184 0.40 -85.64 -84.33
CA LEU T 185 0.93 -82.09 -85.65
CA ARG T 186 1.31 -83.45 -89.18
CA VAL T 187 -2.01 -85.24 -88.79
CA ILE T 188 -3.70 -82.08 -87.51
CA ILE T 189 -2.41 -79.81 -90.25
CA GLN T 190 -2.13 -82.04 -93.34
CA GLU T 191 -4.85 -84.58 -92.49
CA LEU T 192 -7.55 -82.84 -90.37
CA ARG T 193 -6.84 -79.66 -92.39
CA PHE T 194 -6.30 -77.22 -89.48
CA PRO T 195 -3.24 -75.07 -90.19
CA SER T 196 -4.11 -72.79 -87.23
CA PRO T 197 -5.61 -73.54 -83.81
CA THR T 198 -8.98 -72.07 -82.82
CA PRO T 199 -9.27 -69.69 -79.80
CA ILE T 200 -10.49 -72.43 -77.43
CA GLN T 201 -7.68 -74.73 -78.61
CA ARG T 202 -5.20 -71.85 -78.16
CA ILE T 203 -6.10 -71.37 -74.53
CA THR T 204 -6.98 -74.95 -73.52
CA ILE T 205 -4.00 -76.87 -74.81
CA PRO T 206 -1.15 -75.14 -72.93
CA ASN T 207 -3.20 -75.08 -69.73
CA VAL T 208 -3.93 -78.80 -69.61
CA CYS T 209 -0.70 -80.05 -71.18
CA ASN T 210 1.48 -78.47 -68.58
CA MET T 211 3.93 -80.70 -66.83
CA LYS T 212 4.40 -80.09 -63.95
CA GLN T 213 0.69 -79.76 -62.99
CA TYR T 214 -2.06 -81.66 -64.86
CA ARG T 215 -4.45 -78.81 -64.10
CA ASP T 216 -8.26 -78.86 -64.25
CA PHE T 217 -9.96 -76.63 -66.80
CA LEU T 218 -13.34 -74.98 -67.31
CA GLY T 219 -13.93 -73.45 -70.74
CA VAL T 220 -16.89 -71.30 -71.73
CA ALA T 221 -17.31 -71.54 -75.51
CA SER T 222 -19.82 -72.38 -78.24
CA THR T 223 -20.08 -75.29 -80.61
CA GLY T 224 -18.45 -75.31 -82.99
CA SER T 225 -15.41 -73.39 -81.85
CA GLY T 226 -13.24 -76.48 -82.18
CA LYS T 227 -13.67 -77.83 -78.63
CA THR T 228 -13.27 -81.48 -79.56
CA LEU T 229 -9.58 -81.23 -80.54
CA ALA T 230 -9.07 -78.85 -77.65
CA PHE T 231 -9.62 -81.81 -75.31
CA VAL T 232 -8.68 -84.77 -77.57
CA ILE T 233 -5.18 -83.45 -78.35
CA PRO T 234 -4.30 -83.36 -74.63
CA ILE T 235 -5.74 -86.88 -74.09
CA LEU T 236 -3.64 -88.37 -76.91
CA ILE T 237 -0.46 -86.54 -75.88
CA LYS T 238 -0.96 -87.85 -72.33
CA MET T 239 -1.57 -91.34 -73.69
CA SER T 240 1.58 -91.32 -75.77
CA ARG T 241 3.66 -90.83 -72.60
CA SER T 242 3.08 -94.44 -71.47
CA PRO T 243 3.42 -97.71 -73.37
CA PRO T 244 0.33 -99.08 -75.08
CA ARG T 245 -1.72 -101.43 -72.91
CA PRO T 246 -2.57 -104.95 -74.13
CA PRO T 247 -6.36 -105.50 -74.51
CA SER T 248 -6.46 -107.81 -71.46
CA LEU T 249 -5.06 -105.02 -69.32
CA LYS T 250 -7.41 -102.36 -70.79
CA ILE T 251 -10.27 -104.65 -69.81
CA ILE T 252 -8.88 -105.22 -66.31
CA ASP T 253 -8.44 -101.48 -65.71
CA GLY T 254 -10.93 -99.63 -67.94
CA PRO T 255 -10.40 -96.46 -70.02
CA LYS T 256 -7.65 -93.90 -69.43
CA ALA T 257 -10.04 -91.13 -70.59
CA LEU T 258 -13.80 -90.69 -70.23
CA ILE T 259 -15.76 -88.12 -72.23
CA LEU T 260 -19.39 -87.33 -71.41
CA ALA T 261 -21.78 -85.62 -73.79
CA PRO T 262 -25.59 -85.10 -73.79
CA THR T 263 -26.58 -86.55 -77.17
CA ARG T 264 -25.82 -89.41 -79.52
CA GLU T 265 -24.91 -86.90 -82.24
CA LEU T 266 -22.18 -85.26 -80.21
CA VAL T 267 -20.79 -88.58 -78.84
CA GLN T 268 -20.55 -89.95 -82.36
CA GLN T 269 -18.94 -86.77 -83.66
CA ILE T 270 -16.32 -86.91 -80.91
CA GLN T 271 -15.58 -90.56 -81.60
CA LYS T 272 -15.24 -89.90 -85.35
CA GLU T 273 -12.88 -86.92 -84.91
CA THR T 274 -10.70 -88.86 -82.46
CA GLN T 275 -10.57 -91.92 -84.69
CA LYS T 276 -9.28 -89.93 -87.65
CA VAL T 277 -6.09 -89.60 -85.57
CA THR T 278 -5.99 -92.91 -83.71
CA LYS T 279 -6.42 -94.91 -86.93
CA ILE T 280 -3.25 -93.37 -88.30
CA TRP T 281 -1.48 -93.70 -84.98
CA SER T 282 -2.38 -97.40 -85.02
CA LYS T 283 -1.29 -98.22 -88.57
CA GLU T 284 1.95 -96.23 -88.34
CA SER T 285 3.05 -97.26 -84.83
CA ASN T 286 2.43 -99.92 -82.21
CA TYR T 287 -0.20 -97.83 -80.53
CA ASP T 288 -3.51 -99.52 -80.76
CA CYS T 289 -5.82 -97.02 -79.14
CA LYS T 290 -9.47 -97.96 -78.98
CA VAL T 291 -12.15 -95.28 -78.92
CA ILE T 292 -15.50 -96.68 -77.88
CA SER T 293 -18.86 -94.95 -77.77
CA ILE T 294 -21.84 -95.84 -75.62
CA VAL T 295 -25.21 -94.19 -76.26
CA GLY T 296 -28.77 -94.70 -74.97
CA GLY T 297 -29.73 -96.74 -78.03
CA HIS T 298 -27.08 -99.41 -77.39
CA SER T 299 -28.15 -102.82 -76.10
CA LEU T 300 -26.07 -104.42 -73.37
CA GLU T 301 -25.08 -107.01 -75.94
CA GLU T 302 -23.72 -104.34 -78.30
CA ILE T 303 -21.93 -102.45 -75.52
CA SER T 304 -20.38 -105.73 -74.45
CA PHE T 305 -19.19 -106.53 -77.95
CA SER T 306 -17.83 -102.97 -78.40
CA LEU T 307 -15.91 -103.27 -75.13
CA SER T 308 -14.64 -106.78 -75.87
CA GLU T 309 -11.10 -105.74 -76.90
CA GLY T 310 -10.81 -103.08 -74.21
CA CYS T 311 -11.16 -99.33 -74.30
CA ASP T 312 -8.75 -96.41 -73.94
CA ILE T 313 -10.99 -93.48 -74.61
CA LEU T 314 -14.67 -93.91 -73.79
CA VAL T 315 -17.18 -91.40 -75.13
CA ALA T 316 -20.61 -91.87 -73.54
CA THR T 317 -24.00 -90.44 -72.70
CA PRO T 318 -24.38 -90.47 -68.89
CA GLY T 319 -27.54 -92.55 -68.29
CA ARG T 320 -26.31 -95.42 -70.41
CA LEU T 321 -22.83 -95.25 -68.88
CA ILE T 322 -24.49 -95.76 -65.53
CA ASP T 323 -26.40 -98.76 -66.91
CA SER T 324 -23.13 -100.18 -68.24
CA LEU T 325 -21.35 -99.86 -64.91
CA GLU T 326 -24.32 -101.19 -62.94
CA ASN T 327 -24.22 -104.29 -65.17
CA HIS T 328 -20.48 -104.74 -64.69
CA LEU T 329 -19.69 -104.32 -68.40
CA LEU T 330 -16.59 -102.25 -67.59
CA VAL T 331 -14.66 -100.64 -64.74
CA MET T 332 -13.04 -97.29 -64.11
CA LYS T 333 -9.98 -97.71 -61.89
CA GLN T 334 -7.65 -95.71 -64.15
CA VAL T 335 -9.46 -92.67 -65.52
CA GLU T 336 -6.76 -90.00 -65.83
CA THR T 337 -8.79 -87.52 -67.87
CA LEU T 338 -12.46 -86.78 -67.55
CA VAL T 339 -14.25 -84.44 -69.94
CA LEU T 340 -17.74 -83.04 -69.51
CA ASP T 341 -18.70 -81.60 -72.92
CA GLU T 342 -21.68 -79.26 -73.40
CA ALA T 343 -22.31 -79.47 -69.68
CA ASP T 344 -24.95 -76.77 -69.67
CA LYS T 345 -26.99 -78.83 -72.12
CA MET T 346 -26.50 -81.95 -70.04
CA ILE T 347 -27.93 -80.04 -67.13
CA ASP T 348 -30.78 -78.62 -69.20
CA LEU T 349 -31.81 -82.08 -70.39
CA GLY T 350 -31.95 -83.12 -66.74
CA PHE T 351 -28.72 -85.10 -66.35
CA GLU T 352 -27.14 -83.32 -63.37
CA ASP T 353 -27.59 -86.24 -60.95
CA GLN T 354 -26.30 -88.83 -63.42
CA VAL T 355 -23.22 -86.72 -64.12
CA THR T 356 -22.61 -86.18 -60.40
CA ASN T 357 -23.07 -89.89 -59.77
CA ILE T 358 -20.50 -90.67 -62.42
CA LEU T 359 -17.95 -88.14 -61.07
CA THR T 360 -18.44 -89.69 -57.66
CA LYS T 361 -18.02 -93.29 -58.93
CA VAL T 362 -14.92 -92.39 -60.93
CA ASP T 363 -13.36 -90.78 -57.90
CA ILE T 364 -14.38 -93.66 -55.58
CA ASN T 365 -13.01 -96.48 -57.73
CA ALA T 366 -9.76 -94.78 -58.75
CA ASP T 367 -6.53 -96.54 -57.83
CA SER T 368 -4.44 -94.70 -55.27
CA ALA T 369 -1.76 -93.52 -57.69
CA VAL T 370 -4.21 -92.13 -60.25
CA ASN T 371 -4.32 -88.35 -60.71
CA ARG T 372 -7.63 -87.46 -62.38
CA GLN T 373 -7.68 -84.31 -64.49
CA THR T 374 -11.09 -82.79 -65.22
CA LEU T 375 -12.05 -80.53 -68.11
CA MET T 376 -15.50 -79.05 -68.51
CA PHE T 377 -16.94 -77.21 -71.48
CA THR T 378 -20.11 -75.18 -71.59
CA ALA T 379 -21.70 -72.53 -73.78
CA THR T 380 -22.90 -70.52 -70.76
CA MET T 381 -22.16 -70.13 -67.08
CA THR T 382 -24.79 -70.99 -64.45
CA PRO T 383 -24.94 -71.53 -60.69
CA VAL T 384 -25.22 -75.30 -61.24
CA ILE T 385 -22.09 -75.43 -63.37
CA GLU T 386 -20.39 -73.23 -60.78
CA LYS T 387 -21.42 -75.72 -58.08
CA ILE T 388 -20.03 -78.69 -60.00
CA ALA T 389 -16.77 -76.81 -60.54
CA ALA T 390 -16.65 -76.13 -56.78
CA GLY T 391 -17.33 -79.71 -55.77
CA TYR T 392 -15.36 -81.73 -58.29
CA MET T 393 -12.59 -79.63 -59.74
CA GLN T 394 -9.50 -78.32 -58.00
CA LYS T 395 -8.28 -74.76 -58.66
CA PRO T 396 -9.26 -74.87 -62.31
CA VAL T 397 -8.26 -72.44 -65.03
CA TYR T 398 -11.40 -70.62 -66.18
CA ALA T 399 -11.71 -69.37 -69.73
CA THR T 400 -14.32 -67.71 -71.81
CA GLU T 408 -21.68 -58.36 -73.57
CA PRO T 409 -18.91 -56.72 -71.49
CA LEU T 410 -17.66 -59.12 -68.82
CA ILE T 411 -18.85 -56.90 -65.99
CA GLN T 412 -19.98 -58.35 -62.72
CA GLN T 413 -22.80 -56.20 -61.37
CA VAL T 414 -23.41 -56.10 -57.64
CA VAL T 415 -26.34 -54.34 -56.05
CA GLU T 416 -26.16 -54.02 -52.26
CA TYR T 417 -28.30 -52.39 -49.58
CA ALA T 418 -27.26 -49.63 -47.18
CA ASP T 419 -29.22 -47.62 -44.61
CA ASN T 420 -27.34 -44.33 -45.12
CA ASP T 421 -24.13 -42.81 -46.45
CA GLU T 422 -21.93 -43.74 -43.45
CA ASP T 423 -23.00 -47.33 -43.81
CA LYS T 424 -22.34 -47.21 -47.58
CA PHE T 425 -18.83 -46.02 -46.88
CA LYS T 426 -18.36 -48.69 -44.26
CA LYS T 427 -19.24 -51.36 -46.85
CA LEU T 428 -17.04 -49.55 -49.37
CA LYS T 429 -13.77 -49.59 -47.36
CA PRO T 430 -13.05 -53.29 -47.79
CA ILE T 431 -14.04 -53.07 -51.48
CA VAL T 432 -11.65 -50.34 -52.59
CA ALA T 433 -8.96 -52.04 -50.50
CA LYS T 434 -8.98 -55.01 -52.87
CA TYR T 435 -9.48 -53.58 -56.40
CA ASP T 436 -6.53 -52.18 -58.36
CA PRO T 437 -6.60 -48.51 -59.35
CA PRO T 438 -7.98 -46.78 -61.20
CA ILE T 439 -11.36 -46.80 -59.50
CA ILE T 440 -14.24 -44.42 -60.25
CA ILE T 441 -17.02 -43.42 -57.88
CA PHE T 442 -20.28 -41.74 -58.91
CA ILE T 443 -22.50 -39.50 -56.78
CA ASN T 444 -25.31 -37.03 -57.48
CA TYR T 445 -24.56 -34.02 -55.27
CA LYS T 446 -21.20 -32.21 -55.01
CA GLN T 447 -21.50 -31.95 -51.25
CA THR T 448 -21.40 -35.76 -51.16
CA ALA T 449 -18.22 -35.66 -53.25
CA ASP T 450 -16.52 -33.40 -50.70
CA TRP T 451 -17.72 -35.60 -47.84
CA LEU T 452 -16.49 -38.74 -49.59
CA ALA T 453 -13.12 -37.22 -50.33
CA GLU T 454 -12.58 -36.31 -46.68
CA LYS T 455 -13.55 -39.80 -45.54
CA PHE T 456 -11.16 -41.38 -48.06
CA GLN T 457 -8.36 -39.15 -46.85
CA LYS T 458 -9.04 -39.94 -43.20
CA GLU T 459 -9.90 -43.65 -43.37
CA THR T 460 -8.02 -45.21 -46.28
CA ASN T 461 -4.65 -44.88 -47.99
CA MET T 462 -6.30 -44.13 -51.34
CA LYS T 463 -5.76 -40.65 -52.76
CA VAL T 464 -8.68 -39.04 -54.57
CA THR T 465 -9.56 -36.46 -57.20
CA ILE T 466 -13.00 -34.87 -57.65
CA LEU T 467 -14.88 -33.77 -60.76
CA HIS T 468 -18.11 -32.04 -59.73
CA GLY T 469 -18.67 -30.29 -63.05
CA SER T 470 -17.76 -26.65 -62.49
CA LYS T 471 -13.95 -26.51 -62.69
CA SER T 472 -11.93 -25.18 -65.66
CA GLN T 473 -11.01 -27.49 -68.53
CA GLU T 474 -7.42 -27.05 -67.34
CA GLN T 475 -8.20 -28.27 -63.83
CA ARG T 476 -10.42 -31.07 -65.11
CA GLU T 477 -7.52 -32.13 -67.36
CA HIS T 478 -5.18 -32.00 -64.36
CA SER T 479 -7.50 -34.23 -62.31
CA LEU T 480 -7.85 -36.49 -65.32
CA GLN T 481 -4.04 -36.69 -65.57
CA LEU T 482 -3.58 -37.56 -61.89
CA PHE T 483 -6.17 -40.26 -62.46
CA ARG T 484 -4.65 -41.74 -65.61
CA THR T 485 -1.08 -41.78 -64.21
CA ASN T 486 -2.00 -43.27 -60.80
CA LYS T 487 -0.91 -40.21 -58.83
CA VAL T 488 -4.43 -40.71 -57.43
CA GLN T 489 -6.33 -44.00 -57.25
CA ILE T 490 -9.91 -42.86 -57.07
CA MET T 491 -11.89 -40.35 -59.08
CA ILE T 492 -15.08 -39.03 -57.53
CA ALA T 493 -17.56 -37.72 -60.14
CA THR T 494 -21.08 -36.28 -60.19
CA ASN T 495 -23.71 -37.34 -62.68
CA VAL T 496 -22.27 -35.77 -65.85
CA ALA T 497 -18.91 -34.43 -64.63
CA ALA T 498 -17.05 -37.27 -66.34
CA ARG T 499 -18.96 -37.35 -69.64
CA GLY T 500 -16.95 -36.72 -72.77
CA LEU T 501 -13.62 -37.08 -70.96
CA ASP T 502 -10.96 -39.71 -71.63
CA ILE T 503 -11.51 -41.90 -68.58
CA PRO T 504 -9.11 -44.87 -68.54
CA ASN T 505 -10.62 -48.31 -68.21
CA VAL T 506 -11.21 -48.85 -64.49
CA SER T 507 -11.29 -52.11 -62.53
CA LEU T 508 -14.26 -50.99 -60.46
CA VAL T 509 -17.18 -48.61 -60.83
CA VAL T 510 -19.05 -47.66 -57.67
CA ASN T 511 -22.50 -46.08 -57.71
CA PHE T 512 -22.40 -44.48 -54.30
CA GLN T 513 -25.76 -42.72 -55.03
CA ILE T 514 -27.50 -44.31 -58.05
CA SER T 515 -28.78 -41.96 -60.70
CA LYS T 516 -32.51 -41.43 -61.02
CA LYS T 517 -32.37 -42.74 -64.59
CA MET T 518 -31.21 -46.09 -66.03
CA ASP T 519 -29.43 -44.30 -68.89
CA ASP T 520 -26.98 -42.88 -66.43
CA TYR T 521 -26.52 -46.26 -64.73
CA ILE T 522 -25.68 -47.88 -68.07
CA HIS T 523 -23.35 -45.02 -68.91
CA ARG T 524 -21.51 -45.28 -65.58
CA ILE T 525 -20.96 -49.01 -65.64
CA GLY T 526 -19.67 -48.48 -69.17
CA ARG T 527 -16.45 -47.18 -67.56
CA THR T 528 -15.42 -50.73 -66.64
CA GLY T 529 -15.00 -54.01 -68.51
CA ARG T 530 -13.81 -52.14 -71.62
CA ALA T 531 -11.76 -53.98 -74.27
CA ALA T 532 -12.56 -57.59 -73.28
CA ASN T 533 -11.46 -57.01 -69.67
CA GLU T 534 -13.27 -58.28 -66.56
CA GLY T 535 -14.98 -55.41 -64.78
CA THR T 536 -16.91 -54.85 -61.60
CA ALA T 537 -19.77 -52.46 -60.85
CA VAL T 538 -21.01 -52.08 -57.32
CA SER T 539 -24.11 -50.05 -56.48
CA PHE T 540 -25.46 -49.12 -53.05
CA VAL T 541 -29.15 -48.42 -52.66
CA SER T 542 -30.95 -47.11 -49.57
CA ALA T 543 -34.69 -47.08 -48.96
CA ALA T 544 -35.08 -43.66 -50.57
CA GLU T 545 -35.03 -44.72 -54.20
CA ASP T 546 -37.88 -44.79 -56.63
CA GLU T 547 -39.39 -48.27 -56.61
CA SER T 548 -39.73 -48.29 -60.42
CA LEU T 549 -36.01 -47.56 -60.77
CA ILE T 550 -35.10 -50.46 -58.50
CA ARG T 551 -37.49 -52.63 -60.52
CA GLU T 552 -35.79 -51.66 -63.79
CA LEU T 553 -32.42 -52.21 -62.17
CA TYR T 554 -33.33 -55.71 -61.04
CA LYS T 555 -34.47 -56.50 -64.54
CA TYR T 556 -31.22 -55.18 -65.98
CA VAL T 557 -29.01 -57.04 -63.56
CA ARG T 558 -30.84 -60.33 -64.15
CA LYS T 559 -30.76 -59.89 -67.92
CA HIS T 560 -27.10 -58.90 -68.47
CA ASP T 561 -25.09 -61.52 -66.50
CA PRO T 562 -22.34 -62.74 -68.98
CA LEU T 563 -20.41 -64.36 -66.14
CA ASN T 564 -23.43 -65.84 -64.31
CA SER T 565 -22.09 -64.06 -61.22
CA ASN T 566 -24.26 -60.94 -60.81
CA ILE T 567 -25.45 -60.20 -57.28
CA PHE T 568 -28.70 -58.50 -56.35
CA SER T 569 -28.89 -58.40 -52.56
CA GLU T 570 -31.86 -59.99 -50.76
CA ALA T 571 -31.94 -56.91 -48.55
CA VAL T 572 -32.88 -54.77 -51.60
CA LYS T 573 -35.34 -57.34 -52.87
CA ASN T 574 -37.14 -57.41 -49.52
CA LYS T 575 -37.03 -53.70 -49.00
CA TYR T 576 -38.55 -53.04 -52.41
CA ASN T 577 -40.58 -56.22 -52.97
CA VAL T 578 -38.72 -56.80 -56.20
#